data_8UK9
#
_entry.id   8UK9
#
_cell.length_a   95.243
_cell.length_b   231.991
_cell.length_c   264.511
_cell.angle_alpha   90.00
_cell.angle_beta   90.00
_cell.angle_gamma   90.00
#
_symmetry.space_group_name_H-M   'P 21 21 21'
#
loop_
_entity.id
_entity.type
_entity.pdbx_description
1 polymer 'Sliding-clamp-loader small subunit'
2 polymer 'Sliding-clamp-loader large subunit'
3 polymer 'Sliding clamp'
4 polymer 'DNA template'
5 polymer 'DNA primer'
6 non-polymer 'ALUMINUM FLUORIDE'
7 non-polymer "ADENOSINE-5'-DIPHOSPHATE"
8 non-polymer 'MAGNESIUM ION'
#
loop_
_entity_poly.entity_id
_entity_poly.type
_entity_poly.pdbx_seq_one_letter_code
_entity_poly.pdbx_strand_id
1 'polypeptide(L)'
;MSLFKDDIQLNEHQVAWYSKDWTAVQSAADSFKEKAENEFFEIIGAINNKTKCSIAQKDYSKFMVENALSQFPECMPAVY
AMNLIGSGLSDEAHFNYLMAAVPRGKRYGKWAKLVEDSTEVLIIKLLAKRYQVNTNDAINYKSILTKNGKLPLVLKELKG
LVTDDFLKEVTKNVKEQKQLKKLALEW
;
A,Q
2 'polypeptide(L)'
;SMITVNEKEHILEQKYRPSTIDECILPAFDKETFKSITSKGKIPHIILHSPSPGTGKTTVAKALCHDVNADMMFVNGSDC
KIDFVRGPLTNFASAASFDGRQKVIVIDEFCRSGLAESQRHLRSFMEAYSSNCSIIITANNIDGIIKPLQSRCRVITFGQ
PTDEDKIEMMKQMIRRLTEICKHEGIAIADMKVVAALVKKNFPDFRKTIGELDSYSSKGVLDAGILSLVTNDRGAIDDVL
ESLKNKDVKQLRALAPKYAADYSWFVGKLAEEIYSRVTPQSIIRMYEIVGENNQYHGIAANTELHLAYLFIQLACEMQWK
;
B,C,D,E,K,L,M,N
3 'polypeptide(L)'
;MKLSKDTTALLKNFATINSGIMLKSGQFIMTRAVNGTTYAEANISDVIDFDVAIYDLNGFLGILSLVNDDAEISQSEDGN
IKIADARSTIFWPAADPSTVVAPNKPIPFPVASAVTEIKAEDLQQLLRVSRGLQIDTIAITVKEGKIVINGFNKVEDSAL
TRVKYSLTLGDYDGENTFNFIINMANMKMQPGNYKLLLWAKGKQGAAKFEGEHANYVVALEADSTHDF
;
F,G,H,R,S,T
4 'polydeoxyribonucleotide'
;(DT)(DT)(DT)(DT)(DT)(DA)(DT)(DG)(DT)(DA)(DC)(DT)(DC)(DG)(DT)(DA)(DG)(DT)(DG)(DT)
(DC)(DT)(DG)(DC)
;
I,O
5 'polydeoxyribonucleotide' (DG)(DC)(DA)(DG)(DA)(DC)(DA)(DC)(DT)(DA)(DC)(DG)(DA)(DG)(DT)(DA)(DC)(DA)(DT)(DA) J,P
#
loop_
_chem_comp.id
_chem_comp.type
_chem_comp.name
_chem_comp.formula
ADP non-polymer ADENOSINE-5'-DIPHOSPHATE 'C10 H15 N5 O10 P2'
AF3 non-polymer 'ALUMINUM FLUORIDE' 'Al F3'
DA DNA linking 2'-DEOXYADENOSINE-5'-MONOPHOSPHATE 'C10 H14 N5 O6 P'
DC DNA linking 2'-DEOXYCYTIDINE-5'-MONOPHOSPHATE 'C9 H14 N3 O7 P'
DG DNA linking 2'-DEOXYGUANOSINE-5'-MONOPHOSPHATE 'C10 H14 N5 O7 P'
DT DNA linking THYMIDINE-5'-MONOPHOSPHATE 'C10 H15 N2 O8 P'
MG non-polymer 'MAGNESIUM ION' 'Mg 2'
#
# COMPACT_ATOMS: atom_id res chain seq x y z
N SER A 2 44.35 64.77 -39.90
CA SER A 2 44.45 64.04 -41.16
C SER A 2 45.57 63.02 -41.10
N LEU A 3 45.84 62.39 -42.25
CA LEU A 3 46.99 61.50 -42.35
C LEU A 3 48.27 62.31 -42.29
N PHE A 4 49.27 61.74 -41.62
CA PHE A 4 50.50 62.48 -41.37
C PHE A 4 51.42 62.37 -42.59
N LYS A 5 50.80 62.32 -43.78
CA LYS A 5 51.45 62.27 -45.07
C LYS A 5 52.66 61.35 -45.11
N ASP A 6 53.84 61.89 -44.83
CA ASP A 6 55.09 61.16 -45.05
C ASP A 6 55.46 60.27 -43.87
N ASP A 7 54.50 59.52 -43.36
CA ASP A 7 54.76 58.44 -42.42
C ASP A 7 54.39 57.11 -43.08
N ILE A 8 54.97 56.04 -42.55
CA ILE A 8 54.75 54.71 -43.14
C ILE A 8 53.34 54.24 -42.80
N GLN A 9 52.61 53.76 -43.81
CA GLN A 9 51.27 53.23 -43.61
C GLN A 9 51.35 51.72 -43.47
N LEU A 10 51.00 51.22 -42.29
CA LEU A 10 50.98 49.80 -42.03
C LEU A 10 49.87 49.13 -42.84
N ASN A 11 50.02 47.82 -43.05
CA ASN A 11 49.07 47.09 -43.89
C ASN A 11 47.69 47.05 -43.22
N GLU A 12 46.69 46.72 -44.02
CA GLU A 12 45.31 46.78 -43.55
C GLU A 12 45.07 45.83 -42.39
N HIS A 13 45.81 44.71 -42.34
CA HIS A 13 45.78 43.85 -41.16
C HIS A 13 46.19 44.63 -39.93
N GLN A 14 47.35 45.31 -40.01
CA GLN A 14 47.81 46.12 -38.89
C GLN A 14 46.81 47.23 -38.55
N VAL A 15 46.28 47.91 -39.58
CA VAL A 15 45.29 48.95 -39.35
C VAL A 15 44.10 48.38 -38.57
N ALA A 16 43.54 47.28 -39.07
CA ALA A 16 42.38 46.69 -38.39
C ALA A 16 42.77 46.11 -37.04
N TRP A 17 43.92 45.43 -36.96
CA TRP A 17 44.30 44.78 -35.70
C TRP A 17 44.64 45.80 -34.63
N TYR A 18 45.36 46.87 -34.99
CA TYR A 18 45.69 47.89 -33.99
C TYR A 18 44.50 48.75 -33.61
N SER A 19 43.31 48.40 -34.07
CA SER A 19 42.09 49.09 -33.71
C SER A 19 41.08 48.08 -33.19
N LYS A 20 40.46 48.36 -32.05
CA LYS A 20 39.44 47.47 -31.50
C LYS A 20 38.18 47.50 -32.35
N ASP A 21 38.32 47.91 -33.61
CA ASP A 21 37.25 47.83 -34.61
C ASP A 21 37.37 46.45 -35.27
N TRP A 22 36.56 45.50 -34.78
CA TRP A 22 36.70 44.11 -35.18
C TRP A 22 36.01 43.79 -36.50
N THR A 23 35.01 44.57 -36.90
CA THR A 23 34.39 44.34 -38.21
C THR A 23 35.40 44.50 -39.34
N ALA A 24 36.36 45.40 -39.19
CA ALA A 24 37.46 45.49 -40.16
C ALA A 24 38.44 44.34 -40.00
N VAL A 25 38.67 43.88 -38.77
CA VAL A 25 39.49 42.70 -38.57
C VAL A 25 38.81 41.47 -39.17
N GLN A 26 37.48 41.40 -39.04
CA GLN A 26 36.73 40.35 -39.70
C GLN A 26 36.96 40.37 -41.21
N SER A 27 36.95 41.57 -41.81
CA SER A 27 37.26 41.67 -43.23
C SER A 27 38.70 41.27 -43.51
N ALA A 28 39.60 41.45 -42.54
CA ALA A 28 41.00 41.08 -42.74
C ALA A 28 41.18 39.57 -42.79
N ALA A 29 40.49 38.84 -41.92
CA ALA A 29 40.61 37.38 -41.93
C ALA A 29 39.98 36.78 -43.17
N ASP A 30 38.87 37.36 -43.64
CA ASP A 30 38.20 36.86 -44.83
C ASP A 30 39.09 36.92 -46.06
N SER A 31 40.14 37.74 -46.03
CA SER A 31 41.04 37.86 -47.17
C SER A 31 41.76 36.57 -47.50
N PHE A 32 41.80 35.62 -46.55
CA PHE A 32 42.46 34.33 -46.76
C PHE A 32 41.46 33.18 -46.88
N LYS A 33 40.21 33.46 -47.26
CA LYS A 33 39.15 32.46 -47.11
C LYS A 33 39.45 31.21 -47.93
N GLU A 34 39.77 31.38 -49.21
CA GLU A 34 40.14 30.28 -50.10
C GLU A 34 39.15 29.12 -50.06
N LYS A 35 37.90 29.39 -49.68
CA LYS A 35 36.89 28.34 -49.69
C LYS A 35 36.58 27.89 -51.12
N ALA A 36 36.65 28.82 -52.08
CA ALA A 36 36.58 28.42 -53.49
C ALA A 36 37.72 27.49 -53.84
N GLU A 37 38.84 27.57 -53.12
CA GLU A 37 39.96 26.64 -53.30
C GLU A 37 39.88 25.54 -52.24
N ASN A 38 38.88 24.67 -52.42
CA ASN A 38 38.76 23.49 -51.58
C ASN A 38 39.32 22.28 -52.31
N GLU A 39 38.81 21.09 -52.02
CA GLU A 39 39.33 19.88 -52.64
C GLU A 39 38.23 19.09 -53.34
N PHE A 40 37.47 18.33 -52.55
CA PHE A 40 36.35 17.51 -53.02
C PHE A 40 36.79 16.34 -53.89
N PHE A 41 36.38 15.14 -53.47
CA PHE A 41 36.78 13.88 -54.08
CA PHE A 41 36.80 13.85 -54.00
C PHE A 41 38.23 13.87 -54.53
N GLU A 42 38.43 13.57 -55.81
CA GLU A 42 39.69 13.13 -56.41
C GLU A 42 40.01 11.72 -55.92
N ILE A 43 39.05 11.10 -55.23
CA ILE A 43 39.09 9.69 -54.89
C ILE A 43 38.52 8.84 -56.01
N ILE A 44 37.50 9.35 -56.71
CA ILE A 44 36.96 8.66 -57.88
C ILE A 44 38.04 8.53 -58.93
N GLY A 45 38.75 9.62 -59.21
CA GLY A 45 39.90 9.53 -60.09
C GLY A 45 40.91 8.49 -59.62
N ALA A 46 41.10 8.38 -58.30
CA ALA A 46 41.99 7.36 -57.77
C ALA A 46 41.39 5.97 -57.89
N ILE A 47 40.05 5.88 -57.91
CA ILE A 47 39.41 4.57 -58.08
C ILE A 47 39.62 4.06 -59.51
N ASN A 48 39.38 4.90 -60.51
CA ASN A 48 39.63 4.53 -61.90
C ASN A 48 40.92 5.19 -62.38
N ASN A 49 42.02 4.74 -61.78
CA ASN A 49 43.38 5.07 -62.20
C ASN A 49 44.35 4.21 -61.39
N LYS A 50 43.81 3.50 -60.40
CA LYS A 50 44.58 2.62 -59.52
C LYS A 50 45.63 3.42 -58.74
N THR A 51 45.24 4.60 -58.27
CA THR A 51 46.12 5.47 -57.51
C THR A 51 45.93 5.25 -56.02
N LYS A 52 46.98 5.54 -55.26
CA LYS A 52 46.94 5.41 -53.80
C LYS A 52 46.03 6.50 -53.24
N CYS A 53 44.72 6.20 -53.24
CA CYS A 53 43.75 7.12 -52.68
C CYS A 53 43.99 7.31 -51.19
N SER A 54 43.89 6.24 -50.41
CA SER A 54 44.04 6.27 -48.96
C SER A 54 43.13 7.34 -48.35
N ILE A 55 41.83 7.09 -48.48
CA ILE A 55 40.82 8.09 -48.17
C ILE A 55 40.85 8.48 -46.69
N ALA A 56 40.41 7.58 -45.82
CA ALA A 56 40.35 7.83 -44.38
C ALA A 56 39.64 9.14 -44.05
N GLN A 57 40.35 10.26 -44.16
CA GLN A 57 39.81 11.54 -43.73
C GLN A 57 38.96 12.22 -44.80
N LYS A 58 39.07 11.80 -46.05
CA LYS A 58 38.29 12.43 -47.11
C LYS A 58 36.81 12.11 -46.94
N ASP A 59 35.97 12.98 -47.50
CA ASP A 59 34.52 12.81 -47.43
C ASP A 59 34.10 11.70 -48.38
N TYR A 60 33.82 10.52 -47.83
CA TYR A 60 33.31 9.41 -48.61
C TYR A 60 31.79 9.38 -48.54
N SER A 61 31.16 9.24 -49.70
CA SER A 61 29.70 9.15 -49.79
C SER A 61 29.37 8.01 -50.76
N LYS A 62 28.94 6.87 -50.22
CA LYS A 62 28.38 5.83 -51.07
C LYS A 62 27.27 6.39 -51.93
N PHE A 63 26.45 7.25 -51.34
CA PHE A 63 25.43 8.00 -52.09
C PHE A 63 26.03 8.62 -53.36
N MET A 64 27.15 9.33 -53.22
CA MET A 64 27.77 10.02 -54.33
C MET A 64 28.71 9.12 -55.15
N VAL A 65 29.67 8.48 -54.49
CA VAL A 65 30.70 7.70 -55.20
C VAL A 65 30.06 6.61 -56.05
N GLU A 66 28.97 6.00 -55.58
CA GLU A 66 28.25 5.05 -56.42
C GLU A 66 27.51 5.76 -57.54
N ASN A 67 26.87 6.90 -57.23
CA ASN A 67 26.09 7.61 -58.23
C ASN A 67 26.95 8.25 -59.31
N ALA A 68 28.25 8.44 -59.04
CA ALA A 68 29.15 8.93 -60.09
C ALA A 68 29.47 7.83 -61.09
N LEU A 69 29.78 6.62 -60.58
CA LEU A 69 29.94 5.47 -61.45
C LEU A 69 28.62 4.97 -62.00
N SER A 70 27.49 5.55 -61.56
CA SER A 70 26.18 5.22 -62.12
C SER A 70 26.01 5.75 -63.54
N GLN A 71 26.76 6.78 -63.92
CA GLN A 71 26.69 7.28 -65.28
C GLN A 71 27.42 6.34 -66.25
N PHE A 72 28.58 5.84 -65.85
CA PHE A 72 29.36 4.94 -66.69
C PHE A 72 28.82 3.53 -66.57
N PRO A 73 28.27 2.96 -67.64
CA PRO A 73 27.64 1.63 -67.53
C PRO A 73 28.65 0.51 -67.38
N GLU A 74 29.92 0.72 -67.73
CA GLU A 74 30.91 -0.33 -67.57
C GLU A 74 31.28 -0.55 -66.11
N CYS A 75 31.10 0.46 -65.26
CA CYS A 75 31.33 0.33 -63.82
C CYS A 75 30.10 -0.15 -63.07
N MET A 76 28.96 -0.29 -63.75
CA MET A 76 27.67 -0.61 -63.16
C MET A 76 27.53 -1.99 -62.53
N PRO A 77 28.28 -3.03 -62.97
CA PRO A 77 28.17 -4.33 -62.26
C PRO A 77 28.56 -4.23 -60.79
N ALA A 78 29.69 -3.58 -60.49
CA ALA A 78 30.08 -3.40 -59.10
C ALA A 78 29.17 -2.43 -58.37
N VAL A 79 28.66 -1.42 -59.07
CA VAL A 79 27.72 -0.47 -58.46
C VAL A 79 26.41 -1.17 -58.14
N TYR A 80 25.99 -2.11 -59.00
CA TYR A 80 24.80 -2.90 -58.72
C TYR A 80 25.00 -3.80 -57.51
N ALA A 81 26.23 -4.29 -57.30
CA ALA A 81 26.50 -5.13 -56.14
C ALA A 81 26.48 -4.30 -54.86
N MET A 82 27.20 -3.17 -54.85
CA MET A 82 27.22 -2.31 -53.67
C MET A 82 25.85 -1.73 -53.37
N ASN A 83 25.02 -1.56 -54.41
CA ASN A 83 23.61 -1.23 -54.16
C ASN A 83 22.92 -2.35 -53.41
N LEU A 84 23.10 -3.59 -53.86
CA LEU A 84 22.52 -4.73 -53.18
C LEU A 84 23.11 -4.91 -51.79
N ILE A 85 24.35 -5.41 -51.74
CA ILE A 85 24.93 -5.88 -50.49
C ILE A 85 25.90 -4.89 -49.84
N GLY A 86 26.26 -3.81 -50.54
CA GLY A 86 27.14 -2.81 -49.98
C GLY A 86 26.52 -1.99 -48.87
N SER A 87 25.21 -2.11 -48.65
CA SER A 87 24.60 -1.46 -47.51
C SER A 87 25.12 -2.10 -46.22
N GLY A 88 25.50 -1.26 -45.26
CA GLY A 88 26.13 -1.76 -44.06
C GLY A 88 27.53 -2.30 -44.29
N LEU A 89 28.21 -1.83 -45.33
CA LEU A 89 29.58 -2.20 -45.61
C LEU A 89 30.49 -0.99 -45.37
N SER A 90 31.67 -1.25 -44.81
CA SER A 90 32.56 -0.19 -44.36
C SER A 90 32.92 0.76 -45.51
N ASP A 91 33.06 2.05 -45.15
CA ASP A 91 33.51 3.04 -46.13
C ASP A 91 34.87 2.67 -46.69
N GLU A 92 35.82 2.32 -45.82
CA GLU A 92 37.13 1.87 -46.28
C GLU A 92 36.99 0.59 -47.10
N ALA A 93 36.06 -0.28 -46.71
CA ALA A 93 35.79 -1.48 -47.51
C ALA A 93 35.09 -1.12 -48.82
N HIS A 94 34.27 -0.07 -48.82
CA HIS A 94 33.56 0.32 -50.03
C HIS A 94 34.53 0.78 -51.12
N PHE A 95 35.46 1.65 -50.76
CA PHE A 95 36.49 2.07 -51.71
C PHE A 95 37.39 0.89 -52.10
N ASN A 96 37.65 -0.03 -51.17
CA ASN A 96 38.54 -1.15 -51.45
C ASN A 96 37.89 -2.18 -52.35
N TYR A 97 36.59 -2.41 -52.21
CA TYR A 97 35.89 -3.27 -53.16
C TYR A 97 35.92 -2.66 -54.56
N LEU A 98 35.51 -1.39 -54.67
CA LEU A 98 35.52 -0.70 -55.95
C LEU A 98 36.93 -0.53 -56.52
N MET A 99 37.97 -0.76 -55.73
CA MET A 99 39.33 -0.70 -56.28
C MET A 99 39.56 -1.82 -57.29
N ALA A 100 39.35 -3.06 -56.88
CA ALA A 100 39.54 -4.22 -57.74
C ALA A 100 38.31 -4.54 -58.57
N ALA A 101 37.28 -3.71 -58.53
CA ALA A 101 36.01 -3.99 -59.19
C ALA A 101 35.78 -3.18 -60.46
N VAL A 102 36.14 -1.91 -60.47
CA VAL A 102 35.99 -1.11 -61.70
C VAL A 102 37.02 -1.56 -62.71
N PRO A 103 36.67 -1.66 -64.01
CA PRO A 103 37.65 -2.13 -65.01
C PRO A 103 38.85 -1.22 -65.17
N ARG A 104 38.89 -0.45 -66.26
CA ARG A 104 40.01 0.44 -66.52
C ARG A 104 39.68 1.85 -66.06
N GLY A 105 40.69 2.71 -66.05
CA GLY A 105 40.55 4.05 -65.53
C GLY A 105 40.56 5.16 -66.55
N LYS A 106 41.47 6.12 -66.35
CA LYS A 106 41.49 7.38 -67.09
C LYS A 106 40.15 8.10 -66.93
N ARG A 107 39.99 8.66 -65.72
CA ARG A 107 38.79 9.40 -65.31
C ARG A 107 38.29 10.29 -66.44
N TYR A 108 36.96 10.38 -66.55
CA TYR A 108 36.37 10.95 -67.75
C TYR A 108 35.57 12.22 -67.47
N GLY A 109 34.44 12.38 -68.17
CA GLY A 109 33.68 13.61 -68.15
C GLY A 109 32.89 13.86 -66.88
N LYS A 110 31.59 14.10 -67.04
CA LYS A 110 30.76 14.60 -65.95
C LYS A 110 29.69 13.60 -65.54
N TRP A 111 28.56 14.10 -65.03
CA TRP A 111 27.40 13.27 -64.77
C TRP A 111 26.22 13.77 -65.60
N GLU A 116 13.44 20.52 -66.23
CA GLU A 116 14.82 20.43 -65.76
C GLU A 116 15.52 21.77 -65.77
N ASP A 117 14.76 22.85 -65.96
CA ASP A 117 15.30 24.20 -65.90
C ASP A 117 14.61 24.99 -64.79
N SER A 118 15.21 26.14 -64.45
CA SER A 118 14.81 26.87 -63.26
C SER A 118 13.39 27.39 -63.35
N THR A 119 13.10 28.19 -64.37
CA THR A 119 11.80 28.87 -64.44
C THR A 119 10.63 27.91 -64.56
N GLU A 120 10.85 26.69 -65.07
CA GLU A 120 9.81 25.67 -65.01
C GLU A 120 9.74 25.03 -63.63
N VAL A 121 10.90 24.77 -63.02
CA VAL A 121 10.94 24.03 -61.76
C VAL A 121 10.41 24.82 -60.57
N LEU A 122 10.29 26.15 -60.71
CA LEU A 122 9.59 26.90 -59.67
C LEU A 122 8.08 26.67 -59.75
N ILE A 123 7.53 26.70 -60.96
CA ILE A 123 6.10 26.44 -61.13
C ILE A 123 5.75 25.03 -60.69
N ILE A 124 6.57 24.05 -61.10
CA ILE A 124 6.29 22.66 -60.76
C ILE A 124 6.27 22.48 -59.24
N LYS A 125 7.25 23.06 -58.54
CA LYS A 125 7.29 22.94 -57.09
C LYS A 125 6.31 23.87 -56.40
N LEU A 126 5.82 24.90 -57.09
CA LEU A 126 4.84 25.79 -56.48
C LEU A 126 3.43 25.23 -56.60
N LEU A 127 3.11 24.60 -57.74
CA LEU A 127 1.83 23.91 -57.87
C LEU A 127 1.76 22.72 -56.94
N ALA A 128 2.90 22.06 -56.72
CA ALA A 128 2.93 20.88 -55.84
C ALA A 128 2.59 21.24 -54.41
N LYS A 129 3.09 22.38 -53.92
CA LYS A 129 2.81 22.77 -52.55
C LYS A 129 1.39 23.32 -52.40
N ARG A 130 0.89 24.02 -53.42
CA ARG A 130 -0.46 24.57 -53.36
C ARG A 130 -1.49 23.45 -53.23
N TYR A 131 -1.58 22.58 -54.24
CA TYR A 131 -2.57 21.52 -54.24
C TYR A 131 -2.16 20.32 -53.39
N GLN A 132 -1.01 20.41 -52.71
CA GLN A 132 -0.54 19.34 -51.84
C GLN A 132 -0.38 18.02 -52.60
N VAL A 133 0.18 18.11 -53.80
CA VAL A 133 0.39 16.94 -54.64
C VAL A 133 1.88 16.66 -54.76
N ASN A 134 2.22 15.53 -55.37
CA ASN A 134 3.62 15.14 -55.54
C ASN A 134 4.21 15.68 -56.83
N THR A 135 5.52 15.50 -57.00
CA THR A 135 6.22 15.98 -58.19
C THR A 135 5.55 15.49 -59.47
N ASN A 136 5.34 14.17 -59.55
CA ASN A 136 4.71 13.58 -60.71
C ASN A 136 3.38 14.24 -61.06
N ASP A 137 2.52 14.39 -60.04
CA ASP A 137 1.22 15.01 -60.23
C ASP A 137 1.35 16.49 -60.58
N ALA A 138 2.30 17.16 -59.92
CA ALA A 138 2.52 18.58 -60.15
C ALA A 138 3.03 18.80 -61.57
N ILE A 139 3.92 17.93 -62.03
CA ILE A 139 4.48 18.03 -63.37
C ILE A 139 3.38 17.93 -64.42
N ASN A 140 2.46 17.00 -64.21
CA ASN A 140 1.34 16.81 -65.14
C ASN A 140 0.37 17.97 -65.10
N TYR A 141 0.17 18.53 -63.91
CA TYR A 141 -0.74 19.66 -63.74
C TYR A 141 -0.34 20.80 -64.68
N LYS A 142 0.91 21.21 -64.60
CA LYS A 142 1.42 22.28 -65.46
C LYS A 142 1.25 21.94 -66.93
N SER A 143 1.65 20.72 -67.31
CA SER A 143 1.62 20.35 -68.73
C SER A 143 0.21 20.41 -69.28
N ILE A 144 -0.80 20.05 -68.47
CA ILE A 144 -2.17 20.20 -68.93
C ILE A 144 -2.61 21.66 -68.84
N LEU A 145 -2.09 22.42 -67.88
CA LEU A 145 -2.48 23.81 -67.73
C LEU A 145 -1.84 24.71 -68.78
N THR A 146 -0.67 24.32 -69.29
CA THR A 146 -0.10 25.02 -70.43
C THR A 146 -0.99 24.90 -71.67
N LYS A 147 -1.81 23.85 -71.72
CA LYS A 147 -2.66 23.59 -72.87
C LYS A 147 -4.06 24.17 -72.73
N ASN A 148 -4.54 24.36 -71.50
CA ASN A 148 -5.95 24.72 -71.31
C ASN A 148 -6.17 26.04 -70.55
N GLY A 149 -7.18 26.03 -69.69
CA GLY A 149 -7.65 27.20 -68.98
C GLY A 149 -6.59 27.99 -68.25
N LYS A 150 -5.88 28.84 -69.00
CA LYS A 150 -4.89 29.80 -68.53
C LYS A 150 -4.09 29.35 -67.31
N LEU A 151 -2.98 28.65 -67.53
CA LEU A 151 -1.92 28.62 -66.52
C LEU A 151 -1.52 30.03 -66.09
N PRO A 152 -1.46 31.04 -66.96
CA PRO A 152 -1.24 32.42 -66.48
C PRO A 152 -2.14 32.85 -65.34
N LEU A 153 -3.37 32.34 -65.26
CA LEU A 153 -4.24 32.73 -64.15
C LEU A 153 -3.78 32.12 -62.84
N VAL A 154 -3.44 30.82 -62.86
CA VAL A 154 -3.01 30.17 -61.63
C VAL A 154 -1.62 30.62 -61.20
N LEU A 155 -0.83 31.16 -62.12
CA LEU A 155 0.43 31.80 -61.73
C LEU A 155 0.18 32.99 -60.80
N LYS A 156 -0.84 33.79 -61.12
CA LYS A 156 -1.19 34.93 -60.27
C LYS A 156 -1.78 34.47 -58.94
N GLU A 157 -2.55 33.38 -58.96
CA GLU A 157 -3.13 32.85 -57.73
C GLU A 157 -2.07 32.46 -56.71
N LEU A 158 -0.81 32.28 -57.13
CA LEU A 158 0.25 31.77 -56.28
C LEU A 158 1.45 32.72 -56.23
N LYS A 159 1.22 34.02 -56.42
CA LYS A 159 2.29 34.99 -56.33
C LYS A 159 2.60 35.39 -54.88
N GLY A 160 1.68 35.11 -53.95
CA GLY A 160 1.90 35.49 -52.57
C GLY A 160 2.76 34.54 -51.78
N LEU A 161 2.75 33.27 -52.13
CA LEU A 161 3.53 32.25 -51.41
C LEU A 161 4.76 31.86 -52.21
N VAL A 162 5.57 32.87 -52.54
CA VAL A 162 6.88 32.64 -53.13
C VAL A 162 7.91 33.26 -52.19
N THR A 163 8.02 32.72 -50.98
CA THR A 163 8.93 33.27 -49.98
C THR A 163 10.37 32.98 -50.36
N ASP A 164 11.28 33.77 -49.79
CA ASP A 164 12.71 33.58 -50.04
C ASP A 164 13.19 32.23 -49.50
N ASP A 165 12.55 31.73 -48.45
CA ASP A 165 12.88 30.38 -47.97
C ASP A 165 12.43 29.33 -48.99
N PHE A 166 11.25 29.52 -49.59
CA PHE A 166 10.83 28.70 -50.70
C PHE A 166 11.82 28.80 -51.86
N LEU A 167 12.09 30.03 -52.30
CA LEU A 167 12.93 30.28 -53.47
C LEU A 167 14.33 29.69 -53.31
N LYS A 168 15.09 30.20 -52.33
CA LYS A 168 16.48 29.79 -52.14
C LYS A 168 16.61 28.28 -52.00
N GLU A 169 15.56 27.62 -51.50
CA GLU A 169 15.60 26.16 -51.37
C GLU A 169 15.90 25.47 -52.68
N VAL A 170 15.46 26.04 -53.80
CA VAL A 170 15.77 25.52 -55.13
C VAL A 170 16.70 26.51 -55.82
N THR A 171 17.91 26.06 -56.16
CA THR A 171 18.95 26.87 -56.78
C THR A 171 19.25 28.12 -55.95
N LYS A 172 20.18 28.00 -55.00
CA LYS A 172 20.64 29.17 -54.25
C LYS A 172 21.36 30.13 -55.18
N ASN A 173 22.66 29.89 -55.38
CA ASN A 173 23.54 30.65 -56.28
C ASN A 173 23.19 32.13 -56.36
N VAL A 174 22.42 32.51 -57.38
CA VAL A 174 22.09 33.90 -57.62
C VAL A 174 20.75 33.98 -58.35
N LYS A 175 20.17 32.81 -58.64
CA LYS A 175 18.95 32.79 -59.44
C LYS A 175 17.72 33.13 -58.59
N GLU A 176 17.75 32.80 -57.30
CA GLU A 176 16.56 32.90 -56.46
C GLU A 176 16.26 34.38 -56.19
N GLN A 177 17.11 35.26 -56.70
CA GLN A 177 16.81 36.70 -56.70
C GLN A 177 16.32 37.19 -58.06
N LYS A 178 16.83 36.62 -59.14
CA LYS A 178 16.27 36.81 -60.46
C LYS A 178 15.02 35.97 -60.68
N GLN A 179 14.71 35.07 -59.74
CA GLN A 179 13.48 34.31 -59.74
C GLN A 179 12.46 34.83 -58.74
N LEU A 180 12.93 35.38 -57.63
CA LEU A 180 12.05 36.02 -56.65
C LEU A 180 11.16 37.06 -57.32
N LYS A 181 11.77 38.03 -57.98
CA LYS A 181 11.03 39.04 -58.71
C LYS A 181 10.85 38.70 -60.18
N LYS A 182 11.03 37.42 -60.55
CA LYS A 182 10.61 36.95 -61.86
C LYS A 182 9.10 36.75 -61.90
N LEU A 183 8.59 35.92 -60.98
CA LEU A 183 7.15 35.71 -60.86
C LEU A 183 6.46 36.86 -60.12
N ALA A 184 7.19 37.92 -59.79
CA ALA A 184 6.54 39.15 -59.33
C ALA A 184 5.61 39.67 -60.41
N LEU A 185 6.17 40.05 -61.56
CA LEU A 185 5.35 40.51 -62.68
C LEU A 185 4.45 39.39 -63.18
N GLU A 186 3.36 39.14 -62.46
CA GLU A 186 2.32 38.20 -62.87
C GLU A 186 0.96 38.77 -62.53
N TRP A 187 0.82 40.09 -62.62
CA TRP A 187 -0.45 40.75 -62.36
C TRP A 187 -0.66 41.93 -63.30
N MET B 2 71.32 11.70 -16.78
CA MET B 2 71.73 12.24 -18.07
C MET B 2 70.51 12.66 -18.88
N ILE B 3 69.35 12.11 -18.51
CA ILE B 3 68.08 12.40 -19.16
C ILE B 3 67.28 13.35 -18.27
N THR B 4 66.69 14.37 -18.90
CA THR B 4 65.83 15.28 -18.15
C THR B 4 64.61 14.54 -17.62
N VAL B 5 64.41 14.63 -16.31
CA VAL B 5 63.26 14.03 -15.66
C VAL B 5 62.43 15.14 -15.02
N ASN B 6 61.12 14.91 -15.00
CA ASN B 6 60.17 15.82 -14.36
C ASN B 6 59.65 15.08 -13.12
N GLU B 7 60.46 15.11 -12.06
CA GLU B 7 60.31 14.23 -10.91
C GLU B 7 58.99 14.43 -10.14
N LYS B 8 57.97 14.95 -10.83
CA LYS B 8 56.62 15.07 -10.28
C LYS B 8 55.60 14.46 -11.22
N GLU B 9 55.98 13.43 -11.98
CA GLU B 9 55.18 12.97 -13.10
C GLU B 9 54.62 11.56 -12.96
N HIS B 10 55.40 10.62 -12.40
CA HIS B 10 54.98 9.25 -12.14
C HIS B 10 54.52 8.48 -13.38
N ILE B 11 54.29 9.16 -14.50
CA ILE B 11 53.63 8.56 -15.65
C ILE B 11 54.64 8.19 -16.75
N LEU B 12 55.93 8.14 -16.42
CA LEU B 12 56.98 7.71 -17.34
C LEU B 12 56.91 8.45 -18.67
N GLU B 13 55.90 8.11 -19.47
CA GLU B 13 55.74 8.65 -20.82
C GLU B 13 55.83 10.16 -20.88
N GLN B 14 55.76 10.84 -19.73
CA GLN B 14 56.06 12.26 -19.66
C GLN B 14 57.08 12.61 -18.59
N LYS B 15 57.40 11.69 -17.69
CA LYS B 15 58.45 11.95 -16.71
C LYS B 15 59.78 12.20 -17.40
N TYR B 16 60.01 11.53 -18.52
CA TYR B 16 61.27 11.66 -19.25
C TYR B 16 61.03 12.30 -20.60
N ARG B 17 60.32 13.41 -20.61
CA ARG B 17 60.11 14.18 -21.82
C ARG B 17 61.30 15.09 -22.05
N PRO B 18 61.93 15.03 -23.23
CA PRO B 18 63.13 15.83 -23.50
C PRO B 18 62.90 17.32 -23.25
N SER B 19 63.96 17.99 -22.80
CA SER B 19 63.92 19.41 -22.51
C SER B 19 64.48 20.25 -23.66
N THR B 20 65.57 19.80 -24.28
CA THR B 20 66.22 20.52 -25.35
C THR B 20 66.08 19.75 -26.66
N ILE B 21 66.52 20.40 -27.76
CA ILE B 21 66.53 19.73 -29.05
C ILE B 21 67.52 18.57 -29.05
N ASP B 22 68.69 18.77 -28.44
CA ASP B 22 69.72 17.73 -28.44
C ASP B 22 69.31 16.50 -27.66
N GLU B 23 68.35 16.63 -26.73
CA GLU B 23 67.81 15.46 -26.07
C GLU B 23 66.77 14.74 -26.92
N CYS B 24 66.17 15.43 -27.89
CA CYS B 24 65.17 14.82 -28.74
C CYS B 24 65.79 13.82 -29.71
N ILE B 25 64.96 12.90 -30.18
CA ILE B 25 65.35 11.91 -31.19
C ILE B 25 64.62 12.28 -32.47
N LEU B 26 65.32 12.92 -33.38
CA LEU B 26 64.79 13.36 -34.67
C LEU B 26 65.70 12.86 -35.78
N PRO B 27 65.23 12.87 -37.03
CA PRO B 27 66.15 12.69 -38.16
C PRO B 27 67.23 13.76 -38.14
N ALA B 28 68.43 13.36 -38.60
CA ALA B 28 69.61 14.21 -38.42
C ALA B 28 69.43 15.58 -39.07
N PHE B 29 68.83 15.63 -40.25
CA PHE B 29 68.63 16.92 -40.91
C PHE B 29 67.65 17.79 -40.13
N ASP B 30 66.55 17.21 -39.67
CA ASP B 30 65.58 17.98 -38.90
C ASP B 30 66.19 18.41 -37.57
N LYS B 31 66.88 17.49 -36.88
CA LYS B 31 67.54 17.84 -35.63
C LYS B 31 68.57 18.93 -35.84
N GLU B 32 69.30 18.88 -36.96
CA GLU B 32 70.23 19.95 -37.30
C GLU B 32 69.50 21.23 -37.65
N THR B 33 68.36 21.13 -38.34
CA THR B 33 67.63 22.33 -38.73
C THR B 33 67.03 23.04 -37.51
N PHE B 34 66.78 22.31 -36.42
CA PHE B 34 66.30 22.95 -35.20
C PHE B 34 67.44 23.63 -34.45
N LYS B 35 68.56 22.92 -34.29
CA LYS B 35 69.72 23.51 -33.64
C LYS B 35 70.19 24.77 -34.35
N SER B 36 70.01 24.84 -35.66
CA SER B 36 70.35 26.06 -36.40
C SER B 36 69.28 27.13 -36.22
N ILE B 37 68.00 26.75 -36.10
CA ILE B 37 66.95 27.73 -35.88
C ILE B 37 67.11 28.38 -34.51
N THR B 38 67.49 27.59 -33.49
CA THR B 38 67.78 28.17 -32.19
C THR B 38 69.03 29.04 -32.21
N SER B 39 70.03 28.67 -33.02
CA SER B 39 71.27 29.45 -33.06
C SER B 39 71.04 30.83 -33.64
N LYS B 40 70.07 30.99 -34.54
CA LYS B 40 69.85 32.26 -35.23
C LYS B 40 69.05 33.26 -34.41
N GLY B 41 68.66 32.92 -33.19
CA GLY B 41 68.05 33.88 -32.29
C GLY B 41 66.53 33.93 -32.27
N LYS B 42 65.92 34.22 -33.41
CA LYS B 42 64.47 34.37 -33.50
C LYS B 42 63.85 33.19 -34.21
N ILE B 43 62.75 32.68 -33.65
CA ILE B 43 62.03 31.53 -34.19
C ILE B 43 61.11 32.02 -35.30
N PRO B 44 61.07 31.36 -36.45
CA PRO B 44 60.08 31.67 -37.48
C PRO B 44 58.74 31.06 -37.11
N HIS B 45 57.75 31.27 -37.98
CA HIS B 45 56.46 30.61 -37.84
C HIS B 45 56.62 29.16 -38.31
N ILE B 46 56.41 28.22 -37.40
CA ILE B 46 56.71 26.81 -37.65
C ILE B 46 55.47 25.98 -37.42
N ILE B 47 55.15 25.13 -38.39
CA ILE B 47 54.11 24.11 -38.24
C ILE B 47 54.82 22.76 -38.12
N LEU B 48 54.71 22.15 -36.95
CA LEU B 48 55.21 20.81 -36.72
C LEU B 48 54.04 19.84 -36.84
N HIS B 49 54.16 18.87 -37.74
CA HIS B 49 53.05 17.97 -37.97
C HIS B 49 53.54 16.57 -38.30
N SER B 50 52.74 15.59 -37.91
CA SER B 50 52.93 14.18 -38.24
C SER B 50 51.65 13.42 -37.92
N PRO B 51 51.00 12.79 -38.91
CA PRO B 51 49.76 12.06 -38.62
C PRO B 51 49.94 10.98 -37.56
N SER B 52 51.06 10.27 -37.58
CA SER B 52 51.36 9.32 -36.51
C SER B 52 51.70 10.09 -35.24
N PRO B 53 51.00 9.87 -34.14
CA PRO B 53 51.23 10.68 -32.94
C PRO B 53 52.51 10.30 -32.23
N GLY B 54 52.86 11.09 -31.22
CA GLY B 54 53.99 10.80 -30.37
C GLY B 54 55.34 10.72 -31.08
N THR B 55 55.55 11.58 -32.07
CA THR B 55 56.81 11.58 -32.80
C THR B 55 57.80 12.63 -32.31
N GLY B 56 57.32 13.67 -31.64
CA GLY B 56 58.20 14.69 -31.09
C GLY B 56 57.68 16.11 -31.22
N LYS B 57 56.48 16.26 -31.77
CA LYS B 57 55.91 17.57 -32.08
C LYS B 57 55.87 18.49 -30.86
N THR B 58 55.03 18.18 -29.88
CA THR B 58 54.87 19.07 -28.73
C THR B 58 56.15 19.18 -27.92
N THR B 59 56.97 18.12 -27.88
CA THR B 59 58.26 18.21 -27.20
C THR B 59 59.17 19.22 -27.91
N VAL B 60 59.33 19.07 -29.23
CA VAL B 60 60.19 19.98 -29.97
C VAL B 60 59.66 21.41 -29.89
N ALA B 61 58.32 21.56 -29.93
CA ALA B 61 57.72 22.88 -29.77
C ALA B 61 58.12 23.51 -28.44
N LYS B 62 58.05 22.73 -27.36
CA LYS B 62 58.50 23.23 -26.07
C LYS B 62 60.02 23.29 -25.97
N ALA B 63 60.74 22.41 -26.67
CA ALA B 63 62.20 22.41 -26.61
C ALA B 63 62.77 23.64 -27.30
N LEU B 64 62.14 24.09 -28.39
CA LEU B 64 62.58 25.30 -29.06
C LEU B 64 62.39 26.52 -28.15
N CYS B 65 61.27 26.57 -27.43
CA CYS B 65 61.03 27.67 -26.51
C CYS B 65 61.99 27.64 -25.32
N HIS B 66 62.40 26.43 -24.90
CA HIS B 66 63.32 26.33 -23.77
C HIS B 66 64.76 26.58 -24.19
N ASP B 67 65.18 26.07 -25.35
CA ASP B 67 66.53 26.33 -25.84
C ASP B 67 66.77 27.83 -26.00
N VAL B 68 65.88 28.50 -26.73
CA VAL B 68 65.96 29.95 -26.90
C VAL B 68 65.74 30.70 -25.59
N ASN B 69 65.20 30.03 -24.57
CA ASN B 69 64.77 30.70 -23.34
C ASN B 69 63.76 31.79 -23.68
N ALA B 70 62.64 31.35 -24.23
CA ALA B 70 61.63 32.24 -24.75
C ALA B 70 60.48 32.41 -23.77
N ASP B 71 59.84 33.57 -23.82
CA ASP B 71 58.63 33.84 -23.04
C ASP B 71 57.49 33.12 -23.75
N MET B 72 57.36 31.82 -23.45
CA MET B 72 56.46 30.93 -24.16
C MET B 72 55.04 31.03 -23.61
N MET B 73 54.09 31.21 -24.51
CA MET B 73 52.66 31.13 -24.19
C MET B 73 52.14 29.83 -24.81
N PHE B 74 51.98 28.81 -23.99
CA PHE B 74 51.45 27.52 -24.41
C PHE B 74 49.93 27.56 -24.36
N VAL B 75 49.28 27.04 -25.39
CA VAL B 75 47.82 27.07 -25.46
C VAL B 75 47.32 25.80 -26.13
N ASN B 76 46.23 25.26 -25.60
CA ASN B 76 45.55 24.11 -26.19
C ASN B 76 44.77 24.62 -27.40
N GLY B 77 45.18 24.19 -28.60
CA GLY B 77 44.59 24.63 -29.84
C GLY B 77 43.09 24.52 -29.92
N SER B 78 42.51 23.64 -29.09
CA SER B 78 41.05 23.50 -29.05
C SER B 78 40.38 24.66 -28.32
N ASP B 79 41.03 25.24 -27.32
CA ASP B 79 40.53 26.45 -26.67
C ASP B 79 40.97 27.73 -27.39
N CYS B 80 41.58 27.60 -28.55
CA CYS B 80 42.06 28.76 -29.32
C CYS B 80 40.96 29.26 -30.25
N LYS B 81 39.86 29.72 -29.63
CA LYS B 81 38.71 30.20 -30.38
C LYS B 81 38.96 31.62 -30.87
N ILE B 82 37.97 32.23 -31.51
CA ILE B 82 38.17 33.54 -32.13
C ILE B 82 38.37 34.61 -31.07
N ASP B 83 37.50 34.64 -30.05
CA ASP B 83 37.64 35.60 -28.97
C ASP B 83 38.91 35.38 -28.17
N PHE B 84 39.60 34.25 -28.38
CA PHE B 84 40.91 34.02 -27.82
C PHE B 84 42.02 34.63 -28.67
N VAL B 85 41.95 34.48 -29.99
CA VAL B 85 42.97 35.05 -30.87
C VAL B 85 42.95 36.58 -30.79
N ARG B 86 41.75 37.18 -30.75
CA ARG B 86 41.64 38.61 -30.53
C ARG B 86 41.89 39.00 -29.08
N GLY B 87 41.70 38.08 -28.14
CA GLY B 87 41.82 38.37 -26.73
C GLY B 87 43.22 38.14 -26.18
N PRO B 88 43.37 37.11 -25.36
CA PRO B 88 44.67 36.89 -24.69
C PRO B 88 45.85 36.72 -25.65
N LEU B 89 45.61 36.37 -26.91
CA LEU B 89 46.70 36.27 -27.87
C LEU B 89 47.25 37.65 -28.23
N THR B 90 46.36 38.60 -28.52
CA THR B 90 46.80 39.95 -28.84
C THR B 90 47.38 40.65 -27.62
N ASN B 91 46.76 40.47 -26.46
CA ASN B 91 47.29 41.06 -25.23
C ASN B 91 48.73 40.62 -24.99
N PHE B 92 49.05 39.37 -25.34
CA PHE B 92 50.41 38.89 -25.16
C PHE B 92 51.34 39.39 -26.26
N ALA B 93 50.86 39.38 -27.51
CA ALA B 93 51.69 39.83 -28.63
C ALA B 93 52.07 41.29 -28.49
N SER B 94 51.22 42.10 -27.88
CA SER B 94 51.47 43.52 -27.71
C SER B 94 52.03 43.86 -26.34
N ALA B 95 52.38 42.86 -25.54
CA ALA B 95 53.05 43.13 -24.28
C ALA B 95 54.47 43.62 -24.55
N ALA B 96 55.00 44.37 -23.59
CA ALA B 96 56.36 44.90 -23.72
C ALA B 96 57.37 43.81 -23.41
N SER B 97 58.31 43.58 -24.32
CA SER B 97 59.35 42.58 -24.12
C SER B 97 60.57 43.25 -23.48
N PHE B 98 60.36 43.68 -22.22
CA PHE B 98 61.47 44.18 -21.42
C PHE B 98 62.52 43.10 -21.20
N ASP B 99 62.10 41.84 -21.25
CA ASP B 99 63.02 40.72 -21.01
C ASP B 99 63.96 40.46 -22.18
N GLY B 100 63.62 40.92 -23.38
CA GLY B 100 64.40 40.65 -24.55
C GLY B 100 64.23 39.27 -25.15
N ARG B 101 63.69 38.33 -24.39
CA ARG B 101 63.45 36.98 -24.92
C ARG B 101 62.34 37.02 -25.96
N GLN B 102 62.50 36.21 -27.00
CA GLN B 102 61.53 36.17 -28.08
C GLN B 102 60.19 35.64 -27.58
N LYS B 103 59.14 36.42 -27.80
CA LYS B 103 57.78 35.96 -27.50
C LYS B 103 57.37 34.93 -28.54
N VAL B 104 57.02 33.73 -28.09
CA VAL B 104 56.58 32.67 -28.99
C VAL B 104 55.33 32.03 -28.40
N ILE B 105 54.35 31.80 -29.26
CA ILE B 105 53.07 31.22 -28.87
C ILE B 105 52.97 29.84 -29.50
N VAL B 106 52.91 28.82 -28.65
CA VAL B 106 52.73 27.45 -29.11
C VAL B 106 51.24 27.14 -29.07
N ILE B 107 50.67 26.84 -30.24
CA ILE B 107 49.28 26.40 -30.31
C ILE B 107 49.25 24.89 -30.47
N ASP B 108 49.17 24.16 -29.35
CA ASP B 108 49.24 22.72 -29.38
C ASP B 108 47.91 22.12 -29.83
N GLU B 109 47.98 21.17 -30.77
CA GLU B 109 46.81 20.47 -31.29
C GLU B 109 45.83 21.46 -31.94
N PHE B 110 46.36 22.24 -32.89
CA PHE B 110 45.55 23.31 -33.48
C PHE B 110 44.59 22.79 -34.54
N CYS B 111 45.01 21.83 -35.35
CA CYS B 111 44.15 21.31 -36.41
C CYS B 111 42.83 20.81 -35.85
N ARG B 112 41.75 21.51 -36.18
CA ARG B 112 40.43 21.18 -35.66
C ARG B 112 39.39 21.42 -36.74
N SER B 113 38.19 20.90 -36.49
CA SER B 113 37.11 20.94 -37.46
C SER B 113 36.63 22.37 -37.71
N GLY B 114 35.81 22.90 -36.81
CA GLY B 114 35.12 24.14 -37.07
C GLY B 114 35.79 25.41 -36.57
N LEU B 115 37.10 25.39 -36.38
CA LEU B 115 37.86 26.57 -35.99
C LEU B 115 38.30 27.40 -37.19
N ALA B 116 37.52 27.41 -38.26
CA ALA B 116 37.95 28.05 -39.50
C ALA B 116 38.09 29.56 -39.35
N GLU B 117 37.08 30.21 -38.76
CA GLU B 117 37.14 31.66 -38.62
C GLU B 117 38.29 32.08 -37.71
N SER B 118 38.50 31.35 -36.62
CA SER B 118 39.65 31.62 -35.77
C SER B 118 40.96 31.31 -36.48
N GLN B 119 40.93 30.39 -37.45
CA GLN B 119 42.15 30.01 -38.15
C GLN B 119 42.59 31.10 -39.13
N ARG B 120 41.65 31.63 -39.90
CA ARG B 120 41.98 32.72 -40.82
C ARG B 120 42.32 33.99 -40.06
N HIS B 121 41.67 34.21 -38.92
CA HIS B 121 42.05 35.33 -38.05
C HIS B 121 43.51 35.23 -37.65
N LEU B 122 43.98 34.02 -37.37
CA LEU B 122 45.39 33.82 -37.00
C LEU B 122 46.31 34.21 -38.15
N ARG B 123 45.91 33.89 -39.39
CA ARG B 123 46.72 34.29 -40.55
C ARG B 123 46.81 35.81 -40.65
N SER B 124 45.66 36.49 -40.59
CA SER B 124 45.67 37.95 -40.61
C SER B 124 46.35 38.52 -39.38
N PHE B 125 46.34 37.78 -38.27
CA PHE B 125 47.06 38.19 -37.07
C PHE B 125 48.57 38.13 -37.28
N MET B 126 49.04 37.24 -38.17
CA MET B 126 50.47 37.10 -38.46
C MET B 126 50.98 38.16 -39.42
N GLU B 127 50.13 39.03 -39.94
CA GLU B 127 50.60 40.19 -40.69
C GLU B 127 50.72 41.42 -39.82
N ALA B 128 50.14 41.39 -38.61
CA ALA B 128 50.18 42.52 -37.69
C ALA B 128 51.22 42.34 -36.60
N TYR B 129 51.09 41.26 -35.81
CA TYR B 129 51.90 41.07 -34.62
C TYR B 129 53.07 40.12 -34.81
N SER B 130 53.28 39.60 -36.02
CA SER B 130 54.45 38.78 -36.26
C SER B 130 55.74 39.57 -36.09
N SER B 131 55.66 40.90 -36.13
CA SER B 131 56.81 41.75 -35.82
C SER B 131 57.33 41.44 -34.41
N ASN B 132 56.42 41.16 -33.48
CA ASN B 132 56.78 40.90 -32.09
C ASN B 132 57.00 39.42 -31.82
N CYS B 133 55.97 38.60 -32.05
CA CYS B 133 55.97 37.22 -31.62
C CYS B 133 55.92 36.26 -32.80
N SER B 134 56.25 35.00 -32.53
CA SER B 134 56.16 33.92 -33.49
C SER B 134 55.24 32.82 -32.95
N ILE B 135 54.87 31.89 -33.82
CA ILE B 135 53.84 30.90 -33.51
C ILE B 135 54.34 29.53 -33.93
N ILE B 136 54.34 28.58 -32.98
CA ILE B 136 54.65 27.18 -33.25
C ILE B 136 53.34 26.41 -33.21
N ILE B 137 53.03 25.70 -34.29
CA ILE B 137 51.82 24.90 -34.40
C ILE B 137 52.21 23.43 -34.39
N THR B 138 51.52 22.64 -33.58
CA THR B 138 51.66 21.19 -33.57
C THR B 138 50.31 20.57 -33.93
N ALA B 139 50.28 19.84 -35.03
CA ALA B 139 49.03 19.27 -35.54
C ALA B 139 49.28 17.86 -36.04
N ASN B 140 48.21 17.06 -36.08
CA ASN B 140 48.28 15.71 -36.62
C ASN B 140 47.92 15.70 -38.10
N ASN B 141 46.72 16.16 -38.40
CA ASN B 141 46.30 16.29 -39.77
C ASN B 141 46.78 17.64 -40.19
N ILE B 142 47.55 17.71 -41.25
CA ILE B 142 48.08 18.96 -41.71
C ILE B 142 47.05 19.72 -42.48
N ASP B 143 46.11 19.00 -43.07
CA ASP B 143 45.05 19.57 -43.84
C ASP B 143 44.05 20.30 -42.98
N GLY B 144 43.92 19.91 -41.74
CA GLY B 144 43.04 20.58 -40.83
C GLY B 144 43.55 21.99 -40.74
N ILE B 145 44.76 22.23 -41.24
CA ILE B 145 45.28 23.58 -41.24
C ILE B 145 44.98 24.22 -42.59
N ILE B 146 44.45 25.44 -42.57
CA ILE B 146 44.15 26.11 -43.83
C ILE B 146 45.44 26.35 -44.61
N LYS B 147 45.31 26.40 -45.93
CA LYS B 147 46.48 26.59 -46.78
C LYS B 147 47.26 27.87 -46.51
N PRO B 148 46.62 29.03 -46.22
CA PRO B 148 47.41 30.23 -45.93
C PRO B 148 48.43 30.06 -44.81
N LEU B 149 48.14 29.25 -43.80
CA LEU B 149 49.06 29.09 -42.68
C LEU B 149 50.29 28.29 -43.09
N GLN B 150 50.08 27.17 -43.80
CA GLN B 150 51.21 26.40 -44.31
C GLN B 150 52.04 27.22 -45.29
N SER B 151 51.38 28.07 -46.08
CA SER B 151 52.10 28.97 -46.98
C SER B 151 53.06 29.86 -46.22
N ARG B 152 52.66 30.33 -45.04
CA ARG B 152 53.52 31.22 -44.27
C ARG B 152 54.49 30.42 -43.41
N CYS B 153 53.98 29.41 -42.71
CA CYS B 153 54.77 28.70 -41.72
C CYS B 153 55.76 27.75 -42.38
N ARG B 154 56.84 27.48 -41.66
CA ARG B 154 57.81 26.48 -42.07
C ARG B 154 57.31 25.11 -41.62
N VAL B 155 56.87 24.30 -42.57
CA VAL B 155 56.21 23.03 -42.29
C VAL B 155 57.28 21.94 -42.21
N ILE B 156 57.52 21.43 -41.00
CA ILE B 156 58.47 20.37 -40.77
C ILE B 156 57.68 19.10 -40.46
N THR B 157 57.73 18.13 -41.36
CA THR B 157 56.94 16.91 -41.24
C THR B 157 57.70 15.90 -40.38
N PHE B 158 57.12 15.53 -39.25
CA PHE B 158 57.71 14.54 -38.36
C PHE B 158 57.29 13.12 -38.78
N GLY B 159 57.90 12.14 -38.12
CA GLY B 159 57.52 10.75 -38.27
C GLY B 159 57.63 10.17 -39.66
N GLN B 160 58.30 10.89 -40.57
CA GLN B 160 58.53 10.43 -41.94
C GLN B 160 60.03 10.37 -42.20
N PRO B 161 60.74 9.44 -41.56
CA PRO B 161 62.20 9.43 -41.66
C PRO B 161 62.70 8.56 -42.79
N THR B 162 63.87 8.93 -43.30
CA THR B 162 64.55 8.09 -44.27
C THR B 162 65.03 6.80 -43.60
N ASP B 163 65.35 5.80 -44.43
CA ASP B 163 65.76 4.51 -43.91
C ASP B 163 66.95 4.64 -42.97
N GLU B 164 68.02 5.29 -43.44
CA GLU B 164 69.20 5.50 -42.60
C GLU B 164 68.86 6.34 -41.37
N ASP B 165 67.97 7.32 -41.52
CA ASP B 165 67.53 8.11 -40.37
C ASP B 165 66.73 7.26 -39.40
N LYS B 166 65.90 6.35 -39.91
CA LYS B 166 65.13 5.47 -39.03
C LYS B 166 66.06 4.57 -38.23
N ILE B 167 67.07 3.99 -38.88
CA ILE B 167 67.95 3.05 -38.20
C ILE B 167 68.64 3.72 -37.02
N GLU B 168 69.22 4.90 -37.24
CA GLU B 168 69.89 5.62 -36.17
C GLU B 168 68.89 6.06 -35.10
N MET B 169 67.69 6.46 -35.49
CA MET B 169 66.70 6.91 -34.52
C MET B 169 66.28 5.77 -33.60
N MET B 170 66.02 4.59 -34.17
CA MET B 170 65.66 3.44 -33.34
C MET B 170 66.79 3.06 -32.40
N LYS B 171 68.03 3.12 -32.89
CA LYS B 171 69.18 2.82 -32.04
C LYS B 171 69.30 3.83 -30.90
N GLN B 172 69.06 5.10 -31.19
CA GLN B 172 69.01 6.10 -30.12
C GLN B 172 67.90 5.79 -29.13
N MET B 173 66.73 5.37 -29.63
CA MET B 173 65.62 5.08 -28.74
C MET B 173 65.87 3.84 -27.90
N ILE B 174 66.57 2.84 -28.46
CA ILE B 174 66.94 1.67 -27.67
C ILE B 174 67.86 2.06 -26.53
N ARG B 175 68.68 3.09 -26.73
CA ARG B 175 69.50 3.61 -25.63
C ARG B 175 68.68 4.45 -24.66
N ARG B 176 67.63 5.12 -25.15
CA ARG B 176 66.77 5.89 -24.26
C ARG B 176 66.03 4.98 -23.29
N LEU B 177 65.33 3.96 -23.81
CA LEU B 177 64.63 3.03 -22.96
C LEU B 177 65.57 2.30 -22.00
N THR B 178 66.84 2.13 -22.41
CA THR B 178 67.84 1.61 -21.50
C THR B 178 68.07 2.57 -20.34
N GLU B 179 68.26 3.86 -20.66
CA GLU B 179 68.45 4.87 -19.63
C GLU B 179 67.17 5.13 -18.84
N ILE B 180 66.01 4.81 -19.42
CA ILE B 180 64.78 4.81 -18.63
C ILE B 180 64.79 3.65 -17.64
N CYS B 181 65.08 2.45 -18.12
CA CYS B 181 65.12 1.28 -17.25
C CYS B 181 66.20 1.41 -16.19
N LYS B 182 67.29 2.11 -16.51
CA LYS B 182 68.33 2.35 -15.51
C LYS B 182 67.80 3.24 -14.39
N HIS B 183 67.10 4.32 -14.75
CA HIS B 183 66.68 5.32 -13.77
C HIS B 183 65.38 4.95 -13.06
N GLU B 184 64.53 4.12 -13.68
CA GLU B 184 63.27 3.74 -13.03
C GLU B 184 63.42 2.56 -12.09
N GLY B 185 64.37 1.68 -12.33
CA GLY B 185 64.50 0.46 -11.55
C GLY B 185 64.08 -0.79 -12.26
N ILE B 186 64.05 -0.77 -13.59
CA ILE B 186 63.62 -1.90 -14.39
C ILE B 186 64.85 -2.68 -14.82
N ALA B 187 64.86 -3.98 -14.54
CA ALA B 187 65.97 -4.83 -14.92
C ALA B 187 65.80 -5.28 -16.36
N ILE B 188 66.83 -5.06 -17.18
CA ILE B 188 66.82 -5.47 -18.58
C ILE B 188 67.55 -6.81 -18.64
N ALA B 189 66.78 -7.89 -18.49
CA ALA B 189 67.36 -9.23 -18.57
C ALA B 189 67.66 -9.63 -20.00
N ASP B 190 66.89 -9.12 -20.97
CA ASP B 190 67.10 -9.41 -22.38
C ASP B 190 67.06 -8.09 -23.15
N MET B 191 68.13 -7.79 -23.88
CA MET B 191 68.19 -6.55 -24.63
C MET B 191 67.33 -6.59 -25.89
N LYS B 192 67.00 -7.78 -26.39
CA LYS B 192 66.11 -7.89 -27.53
C LYS B 192 64.68 -7.49 -27.20
N VAL B 193 64.34 -7.37 -25.92
CA VAL B 193 63.05 -6.82 -25.53
C VAL B 193 62.93 -5.37 -25.96
N VAL B 194 63.89 -4.54 -25.51
CA VAL B 194 63.87 -3.11 -25.84
C VAL B 194 63.93 -2.90 -27.34
N ALA B 195 64.75 -3.69 -28.03
CA ALA B 195 64.85 -3.59 -29.48
C ALA B 195 63.50 -3.88 -30.14
N ALA B 196 62.83 -4.94 -29.69
CA ALA B 196 61.52 -5.26 -30.22
C ALA B 196 60.47 -4.28 -29.73
N LEU B 197 60.64 -3.71 -28.53
CA LEU B 197 59.73 -2.67 -28.06
C LEU B 197 59.77 -1.44 -28.96
N VAL B 198 60.99 -0.95 -29.24
CA VAL B 198 61.12 0.21 -30.12
C VAL B 198 60.62 -0.10 -31.52
N LYS B 199 60.91 -1.31 -32.02
CA LYS B 199 60.63 -1.63 -33.42
C LYS B 199 59.15 -1.89 -33.67
N LYS B 200 58.48 -2.58 -32.73
CA LYS B 200 57.09 -2.98 -32.95
C LYS B 200 56.20 -1.75 -33.19
N ASN B 201 56.19 -0.82 -32.24
CA ASN B 201 55.50 0.46 -32.39
C ASN B 201 56.57 1.53 -32.51
N PHE B 202 56.97 1.85 -33.74
CA PHE B 202 58.07 2.77 -33.91
C PHE B 202 57.59 4.23 -33.80
N PRO B 203 57.19 4.90 -34.90
CA PRO B 203 57.29 6.38 -34.91
C PRO B 203 56.72 7.06 -33.68
N ASP B 204 55.66 6.49 -33.12
CA ASP B 204 55.09 6.94 -31.86
C ASP B 204 56.05 6.65 -30.72
N PHE B 205 56.85 7.66 -30.33
CA PHE B 205 57.76 7.48 -29.21
C PHE B 205 57.04 7.52 -27.87
N ARG B 206 55.90 8.20 -27.79
CA ARG B 206 55.12 8.18 -26.55
C ARG B 206 54.58 6.78 -26.28
N LYS B 207 54.13 6.08 -27.32
CA LYS B 207 53.50 4.78 -27.13
C LYS B 207 54.53 3.73 -26.73
N THR B 208 55.72 3.76 -27.34
CA THR B 208 56.73 2.75 -27.02
C THR B 208 57.27 2.91 -25.61
N ILE B 209 57.36 4.14 -25.09
CA ILE B 209 57.71 4.32 -23.69
C ILE B 209 56.60 3.76 -22.80
N GLY B 210 55.35 4.01 -23.18
CA GLY B 210 54.23 3.47 -22.42
C GLY B 210 54.22 1.95 -22.41
N GLU B 211 54.48 1.34 -23.58
CA GLU B 211 54.52 -0.12 -23.64
C GLU B 211 55.57 -0.69 -22.71
N LEU B 212 56.71 0.01 -22.57
CA LEU B 212 57.71 -0.39 -21.60
C LEU B 212 57.15 -0.35 -20.18
N ASP B 213 56.32 0.66 -19.88
CA ASP B 213 55.70 0.74 -18.57
C ASP B 213 54.75 -0.43 -18.34
N SER B 214 53.95 -0.78 -19.35
CA SER B 214 53.00 -1.87 -19.19
C SER B 214 53.70 -3.23 -19.10
N TYR B 215 54.86 -3.37 -19.72
CA TYR B 215 55.64 -4.59 -19.64
C TYR B 215 56.64 -4.58 -18.49
N SER B 216 56.69 -3.50 -17.71
CA SER B 216 57.51 -3.45 -16.51
C SER B 216 56.76 -3.96 -15.29
N SER B 217 55.59 -4.57 -15.47
CA SER B 217 54.80 -5.04 -14.34
C SER B 217 55.54 -6.08 -13.51
N LYS B 218 56.52 -6.77 -14.08
CA LYS B 218 57.31 -7.73 -13.33
C LYS B 218 58.56 -7.14 -12.72
N GLY B 219 58.98 -5.96 -13.17
CA GLY B 219 60.22 -5.37 -12.71
C GLY B 219 61.46 -5.85 -13.44
N VAL B 220 61.31 -6.80 -14.37
CA VAL B 220 62.41 -7.32 -15.16
C VAL B 220 61.91 -7.63 -16.55
N LEU B 221 62.78 -7.44 -17.54
CA LEU B 221 62.45 -7.67 -18.95
C LEU B 221 63.12 -8.96 -19.42
N ASP B 222 62.66 -10.08 -18.87
CA ASP B 222 63.17 -11.37 -19.27
C ASP B 222 62.62 -11.74 -20.64
N ALA B 223 63.09 -12.89 -21.16
CA ALA B 223 62.67 -13.33 -22.48
C ALA B 223 61.18 -13.66 -22.53
N GLY B 224 60.56 -13.91 -21.37
CA GLY B 224 59.11 -14.04 -21.33
C GLY B 224 58.41 -12.77 -21.75
N ILE B 225 58.91 -11.62 -21.29
CA ILE B 225 58.41 -10.33 -21.77
C ILE B 225 58.73 -10.16 -23.25
N LEU B 226 59.87 -10.68 -23.70
CA LEU B 226 60.17 -10.68 -25.12
C LEU B 226 59.13 -11.47 -25.90
N SER B 227 58.77 -12.65 -25.39
CA SER B 227 57.73 -13.46 -26.04
C SER B 227 56.39 -12.74 -26.05
N LEU B 228 56.17 -11.84 -25.08
CA LEU B 228 54.95 -11.03 -25.09
C LEU B 228 54.97 -10.02 -26.23
N VAL B 229 56.06 -9.24 -26.34
CA VAL B 229 56.12 -8.17 -27.33
C VAL B 229 56.08 -8.74 -28.74
N THR B 230 56.72 -9.89 -28.95
CA THR B 230 56.72 -10.51 -30.26
C THR B 230 55.43 -11.27 -30.56
N ASN B 231 54.70 -11.68 -29.53
CA ASN B 231 53.38 -12.26 -29.71
C ASN B 231 52.48 -11.24 -30.39
N ASP B 232 52.11 -11.49 -31.65
CA ASP B 232 51.42 -10.51 -32.47
C ASP B 232 49.94 -10.37 -32.12
N ARG B 233 49.53 -10.75 -30.92
CA ARG B 233 48.16 -10.62 -30.42
C ARG B 233 47.22 -11.38 -31.38
N GLY B 234 45.95 -10.97 -31.47
CA GLY B 234 45.00 -11.76 -32.22
C GLY B 234 43.82 -11.04 -32.84
N ALA B 235 42.95 -10.47 -32.01
CA ALA B 235 41.64 -9.95 -32.42
C ALA B 235 40.77 -11.09 -32.93
N ILE B 236 40.96 -11.49 -34.18
CA ILE B 236 40.23 -12.63 -34.73
C ILE B 236 41.19 -13.54 -35.45
N ASP B 237 42.39 -13.71 -34.88
CA ASP B 237 43.43 -14.49 -35.55
C ASP B 237 43.04 -15.95 -35.70
N ASP B 238 42.12 -16.43 -34.86
CA ASP B 238 41.74 -17.84 -34.91
C ASP B 238 40.82 -18.11 -36.09
N VAL B 239 39.96 -17.16 -36.45
CA VAL B 239 39.05 -17.34 -37.57
C VAL B 239 39.80 -17.22 -38.90
N LEU B 240 40.66 -16.20 -39.02
CA LEU B 240 41.52 -16.08 -40.19
C LEU B 240 42.35 -17.35 -40.38
N GLU B 241 42.87 -17.89 -39.29
CA GLU B 241 43.67 -19.11 -39.37
C GLU B 241 42.84 -20.29 -39.85
N SER B 242 41.64 -20.45 -39.29
CA SER B 242 40.77 -21.56 -39.70
C SER B 242 40.21 -21.36 -41.11
N LEU B 243 40.14 -20.11 -41.58
CA LEU B 243 39.69 -19.89 -42.95
C LEU B 243 40.76 -20.24 -43.97
N LYS B 244 42.02 -19.93 -43.68
CA LYS B 244 43.11 -20.30 -44.59
C LYS B 244 43.29 -21.81 -44.64
N ASN B 245 43.05 -22.51 -43.54
CA ASN B 245 43.23 -23.96 -43.47
C ASN B 245 42.00 -24.74 -43.89
N LYS B 246 40.90 -24.05 -44.24
CA LYS B 246 39.64 -24.70 -44.63
C LYS B 246 39.18 -25.70 -43.57
N ASP B 247 39.53 -25.43 -42.31
CA ASP B 247 39.21 -26.32 -41.20
C ASP B 247 37.73 -26.17 -40.86
N VAL B 248 36.91 -27.07 -41.39
CA VAL B 248 35.47 -26.98 -41.19
C VAL B 248 35.11 -27.20 -39.73
N LYS B 249 35.92 -27.97 -38.99
CA LYS B 249 35.62 -28.23 -37.59
C LYS B 249 35.71 -26.96 -36.76
N GLN B 250 36.78 -26.19 -36.93
CA GLN B 250 36.95 -24.98 -36.12
C GLN B 250 36.05 -23.85 -36.57
N LEU B 251 35.78 -23.72 -37.87
CA LEU B 251 34.77 -22.78 -38.32
C LEU B 251 33.42 -23.09 -37.70
N ARG B 252 33.10 -24.38 -37.57
CA ARG B 252 31.85 -24.80 -36.96
C ARG B 252 31.79 -24.42 -35.49
N ALA B 253 32.93 -24.42 -34.80
CA ALA B 253 32.97 -24.10 -33.38
C ALA B 253 33.28 -22.63 -33.10
N LEU B 254 33.78 -21.88 -34.09
CA LEU B 254 34.02 -20.46 -33.90
C LEU B 254 32.85 -19.59 -34.31
N ALA B 255 31.92 -20.12 -35.12
CA ALA B 255 30.70 -19.39 -35.42
C ALA B 255 29.88 -19.06 -34.16
N PRO B 256 29.70 -19.97 -33.20
CA PRO B 256 29.05 -19.56 -31.94
C PRO B 256 29.89 -18.62 -31.09
N LYS B 257 31.17 -18.42 -31.43
CA LYS B 257 32.00 -17.49 -30.66
C LYS B 257 31.69 -16.04 -31.02
N TYR B 258 31.38 -15.77 -32.28
CA TYR B 258 31.21 -14.40 -32.76
C TYR B 258 29.80 -14.07 -33.21
N ALA B 259 28.87 -15.03 -33.12
CA ALA B 259 27.48 -14.73 -33.40
C ALA B 259 26.89 -13.76 -32.38
N ALA B 260 27.53 -13.59 -31.23
CA ALA B 260 27.06 -12.63 -30.24
C ALA B 260 27.20 -11.21 -30.74
N ASP B 261 28.42 -10.81 -31.09
CA ASP B 261 28.66 -9.49 -31.64
C ASP B 261 28.89 -9.57 -33.15
N TYR B 262 27.86 -10.02 -33.88
CA TYR B 262 27.99 -10.24 -35.31
C TYR B 262 28.50 -9.01 -36.04
N SER B 263 27.86 -7.87 -35.80
CA SER B 263 28.14 -6.67 -36.60
C SER B 263 29.58 -6.22 -36.45
N TRP B 264 30.16 -6.36 -35.25
CA TRP B 264 31.57 -6.02 -35.10
C TRP B 264 32.45 -7.03 -35.81
N PHE B 265 32.14 -8.32 -35.66
CA PHE B 265 33.02 -9.35 -36.19
C PHE B 265 33.08 -9.32 -37.71
N VAL B 266 31.93 -9.16 -38.35
CA VAL B 266 31.89 -9.07 -39.81
C VAL B 266 32.72 -7.88 -40.29
N GLY B 267 32.64 -6.76 -39.58
CA GLY B 267 33.47 -5.61 -39.94
C GLY B 267 34.94 -5.86 -39.68
N LYS B 268 35.26 -6.54 -38.58
CA LYS B 268 36.65 -6.87 -38.30
C LYS B 268 37.17 -7.96 -39.23
N LEU B 269 36.29 -8.87 -39.67
CA LEU B 269 36.71 -9.92 -40.60
C LEU B 269 37.06 -9.34 -41.95
N ALA B 270 36.24 -8.42 -42.48
CA ALA B 270 36.55 -7.78 -43.75
C ALA B 270 37.88 -7.04 -43.68
N GLU B 271 38.15 -6.40 -42.55
CA GLU B 271 39.40 -5.66 -42.39
C GLU B 271 40.60 -6.59 -42.44
N GLU B 272 40.49 -7.77 -41.83
CA GLU B 272 41.64 -8.67 -41.74
C GLU B 272 41.86 -9.43 -43.05
N ILE B 273 40.78 -9.88 -43.72
CA ILE B 273 40.96 -10.69 -44.92
C ILE B 273 41.48 -9.83 -46.07
N TYR B 274 41.14 -8.55 -46.10
CA TYR B 274 41.60 -7.67 -47.18
C TYR B 274 43.11 -7.68 -47.33
N SER B 275 43.83 -7.88 -46.23
CA SER B 275 45.29 -7.98 -46.29
C SER B 275 45.77 -9.39 -46.60
N ARG B 276 45.06 -10.41 -46.11
CA ARG B 276 45.51 -11.79 -46.23
C ARG B 276 45.12 -12.47 -47.53
N VAL B 277 44.29 -11.86 -48.36
CA VAL B 277 43.72 -12.56 -49.49
C VAL B 277 44.17 -11.92 -50.80
N THR B 278 44.11 -12.72 -51.87
CA THR B 278 44.59 -12.31 -53.18
C THR B 278 43.65 -11.28 -53.80
N PRO B 279 44.15 -10.48 -54.76
CA PRO B 279 43.32 -9.39 -55.29
C PRO B 279 42.10 -9.86 -56.07
N GLN B 280 42.22 -10.90 -56.90
CA GLN B 280 41.05 -11.43 -57.57
C GLN B 280 40.05 -12.02 -56.58
N SER B 281 40.51 -12.36 -55.38
CA SER B 281 39.63 -12.80 -54.31
C SER B 281 39.02 -11.64 -53.53
N ILE B 282 39.61 -10.44 -53.62
CA ILE B 282 39.05 -9.27 -52.97
C ILE B 282 37.62 -9.01 -53.43
N ILE B 283 37.34 -9.29 -54.71
CA ILE B 283 35.97 -9.15 -55.21
C ILE B 283 35.03 -10.09 -54.48
N ARG B 284 35.31 -11.40 -54.53
CA ARG B 284 34.43 -12.37 -53.91
C ARG B 284 34.37 -12.20 -52.40
N MET B 285 35.43 -11.66 -51.80
CA MET B 285 35.45 -11.47 -50.35
C MET B 285 34.36 -10.50 -49.91
N TYR B 286 34.43 -9.26 -50.39
CA TYR B 286 33.47 -8.24 -49.97
C TYR B 286 32.06 -8.56 -50.44
N GLU B 287 31.92 -9.37 -51.50
CA GLU B 287 30.59 -9.78 -51.94
C GLU B 287 30.00 -10.83 -51.01
N ILE B 288 30.81 -11.81 -50.62
CA ILE B 288 30.33 -12.85 -49.70
C ILE B 288 29.99 -12.26 -48.35
N VAL B 289 30.90 -11.42 -47.81
CA VAL B 289 30.68 -10.84 -46.49
C VAL B 289 29.51 -9.86 -46.51
N GLY B 290 29.55 -8.90 -47.44
CA GLY B 290 28.52 -7.88 -47.48
C GLY B 290 27.13 -8.45 -47.68
N GLU B 291 27.03 -9.54 -48.43
CA GLU B 291 25.74 -10.21 -48.58
C GLU B 291 25.32 -10.88 -47.28
N ASN B 292 26.26 -11.55 -46.61
CA ASN B 292 25.95 -12.19 -45.34
C ASN B 292 25.51 -11.17 -44.30
N ASN B 293 26.15 -10.01 -44.28
CA ASN B 293 25.73 -8.95 -43.36
C ASN B 293 24.42 -8.32 -43.80
N GLN B 294 24.15 -8.29 -45.10
CA GLN B 294 22.88 -7.74 -45.58
C GLN B 294 21.70 -8.54 -45.06
N TYR B 295 21.83 -9.86 -45.05
CA TYR B 295 20.78 -10.74 -44.55
C TYR B 295 20.87 -11.00 -43.06
N HIS B 296 21.84 -10.41 -42.37
CA HIS B 296 21.92 -10.54 -40.92
C HIS B 296 20.65 -10.00 -40.27
N GLY B 297 20.04 -10.83 -39.43
CA GLY B 297 18.74 -10.53 -38.86
C GLY B 297 17.58 -11.12 -39.63
N ILE B 298 17.71 -11.19 -40.96
CA ILE B 298 16.74 -11.96 -41.73
C ILE B 298 16.96 -13.46 -41.48
N ALA B 299 18.22 -13.87 -41.41
CA ALA B 299 18.54 -15.25 -41.07
C ALA B 299 17.98 -15.59 -39.69
N ALA B 300 17.24 -16.69 -39.61
CA ALA B 300 16.62 -17.07 -38.34
C ALA B 300 17.67 -17.49 -37.32
N ASN B 301 18.57 -18.39 -37.71
CA ASN B 301 19.70 -18.77 -36.85
C ASN B 301 20.89 -17.90 -37.23
N THR B 302 21.25 -16.97 -36.34
CA THR B 302 22.38 -16.08 -36.60
C THR B 302 23.71 -16.81 -36.49
N GLU B 303 23.79 -17.81 -35.59
CA GLU B 303 25.03 -18.57 -35.46
C GLU B 303 25.31 -19.38 -36.72
N LEU B 304 24.31 -20.11 -37.22
CA LEU B 304 24.49 -20.88 -38.44
C LEU B 304 24.74 -19.98 -39.62
N HIS B 305 24.07 -18.82 -39.66
CA HIS B 305 24.33 -17.85 -40.72
C HIS B 305 25.78 -17.37 -40.70
N LEU B 306 26.38 -17.30 -39.51
CA LEU B 306 27.78 -16.91 -39.42
C LEU B 306 28.69 -18.05 -39.83
N ALA B 307 28.31 -19.29 -39.53
CA ALA B 307 29.03 -20.43 -40.07
C ALA B 307 28.91 -20.47 -41.59
N TYR B 308 27.73 -20.12 -42.11
CA TYR B 308 27.54 -19.99 -43.55
C TYR B 308 28.56 -19.04 -44.16
N LEU B 309 28.84 -17.92 -43.47
CA LEU B 309 29.88 -17.01 -43.94
C LEU B 309 31.25 -17.68 -43.93
N PHE B 310 31.52 -18.49 -42.92
CA PHE B 310 32.81 -19.15 -42.81
C PHE B 310 33.00 -20.18 -43.92
N ILE B 311 31.98 -21.00 -44.16
CA ILE B 311 32.06 -21.98 -45.23
C ILE B 311 32.18 -21.30 -46.59
N GLN B 312 31.41 -20.22 -46.79
CA GLN B 312 31.44 -19.52 -48.06
C GLN B 312 32.82 -18.92 -48.34
N LEU B 313 33.48 -18.40 -47.30
CA LEU B 313 34.79 -17.81 -47.52
C LEU B 313 35.85 -18.89 -47.75
N ALA B 314 35.81 -19.97 -46.98
CA ALA B 314 36.82 -21.03 -47.13
C ALA B 314 36.85 -21.55 -48.56
N CYS B 315 35.68 -21.79 -49.15
CA CYS B 315 35.63 -22.36 -50.49
C CYS B 315 36.07 -21.36 -51.56
N GLU B 316 35.81 -20.07 -51.34
CA GLU B 316 35.97 -19.08 -52.39
C GLU B 316 37.22 -18.21 -52.26
N MET B 317 37.92 -18.25 -51.12
CA MET B 317 39.08 -17.41 -50.90
C MET B 317 40.34 -18.12 -51.40
N GLN B 318 41.02 -17.49 -52.36
CA GLN B 318 42.38 -17.89 -52.73
C GLN B 318 43.34 -17.14 -51.81
N TRP B 319 44.05 -17.88 -50.96
CA TRP B 319 44.80 -17.29 -49.87
C TRP B 319 46.20 -16.88 -50.31
N LYS B 320 46.82 -16.04 -49.49
CA LYS B 320 48.16 -15.53 -49.75
C LYS B 320 49.21 -16.50 -49.22
N SER C 1 35.87 -16.93 -1.23
CA SER C 1 34.93 -16.25 -0.35
C SER C 1 34.57 -14.87 -0.87
N MET C 2 35.60 -14.06 -1.12
CA MET C 2 35.45 -12.66 -1.44
C MET C 2 34.45 -12.40 -2.58
N ILE C 3 33.24 -11.98 -2.23
CA ILE C 3 32.23 -11.59 -3.20
C ILE C 3 31.42 -10.43 -2.61
N THR C 4 31.23 -9.38 -3.40
CA THR C 4 30.61 -8.15 -2.93
C THR C 4 29.15 -8.09 -3.38
N VAL C 5 28.26 -7.82 -2.45
CA VAL C 5 26.84 -7.58 -2.73
C VAL C 5 26.56 -6.11 -2.50
N ASN C 6 26.01 -5.44 -3.51
CA ASN C 6 25.69 -4.02 -3.38
C ASN C 6 24.39 -3.78 -2.62
N GLU C 7 23.57 -4.82 -2.43
CA GLU C 7 22.36 -4.77 -1.60
C GLU C 7 21.39 -3.66 -2.03
N LYS C 8 21.88 -2.43 -2.16
CA LYS C 8 21.02 -1.32 -2.59
C LYS C 8 20.52 -1.49 -4.02
N GLU C 9 21.06 -2.45 -4.76
CA GLU C 9 20.61 -2.73 -6.12
C GLU C 9 19.75 -3.98 -6.13
N HIS C 10 18.64 -3.91 -6.88
CA HIS C 10 17.67 -4.99 -6.96
C HIS C 10 17.83 -5.85 -8.20
N ILE C 11 18.74 -5.48 -9.11
CA ILE C 11 18.73 -6.01 -10.46
C ILE C 11 19.86 -7.02 -10.66
N LEU C 12 20.25 -7.68 -9.57
CA LEU C 12 21.21 -8.79 -9.60
C LEU C 12 22.55 -8.38 -10.22
N GLU C 13 22.62 -8.37 -11.56
CA GLU C 13 23.87 -8.10 -12.27
C GLU C 13 24.53 -6.79 -11.85
N GLN C 14 23.83 -5.92 -11.12
CA GLN C 14 24.45 -4.74 -10.54
C GLN C 14 24.69 -4.87 -9.04
N LYS C 15 23.98 -5.78 -8.36
CA LYS C 15 24.25 -6.04 -6.96
C LYS C 15 25.57 -6.77 -6.77
N TYR C 16 25.83 -7.78 -7.61
CA TYR C 16 27.04 -8.59 -7.53
C TYR C 16 28.16 -8.05 -8.40
N ARG C 17 28.27 -6.73 -8.50
CA ARG C 17 29.35 -6.12 -9.26
C ARG C 17 30.63 -6.15 -8.43
N PRO C 18 31.74 -6.63 -8.99
CA PRO C 18 32.99 -6.73 -8.19
C PRO C 18 33.44 -5.37 -7.68
N SER C 19 33.96 -5.37 -6.46
CA SER C 19 34.36 -4.16 -5.76
C SER C 19 35.86 -3.90 -5.80
N THR C 20 36.68 -4.94 -5.66
CA THR C 20 38.13 -4.81 -5.72
C THR C 20 38.66 -5.50 -6.98
N ILE C 21 39.93 -5.22 -7.28
CA ILE C 21 40.52 -5.71 -8.53
C ILE C 21 40.69 -7.23 -8.48
N ASP C 22 40.86 -7.80 -7.28
CA ASP C 22 40.96 -9.25 -7.17
C ASP C 22 39.65 -9.94 -7.47
N GLU C 23 38.52 -9.31 -7.12
CA GLU C 23 37.22 -9.88 -7.40
C GLU C 23 36.88 -9.86 -8.89
N CYS C 24 37.52 -8.98 -9.66
CA CYS C 24 37.34 -9.01 -11.10
C CYS C 24 37.87 -10.31 -11.69
N ILE C 25 37.26 -10.75 -12.78
CA ILE C 25 37.69 -11.93 -13.52
C ILE C 25 38.38 -11.44 -14.79
N LEU C 26 39.70 -11.60 -14.83
CA LEU C 26 40.53 -11.00 -15.86
C LEU C 26 41.58 -11.99 -16.31
N PRO C 27 42.13 -11.81 -17.51
CA PRO C 27 43.31 -12.59 -17.90
C PRO C 27 44.48 -12.29 -16.97
N ALA C 28 45.32 -13.30 -16.76
CA ALA C 28 46.36 -13.21 -15.73
C ALA C 28 47.26 -12.00 -15.94
N PHE C 29 47.68 -11.75 -17.19
CA PHE C 29 48.54 -10.60 -17.43
C PHE C 29 47.80 -9.29 -17.21
N ASP C 30 46.52 -9.24 -17.57
CA ASP C 30 45.76 -8.01 -17.36
C ASP C 30 45.49 -7.78 -15.88
N LYS C 31 45.24 -8.85 -15.12
CA LYS C 31 45.17 -8.69 -13.67
C LYS C 31 46.54 -8.40 -13.08
N GLU C 32 47.60 -8.83 -13.77
CA GLU C 32 48.96 -8.56 -13.29
C GLU C 32 49.37 -7.11 -13.48
N THR C 33 48.89 -6.44 -14.53
CA THR C 33 49.19 -5.02 -14.70
C THR C 33 48.28 -4.13 -13.87
N PHE C 34 47.12 -4.63 -13.44
CA PHE C 34 46.26 -3.86 -12.57
C PHE C 34 46.73 -3.92 -11.12
N LYS C 35 47.11 -5.11 -10.65
CA LYS C 35 47.74 -5.20 -9.33
C LYS C 35 49.06 -4.43 -9.29
N SER C 36 49.77 -4.38 -10.43
CA SER C 36 51.00 -3.60 -10.48
C SER C 36 50.72 -2.11 -10.32
N ILE C 37 49.65 -1.62 -10.95
CA ILE C 37 49.29 -0.21 -10.82
C ILE C 37 48.92 0.12 -9.38
N THR C 38 48.12 -0.75 -8.74
CA THR C 38 47.75 -0.54 -7.35
C THR C 38 48.97 -0.57 -6.44
N SER C 39 49.86 -1.54 -6.64
CA SER C 39 51.09 -1.60 -5.85
C SER C 39 52.02 -0.43 -6.13
N LYS C 40 51.93 0.18 -7.31
CA LYS C 40 52.67 1.40 -7.57
C LYS C 40 52.00 2.63 -6.96
N GLY C 41 50.77 2.52 -6.48
CA GLY C 41 50.07 3.62 -5.87
C GLY C 41 49.66 4.73 -6.80
N LYS C 42 50.02 4.66 -8.08
CA LYS C 42 49.73 5.70 -9.05
C LYS C 42 49.07 5.08 -10.28
N ILE C 43 48.15 5.82 -10.88
CA ILE C 43 47.36 5.33 -12.00
C ILE C 43 47.74 6.10 -13.27
N PRO C 44 47.96 5.41 -14.40
CA PRO C 44 48.22 6.13 -15.64
C PRO C 44 46.94 6.42 -16.42
N HIS C 45 47.08 6.92 -17.64
CA HIS C 45 45.94 7.00 -18.55
C HIS C 45 45.72 5.64 -19.18
N ILE C 46 44.48 5.15 -19.12
CA ILE C 46 44.15 3.80 -19.58
C ILE C 46 42.84 3.82 -20.33
N ILE C 47 42.76 3.00 -21.37
CA ILE C 47 41.52 2.78 -22.13
C ILE C 47 41.12 1.32 -21.96
N LEU C 48 39.98 1.09 -21.32
CA LEU C 48 39.40 -0.24 -21.18
C LEU C 48 38.36 -0.40 -22.28
N HIS C 49 38.68 -1.21 -23.29
CA HIS C 49 37.82 -1.37 -24.45
C HIS C 49 37.53 -2.84 -24.70
N SER C 50 36.47 -3.07 -25.49
CA SER C 50 36.06 -4.39 -25.96
C SER C 50 34.82 -4.26 -26.85
N PRO C 51 34.80 -4.92 -28.02
CA PRO C 51 33.57 -4.93 -28.82
C PRO C 51 32.44 -5.69 -28.13
N SER C 52 32.74 -6.73 -27.37
CA SER C 52 31.74 -7.39 -26.56
C SER C 52 31.37 -6.49 -25.37
N PRO C 53 30.10 -6.49 -24.97
CA PRO C 53 29.66 -5.70 -23.82
C PRO C 53 29.88 -6.43 -22.51
N GLY C 54 29.91 -5.65 -21.43
CA GLY C 54 29.99 -6.18 -20.09
C GLY C 54 31.14 -7.15 -19.84
N THR C 55 32.33 -6.81 -20.31
CA THR C 55 33.50 -7.67 -20.11
C THR C 55 34.23 -7.37 -18.80
N GLY C 56 33.97 -6.23 -18.18
CA GLY C 56 34.60 -5.88 -16.93
C GLY C 56 35.03 -4.43 -16.88
N LYS C 57 34.99 -3.76 -18.03
CA LYS C 57 35.56 -2.42 -18.21
C LYS C 57 35.10 -1.42 -17.16
N THR C 58 33.81 -1.08 -17.15
CA THR C 58 33.31 -0.10 -16.18
C THR C 58 33.56 -0.57 -14.75
N THR C 59 33.48 -1.89 -14.51
CA THR C 59 33.71 -2.42 -13.17
C THR C 59 35.19 -2.42 -12.81
N VAL C 60 36.06 -2.87 -13.73
CA VAL C 60 37.50 -2.83 -13.47
C VAL C 60 37.96 -1.39 -13.27
N ALA C 61 37.38 -0.45 -14.02
CA ALA C 61 37.70 0.97 -13.82
C ALA C 61 37.40 1.38 -12.39
N LYS C 62 36.17 1.15 -11.92
CA LYS C 62 35.82 1.48 -10.55
C LYS C 62 36.63 0.65 -9.56
N ALA C 63 36.93 -0.60 -9.91
CA ALA C 63 37.69 -1.45 -9.00
C ALA C 63 39.13 -0.98 -8.88
N LEU C 64 39.73 -0.55 -9.99
CA LEU C 64 41.10 -0.04 -9.92
C LEU C 64 41.17 1.24 -9.09
N CYS C 65 40.16 2.10 -9.21
CA CYS C 65 40.13 3.31 -8.39
C CYS C 65 39.91 3.00 -6.91
N HIS C 66 39.20 1.91 -6.62
CA HIS C 66 38.96 1.56 -5.22
C HIS C 66 40.24 1.07 -4.54
N ASP C 67 40.95 0.12 -5.18
CA ASP C 67 42.15 -0.43 -4.57
C ASP C 67 43.21 0.64 -4.38
N VAL C 68 43.31 1.58 -5.33
CA VAL C 68 44.19 2.73 -5.16
C VAL C 68 43.68 3.71 -4.11
N ASN C 69 42.40 3.60 -3.74
CA ASN C 69 41.75 4.60 -2.89
C ASN C 69 41.91 5.98 -3.51
N ALA C 70 41.26 6.14 -4.65
CA ALA C 70 41.46 7.28 -5.53
C ALA C 70 40.29 8.25 -5.43
N ASP C 71 40.62 9.54 -5.37
CA ASP C 71 39.62 10.59 -5.58
C ASP C 71 39.16 10.54 -7.02
N MET C 72 38.14 9.73 -7.31
CA MET C 72 37.76 9.45 -8.69
C MET C 72 36.53 10.24 -9.10
N MET C 73 36.43 10.50 -10.40
CA MET C 73 35.38 11.32 -11.00
C MET C 73 34.73 10.48 -12.10
N PHE C 74 33.64 9.79 -11.76
CA PHE C 74 32.94 8.97 -12.73
C PHE C 74 32.08 9.86 -13.61
N VAL C 75 32.30 9.75 -14.93
CA VAL C 75 31.68 10.65 -15.89
C VAL C 75 31.18 9.82 -17.06
N ASN C 76 29.90 9.99 -17.40
CA ASN C 76 29.34 9.39 -18.60
C ASN C 76 29.89 10.08 -19.84
N GLY C 77 30.65 9.34 -20.65
CA GLY C 77 31.31 9.93 -21.80
C GLY C 77 30.36 10.65 -22.75
N SER C 78 29.18 10.09 -22.97
CA SER C 78 28.18 10.75 -23.81
C SER C 78 27.80 12.13 -23.27
N ASP C 79 27.87 12.32 -21.96
CA ASP C 79 27.55 13.61 -21.34
C ASP C 79 28.79 14.49 -21.15
N CYS C 80 29.97 13.98 -21.48
CA CYS C 80 31.22 14.73 -21.35
C CYS C 80 31.43 15.51 -22.65
N LYS C 81 30.97 16.77 -22.65
CA LYS C 81 31.16 17.64 -23.79
C LYS C 81 32.40 18.51 -23.59
N ILE C 82 32.76 19.27 -24.64
CA ILE C 82 34.01 20.02 -24.62
C ILE C 82 34.00 21.05 -23.49
N ASP C 83 32.85 21.69 -23.25
CA ASP C 83 32.75 22.68 -22.19
C ASP C 83 32.83 22.02 -20.82
N PHE C 84 32.25 20.83 -20.68
CA PHE C 84 32.43 20.06 -19.45
C PHE C 84 33.89 19.67 -19.26
N VAL C 85 34.62 19.46 -20.36
CA VAL C 85 36.06 19.20 -20.25
C VAL C 85 36.79 20.49 -19.90
N ARG C 86 36.45 21.59 -20.57
CA ARG C 86 37.04 22.88 -20.24
C ARG C 86 36.71 23.28 -18.81
N GLY C 87 35.56 22.85 -18.30
CA GLY C 87 35.07 23.32 -17.01
C GLY C 87 35.42 22.42 -15.86
N PRO C 88 34.43 21.69 -15.34
CA PRO C 88 34.63 20.95 -14.09
C PRO C 88 35.75 19.92 -14.14
N LEU C 89 36.04 19.37 -15.31
CA LEU C 89 37.14 18.40 -15.41
C LEU C 89 38.49 19.10 -15.29
N THR C 90 38.65 20.25 -15.94
CA THR C 90 39.89 21.01 -15.79
C THR C 90 39.97 21.62 -14.40
N ASN C 91 38.83 22.05 -13.85
CA ASN C 91 38.81 22.49 -12.46
C ASN C 91 39.02 21.35 -11.49
N PHE C 92 38.76 20.11 -11.92
CA PHE C 92 39.05 18.94 -11.08
C PHE C 92 40.50 18.55 -11.17
N ALA C 93 41.05 18.48 -12.40
CA ALA C 93 42.42 18.04 -12.58
C ALA C 93 43.42 18.97 -11.91
N SER C 94 43.07 20.26 -11.79
CA SER C 94 43.96 21.25 -11.20
C SER C 94 43.80 21.37 -9.69
N ALA C 95 43.01 20.52 -9.06
CA ALA C 95 42.84 20.56 -7.62
C ALA C 95 44.10 20.02 -6.95
N ALA C 96 44.04 19.82 -5.63
CA ALA C 96 45.13 19.21 -4.88
C ALA C 96 44.47 18.45 -3.72
N SER C 97 44.13 17.18 -3.99
CA SER C 97 43.28 16.38 -3.12
C SER C 97 43.58 16.60 -1.65
N PHE C 98 42.57 17.10 -0.93
CA PHE C 98 42.74 17.52 0.46
C PHE C 98 43.32 16.41 1.33
N ASP C 99 43.10 15.16 0.95
CA ASP C 99 43.67 14.02 1.66
C ASP C 99 44.78 13.32 0.87
N GLY C 100 45.19 13.89 -0.25
CA GLY C 100 46.31 13.36 -1.02
C GLY C 100 46.00 12.17 -1.90
N ARG C 101 44.78 11.65 -1.86
CA ARG C 101 44.41 10.53 -2.72
C ARG C 101 44.47 10.97 -4.17
N GLN C 102 45.24 10.25 -4.99
CA GLN C 102 45.46 10.67 -6.37
C GLN C 102 44.13 10.75 -7.13
N LYS C 103 43.99 11.80 -7.92
CA LYS C 103 42.75 12.04 -8.65
C LYS C 103 42.71 11.20 -9.92
N VAL C 104 41.51 10.72 -10.25
CA VAL C 104 41.25 9.98 -11.48
C VAL C 104 39.93 10.45 -12.07
N ILE C 105 39.88 10.58 -13.38
CA ILE C 105 38.64 10.80 -14.11
C ILE C 105 38.30 9.52 -14.87
N VAL C 106 37.08 9.06 -14.73
CA VAL C 106 36.60 7.88 -15.45
C VAL C 106 35.55 8.35 -16.44
N ILE C 107 35.93 8.45 -17.71
CA ILE C 107 35.01 8.80 -18.77
C ILE C 107 34.39 7.50 -19.27
N ASP C 108 33.18 7.20 -18.79
CA ASP C 108 32.52 5.94 -19.10
C ASP C 108 31.75 6.07 -20.41
N GLU C 109 31.95 5.09 -21.30
CA GLU C 109 31.33 5.06 -22.62
C GLU C 109 31.73 6.30 -23.44
N PHE C 110 33.03 6.34 -23.79
CA PHE C 110 33.61 7.47 -24.49
C PHE C 110 33.84 7.22 -25.98
N CYS C 111 33.48 6.06 -26.50
CA CYS C 111 33.70 5.81 -27.91
C CYS C 111 32.75 6.61 -28.82
N ARG C 112 32.03 7.60 -28.33
CA ARG C 112 31.07 8.32 -29.16
C ARG C 112 31.79 9.19 -30.19
N SER C 113 31.11 9.40 -31.33
CA SER C 113 31.65 10.17 -32.43
C SER C 113 31.31 11.65 -32.34
N GLY C 114 30.15 11.99 -31.78
CA GLY C 114 29.78 13.40 -31.68
C GLY C 114 30.69 14.19 -30.78
N LEU C 115 31.27 13.54 -29.76
CA LEU C 115 32.21 14.19 -28.85
C LEU C 115 33.64 14.12 -29.36
N ALA C 116 33.84 14.34 -30.67
CA ALA C 116 35.19 14.37 -31.20
C ALA C 116 35.92 15.65 -30.78
N GLU C 117 35.19 16.77 -30.70
CA GLU C 117 35.81 18.01 -30.26
C GLU C 117 36.28 17.93 -28.82
N SER C 118 35.62 17.10 -28.00
CA SER C 118 36.10 16.86 -26.65
C SER C 118 37.41 16.10 -26.66
N GLN C 119 37.51 15.08 -27.53
CA GLN C 119 38.74 14.30 -27.62
C GLN C 119 39.89 15.13 -28.17
N ARG C 120 39.62 15.95 -29.19
CA ARG C 120 40.64 16.84 -29.72
C ARG C 120 41.18 17.75 -28.62
N HIS C 121 40.29 18.24 -27.75
CA HIS C 121 40.72 19.03 -26.61
C HIS C 121 41.39 18.17 -25.55
N LEU C 122 40.99 16.90 -25.46
CA LEU C 122 41.54 16.00 -24.46
C LEU C 122 42.98 15.59 -24.78
N ARG C 123 43.43 15.82 -26.02
CA ARG C 123 44.80 15.44 -26.38
C ARG C 123 45.81 16.19 -25.52
N SER C 124 45.69 17.51 -25.45
CA SER C 124 46.56 18.33 -24.64
C SER C 124 46.06 18.50 -23.21
N PHE C 125 44.87 17.99 -22.89
CA PHE C 125 44.38 18.04 -21.52
C PHE C 125 45.14 17.06 -20.64
N MET C 126 45.21 15.79 -21.05
CA MET C 126 45.91 14.78 -20.27
C MET C 126 47.38 15.15 -20.09
N GLU C 127 47.98 15.73 -21.14
CA GLU C 127 49.40 16.08 -21.08
C GLU C 127 49.66 17.23 -20.12
N ALA C 128 48.68 18.11 -19.91
CA ALA C 128 48.83 19.25 -19.02
C ALA C 128 48.59 18.91 -17.55
N TYR C 129 47.92 17.78 -17.26
CA TYR C 129 47.61 17.36 -15.90
C TYR C 129 47.92 15.86 -15.77
N SER C 130 49.20 15.52 -15.94
CA SER C 130 49.67 14.15 -15.74
C SER C 130 49.96 13.88 -14.27
N SER C 131 50.52 14.85 -13.56
CA SER C 131 50.47 14.84 -12.11
C SER C 131 49.03 15.12 -11.66
N ASN C 132 48.76 14.82 -10.38
CA ASN C 132 47.45 15.03 -9.77
C ASN C 132 46.38 14.12 -10.38
N CYS C 133 46.16 14.18 -11.68
CA CYS C 133 45.01 13.51 -12.29
C CYS C 133 45.43 12.60 -13.43
N SER C 134 44.62 11.58 -13.66
CA SER C 134 44.76 10.67 -14.79
C SER C 134 43.37 10.24 -15.22
N ILE C 135 43.26 9.76 -16.46
CA ILE C 135 41.95 9.48 -17.07
C ILE C 135 41.87 8.00 -17.41
N ILE C 136 40.85 7.33 -16.90
CA ILE C 136 40.48 5.99 -17.32
C ILE C 136 39.31 6.11 -18.29
N ILE C 137 39.46 5.53 -19.47
CA ILE C 137 38.44 5.60 -20.52
C ILE C 137 37.83 4.23 -20.72
N THR C 138 36.50 4.16 -20.71
CA THR C 138 35.76 2.96 -21.04
C THR C 138 35.10 3.18 -22.40
N ALA C 139 35.50 2.38 -23.39
CA ALA C 139 34.95 2.47 -24.73
C ALA C 139 34.56 1.08 -25.21
N ASN C 140 33.73 1.05 -26.25
CA ASN C 140 33.40 -0.18 -26.95
C ASN C 140 33.95 -0.21 -28.37
N ASN C 141 34.08 0.94 -29.02
CA ASN C 141 34.69 1.05 -30.33
C ASN C 141 36.02 1.80 -30.14
N ILE C 142 37.12 1.04 -30.16
CA ILE C 142 38.44 1.64 -29.96
C ILE C 142 38.71 2.69 -31.02
N ASP C 143 38.29 2.42 -32.26
CA ASP C 143 38.51 3.36 -33.34
C ASP C 143 37.74 4.65 -33.15
N GLY C 144 36.71 4.64 -32.29
CA GLY C 144 36.11 5.88 -31.84
C GLY C 144 37.04 6.73 -31.01
N ILE C 145 38.05 6.13 -30.38
CA ILE C 145 39.08 6.86 -29.67
C ILE C 145 40.16 7.24 -30.69
N ILE C 146 40.37 8.54 -30.86
CA ILE C 146 41.29 9.03 -31.88
C ILE C 146 42.72 8.64 -31.51
N LYS C 147 43.46 8.12 -32.51
CA LYS C 147 44.77 7.48 -32.33
C LYS C 147 45.75 8.30 -31.49
N PRO C 148 45.73 9.64 -31.55
CA PRO C 148 46.47 10.41 -30.54
C PRO C 148 46.06 10.09 -29.11
N LEU C 149 44.74 10.06 -28.83
CA LEU C 149 44.30 9.72 -27.47
C LEU C 149 44.65 8.27 -27.13
N GLN C 150 44.50 7.36 -28.08
CA GLN C 150 44.96 5.99 -27.87
C GLN C 150 46.43 5.96 -27.48
N SER C 151 47.24 6.83 -28.09
CA SER C 151 48.67 6.86 -27.81
C SER C 151 48.94 7.25 -26.35
N ARG C 152 48.17 8.20 -25.83
CA ARG C 152 48.40 8.70 -24.48
C ARG C 152 48.02 7.69 -23.39
N CYS C 153 47.28 6.65 -23.72
CA CYS C 153 46.76 5.71 -22.74
C CYS C 153 47.42 4.35 -22.87
N ARG C 154 47.20 3.53 -21.83
CA ARG C 154 47.51 2.10 -21.88
C ARG C 154 46.24 1.39 -22.33
N VAL C 155 46.27 0.81 -23.52
CA VAL C 155 45.08 0.21 -24.13
C VAL C 155 45.03 -1.27 -23.73
N ILE C 156 44.01 -1.63 -22.97
CA ILE C 156 43.85 -2.99 -22.47
C ILE C 156 42.60 -3.58 -23.10
N THR C 157 42.78 -4.63 -23.90
CA THR C 157 41.72 -5.21 -24.72
C THR C 157 40.97 -6.27 -23.92
N PHE C 158 39.77 -5.94 -23.48
CA PHE C 158 38.94 -6.87 -22.72
C PHE C 158 38.18 -7.82 -23.65
N GLY C 159 37.66 -8.89 -23.07
CA GLY C 159 36.83 -9.84 -23.81
C GLY C 159 37.52 -10.55 -24.94
N GLN C 160 38.85 -10.63 -24.91
CA GLN C 160 39.64 -11.22 -25.99
C GLN C 160 40.82 -11.99 -25.40
N PRO C 161 40.55 -13.01 -24.60
CA PRO C 161 41.62 -13.70 -23.87
C PRO C 161 42.30 -14.75 -24.73
N THR C 162 43.55 -15.04 -24.37
CA THR C 162 44.20 -16.22 -24.90
C THR C 162 43.48 -17.47 -24.39
N ASP C 163 43.68 -18.57 -25.10
CA ASP C 163 42.93 -19.80 -24.80
C ASP C 163 43.22 -20.28 -23.39
N GLU C 164 44.47 -20.18 -22.94
CA GLU C 164 44.80 -20.58 -21.57
C GLU C 164 44.17 -19.64 -20.55
N ASP C 165 43.96 -18.37 -20.90
CA ASP C 165 43.27 -17.47 -20.01
C ASP C 165 41.76 -17.67 -20.07
N LYS C 166 41.22 -17.93 -21.27
CA LYS C 166 39.78 -18.16 -21.40
C LYS C 166 39.32 -19.32 -20.51
N ILE C 167 40.12 -20.39 -20.44
CA ILE C 167 39.75 -21.54 -19.61
C ILE C 167 39.70 -21.14 -18.15
N GLU C 168 40.73 -20.44 -17.66
CA GLU C 168 40.77 -20.05 -16.26
C GLU C 168 39.76 -18.94 -15.94
N MET C 169 39.31 -18.20 -16.95
CA MET C 169 38.29 -17.19 -16.70
C MET C 169 36.90 -17.81 -16.60
N MET C 170 36.59 -18.78 -17.47
CA MET C 170 35.33 -19.50 -17.32
C MET C 170 35.29 -20.29 -16.02
N LYS C 171 36.41 -20.91 -15.66
CA LYS C 171 36.49 -21.67 -14.42
C LYS C 171 36.18 -20.78 -13.22
N GLN C 172 36.75 -19.57 -13.19
CA GLN C 172 36.44 -18.64 -12.12
C GLN C 172 34.98 -18.20 -12.19
N MET C 173 34.47 -17.92 -13.38
CA MET C 173 33.09 -17.47 -13.52
C MET C 173 32.10 -18.55 -13.11
N ILE C 174 32.48 -19.83 -13.24
CA ILE C 174 31.63 -20.91 -12.77
C ILE C 174 31.63 -20.95 -11.24
N ARG C 175 32.82 -20.91 -10.64
CA ARG C 175 32.91 -20.85 -9.18
C ARG C 175 32.24 -19.60 -8.65
N ARG C 176 32.34 -18.49 -9.39
CA ARG C 176 31.63 -17.28 -9.02
C ARG C 176 30.12 -17.51 -9.03
N LEU C 177 29.59 -17.95 -10.18
CA LEU C 177 28.15 -18.21 -10.29
C LEU C 177 27.67 -19.22 -9.27
N THR C 178 28.53 -20.16 -8.86
CA THR C 178 28.16 -21.08 -7.80
C THR C 178 27.97 -20.33 -6.48
N GLU C 179 28.88 -19.40 -6.18
CA GLU C 179 28.74 -18.60 -4.96
C GLU C 179 27.58 -17.62 -5.07
N ILE C 180 27.29 -17.13 -6.28
CA ILE C 180 26.14 -16.25 -6.46
C ILE C 180 24.84 -16.99 -6.13
N CYS C 181 24.73 -18.23 -6.61
CA CYS C 181 23.53 -19.03 -6.32
C CYS C 181 23.38 -19.28 -4.83
N LYS C 182 24.49 -19.48 -4.13
CA LYS C 182 24.44 -19.63 -2.67
C LYS C 182 23.87 -18.38 -2.01
N HIS C 183 24.41 -17.21 -2.35
CA HIS C 183 23.86 -15.96 -1.84
C HIS C 183 22.38 -15.83 -2.17
N GLU C 184 22.01 -16.12 -3.41
CA GLU C 184 20.65 -15.94 -3.89
C GLU C 184 19.75 -17.12 -3.60
N GLY C 185 20.28 -18.21 -3.04
CA GLY C 185 19.46 -19.37 -2.77
C GLY C 185 19.00 -20.13 -3.99
N ILE C 186 19.73 -20.04 -5.10
CA ILE C 186 19.41 -20.79 -6.31
C ILE C 186 20.05 -22.16 -6.23
N ALA C 187 19.24 -23.21 -6.38
CA ALA C 187 19.71 -24.58 -6.24
C ALA C 187 20.42 -25.02 -7.52
N ILE C 188 21.69 -25.37 -7.40
CA ILE C 188 22.48 -25.83 -8.55
C ILE C 188 22.29 -27.35 -8.61
N ALA C 189 21.16 -27.76 -9.21
CA ALA C 189 20.88 -29.18 -9.34
C ALA C 189 21.84 -29.83 -10.32
N ASP C 190 22.12 -29.17 -11.44
CA ASP C 190 23.07 -29.67 -12.43
C ASP C 190 24.12 -28.58 -12.68
N MET C 191 25.36 -28.87 -12.26
CA MET C 191 26.45 -27.91 -12.46
C MET C 191 26.71 -27.63 -13.93
N LYS C 192 26.35 -28.55 -14.83
CA LYS C 192 26.55 -28.31 -16.25
C LYS C 192 25.71 -27.16 -16.77
N VAL C 193 24.66 -26.77 -16.04
CA VAL C 193 23.92 -25.55 -16.40
C VAL C 193 24.82 -24.33 -16.26
N VAL C 194 25.41 -24.17 -15.07
CA VAL C 194 26.31 -23.04 -14.80
C VAL C 194 27.39 -22.96 -15.86
N ALA C 195 27.99 -24.10 -16.20
CA ALA C 195 29.01 -24.13 -17.24
C ALA C 195 28.44 -23.70 -18.59
N ALA C 196 27.22 -24.16 -18.92
CA ALA C 196 26.60 -23.77 -20.18
C ALA C 196 26.30 -22.27 -20.21
N LEU C 197 25.77 -21.74 -19.10
CA LEU C 197 25.50 -20.30 -19.03
C LEU C 197 26.78 -19.49 -19.22
N VAL C 198 27.87 -19.91 -18.56
CA VAL C 198 29.13 -19.21 -18.69
C VAL C 198 29.65 -19.33 -20.12
N LYS C 199 29.61 -20.55 -20.67
CA LYS C 199 30.20 -20.78 -21.99
C LYS C 199 29.39 -20.08 -23.09
N LYS C 200 28.07 -20.03 -22.95
CA LYS C 200 27.25 -19.47 -24.03
C LYS C 200 27.29 -17.95 -24.05
N ASN C 201 27.43 -17.29 -22.90
CA ASN C 201 27.42 -15.84 -22.83
C ASN C 201 28.81 -15.24 -22.68
N PHE C 202 29.86 -16.05 -22.82
CA PHE C 202 31.22 -15.52 -22.77
C PHE C 202 31.47 -14.65 -24.00
N PRO C 203 32.17 -13.51 -23.83
CA PRO C 203 32.71 -12.98 -22.58
C PRO C 203 31.88 -11.85 -21.97
N ASP C 204 30.59 -11.81 -22.27
CA ASP C 204 29.69 -10.83 -21.66
C ASP C 204 29.24 -11.39 -20.32
N PHE C 205 30.01 -11.11 -19.27
CA PHE C 205 29.69 -11.63 -17.96
C PHE C 205 28.40 -11.03 -17.41
N ARG C 206 28.09 -9.78 -17.78
CA ARG C 206 26.83 -9.19 -17.35
C ARG C 206 25.64 -9.96 -17.90
N LYS C 207 25.69 -10.34 -19.18
CA LYS C 207 24.62 -11.12 -19.76
C LYS C 207 24.60 -12.54 -19.19
N THR C 208 25.76 -13.07 -18.78
CA THR C 208 25.79 -14.35 -18.09
C THR C 208 24.97 -14.30 -16.81
N ILE C 209 25.23 -13.29 -15.97
CA ILE C 209 24.47 -13.11 -14.74
C ILE C 209 23.00 -12.90 -15.06
N GLY C 210 22.71 -12.04 -16.04
CA GLY C 210 21.33 -11.80 -16.42
C GLY C 210 20.62 -13.05 -16.88
N GLU C 211 21.34 -13.93 -17.58
CA GLU C 211 20.77 -15.22 -17.96
C GLU C 211 20.48 -16.07 -16.74
N LEU C 212 21.35 -16.02 -15.73
CA LEU C 212 21.10 -16.76 -14.49
C LEU C 212 19.79 -16.29 -13.85
N ASP C 213 19.57 -14.97 -13.82
CA ASP C 213 18.31 -14.47 -13.27
C ASP C 213 17.13 -14.87 -14.14
N SER C 214 17.29 -14.79 -15.46
CA SER C 214 16.21 -15.17 -16.37
C SER C 214 15.78 -16.61 -16.15
N TYR C 215 16.74 -17.50 -15.87
CA TYR C 215 16.45 -18.92 -15.76
C TYR C 215 16.35 -19.41 -14.33
N SER C 216 16.71 -18.57 -13.34
CA SER C 216 16.45 -18.91 -11.94
C SER C 216 15.06 -18.52 -11.49
N SER C 217 14.14 -18.31 -12.44
CA SER C 217 12.77 -17.95 -12.08
C SER C 217 12.14 -19.02 -11.19
N LYS C 218 12.43 -20.29 -11.47
CA LYS C 218 11.94 -21.39 -10.65
C LYS C 218 12.79 -21.62 -9.41
N GLY C 219 13.95 -20.98 -9.30
CA GLY C 219 14.78 -21.14 -8.13
C GLY C 219 15.59 -22.42 -8.08
N VAL C 220 15.54 -23.24 -9.13
CA VAL C 220 16.28 -24.50 -9.19
C VAL C 220 16.85 -24.66 -10.59
N LEU C 221 18.16 -24.93 -10.67
CA LEU C 221 18.84 -25.16 -11.94
C LEU C 221 18.82 -26.67 -12.25
N ASP C 222 17.62 -27.17 -12.54
CA ASP C 222 17.43 -28.59 -12.79
C ASP C 222 17.87 -28.95 -14.21
N ALA C 223 17.76 -30.25 -14.54
CA ALA C 223 18.19 -30.72 -15.85
C ALA C 223 17.34 -30.16 -16.97
N GLY C 224 16.06 -29.88 -16.70
CA GLY C 224 15.24 -29.22 -17.69
C GLY C 224 15.70 -27.81 -18.00
N ILE C 225 16.38 -27.18 -17.05
CA ILE C 225 16.87 -25.82 -17.26
C ILE C 225 18.09 -25.83 -18.18
N LEU C 226 18.95 -26.85 -18.05
CA LEU C 226 20.06 -27.00 -18.99
C LEU C 226 19.54 -27.17 -20.42
N SER C 227 18.50 -27.97 -20.59
CA SER C 227 17.89 -28.15 -21.90
C SER C 227 17.26 -26.87 -22.43
N LEU C 228 17.10 -25.85 -21.58
CA LEU C 228 16.67 -24.54 -22.04
C LEU C 228 17.86 -23.67 -22.44
N VAL C 229 18.99 -23.79 -21.73
CA VAL C 229 20.18 -23.02 -22.07
C VAL C 229 20.70 -23.44 -23.44
N THR C 230 21.02 -24.72 -23.58
CA THR C 230 21.44 -25.28 -24.87
C THR C 230 20.29 -25.38 -25.86
N ASN C 231 19.12 -24.86 -25.46
CA ASN C 231 17.83 -25.07 -26.09
C ASN C 231 17.77 -26.42 -26.82
N ASP C 232 18.31 -27.45 -26.17
CA ASP C 232 18.21 -28.82 -26.65
C ASP C 232 16.74 -29.21 -26.69
N ARG C 233 16.09 -28.93 -27.81
CA ARG C 233 14.67 -29.26 -27.99
C ARG C 233 14.48 -30.66 -28.55
N GLY C 234 15.34 -31.60 -28.11
CA GLY C 234 15.23 -32.99 -28.52
C GLY C 234 16.06 -33.30 -29.75
N ALA C 235 15.92 -34.54 -30.20
CA ALA C 235 16.54 -35.00 -31.43
C ALA C 235 15.57 -34.84 -32.59
N ILE C 236 16.09 -35.04 -33.79
CA ILE C 236 15.29 -34.93 -35.01
C ILE C 236 14.84 -36.30 -35.51
N ASP C 237 15.78 -37.26 -35.58
CA ASP C 237 15.46 -38.66 -35.83
C ASP C 237 14.66 -38.88 -37.11
N ASP C 238 13.37 -38.54 -37.07
CA ASP C 238 12.47 -38.87 -38.17
C ASP C 238 12.90 -38.23 -39.48
N VAL C 239 13.46 -37.01 -39.43
CA VAL C 239 13.87 -36.34 -40.66
C VAL C 239 15.11 -37.01 -41.24
N LEU C 240 16.03 -37.46 -40.38
CA LEU C 240 17.29 -38.03 -40.84
C LEU C 240 17.06 -39.29 -41.68
N GLU C 241 16.20 -40.19 -41.19
CA GLU C 241 15.85 -41.38 -41.96
C GLU C 241 15.16 -41.00 -43.27
N SER C 242 14.13 -40.16 -43.18
CA SER C 242 13.36 -39.76 -44.35
C SER C 242 14.20 -39.04 -45.40
N LEU C 243 15.39 -38.56 -45.05
CA LEU C 243 16.35 -38.09 -46.04
C LEU C 243 17.24 -39.22 -46.53
N LYS C 244 17.77 -40.02 -45.60
CA LYS C 244 18.70 -41.09 -45.94
C LYS C 244 18.12 -42.05 -46.98
N ASN C 245 16.80 -42.22 -47.00
CA ASN C 245 16.13 -42.98 -48.04
C ASN C 245 15.40 -42.09 -49.04
N LYS C 246 15.60 -40.77 -48.97
CA LYS C 246 15.02 -39.81 -49.92
C LYS C 246 13.50 -39.88 -49.96
N ASP C 247 12.87 -40.19 -48.82
CA ASP C 247 11.42 -40.31 -48.76
C ASP C 247 10.75 -38.95 -48.88
N VAL C 248 10.41 -38.55 -50.11
CA VAL C 248 9.78 -37.25 -50.32
C VAL C 248 8.33 -37.24 -49.82
N LYS C 249 7.64 -38.38 -49.94
CA LYS C 249 6.28 -38.47 -49.42
C LYS C 249 6.22 -38.12 -47.94
N GLN C 250 7.21 -38.58 -47.17
CA GLN C 250 7.28 -38.21 -45.76
C GLN C 250 7.89 -36.84 -45.57
N LEU C 251 8.95 -36.51 -46.32
CA LEU C 251 9.65 -35.25 -46.13
C LEU C 251 8.73 -34.05 -46.31
N ARG C 252 7.89 -34.07 -47.35
CA ARG C 252 7.03 -32.93 -47.60
C ARG C 252 5.92 -32.82 -46.56
N ALA C 253 5.42 -33.95 -46.05
CA ALA C 253 4.45 -33.94 -44.97
C ALA C 253 5.11 -33.79 -43.60
N LEU C 254 6.44 -33.89 -43.52
CA LEU C 254 7.16 -33.73 -42.26
C LEU C 254 7.70 -32.32 -42.08
N ALA C 255 7.68 -31.49 -43.14
CA ALA C 255 8.13 -30.11 -43.01
C ALA C 255 7.31 -29.29 -42.02
N PRO C 256 5.97 -29.41 -41.95
CA PRO C 256 5.24 -28.64 -40.93
C PRO C 256 5.63 -28.96 -39.50
N LYS C 257 6.35 -30.05 -39.24
CA LYS C 257 6.75 -30.39 -37.89
C LYS C 257 7.73 -29.38 -37.29
N TYR C 258 8.40 -28.58 -38.13
CA TYR C 258 9.39 -27.64 -37.64
C TYR C 258 9.20 -26.24 -38.23
N ALA C 259 7.99 -25.91 -38.68
CA ALA C 259 7.75 -24.57 -39.21
C ALA C 259 7.80 -23.53 -38.09
N ALA C 260 7.34 -23.89 -36.90
CA ALA C 260 7.36 -23.01 -35.74
C ALA C 260 8.63 -23.16 -34.91
N ASP C 261 9.54 -24.04 -35.31
CA ASP C 261 10.82 -24.27 -34.63
C ASP C 261 11.98 -24.15 -35.59
N TYR C 262 11.88 -23.21 -36.55
CA TYR C 262 12.82 -23.16 -37.66
C TYR C 262 14.25 -22.91 -37.19
N SER C 263 14.45 -21.83 -36.45
CA SER C 263 15.82 -21.42 -36.09
C SER C 263 16.53 -22.50 -35.29
N TRP C 264 15.81 -23.17 -34.38
CA TRP C 264 16.41 -24.28 -33.64
C TRP C 264 16.63 -25.47 -34.55
N PHE C 265 15.61 -25.85 -35.34
CA PHE C 265 15.70 -27.03 -36.18
C PHE C 265 16.84 -26.90 -37.20
N VAL C 266 16.97 -25.73 -37.81
CA VAL C 266 18.07 -25.51 -38.76
C VAL C 266 19.42 -25.69 -38.07
N GLY C 267 19.54 -25.19 -36.84
CA GLY C 267 20.76 -25.41 -36.09
C GLY C 267 20.98 -26.87 -35.74
N LYS C 268 19.94 -27.54 -35.26
CA LYS C 268 20.06 -28.94 -34.91
C LYS C 268 20.29 -29.80 -36.14
N LEU C 269 19.68 -29.45 -37.27
CA LEU C 269 19.86 -30.22 -38.49
C LEU C 269 21.31 -30.21 -38.94
N ALA C 270 21.92 -29.02 -39.03
CA ALA C 270 23.33 -28.94 -39.39
C ALA C 270 24.21 -29.60 -38.34
N GLU C 271 23.81 -29.56 -37.07
CA GLU C 271 24.61 -30.15 -36.02
C GLU C 271 24.68 -31.67 -36.18
N GLU C 272 23.56 -32.31 -36.56
CA GLU C 272 23.55 -33.76 -36.67
C GLU C 272 24.11 -34.24 -38.01
N ILE C 273 23.76 -33.57 -39.10
CA ILE C 273 24.27 -33.94 -40.41
C ILE C 273 25.79 -33.82 -40.48
N TYR C 274 26.38 -32.96 -39.65
CA TYR C 274 27.83 -32.78 -39.66
C TYR C 274 28.57 -34.09 -39.41
N SER C 275 28.06 -34.92 -38.49
CA SER C 275 28.68 -36.19 -38.17
C SER C 275 28.10 -37.35 -38.97
N ARG C 276 27.08 -37.11 -39.81
CA ARG C 276 26.37 -38.17 -40.48
C ARG C 276 26.46 -38.09 -42.00
N VAL C 277 27.49 -37.42 -42.53
CA VAL C 277 27.64 -37.23 -43.96
C VAL C 277 29.12 -37.16 -44.30
N THR C 278 29.43 -37.35 -45.59
CA THR C 278 30.81 -37.41 -46.04
C THR C 278 31.50 -36.06 -45.84
N PRO C 279 32.83 -36.05 -45.77
CA PRO C 279 33.54 -34.80 -45.43
C PRO C 279 33.24 -33.63 -46.35
N GLN C 280 33.20 -33.83 -47.66
CA GLN C 280 32.95 -32.72 -48.57
C GLN C 280 31.47 -32.50 -48.85
N SER C 281 30.60 -33.39 -48.39
CA SER C 281 29.17 -33.09 -48.35
C SER C 281 28.79 -32.27 -47.11
N ILE C 282 29.72 -32.10 -46.17
CA ILE C 282 29.51 -31.14 -45.08
C ILE C 282 29.49 -29.73 -45.63
N ILE C 283 30.43 -29.41 -46.53
CA ILE C 283 30.51 -28.06 -47.08
C ILE C 283 29.30 -27.78 -47.96
N ARG C 284 28.74 -28.81 -48.61
CA ARG C 284 27.53 -28.61 -49.39
C ARG C 284 26.31 -28.45 -48.50
N MET C 285 26.38 -28.99 -47.28
CA MET C 285 25.28 -28.81 -46.33
C MET C 285 25.22 -27.36 -45.85
N TYR C 286 26.34 -26.84 -45.34
CA TYR C 286 26.37 -25.44 -44.92
C TYR C 286 26.12 -24.48 -46.07
N GLU C 287 26.32 -24.93 -47.31
CA GLU C 287 26.08 -24.07 -48.46
C GLU C 287 24.60 -23.91 -48.76
N ILE C 288 23.79 -24.94 -48.49
CA ILE C 288 22.38 -24.90 -48.84
C ILE C 288 21.52 -24.66 -47.60
N VAL C 289 22.00 -25.13 -46.44
CA VAL C 289 21.29 -24.85 -45.20
C VAL C 289 21.54 -23.41 -44.76
N GLY C 290 22.79 -22.97 -44.82
CA GLY C 290 23.09 -21.58 -44.53
C GLY C 290 22.34 -20.61 -45.43
N GLU C 291 22.18 -20.99 -46.70
CA GLU C 291 21.37 -20.18 -47.61
C GLU C 291 19.89 -20.25 -47.23
N ASN C 292 19.38 -21.46 -46.99
CA ASN C 292 17.98 -21.60 -46.60
C ASN C 292 17.68 -20.86 -45.30
N ASN C 293 18.63 -20.88 -44.37
CA ASN C 293 18.47 -20.10 -43.14
C ASN C 293 18.55 -18.61 -43.40
N GLN C 294 19.44 -18.20 -44.31
CA GLN C 294 19.60 -16.78 -44.61
C GLN C 294 18.35 -16.18 -45.24
N TYR C 295 17.60 -16.97 -46.02
CA TYR C 295 16.43 -16.47 -46.73
C TYR C 295 15.12 -16.73 -45.98
N HIS C 296 15.17 -17.33 -44.80
CA HIS C 296 13.97 -17.44 -43.97
C HIS C 296 13.58 -16.06 -43.46
N GLY C 297 12.27 -15.84 -43.34
CA GLY C 297 11.76 -14.52 -43.02
C GLY C 297 11.18 -13.83 -44.23
N ILE C 298 12.00 -13.69 -45.27
CA ILE C 298 11.54 -13.15 -46.55
C ILE C 298 10.91 -14.29 -47.31
N ALA C 299 10.92 -15.48 -46.70
CA ALA C 299 10.26 -16.63 -47.30
C ALA C 299 8.76 -16.49 -47.12
N ALA C 300 8.02 -16.69 -48.22
CA ALA C 300 6.58 -16.54 -48.20
C ALA C 300 5.94 -17.60 -47.32
N ASN C 301 5.99 -18.85 -47.76
CA ASN C 301 5.49 -19.97 -46.97
C ASN C 301 6.67 -20.57 -46.22
N THR C 302 6.76 -20.25 -44.92
CA THR C 302 7.87 -20.75 -44.13
C THR C 302 7.87 -22.27 -44.05
N GLU C 303 6.69 -22.89 -44.10
CA GLU C 303 6.61 -24.35 -44.16
C GLU C 303 7.16 -24.86 -45.49
N LEU C 304 6.73 -24.25 -46.60
CA LEU C 304 7.22 -24.68 -47.91
C LEU C 304 8.70 -24.45 -48.05
N HIS C 305 9.21 -23.34 -47.51
CA HIS C 305 10.64 -23.08 -47.58
C HIS C 305 11.45 -24.06 -46.75
N LEU C 306 10.82 -24.73 -45.79
CA LEU C 306 11.48 -25.80 -45.06
C LEU C 306 11.45 -27.11 -45.85
N ALA C 307 10.35 -27.37 -46.56
CA ALA C 307 10.30 -28.51 -47.46
C ALA C 307 11.27 -28.33 -48.62
N TYR C 308 11.43 -27.09 -49.09
CA TYR C 308 12.46 -26.79 -50.08
C TYR C 308 13.83 -27.25 -49.61
N LEU C 309 14.14 -27.03 -48.33
CA LEU C 309 15.40 -27.48 -47.78
C LEU C 309 15.48 -29.01 -47.75
N PHE C 310 14.36 -29.66 -47.45
CA PHE C 310 14.36 -31.12 -47.33
C PHE C 310 14.65 -31.79 -48.67
N ILE C 311 13.92 -31.39 -49.72
CA ILE C 311 14.12 -32.00 -51.03
C ILE C 311 15.49 -31.66 -51.59
N GLN C 312 16.02 -30.48 -51.25
CA GLN C 312 17.37 -30.13 -51.69
C GLN C 312 18.42 -30.94 -50.94
N LEU C 313 18.19 -31.20 -49.65
CA LEU C 313 19.14 -31.98 -48.87
C LEU C 313 19.20 -33.43 -49.35
N ALA C 314 18.04 -34.09 -49.43
CA ALA C 314 17.99 -35.51 -49.77
C ALA C 314 18.60 -35.81 -51.13
N CYS C 315 18.69 -34.82 -52.01
CA CYS C 315 19.15 -35.03 -53.37
C CYS C 315 20.61 -34.61 -53.59
N GLU C 316 21.33 -34.28 -52.52
CA GLU C 316 22.72 -33.83 -52.70
C GLU C 316 23.70 -34.32 -51.65
N MET C 317 23.25 -34.80 -50.49
CA MET C 317 24.14 -35.34 -49.48
C MET C 317 24.16 -36.87 -49.55
N GLN C 318 25.35 -37.45 -49.51
CA GLN C 318 25.54 -38.88 -49.42
C GLN C 318 25.96 -39.24 -48.01
N TRP C 319 25.13 -40.03 -47.33
CA TRP C 319 25.37 -40.35 -45.92
C TRP C 319 26.49 -41.38 -45.80
N LYS C 320 27.46 -41.07 -44.95
CA LYS C 320 28.63 -41.92 -44.76
C LYS C 320 28.24 -43.26 -44.15
N ILE D 3 -10.37 -9.22 -21.46
CA ILE D 3 -11.64 -9.31 -20.74
C ILE D 3 -11.92 -8.01 -20.00
N THR D 4 -11.00 -7.05 -20.12
CA THR D 4 -11.13 -5.74 -19.49
C THR D 4 -11.34 -4.72 -20.59
N VAL D 5 -12.52 -4.10 -20.61
CA VAL D 5 -12.82 -3.05 -21.57
C VAL D 5 -12.09 -1.78 -21.16
N ASN D 6 -11.58 -1.05 -22.15
CA ASN D 6 -10.98 0.25 -21.89
C ASN D 6 -11.99 1.38 -21.93
N GLU D 7 -13.14 1.15 -22.56
CA GLU D 7 -14.11 2.20 -22.88
C GLU D 7 -13.33 3.32 -23.56
N LYS D 8 -13.72 4.58 -23.34
CA LYS D 8 -12.99 5.73 -23.87
C LYS D 8 -12.77 5.61 -25.37
N GLU D 9 -11.87 4.71 -25.76
CA GLU D 9 -11.61 4.45 -27.16
C GLU D 9 -12.81 3.80 -27.84
N HIS D 10 -12.84 3.91 -29.17
CA HIS D 10 -13.88 3.33 -30.00
C HIS D 10 -13.36 2.26 -30.95
N ILE D 11 -12.07 1.94 -30.88
CA ILE D 11 -11.40 1.22 -31.97
C ILE D 11 -10.99 -0.17 -31.49
N LEU D 12 -11.94 -0.88 -30.87
CA LEU D 12 -11.85 -2.30 -30.52
C LEU D 12 -10.48 -2.74 -30.03
N GLU D 13 -9.53 -2.90 -30.96
CA GLU D 13 -8.21 -3.41 -30.60
C GLU D 13 -7.57 -2.58 -29.48
N GLN D 14 -7.71 -1.25 -29.55
CA GLN D 14 -7.25 -0.39 -28.47
C GLN D 14 -8.24 -0.33 -27.32
N LYS D 15 -9.51 -0.67 -27.57
CA LYS D 15 -10.52 -0.66 -26.52
C LYS D 15 -10.45 -1.89 -25.62
N TYR D 16 -9.82 -2.97 -26.07
CA TYR D 16 -9.76 -4.21 -25.30
C TYR D 16 -8.35 -4.63 -25.01
N ARG D 17 -7.44 -3.69 -24.85
CA ARG D 17 -6.05 -4.07 -24.61
C ARG D 17 -5.89 -4.55 -23.17
N PRO D 18 -5.27 -5.71 -22.96
CA PRO D 18 -5.19 -6.28 -21.61
C PRO D 18 -4.49 -5.34 -20.63
N SER D 19 -5.02 -5.28 -19.41
CA SER D 19 -4.48 -4.44 -18.36
C SER D 19 -3.46 -5.16 -17.51
N THR D 20 -3.71 -6.43 -17.18
CA THR D 20 -2.79 -7.23 -16.38
C THR D 20 -2.07 -8.25 -17.26
N ILE D 21 -0.91 -8.70 -16.79
CA ILE D 21 -0.13 -9.65 -17.56
C ILE D 21 -0.79 -11.03 -17.55
N ASP D 22 -1.59 -11.32 -16.53
CA ASP D 22 -2.36 -12.56 -16.54
C ASP D 22 -3.42 -12.52 -17.63
N GLU D 23 -4.04 -11.36 -17.86
CA GLU D 23 -4.98 -11.21 -18.96
C GLU D 23 -4.28 -11.28 -20.31
N CYS D 24 -2.96 -11.12 -20.35
CA CYS D 24 -2.24 -11.19 -21.61
C CYS D 24 -2.18 -12.63 -22.12
N ILE D 25 -2.28 -12.78 -23.43
CA ILE D 25 -2.22 -14.08 -24.09
C ILE D 25 -0.88 -14.14 -24.83
N LEU D 26 0.00 -15.02 -24.36
CA LEU D 26 1.35 -15.09 -24.90
C LEU D 26 1.95 -16.44 -24.50
N PRO D 27 3.05 -16.87 -25.14
CA PRO D 27 3.55 -18.24 -24.92
C PRO D 27 3.80 -18.55 -23.45
N ALA D 28 3.77 -19.85 -23.14
CA ALA D 28 3.77 -20.30 -21.75
C ALA D 28 5.00 -19.79 -21.00
N PHE D 29 6.19 -20.06 -21.53
CA PHE D 29 7.41 -19.70 -20.81
C PHE D 29 7.54 -18.20 -20.64
N ASP D 30 7.06 -17.42 -21.61
CA ASP D 30 7.13 -15.97 -21.48
C ASP D 30 6.29 -15.49 -20.31
N LYS D 31 5.06 -15.98 -20.19
CA LYS D 31 4.19 -15.59 -19.09
C LYS D 31 4.79 -15.97 -17.75
N GLU D 32 5.42 -17.15 -17.68
CA GLU D 32 6.02 -17.58 -16.42
C GLU D 32 7.22 -16.71 -16.05
N THR D 33 8.02 -16.33 -17.04
CA THR D 33 9.06 -15.34 -16.77
C THR D 33 8.45 -13.99 -16.40
N PHE D 34 7.31 -13.66 -17.00
CA PHE D 34 6.63 -12.42 -16.67
C PHE D 34 6.01 -12.49 -15.28
N LYS D 35 5.32 -13.58 -14.97
CA LYS D 35 4.75 -13.74 -13.63
C LYS D 35 5.83 -13.88 -12.57
N SER D 36 7.04 -14.31 -12.94
CA SER D 36 8.14 -14.37 -11.99
C SER D 36 8.72 -12.99 -11.72
N ILE D 37 8.80 -12.14 -12.77
CA ILE D 37 9.29 -10.78 -12.58
C ILE D 37 8.39 -10.01 -11.65
N THR D 38 7.08 -10.04 -11.91
CA THR D 38 6.12 -9.41 -11.01
C THR D 38 6.14 -10.06 -9.63
N SER D 39 6.43 -11.36 -9.58
CA SER D 39 6.56 -12.03 -8.28
C SER D 39 7.70 -11.43 -7.46
N LYS D 40 8.85 -11.20 -8.09
CA LYS D 40 9.98 -10.61 -7.39
C LYS D 40 9.65 -9.22 -6.84
N GLY D 41 8.64 -8.55 -7.38
CA GLY D 41 8.27 -7.22 -6.96
C GLY D 41 9.04 -6.11 -7.64
N LYS D 42 10.16 -6.42 -8.29
CA LYS D 42 10.98 -5.43 -8.97
C LYS D 42 11.19 -5.87 -10.42
N ILE D 43 11.20 -4.91 -11.32
CA ILE D 43 11.28 -5.16 -12.76
C ILE D 43 12.69 -4.86 -13.23
N PRO D 44 13.34 -5.79 -13.95
CA PRO D 44 14.68 -5.49 -14.49
C PRO D 44 14.61 -4.60 -15.71
N HIS D 45 15.69 -4.56 -16.48
CA HIS D 45 15.64 -3.93 -17.80
C HIS D 45 15.20 -4.98 -18.80
N ILE D 46 14.16 -4.68 -19.56
CA ILE D 46 13.56 -5.64 -20.48
C ILE D 46 13.50 -5.04 -21.88
N ILE D 47 13.81 -5.87 -22.87
CA ILE D 47 13.57 -5.53 -24.27
C ILE D 47 12.54 -6.54 -24.78
N LEU D 48 11.32 -6.07 -25.01
CA LEU D 48 10.28 -6.88 -25.62
C LEU D 48 10.29 -6.59 -27.12
N HIS D 49 10.64 -7.60 -27.92
CA HIS D 49 10.82 -7.38 -29.34
C HIS D 49 10.21 -8.53 -30.14
N SER D 50 9.77 -8.21 -31.35
CA SER D 50 9.29 -9.18 -32.33
C SER D 50 9.11 -8.49 -33.67
N PRO D 51 9.74 -8.99 -34.74
CA PRO D 51 9.42 -8.47 -36.07
C PRO D 51 7.93 -8.42 -36.36
N SER D 52 7.19 -9.46 -35.96
CA SER D 52 5.74 -9.47 -36.14
C SER D 52 5.09 -8.44 -35.22
N PRO D 53 4.35 -7.48 -35.76
CA PRO D 53 3.69 -6.48 -34.90
C PRO D 53 2.46 -7.06 -34.24
N GLY D 54 1.93 -6.29 -33.28
CA GLY D 54 0.71 -6.68 -32.58
C GLY D 54 0.81 -8.00 -31.85
N THR D 55 1.93 -8.23 -31.17
CA THR D 55 2.12 -9.45 -30.40
C THR D 55 1.89 -9.27 -28.91
N GLY D 56 1.80 -8.04 -28.43
CA GLY D 56 1.63 -7.76 -27.01
C GLY D 56 2.82 -7.08 -26.35
N LYS D 57 3.88 -6.77 -27.09
CA LYS D 57 5.10 -6.21 -26.48
C LYS D 57 4.78 -4.94 -25.70
N THR D 58 4.11 -3.99 -26.34
CA THR D 58 3.71 -2.76 -25.64
C THR D 58 2.75 -3.06 -24.50
N THR D 59 1.72 -3.87 -24.78
CA THR D 59 0.74 -4.22 -23.75
C THR D 59 1.41 -4.88 -22.55
N VAL D 60 2.35 -5.79 -22.80
CA VAL D 60 3.05 -6.46 -21.71
C VAL D 60 3.81 -5.45 -20.87
N ALA D 61 4.48 -4.49 -21.52
CA ALA D 61 5.22 -3.46 -20.80
C ALA D 61 4.29 -2.67 -19.89
N LYS D 62 3.17 -2.17 -20.43
CA LYS D 62 2.23 -1.44 -19.60
C LYS D 62 1.58 -2.32 -18.56
N ALA D 63 1.43 -3.62 -18.85
CA ALA D 63 0.88 -4.54 -17.85
C ALA D 63 1.91 -4.90 -16.80
N LEU D 64 3.19 -5.00 -17.20
CA LEU D 64 4.24 -5.29 -16.22
C LEU D 64 4.33 -4.19 -15.17
N CYS D 65 4.30 -2.93 -15.60
CA CYS D 65 4.30 -1.83 -14.64
C CYS D 65 3.01 -1.79 -13.83
N HIS D 66 1.90 -2.24 -14.41
CA HIS D 66 0.64 -2.26 -13.70
C HIS D 66 0.63 -3.31 -12.59
N ASP D 67 1.01 -4.55 -12.92
CA ASP D 67 0.99 -5.63 -11.94
C ASP D 67 1.94 -5.38 -10.78
N VAL D 68 2.93 -4.49 -10.96
CA VAL D 68 3.89 -4.19 -9.91
C VAL D 68 3.56 -2.89 -9.18
N ASN D 69 2.65 -2.08 -9.73
CA ASN D 69 2.38 -0.72 -9.24
C ASN D 69 3.65 0.12 -9.36
N ALA D 70 4.09 0.27 -10.60
CA ALA D 70 5.30 1.01 -10.91
C ALA D 70 4.99 2.46 -11.23
N ASP D 71 5.98 3.33 -10.99
CA ASP D 71 5.90 4.74 -11.36
C ASP D 71 6.24 4.86 -12.84
N MET D 72 5.31 4.36 -13.66
CA MET D 72 5.59 4.22 -15.09
C MET D 72 5.56 5.57 -15.80
N MET D 73 6.56 5.81 -16.64
CA MET D 73 6.61 6.97 -17.52
C MET D 73 6.72 6.47 -18.95
N PHE D 74 5.62 6.57 -19.71
CA PHE D 74 5.58 6.04 -21.06
C PHE D 74 6.15 7.06 -22.04
N VAL D 75 7.00 6.59 -22.96
CA VAL D 75 7.74 7.46 -23.86
C VAL D 75 7.75 6.86 -25.26
N ASN D 76 7.24 7.61 -26.23
CA ASN D 76 7.38 7.23 -27.63
C ASN D 76 8.87 7.23 -27.99
N GLY D 77 9.43 6.05 -28.26
CA GLY D 77 10.87 5.94 -28.45
C GLY D 77 11.41 6.83 -29.54
N SER D 78 10.57 7.14 -30.55
CA SER D 78 10.98 8.09 -31.57
C SER D 78 11.20 9.49 -31.01
N ASP D 79 10.65 9.79 -29.83
CA ASP D 79 10.88 11.05 -29.14
C ASP D 79 11.92 10.93 -28.04
N CYS D 80 12.56 9.77 -27.90
CA CYS D 80 13.51 9.54 -26.82
C CYS D 80 14.93 9.93 -27.25
N LYS D 81 15.06 11.20 -27.63
CA LYS D 81 16.35 11.75 -28.05
C LYS D 81 17.31 11.81 -26.85
N ILE D 82 18.56 12.13 -27.15
CA ILE D 82 19.59 12.16 -26.11
C ILE D 82 19.29 13.26 -25.09
N ASP D 83 18.94 14.45 -25.57
CA ASP D 83 18.56 15.53 -24.66
C ASP D 83 17.29 15.19 -23.90
N PHE D 84 16.37 14.45 -24.54
CA PHE D 84 15.21 13.95 -23.82
C PHE D 84 15.61 12.91 -22.78
N VAL D 85 16.63 12.10 -23.06
CA VAL D 85 17.19 11.24 -22.03
C VAL D 85 17.89 12.08 -20.97
N ARG D 86 18.71 13.06 -21.41
CA ARG D 86 19.37 13.96 -20.48
C ARG D 86 18.35 14.73 -19.63
N GLY D 87 17.24 15.12 -20.23
CA GLY D 87 16.26 15.93 -19.55
C GLY D 87 15.22 15.14 -18.80
N PRO D 88 14.04 14.97 -19.40
CA PRO D 88 12.92 14.35 -18.66
C PRO D 88 13.21 12.97 -18.11
N LEU D 89 14.05 12.18 -18.77
CA LEU D 89 14.31 10.82 -18.27
C LEU D 89 15.09 10.86 -16.96
N THR D 90 16.22 11.58 -16.93
CA THR D 90 16.95 11.77 -15.68
C THR D 90 16.09 12.52 -14.68
N ASN D 91 15.43 13.59 -15.13
CA ASN D 91 14.56 14.38 -14.26
C ASN D 91 13.53 13.52 -13.55
N PHE D 92 13.06 12.47 -14.22
CA PHE D 92 12.09 11.56 -13.63
C PHE D 92 12.73 10.41 -12.87
N ALA D 93 13.88 9.90 -13.34
CA ALA D 93 14.54 8.83 -12.62
C ALA D 93 15.20 9.32 -11.34
N SER D 94 15.65 10.58 -11.32
CA SER D 94 16.26 11.14 -10.12
C SER D 94 15.25 11.64 -9.10
N ALA D 95 13.98 11.79 -9.49
CA ALA D 95 12.96 12.18 -8.53
C ALA D 95 12.80 11.12 -7.46
N ALA D 96 12.50 11.56 -6.24
CA ALA D 96 12.37 10.63 -5.13
C ALA D 96 11.09 9.81 -5.24
N SER D 97 11.19 8.54 -4.87
CA SER D 97 10.04 7.64 -4.81
C SER D 97 9.71 7.37 -3.34
N PHE D 98 9.28 8.43 -2.65
CA PHE D 98 8.90 8.29 -1.25
C PHE D 98 7.74 7.32 -1.08
N ASP D 99 6.90 7.16 -2.10
CA ASP D 99 5.78 6.24 -2.08
C ASP D 99 6.20 4.78 -2.22
N GLY D 100 7.50 4.49 -2.25
CA GLY D 100 7.98 3.14 -2.42
C GLY D 100 7.82 2.55 -3.80
N ARG D 101 7.11 3.24 -4.70
CA ARG D 101 6.93 2.73 -6.06
C ARG D 101 8.25 2.69 -6.80
N GLN D 102 8.47 1.61 -7.54
CA GLN D 102 9.61 1.53 -8.44
C GLN D 102 9.31 2.27 -9.73
N LYS D 103 10.27 3.07 -10.19
CA LYS D 103 10.11 3.78 -11.45
C LYS D 103 10.54 2.91 -12.62
N VAL D 104 9.73 2.92 -13.67
CA VAL D 104 10.01 2.17 -14.88
C VAL D 104 9.80 3.08 -16.08
N ILE D 105 10.86 3.35 -16.82
CA ILE D 105 10.75 4.07 -18.09
C ILE D 105 10.37 3.07 -19.17
N VAL D 106 9.22 3.28 -19.79
CA VAL D 106 8.78 2.44 -20.89
C VAL D 106 9.02 3.20 -22.19
N ILE D 107 9.92 2.67 -23.01
CA ILE D 107 10.29 3.35 -24.26
C ILE D 107 9.72 2.56 -25.44
N ASP D 108 8.53 2.94 -25.88
CA ASP D 108 7.85 2.24 -26.96
C ASP D 108 8.54 2.52 -28.30
N GLU D 109 8.69 1.47 -29.10
CA GLU D 109 9.21 1.57 -30.47
C GLU D 109 10.57 2.28 -30.49
N PHE D 110 11.52 1.71 -29.75
CA PHE D 110 12.84 2.30 -29.55
C PHE D 110 13.91 1.63 -30.40
N CYS D 111 13.54 1.11 -31.57
CA CYS D 111 14.45 0.36 -32.42
C CYS D 111 15.03 1.22 -33.53
N ARG D 112 14.96 2.54 -33.41
CA ARG D 112 15.34 3.42 -34.51
C ARG D 112 16.85 3.57 -34.59
N SER D 113 17.33 3.78 -35.82
CA SER D 113 18.76 3.89 -36.10
C SER D 113 19.33 5.29 -35.86
N GLY D 114 18.53 6.34 -36.02
CA GLY D 114 19.06 7.68 -35.83
C GLY D 114 19.27 8.04 -34.37
N LEU D 115 18.66 7.29 -33.45
CA LEU D 115 18.80 7.56 -32.03
C LEU D 115 19.90 6.74 -31.38
N ALA D 116 20.84 6.23 -32.17
CA ALA D 116 21.94 5.45 -31.62
C ALA D 116 22.73 6.26 -30.58
N GLU D 117 22.95 7.55 -30.86
CA GLU D 117 23.64 8.39 -29.89
C GLU D 117 22.85 8.52 -28.59
N SER D 118 21.52 8.58 -28.69
CA SER D 118 20.69 8.56 -27.50
C SER D 118 20.76 7.20 -26.80
N GLN D 119 20.83 6.13 -27.59
CA GLN D 119 21.04 4.80 -27.03
C GLN D 119 22.35 4.71 -26.27
N ARG D 120 23.44 5.17 -26.90
CA ARG D 120 24.75 5.08 -26.29
C ARG D 120 24.87 5.92 -25.03
N HIS D 121 24.01 6.91 -24.83
CA HIS D 121 23.96 7.60 -23.55
C HIS D 121 23.30 6.74 -22.48
N LEU D 122 22.21 6.07 -22.85
CA LEU D 122 21.52 5.18 -21.92
C LEU D 122 22.41 4.06 -21.41
N ARG D 123 23.56 3.83 -22.07
CA ARG D 123 24.48 2.78 -21.63
C ARG D 123 24.79 2.90 -20.14
N SER D 124 25.40 4.01 -19.73
CA SER D 124 25.74 4.23 -18.33
C SER D 124 24.59 4.80 -17.52
N PHE D 125 23.61 5.43 -18.18
CA PHE D 125 22.42 5.91 -17.47
C PHE D 125 21.76 4.78 -16.70
N MET D 126 21.59 3.63 -17.35
CA MET D 126 20.84 2.54 -16.74
C MET D 126 21.61 1.93 -15.58
N GLU D 127 22.94 1.81 -15.71
CA GLU D 127 23.73 1.30 -14.60
C GLU D 127 23.81 2.30 -13.45
N ALA D 128 23.64 3.60 -13.76
CA ALA D 128 23.73 4.61 -12.72
C ALA D 128 22.50 4.61 -11.82
N TYR D 129 21.31 4.57 -12.43
CA TYR D 129 20.05 4.61 -11.69
C TYR D 129 19.43 3.24 -11.51
N SER D 130 20.21 2.17 -11.64
CA SER D 130 19.68 0.81 -11.60
C SER D 130 19.07 0.44 -10.26
N SER D 131 19.18 1.33 -9.26
CA SER D 131 18.67 1.01 -7.93
C SER D 131 17.14 0.95 -7.91
N ASN D 132 16.49 2.01 -8.37
CA ASN D 132 15.02 2.05 -8.37
C ASN D 132 14.40 2.30 -9.74
N CYS D 133 15.16 2.77 -10.72
CA CYS D 133 14.66 2.98 -12.06
C CYS D 133 15.06 1.81 -12.94
N SER D 134 14.16 1.42 -13.85
CA SER D 134 14.43 0.41 -14.85
C SER D 134 13.81 0.86 -16.16
N ILE D 135 14.20 0.21 -17.25
CA ILE D 135 13.79 0.60 -18.58
C ILE D 135 13.26 -0.61 -19.32
N ILE D 136 11.99 -0.54 -19.73
CA ILE D 136 11.43 -1.48 -20.68
C ILE D 136 11.62 -0.88 -22.07
N ILE D 137 12.27 -1.61 -22.95
CA ILE D 137 12.39 -1.23 -24.35
C ILE D 137 11.45 -2.10 -25.16
N THR D 138 10.67 -1.48 -26.04
CA THR D 138 9.82 -2.20 -26.98
C THR D 138 10.34 -1.91 -28.38
N ALA D 139 10.63 -2.96 -29.14
CA ALA D 139 11.20 -2.82 -30.47
C ALA D 139 10.57 -3.83 -31.41
N ASN D 140 10.64 -3.54 -32.71
CA ASN D 140 10.36 -4.53 -33.74
C ASN D 140 11.67 -5.12 -34.28
N ASN D 141 12.54 -4.28 -34.81
CA ASN D 141 13.88 -4.69 -35.23
C ASN D 141 14.80 -4.64 -34.01
N ILE D 142 15.15 -5.82 -33.49
CA ILE D 142 15.95 -5.88 -32.26
C ILE D 142 17.43 -5.65 -32.53
N ASP D 143 17.89 -5.82 -33.77
CA ASP D 143 19.27 -5.49 -34.11
C ASP D 143 19.48 -3.98 -34.24
N GLY D 144 18.41 -3.19 -34.24
CA GLY D 144 18.52 -1.75 -34.10
C GLY D 144 18.84 -1.27 -32.70
N ILE D 145 18.73 -2.15 -31.71
CA ILE D 145 19.21 -1.89 -30.37
C ILE D 145 20.69 -2.23 -30.33
N ILE D 146 21.52 -1.30 -29.85
CA ILE D 146 22.95 -1.57 -29.76
C ILE D 146 23.17 -2.73 -28.81
N LYS D 147 24.14 -3.59 -29.13
CA LYS D 147 24.40 -4.77 -28.33
C LYS D 147 24.76 -4.49 -26.86
N PRO D 148 25.38 -3.36 -26.50
CA PRO D 148 25.57 -3.08 -25.06
C PRO D 148 24.28 -2.86 -24.30
N LEU D 149 23.16 -2.59 -24.99
CA LEU D 149 21.87 -2.46 -24.30
C LEU D 149 21.14 -3.79 -24.20
N GLN D 150 21.20 -4.62 -25.25
CA GLN D 150 20.70 -5.97 -25.15
C GLN D 150 21.40 -6.74 -24.03
N SER D 151 22.66 -6.39 -23.77
CA SER D 151 23.37 -6.97 -22.62
C SER D 151 22.74 -6.53 -21.31
N ARG D 152 22.36 -5.25 -21.22
CA ARG D 152 21.79 -4.71 -19.99
C ARG D 152 20.34 -5.11 -19.76
N CYS D 153 19.67 -5.66 -20.77
CA CYS D 153 18.25 -5.94 -20.70
C CYS D 153 17.98 -7.44 -20.67
N ARG D 154 16.73 -7.78 -20.33
CA ARG D 154 16.20 -9.12 -20.50
C ARG D 154 15.47 -9.16 -21.84
N VAL D 155 16.04 -9.86 -22.81
CA VAL D 155 15.53 -9.84 -24.18
C VAL D 155 14.49 -10.94 -24.29
N ILE D 156 13.21 -10.54 -24.30
CA ILE D 156 12.09 -11.47 -24.42
C ILE D 156 11.50 -11.34 -25.82
N THR D 157 11.56 -12.41 -26.59
CA THR D 157 11.19 -12.41 -28.00
C THR D 157 9.75 -12.87 -28.15
N PHE D 158 8.90 -11.98 -28.67
CA PHE D 158 7.51 -12.29 -28.92
C PHE D 158 7.34 -12.94 -30.29
N GLY D 159 6.15 -13.47 -30.53
CA GLY D 159 5.79 -14.03 -31.82
C GLY D 159 6.57 -15.26 -32.20
N GLN D 160 7.28 -15.87 -31.24
CA GLN D 160 8.06 -17.08 -31.45
C GLN D 160 7.61 -18.15 -30.47
N PRO D 161 6.41 -18.69 -30.65
CA PRO D 161 5.90 -19.71 -29.73
C PRO D 161 6.29 -21.11 -30.16
N THR D 162 6.11 -22.05 -29.24
CA THR D 162 6.17 -23.45 -29.63
C THR D 162 4.85 -23.85 -30.28
N ASP D 163 4.84 -25.05 -30.88
CA ASP D 163 3.62 -25.54 -31.50
C ASP D 163 2.50 -25.68 -30.47
N GLU D 164 2.84 -26.12 -29.25
CA GLU D 164 1.83 -26.27 -28.21
C GLU D 164 1.28 -24.91 -27.77
N ASP D 165 2.17 -23.92 -27.61
CA ASP D 165 1.73 -22.58 -27.24
C ASP D 165 0.77 -22.00 -28.28
N LYS D 166 1.07 -22.22 -29.56
CA LYS D 166 0.20 -21.71 -30.62
C LYS D 166 -1.22 -22.25 -30.48
N ILE D 167 -1.36 -23.53 -30.13
CA ILE D 167 -2.68 -24.13 -30.02
C ILE D 167 -3.45 -23.51 -28.85
N GLU D 168 -2.81 -23.40 -27.69
CA GLU D 168 -3.49 -22.83 -26.52
C GLU D 168 -3.72 -21.33 -26.68
N MET D 169 -2.73 -20.61 -27.23
CA MET D 169 -2.89 -19.18 -27.42
C MET D 169 -4.03 -18.87 -28.38
N MET D 170 -4.19 -19.68 -29.42
CA MET D 170 -5.36 -19.54 -30.29
C MET D 170 -6.64 -19.81 -29.50
N LYS D 171 -6.65 -20.86 -28.68
CA LYS D 171 -7.81 -21.15 -27.87
C LYS D 171 -8.10 -20.03 -26.88
N GLN D 172 -7.05 -19.42 -26.32
CA GLN D 172 -7.25 -18.28 -25.43
C GLN D 172 -7.76 -17.06 -26.20
N MET D 173 -7.37 -16.92 -27.46
CA MET D 173 -7.85 -15.79 -28.26
C MET D 173 -9.26 -16.04 -28.77
N ILE D 174 -9.66 -17.31 -28.91
CA ILE D 174 -11.05 -17.61 -29.28
C ILE D 174 -12.00 -17.15 -28.20
N ARG D 175 -11.79 -17.62 -26.96
CA ARG D 175 -12.66 -17.24 -25.85
C ARG D 175 -12.62 -15.73 -25.61
N ARG D 176 -11.47 -15.09 -25.83
CA ARG D 176 -11.40 -13.65 -25.68
C ARG D 176 -12.21 -12.95 -26.76
N LEU D 177 -12.11 -13.41 -28.01
CA LEU D 177 -12.79 -12.74 -29.12
C LEU D 177 -14.31 -12.83 -28.98
N THR D 178 -14.82 -14.02 -28.68
CA THR D 178 -16.27 -14.16 -28.51
C THR D 178 -16.77 -13.29 -27.37
N GLU D 179 -15.91 -13.01 -26.39
CA GLU D 179 -16.27 -12.05 -25.35
C GLU D 179 -16.25 -10.63 -25.90
N ILE D 180 -15.33 -10.31 -26.81
CA ILE D 180 -15.35 -9.02 -27.47
C ILE D 180 -16.68 -8.82 -28.18
N CYS D 181 -17.16 -9.86 -28.86
CA CYS D 181 -18.44 -9.76 -29.56
C CYS D 181 -19.61 -9.58 -28.61
N LYS D 182 -19.56 -10.21 -27.43
CA LYS D 182 -20.63 -10.04 -26.45
C LYS D 182 -20.66 -8.61 -25.92
N HIS D 183 -19.49 -8.06 -25.56
CA HIS D 183 -19.43 -6.68 -25.09
C HIS D 183 -19.78 -5.70 -26.21
N GLU D 184 -19.51 -6.06 -27.46
CA GLU D 184 -19.73 -5.15 -28.58
C GLU D 184 -21.08 -5.34 -29.26
N GLY D 185 -21.76 -6.46 -29.01
CA GLY D 185 -23.05 -6.70 -29.61
C GLY D 185 -23.00 -7.36 -30.97
N ILE D 186 -22.01 -8.21 -31.22
CA ILE D 186 -21.85 -8.89 -32.50
C ILE D 186 -22.24 -10.35 -32.31
N ALA D 187 -23.24 -10.80 -33.06
CA ALA D 187 -23.75 -12.15 -32.92
C ALA D 187 -22.88 -13.14 -33.69
N ILE D 188 -22.58 -14.27 -33.06
CA ILE D 188 -21.76 -15.31 -33.64
C ILE D 188 -22.66 -16.48 -34.01
N ALA D 189 -22.79 -16.73 -35.32
CA ALA D 189 -23.57 -17.88 -35.80
C ALA D 189 -22.66 -19.07 -36.02
N ASP D 190 -21.85 -19.03 -37.08
CA ASP D 190 -20.86 -20.07 -37.33
C ASP D 190 -19.61 -19.73 -36.53
N MET D 191 -19.36 -20.49 -35.46
CA MET D 191 -18.25 -20.19 -34.55
C MET D 191 -16.89 -20.38 -35.22
N LYS D 192 -16.81 -21.24 -36.24
CA LYS D 192 -15.54 -21.47 -36.92
C LYS D 192 -14.96 -20.20 -37.53
N VAL D 193 -15.79 -19.17 -37.72
CA VAL D 193 -15.28 -17.90 -38.24
C VAL D 193 -14.22 -17.33 -37.31
N VAL D 194 -14.53 -17.29 -36.01
CA VAL D 194 -13.58 -16.77 -35.03
C VAL D 194 -12.29 -17.59 -35.05
N ALA D 195 -12.38 -18.88 -35.35
CA ALA D 195 -11.20 -19.71 -35.45
C ALA D 195 -10.33 -19.30 -36.64
N ALA D 196 -10.95 -19.08 -37.80
CA ALA D 196 -10.22 -18.62 -38.97
C ALA D 196 -9.75 -17.19 -38.82
N LEU D 197 -10.43 -16.38 -37.99
CA LEU D 197 -9.96 -15.02 -37.74
C LEU D 197 -8.67 -15.02 -36.93
N VAL D 198 -8.47 -16.02 -36.07
CA VAL D 198 -7.26 -16.08 -35.27
C VAL D 198 -6.11 -16.69 -36.06
N LYS D 199 -6.39 -17.69 -36.89
CA LYS D 199 -5.33 -18.35 -37.65
C LYS D 199 -4.84 -17.50 -38.81
N LYS D 200 -5.74 -16.77 -39.47
CA LYS D 200 -5.34 -16.00 -40.64
C LYS D 200 -4.31 -14.93 -40.29
N ASN D 201 -4.47 -14.28 -39.15
CA ASN D 201 -3.50 -13.30 -38.64
C ASN D 201 -3.10 -13.78 -37.26
N PHE D 202 -2.24 -14.81 -37.20
CA PHE D 202 -2.03 -15.40 -35.89
C PHE D 202 -1.22 -14.51 -34.96
N PRO D 203 0.09 -14.33 -35.17
CA PRO D 203 0.89 -13.67 -34.11
C PRO D 203 0.48 -12.24 -33.89
N ASP D 204 -0.02 -11.58 -34.93
CA ASP D 204 -0.52 -10.21 -34.84
C ASP D 204 -1.93 -10.27 -34.30
N PHE D 205 -2.06 -10.17 -32.97
CA PHE D 205 -3.37 -10.13 -32.34
C PHE D 205 -4.09 -8.81 -32.58
N ARG D 206 -3.36 -7.75 -32.93
CA ARG D 206 -4.00 -6.46 -33.18
C ARG D 206 -4.85 -6.54 -34.44
N LYS D 207 -4.25 -6.93 -35.57
CA LYS D 207 -5.02 -7.11 -36.80
C LYS D 207 -6.05 -8.22 -36.66
N THR D 208 -5.84 -9.17 -35.74
CA THR D 208 -6.85 -10.18 -35.47
C THR D 208 -8.17 -9.54 -35.07
N ILE D 209 -8.13 -8.66 -34.06
CA ILE D 209 -9.33 -7.90 -33.70
C ILE D 209 -9.72 -6.94 -34.82
N GLY D 210 -8.71 -6.35 -35.47
CA GLY D 210 -8.98 -5.47 -36.60
C GLY D 210 -9.75 -6.16 -37.71
N GLU D 211 -9.51 -7.46 -37.92
CA GLU D 211 -10.31 -8.20 -38.87
C GLU D 211 -11.69 -8.56 -38.31
N LEU D 212 -11.79 -8.78 -37.00
CA LEU D 212 -13.09 -9.03 -36.38
C LEU D 212 -14.03 -7.85 -36.62
N ASP D 213 -13.59 -6.65 -36.25
CA ASP D 213 -14.36 -5.44 -36.52
C ASP D 213 -14.67 -5.31 -38.00
N SER D 214 -13.66 -5.56 -38.84
CA SER D 214 -13.85 -5.44 -40.29
C SER D 214 -14.84 -6.48 -40.81
N TYR D 215 -14.84 -7.68 -40.25
CA TYR D 215 -15.68 -8.76 -40.74
C TYR D 215 -17.03 -8.85 -40.05
N SER D 216 -17.29 -7.99 -39.06
CA SER D 216 -18.61 -7.89 -38.45
C SER D 216 -19.50 -6.87 -39.16
N SER D 217 -19.15 -6.50 -40.40
CA SER D 217 -19.93 -5.52 -41.14
C SER D 217 -21.38 -5.97 -41.31
N LYS D 218 -21.61 -7.28 -41.45
CA LYS D 218 -22.98 -7.78 -41.49
C LYS D 218 -23.66 -7.72 -40.13
N GLY D 219 -22.89 -7.54 -39.06
CA GLY D 219 -23.41 -7.64 -37.72
C GLY D 219 -23.53 -9.05 -37.20
N VAL D 220 -23.30 -10.06 -38.05
CA VAL D 220 -23.33 -11.46 -37.63
C VAL D 220 -22.18 -12.18 -38.32
N LEU D 221 -21.75 -13.29 -37.71
CA LEU D 221 -20.68 -14.13 -38.25
C LEU D 221 -21.32 -15.40 -38.80
N ASP D 222 -21.86 -15.30 -40.01
CA ASP D 222 -22.49 -16.43 -40.66
C ASP D 222 -21.48 -17.17 -41.54
N ALA D 223 -21.95 -18.26 -42.16
CA ALA D 223 -21.08 -19.04 -43.03
C ALA D 223 -20.57 -18.22 -44.20
N GLY D 224 -21.32 -17.19 -44.60
CA GLY D 224 -20.84 -16.28 -45.64
C GLY D 224 -19.62 -15.49 -45.21
N ILE D 225 -19.53 -15.17 -43.92
CA ILE D 225 -18.34 -14.48 -43.42
C ILE D 225 -17.14 -15.42 -43.44
N LEU D 226 -17.37 -16.71 -43.16
CA LEU D 226 -16.26 -17.66 -43.21
C LEU D 226 -15.74 -17.83 -44.64
N SER D 227 -16.63 -17.80 -45.62
CA SER D 227 -16.19 -17.78 -47.01
C SER D 227 -15.32 -16.57 -47.29
N LEU D 228 -15.69 -15.42 -46.72
CA LEU D 228 -14.91 -14.21 -46.89
C LEU D 228 -13.54 -14.29 -46.21
N VAL D 229 -13.37 -15.19 -45.26
CA VAL D 229 -12.12 -15.24 -44.50
C VAL D 229 -11.13 -16.24 -45.10
N THR D 230 -11.60 -17.40 -45.52
CA THR D 230 -10.74 -18.37 -46.18
C THR D 230 -10.64 -18.14 -47.68
N ASN D 231 -11.47 -17.23 -48.22
CA ASN D 231 -11.49 -16.79 -49.61
C ASN D 231 -11.26 -17.89 -50.65
N ASP D 232 -10.54 -17.53 -51.72
CA ASP D 232 -10.48 -18.28 -52.98
C ASP D 232 -10.49 -19.80 -52.82
N ARG D 233 -9.34 -20.38 -52.46
CA ARG D 233 -9.17 -21.83 -52.37
C ARG D 233 -9.55 -22.52 -53.67
N GLY D 234 -10.53 -23.41 -53.60
CA GLY D 234 -10.86 -24.25 -54.73
C GLY D 234 -9.70 -25.18 -55.04
N ALA D 235 -9.25 -25.16 -56.30
CA ALA D 235 -8.07 -25.89 -56.71
C ALA D 235 -7.28 -25.01 -57.67
N ILE D 236 -6.02 -25.37 -57.86
CA ILE D 236 -5.16 -24.65 -58.79
C ILE D 236 -5.36 -25.21 -60.20
N ASP D 237 -6.61 -25.56 -60.53
CA ASP D 237 -6.95 -26.18 -61.80
C ASP D 237 -6.42 -25.39 -62.99
N ASP D 238 -7.05 -24.25 -63.29
CA ASP D 238 -6.66 -23.45 -64.45
C ASP D 238 -5.18 -23.10 -64.43
N VAL D 239 -4.62 -22.89 -63.23
CA VAL D 239 -3.19 -22.66 -63.11
C VAL D 239 -2.40 -23.90 -63.54
N LEU D 240 -2.91 -25.08 -63.19
CA LEU D 240 -2.16 -26.31 -63.45
C LEU D 240 -2.14 -26.65 -64.93
N GLU D 241 -3.23 -26.38 -65.65
CA GLU D 241 -3.24 -26.61 -67.08
C GLU D 241 -2.62 -25.45 -67.86
N SER D 242 -2.37 -24.31 -67.21
CA SER D 242 -1.59 -23.26 -67.85
C SER D 242 -0.17 -23.73 -68.12
N LEU D 243 0.52 -24.20 -67.07
CA LEU D 243 1.84 -24.78 -67.25
C LEU D 243 1.78 -26.08 -68.04
N LYS D 244 0.68 -26.82 -67.94
CA LYS D 244 0.53 -28.07 -68.67
C LYS D 244 0.46 -27.83 -70.18
N ASN D 245 -0.11 -26.70 -70.59
CA ASN D 245 -0.14 -26.33 -72.01
C ASN D 245 1.05 -25.49 -72.42
N LYS D 246 1.85 -24.99 -71.47
CA LYS D 246 2.99 -24.12 -71.74
C LYS D 246 2.57 -22.95 -72.64
N ASP D 247 1.51 -22.26 -72.22
CA ASP D 247 0.85 -21.28 -73.06
C ASP D 247 1.59 -19.95 -73.13
N VAL D 248 0.87 -18.89 -73.49
CA VAL D 248 1.45 -17.58 -73.75
C VAL D 248 0.91 -16.57 -72.73
N LYS D 249 -0.22 -15.96 -73.06
CA LYS D 249 -0.80 -14.91 -72.23
C LYS D 249 -1.65 -15.45 -71.09
N GLN D 250 -2.12 -16.70 -71.18
CA GLN D 250 -3.10 -17.20 -70.23
C GLN D 250 -2.53 -17.28 -68.82
N LEU D 251 -1.34 -17.88 -68.67
CA LEU D 251 -0.71 -17.89 -67.36
C LEU D 251 -0.13 -16.54 -66.98
N ARG D 252 0.19 -15.70 -67.97
CA ARG D 252 0.73 -14.37 -67.68
C ARG D 252 -0.33 -13.50 -66.98
N ALA D 253 -1.56 -13.51 -67.49
CA ALA D 253 -2.63 -12.70 -66.93
C ALA D 253 -3.37 -13.42 -65.80
N LEU D 254 -2.97 -14.64 -65.46
CA LEU D 254 -3.59 -15.40 -64.39
C LEU D 254 -3.02 -15.09 -63.02
N ALA D 255 -1.90 -14.38 -62.95
CA ALA D 255 -1.22 -14.22 -61.68
C ALA D 255 -1.98 -13.35 -60.67
N PRO D 256 -2.61 -12.22 -61.05
CA PRO D 256 -3.19 -11.36 -60.00
C PRO D 256 -4.25 -12.03 -59.14
N LYS D 257 -5.01 -12.99 -59.70
CA LYS D 257 -6.00 -13.72 -58.90
C LYS D 257 -5.35 -14.53 -57.79
N TYR D 258 -4.06 -14.86 -57.91
CA TYR D 258 -3.37 -15.68 -56.94
C TYR D 258 -2.18 -14.97 -56.31
N ALA D 259 -2.00 -13.68 -56.59
CA ALA D 259 -0.91 -12.92 -55.98
C ALA D 259 -1.20 -12.59 -54.53
N ALA D 260 -2.47 -12.30 -54.20
CA ALA D 260 -2.83 -11.92 -52.84
C ALA D 260 -2.49 -13.04 -51.85
N ASP D 261 -3.05 -14.23 -52.07
CA ASP D 261 -2.78 -15.38 -51.22
C ASP D 261 -1.60 -16.19 -51.78
N TYR D 262 -0.44 -15.50 -51.87
CA TYR D 262 0.73 -16.12 -52.48
C TYR D 262 1.24 -17.30 -51.66
N SER D 263 1.37 -17.12 -50.34
CA SER D 263 1.90 -18.19 -49.49
C SER D 263 1.05 -19.44 -49.60
N TRP D 264 -0.28 -19.29 -49.51
CA TRP D 264 -1.15 -20.44 -49.67
C TRP D 264 -1.11 -20.98 -51.10
N PHE D 265 -1.02 -20.08 -52.08
CA PHE D 265 -1.04 -20.52 -53.48
C PHE D 265 0.14 -21.43 -53.79
N VAL D 266 1.35 -20.96 -53.51
CA VAL D 266 2.52 -21.82 -53.67
C VAL D 266 2.44 -22.99 -52.71
N GLY D 267 1.89 -22.78 -51.52
CA GLY D 267 1.70 -23.86 -50.56
C GLY D 267 0.72 -24.93 -51.01
N LYS D 268 -0.02 -24.68 -52.09
CA LYS D 268 -0.84 -25.71 -52.71
C LYS D 268 -0.44 -26.03 -54.14
N LEU D 269 0.32 -25.15 -54.80
CA LEU D 269 0.77 -25.44 -56.16
C LEU D 269 1.76 -26.59 -56.18
N ALA D 270 2.78 -26.53 -55.32
CA ALA D 270 3.77 -27.60 -55.26
C ALA D 270 3.15 -28.91 -54.77
N GLU D 271 2.12 -28.82 -53.93
CA GLU D 271 1.47 -30.04 -53.42
C GLU D 271 0.64 -30.71 -54.51
N GLU D 272 -0.11 -29.91 -55.29
CA GLU D 272 -0.89 -30.49 -56.38
C GLU D 272 0.01 -31.01 -57.50
N ILE D 273 1.07 -30.27 -57.82
CA ILE D 273 1.93 -30.65 -58.93
C ILE D 273 2.83 -31.83 -58.56
N TYR D 274 2.97 -32.15 -57.27
CA TYR D 274 3.90 -33.18 -56.86
C TYR D 274 3.61 -34.52 -57.51
N SER D 275 2.34 -34.78 -57.84
CA SER D 275 1.95 -36.09 -58.33
C SER D 275 2.10 -36.27 -59.83
N ARG D 276 2.19 -35.18 -60.59
CA ARG D 276 2.09 -35.25 -62.05
C ARG D 276 3.13 -34.35 -62.73
N VAL D 277 4.42 -34.59 -62.45
CA VAL D 277 5.47 -33.84 -63.12
C VAL D 277 6.80 -34.59 -63.02
N THR D 278 6.73 -35.93 -63.15
CA THR D 278 7.91 -36.81 -63.24
C THR D 278 8.73 -36.78 -61.95
N PRO D 279 9.74 -37.67 -61.77
CA PRO D 279 10.56 -37.61 -60.56
C PRO D 279 11.81 -36.75 -60.71
N GLN D 280 12.49 -36.81 -61.85
CA GLN D 280 13.70 -36.01 -62.00
C GLN D 280 13.40 -34.53 -62.13
N SER D 281 12.16 -34.16 -62.44
CA SER D 281 11.73 -32.76 -62.43
C SER D 281 10.97 -32.40 -61.16
N ILE D 282 10.79 -33.34 -60.23
CA ILE D 282 10.27 -32.99 -58.92
C ILE D 282 11.35 -32.29 -58.11
N ILE D 283 12.62 -32.56 -58.42
CA ILE D 283 13.71 -31.87 -57.75
C ILE D 283 14.00 -30.53 -58.42
N ARG D 284 13.73 -30.42 -59.72
CA ARG D 284 13.91 -29.16 -60.42
C ARG D 284 12.76 -28.20 -60.14
N MET D 285 11.55 -28.72 -59.94
CA MET D 285 10.42 -27.83 -59.69
C MET D 285 10.49 -27.24 -58.28
N TYR D 286 10.98 -28.01 -57.30
CA TYR D 286 11.11 -27.47 -55.96
C TYR D 286 12.29 -26.50 -55.86
N GLU D 287 13.35 -26.72 -56.64
CA GLU D 287 14.44 -25.76 -56.69
C GLU D 287 13.96 -24.44 -57.29
N ILE D 288 13.16 -24.49 -58.35
CA ILE D 288 12.66 -23.28 -58.98
C ILE D 288 11.61 -22.62 -58.09
N VAL D 289 10.65 -23.41 -57.61
CA VAL D 289 9.57 -22.85 -56.80
C VAL D 289 10.09 -22.36 -55.45
N GLY D 290 10.98 -23.13 -54.84
CA GLY D 290 11.55 -22.71 -53.57
C GLY D 290 12.32 -21.42 -53.69
N GLU D 291 13.16 -21.32 -54.73
CA GLU D 291 13.88 -20.08 -55.00
C GLU D 291 12.91 -18.91 -55.15
N ASN D 292 11.88 -19.08 -55.98
CA ASN D 292 10.89 -18.02 -56.14
C ASN D 292 10.09 -17.77 -54.86
N ASN D 293 10.02 -18.76 -53.96
CA ASN D 293 9.28 -18.57 -52.71
C ASN D 293 10.10 -17.81 -51.67
N GLN D 294 11.38 -18.18 -51.49
CA GLN D 294 12.19 -17.55 -50.44
C GLN D 294 12.46 -16.08 -50.71
N TYR D 295 12.36 -15.63 -51.96
CA TYR D 295 12.56 -14.22 -52.28
C TYR D 295 11.26 -13.43 -52.26
N HIS D 296 10.12 -14.07 -51.98
CA HIS D 296 8.84 -13.37 -51.91
C HIS D 296 8.80 -12.52 -50.64
N GLY D 297 9.38 -11.33 -50.77
CA GLY D 297 9.51 -10.38 -49.68
C GLY D 297 10.43 -9.28 -50.16
N ILE D 298 11.59 -9.69 -50.66
CA ILE D 298 12.41 -8.78 -51.45
C ILE D 298 11.72 -8.47 -52.76
N ALA D 299 10.88 -9.39 -53.24
CA ALA D 299 10.11 -9.15 -54.44
C ALA D 299 9.11 -8.03 -54.22
N ALA D 300 9.14 -7.03 -55.10
CA ALA D 300 8.28 -5.86 -54.95
C ALA D 300 6.90 -6.08 -55.57
N ASN D 301 6.84 -6.67 -56.75
CA ASN D 301 5.57 -6.97 -57.42
C ASN D 301 5.30 -8.45 -57.22
N THR D 302 4.48 -8.78 -56.22
CA THR D 302 4.15 -10.17 -55.93
C THR D 302 3.53 -10.85 -57.15
N GLU D 303 2.74 -10.10 -57.93
CA GLU D 303 2.11 -10.67 -59.12
C GLU D 303 3.15 -10.98 -60.19
N LEU D 304 4.10 -10.06 -60.41
CA LEU D 304 5.16 -10.31 -61.38
C LEU D 304 6.07 -11.43 -60.92
N HIS D 305 6.33 -11.51 -59.61
CA HIS D 305 7.08 -12.63 -59.06
C HIS D 305 6.41 -13.96 -59.40
N LEU D 306 5.09 -14.02 -59.27
CA LEU D 306 4.36 -15.22 -59.64
C LEU D 306 4.42 -15.48 -61.14
N ALA D 307 4.36 -14.40 -61.93
CA ALA D 307 4.49 -14.56 -63.38
C ALA D 307 5.88 -15.04 -63.76
N TYR D 308 6.91 -14.56 -63.05
CA TYR D 308 8.26 -15.04 -63.28
C TYR D 308 8.38 -16.53 -62.92
N LEU D 309 7.67 -16.95 -61.88
CA LEU D 309 7.66 -18.36 -61.50
C LEU D 309 7.00 -19.21 -62.59
N PHE D 310 5.97 -18.67 -63.24
CA PHE D 310 5.25 -19.43 -64.26
C PHE D 310 6.10 -19.60 -65.51
N ILE D 311 6.83 -18.56 -65.92
CA ILE D 311 7.59 -18.63 -67.16
C ILE D 311 8.69 -19.67 -67.05
N GLN D 312 9.44 -19.64 -65.96
CA GLN D 312 10.52 -20.61 -65.79
C GLN D 312 9.98 -22.01 -65.51
N LEU D 313 8.78 -22.11 -64.94
CA LEU D 313 8.14 -23.42 -64.80
C LEU D 313 7.75 -23.99 -66.16
N ALA D 314 7.20 -23.15 -67.04
CA ALA D 314 6.78 -23.62 -68.36
C ALA D 314 7.95 -24.15 -69.18
N CYS D 315 9.18 -23.73 -68.88
CA CYS D 315 10.35 -24.17 -69.63
C CYS D 315 10.94 -25.46 -69.08
N GLU D 316 11.28 -25.48 -67.80
CA GLU D 316 12.05 -26.57 -67.20
C GLU D 316 11.19 -27.74 -66.73
N MET D 317 9.88 -27.69 -66.88
CA MET D 317 9.02 -28.77 -66.42
C MET D 317 8.82 -29.81 -67.52
N GLN D 318 9.07 -31.07 -67.17
CA GLN D 318 8.88 -32.17 -68.11
C GLN D 318 7.42 -32.59 -68.21
N TRP D 319 6.67 -32.48 -67.11
CA TRP D 319 5.24 -32.78 -67.06
C TRP D 319 4.94 -34.25 -67.38
N LYS D 320 3.65 -34.59 -67.42
CA LYS D 320 3.17 -35.96 -67.56
C LYS D 320 3.60 -36.80 -66.35
N ILE E 3 -23.96 15.83 -57.10
CA ILE E 3 -22.77 16.30 -57.80
C ILE E 3 -22.19 17.50 -57.07
N THR E 4 -21.03 17.32 -56.45
CA THR E 4 -20.40 18.36 -55.64
C THR E 4 -19.35 19.08 -56.46
N VAL E 5 -19.39 20.41 -56.46
CA VAL E 5 -18.40 21.23 -57.13
C VAL E 5 -17.85 22.25 -56.13
N ASN E 6 -16.52 22.32 -56.04
CA ASN E 6 -15.86 23.38 -55.30
C ASN E 6 -15.64 24.52 -56.28
N GLU E 7 -16.64 25.40 -56.38
CA GLU E 7 -16.68 26.41 -57.44
C GLU E 7 -15.46 27.33 -57.42
N LYS E 8 -14.76 27.43 -56.30
CA LYS E 8 -13.57 28.26 -56.21
C LYS E 8 -12.33 27.64 -56.85
N GLU E 9 -12.45 26.45 -57.44
CA GLU E 9 -11.31 25.71 -57.94
C GLU E 9 -11.10 25.95 -59.43
N HIS E 10 -9.84 25.86 -59.86
CA HIS E 10 -9.46 26.16 -61.24
C HIS E 10 -9.08 24.93 -62.05
N ILE E 11 -8.84 23.79 -61.41
CA ILE E 11 -8.50 22.55 -62.12
C ILE E 11 -9.65 21.57 -61.93
N LEU E 12 -10.12 20.99 -63.04
CA LEU E 12 -11.31 20.15 -63.00
C LEU E 12 -11.13 18.92 -62.12
N GLU E 13 -9.88 18.45 -61.96
CA GLU E 13 -9.64 17.33 -61.06
C GLU E 13 -10.00 17.71 -59.63
N GLN E 14 -9.57 18.88 -59.18
CA GLN E 14 -9.87 19.30 -57.82
C GLN E 14 -11.26 19.93 -57.69
N LYS E 15 -11.83 20.44 -58.78
CA LYS E 15 -13.10 21.17 -58.69
C LYS E 15 -14.29 20.22 -58.60
N TYR E 16 -14.24 19.09 -59.31
CA TYR E 16 -15.37 18.17 -59.33
C TYR E 16 -15.03 16.93 -58.53
N ARG E 17 -14.56 17.13 -57.30
CA ARG E 17 -14.20 16.04 -56.40
C ARG E 17 -15.43 15.65 -55.58
N PRO E 18 -15.84 14.39 -55.59
CA PRO E 18 -17.05 14.00 -54.85
C PRO E 18 -16.92 14.28 -53.37
N SER E 19 -17.95 14.92 -52.80
CA SER E 19 -17.96 15.19 -51.36
C SER E 19 -18.48 14.00 -50.58
N THR E 20 -19.40 13.22 -51.16
CA THR E 20 -20.00 12.09 -50.47
C THR E 20 -19.42 10.78 -51.01
N ILE E 21 -19.43 9.75 -50.16
CA ILE E 21 -18.99 8.43 -50.59
C ILE E 21 -19.97 7.84 -51.61
N ASP E 22 -21.22 8.28 -51.60
CA ASP E 22 -22.16 7.88 -52.63
C ASP E 22 -21.74 8.44 -53.99
N GLU E 23 -21.33 9.70 -54.02
CA GLU E 23 -21.00 10.37 -55.27
C GLU E 23 -19.78 9.76 -55.95
N CYS E 24 -19.01 8.97 -55.21
CA CYS E 24 -17.81 8.35 -55.78
C CYS E 24 -18.20 7.21 -56.72
N ILE E 25 -17.62 7.22 -57.92
CA ILE E 25 -17.88 6.17 -58.91
C ILE E 25 -16.99 4.98 -58.57
N LEU E 26 -17.49 4.08 -57.74
CA LEU E 26 -16.69 2.99 -57.20
C LEU E 26 -17.34 1.65 -57.46
N PRO E 27 -16.54 0.59 -57.58
CA PRO E 27 -17.11 -0.74 -57.78
C PRO E 27 -17.90 -1.20 -56.57
N ALA E 28 -18.76 -2.18 -56.80
CA ALA E 28 -19.47 -2.83 -55.70
C ALA E 28 -18.45 -3.47 -54.75
N PHE E 29 -18.95 -3.87 -53.58
CA PHE E 29 -18.15 -4.36 -52.46
C PHE E 29 -17.38 -3.22 -51.82
N ASP E 30 -16.71 -2.39 -52.61
CA ASP E 30 -16.07 -1.19 -52.07
C ASP E 30 -17.11 -0.18 -51.63
N LYS E 31 -17.99 0.23 -52.54
CA LYS E 31 -19.09 1.13 -52.20
C LYS E 31 -19.91 0.58 -51.03
N GLU E 32 -20.05 -0.74 -50.96
CA GLU E 32 -20.68 -1.36 -49.79
C GLU E 32 -19.78 -1.26 -48.57
N THR E 33 -18.47 -1.41 -48.74
CA THR E 33 -17.55 -1.36 -47.61
C THR E 33 -17.52 0.04 -46.99
N PHE E 34 -17.30 1.06 -47.82
CA PHE E 34 -17.14 2.42 -47.29
C PHE E 34 -18.42 2.90 -46.63
N LYS E 35 -19.58 2.60 -47.23
CA LYS E 35 -20.84 2.98 -46.60
C LYS E 35 -21.00 2.30 -45.24
N SER E 36 -20.56 1.05 -45.14
CA SER E 36 -20.56 0.37 -43.84
C SER E 36 -19.64 1.08 -42.85
N ILE E 37 -18.51 1.60 -43.34
CA ILE E 37 -17.57 2.28 -42.45
C ILE E 37 -18.15 3.60 -41.98
N THR E 38 -18.79 4.36 -42.89
CA THR E 38 -19.37 5.64 -42.49
C THR E 38 -20.62 5.44 -41.63
N SER E 39 -21.30 4.31 -41.78
CA SER E 39 -22.49 4.06 -40.97
C SER E 39 -22.16 3.91 -39.50
N LYS E 40 -20.98 3.36 -39.18
CA LYS E 40 -20.57 3.21 -37.79
C LYS E 40 -20.40 4.55 -37.07
N GLY E 41 -20.18 5.64 -37.79
CA GLY E 41 -20.17 6.96 -37.16
C GLY E 41 -18.80 7.24 -36.60
N LYS E 42 -18.02 6.19 -36.36
CA LYS E 42 -16.65 6.30 -35.90
C LYS E 42 -15.73 5.56 -36.85
N ILE E 43 -14.55 6.12 -37.07
CA ILE E 43 -13.63 5.67 -38.11
C ILE E 43 -12.40 5.07 -37.44
N PRO E 44 -12.02 3.84 -37.78
CA PRO E 44 -10.74 3.29 -37.33
C PRO E 44 -9.63 3.66 -38.31
N HIS E 45 -8.40 3.37 -37.92
CA HIS E 45 -7.27 3.65 -38.79
C HIS E 45 -7.42 2.87 -40.09
N ILE E 46 -7.40 3.59 -41.21
CA ILE E 46 -7.62 2.99 -42.53
C ILE E 46 -6.42 3.27 -43.41
N ILE E 47 -5.86 2.20 -43.98
CA ILE E 47 -4.96 2.30 -45.12
C ILE E 47 -5.73 1.76 -46.31
N LEU E 48 -6.35 2.66 -47.07
CA LEU E 48 -6.92 2.32 -48.36
C LEU E 48 -5.84 2.54 -49.42
N HIS E 49 -5.66 1.55 -50.30
CA HIS E 49 -4.56 1.60 -51.25
C HIS E 49 -4.97 0.94 -52.55
N SER E 50 -4.48 1.51 -53.64
CA SER E 50 -4.68 0.96 -54.98
C SER E 50 -3.48 1.35 -55.82
N PRO E 51 -2.74 0.39 -56.36
CA PRO E 51 -1.58 0.73 -57.20
C PRO E 51 -1.95 1.34 -58.54
N SER E 52 -3.23 1.30 -58.94
CA SER E 52 -3.65 1.93 -60.18
C SER E 52 -3.98 3.40 -59.94
N PRO E 53 -3.43 4.32 -60.70
CA PRO E 53 -3.67 5.74 -60.44
C PRO E 53 -5.07 6.17 -60.87
N GLY E 54 -5.55 7.23 -60.22
CA GLY E 54 -6.83 7.79 -60.58
C GLY E 54 -8.02 6.95 -60.20
N THR E 55 -7.83 5.95 -59.33
CA THR E 55 -8.95 5.12 -58.90
C THR E 55 -9.86 5.83 -57.91
N GLY E 56 -9.31 6.74 -57.10
CA GLY E 56 -10.11 7.46 -56.14
C GLY E 56 -9.57 7.37 -54.73
N LYS E 57 -8.29 7.06 -54.60
CA LYS E 57 -7.68 6.93 -53.26
C LYS E 57 -7.89 8.19 -52.44
N THR E 58 -7.57 9.35 -53.01
CA THR E 58 -7.61 10.59 -52.25
C THR E 58 -9.05 11.06 -52.04
N THR E 59 -9.91 10.90 -53.05
CA THR E 59 -11.30 11.33 -52.91
C THR E 59 -12.02 10.50 -51.86
N VAL E 60 -11.84 9.18 -51.89
CA VAL E 60 -12.48 8.30 -50.92
C VAL E 60 -12.00 8.63 -49.51
N ALA E 61 -10.69 8.86 -49.36
CA ALA E 61 -10.16 9.25 -48.06
C ALA E 61 -10.82 10.52 -47.55
N LYS E 62 -11.06 11.49 -48.43
CA LYS E 62 -11.78 12.69 -48.04
C LYS E 62 -13.28 12.45 -47.95
N ALA E 63 -13.83 11.56 -48.78
CA ALA E 63 -15.25 11.26 -48.72
C ALA E 63 -15.63 10.63 -47.39
N LEU E 64 -14.81 9.69 -46.91
CA LEU E 64 -15.06 9.08 -45.61
C LEU E 64 -15.02 10.12 -44.49
N CYS E 65 -14.12 11.10 -44.62
CA CYS E 65 -14.06 12.16 -43.62
C CYS E 65 -15.30 13.05 -43.64
N HIS E 66 -15.92 13.19 -44.81
CA HIS E 66 -17.11 14.03 -44.91
C HIS E 66 -18.37 13.30 -44.46
N ASP E 67 -18.58 12.09 -44.98
CA ASP E 67 -19.78 11.33 -44.63
C ASP E 67 -19.85 11.05 -43.13
N VAL E 68 -18.69 10.99 -42.46
CA VAL E 68 -18.66 10.82 -41.01
C VAL E 68 -18.64 12.16 -40.28
N ASN E 69 -18.62 13.28 -41.02
CA ASN E 69 -18.55 14.62 -40.45
C ASN E 69 -17.33 14.74 -39.53
N ALA E 70 -16.17 14.50 -40.12
CA ALA E 70 -14.93 14.50 -39.37
C ALA E 70 -14.30 15.89 -39.33
N ASP E 71 -13.54 16.14 -38.27
CA ASP E 71 -12.64 17.29 -38.21
C ASP E 71 -11.33 16.83 -38.86
N MET E 72 -11.32 16.86 -40.18
CA MET E 72 -10.21 16.29 -40.95
C MET E 72 -9.05 17.27 -41.07
N MET E 73 -7.84 16.75 -40.92
CA MET E 73 -6.62 17.47 -41.29
C MET E 73 -5.92 16.65 -42.38
N PHE E 74 -6.05 17.10 -43.62
CA PHE E 74 -5.46 16.42 -44.76
C PHE E 74 -4.06 16.96 -45.02
N VAL E 75 -3.08 16.06 -45.10
CA VAL E 75 -1.71 16.43 -45.39
C VAL E 75 -1.12 15.40 -46.34
N ASN E 76 -0.23 15.86 -47.22
CA ASN E 76 0.50 14.97 -48.09
C ASN E 76 1.63 14.30 -47.30
N GLY E 77 1.88 13.03 -47.60
CA GLY E 77 2.92 12.31 -46.89
C GLY E 77 4.28 12.97 -47.01
N SER E 78 4.61 13.45 -48.22
CA SER E 78 5.93 14.04 -48.44
C SER E 78 6.17 15.24 -47.53
N ASP E 79 5.14 16.07 -47.34
CA ASP E 79 5.23 17.16 -46.36
C ASP E 79 4.95 16.71 -44.94
N CYS E 80 4.74 15.41 -44.72
CA CYS E 80 4.47 14.87 -43.39
C CYS E 80 5.74 14.24 -42.84
N LYS E 81 6.66 15.10 -42.41
CA LYS E 81 7.91 14.67 -41.82
C LYS E 81 7.70 14.44 -40.31
N ILE E 82 8.76 14.04 -39.61
CA ILE E 82 8.59 13.63 -38.22
C ILE E 82 8.41 14.85 -37.32
N ASP E 83 9.16 15.94 -37.56
CA ASP E 83 8.94 17.15 -36.79
C ASP E 83 7.59 17.79 -37.10
N PHE E 84 7.02 17.49 -38.26
CA PHE E 84 5.65 17.88 -38.54
C PHE E 84 4.67 17.04 -37.71
N VAL E 85 5.01 15.78 -37.44
CA VAL E 85 4.16 14.92 -36.64
C VAL E 85 4.26 15.31 -35.17
N ARG E 86 5.47 15.67 -34.72
CA ARG E 86 5.65 16.07 -33.33
C ARG E 86 4.89 17.35 -33.01
N GLY E 87 4.92 18.32 -33.93
CA GLY E 87 4.34 19.61 -33.68
C GLY E 87 2.86 19.67 -33.97
N PRO E 88 2.49 20.05 -35.19
CA PRO E 88 1.07 20.24 -35.53
C PRO E 88 0.21 19.00 -35.34
N LEU E 89 0.61 17.88 -35.95
CA LEU E 89 -0.21 16.68 -35.94
C LEU E 89 -0.53 16.24 -34.52
N THR E 90 0.40 16.45 -33.59
CA THR E 90 0.15 16.07 -32.20
C THR E 90 -0.76 17.09 -31.52
N ASN E 91 -0.47 18.38 -31.67
CA ASN E 91 -1.34 19.43 -31.15
C ASN E 91 -2.77 19.30 -31.65
N PHE E 92 -2.97 18.61 -32.77
CA PHE E 92 -4.31 18.39 -33.31
C PHE E 92 -4.98 17.20 -32.64
N ALA E 93 -4.36 16.03 -32.74
CA ALA E 93 -4.95 14.81 -32.21
C ALA E 93 -5.02 14.80 -30.69
N SER E 94 -4.21 15.64 -30.01
CA SER E 94 -4.32 15.73 -28.56
C SER E 94 -5.54 16.51 -28.14
N ALA E 95 -5.83 17.61 -28.81
CA ALA E 95 -6.96 18.46 -28.45
C ALA E 95 -8.27 17.89 -29.01
N ALA E 96 -9.35 18.15 -28.28
CA ALA E 96 -10.68 17.71 -28.70
C ALA E 96 -11.40 18.86 -29.37
N SER E 97 -12.01 18.58 -30.52
CA SER E 97 -12.69 19.62 -31.28
C SER E 97 -13.89 20.17 -30.53
N PHE E 98 -14.16 21.46 -30.74
CA PHE E 98 -15.18 22.17 -29.97
C PHE E 98 -16.58 21.62 -30.21
N ASP E 99 -16.85 21.09 -31.41
CA ASP E 99 -18.14 20.50 -31.73
C ASP E 99 -18.12 18.98 -31.67
N GLY E 100 -17.19 18.40 -30.91
CA GLY E 100 -17.02 16.96 -30.94
C GLY E 100 -16.60 16.54 -32.32
N ARG E 101 -17.33 15.58 -32.89
CA ARG E 101 -17.15 15.04 -34.24
C ARG E 101 -15.76 14.43 -34.42
N GLN E 102 -15.70 13.33 -35.19
CA GLN E 102 -14.47 12.58 -35.35
C GLN E 102 -13.33 13.46 -35.82
N LYS E 103 -12.15 13.24 -35.27
CA LYS E 103 -10.92 13.84 -35.77
C LYS E 103 -10.17 12.83 -36.62
N VAL E 104 -9.76 13.24 -37.81
CA VAL E 104 -9.06 12.37 -38.75
C VAL E 104 -7.82 13.09 -39.24
N ILE E 105 -6.77 12.31 -39.50
CA ILE E 105 -5.55 12.79 -40.12
C ILE E 105 -5.34 11.95 -41.37
N VAL E 106 -5.53 12.55 -42.54
CA VAL E 106 -5.31 11.85 -43.80
C VAL E 106 -3.88 12.14 -44.28
N ILE E 107 -3.14 11.08 -44.57
CA ILE E 107 -1.78 11.18 -45.07
C ILE E 107 -1.79 10.63 -46.48
N ASP E 108 -1.76 11.52 -47.48
CA ASP E 108 -1.86 11.14 -48.87
C ASP E 108 -0.49 10.74 -49.40
N GLU E 109 -0.44 9.60 -50.10
CA GLU E 109 0.79 9.03 -50.64
C GLU E 109 1.86 8.93 -49.55
N PHE E 110 1.50 8.23 -48.48
CA PHE E 110 2.43 8.04 -47.36
C PHE E 110 3.45 6.94 -47.61
N CYS E 111 3.30 6.18 -48.70
CA CYS E 111 4.25 5.14 -49.05
C CYS E 111 5.54 5.69 -49.62
N ARG E 112 5.72 7.01 -49.65
CA ARG E 112 6.98 7.58 -50.13
C ARG E 112 8.11 7.16 -49.21
N SER E 113 9.29 6.96 -49.82
CA SER E 113 10.37 6.23 -49.14
C SER E 113 10.97 7.02 -47.98
N GLY E 114 11.16 8.33 -48.15
CA GLY E 114 11.84 9.10 -47.13
C GLY E 114 11.09 9.20 -45.83
N LEU E 115 9.81 8.85 -45.83
CA LEU E 115 8.95 8.96 -44.66
C LEU E 115 8.99 7.73 -43.76
N ALA E 116 10.00 6.86 -43.93
CA ALA E 116 10.05 5.63 -43.15
C ALA E 116 10.19 5.93 -41.67
N GLU E 117 11.05 6.89 -41.30
CA GLU E 117 11.29 7.16 -39.89
C GLU E 117 10.13 7.91 -39.24
N SER E 118 9.50 8.83 -39.96
CA SER E 118 8.29 9.46 -39.43
C SER E 118 7.14 8.46 -39.35
N GLN E 119 7.10 7.49 -40.28
CA GLN E 119 6.18 6.37 -40.14
C GLN E 119 6.41 5.63 -38.84
N ARG E 120 7.68 5.43 -38.47
CA ARG E 120 7.99 4.72 -37.24
C ARG E 120 7.59 5.52 -36.01
N HIS E 121 7.40 6.83 -36.15
CA HIS E 121 6.91 7.63 -35.03
C HIS E 121 5.45 7.34 -34.76
N LEU E 122 4.67 7.09 -35.81
CA LEU E 122 3.22 6.96 -35.67
C LEU E 122 2.81 5.75 -34.83
N ARG E 123 3.52 4.63 -34.94
CA ARG E 123 3.27 3.52 -34.05
C ARG E 123 3.58 3.95 -32.61
N SER E 124 2.51 4.07 -31.81
CA SER E 124 2.44 4.63 -30.45
C SER E 124 1.77 6.00 -30.49
N PHE E 125 2.06 6.79 -31.52
CA PHE E 125 1.30 8.03 -31.75
C PHE E 125 -0.17 7.70 -31.97
N MET E 126 -0.45 6.77 -32.89
CA MET E 126 -1.82 6.40 -33.19
C MET E 126 -2.50 5.75 -31.99
N GLU E 127 -1.73 5.01 -31.18
CA GLU E 127 -2.30 4.38 -29.99
C GLU E 127 -2.56 5.37 -28.88
N ALA E 128 -1.68 6.37 -28.72
CA ALA E 128 -1.86 7.34 -27.64
C ALA E 128 -3.09 8.21 -27.87
N TYR E 129 -3.43 8.51 -29.13
CA TYR E 129 -4.55 9.39 -29.45
C TYR E 129 -5.65 8.67 -30.21
N SER E 130 -5.70 7.33 -30.11
CA SER E 130 -6.74 6.57 -30.79
C SER E 130 -8.14 6.90 -30.27
N SER E 131 -8.24 7.42 -29.05
CA SER E 131 -9.54 7.75 -28.50
C SER E 131 -10.15 8.97 -29.18
N ASN E 132 -9.31 9.96 -29.52
CA ASN E 132 -9.80 11.24 -30.04
C ASN E 132 -9.64 11.39 -31.54
N CYS E 133 -8.72 10.66 -32.16
CA CYS E 133 -8.40 10.90 -33.57
C CYS E 133 -7.90 9.63 -34.22
N SER E 134 -8.36 9.39 -35.45
CA SER E 134 -7.92 8.29 -36.28
C SER E 134 -7.12 8.83 -37.47
N ILE E 135 -6.43 7.92 -38.16
CA ILE E 135 -5.58 8.28 -39.29
C ILE E 135 -5.98 7.45 -40.50
N ILE E 136 -6.21 8.12 -41.62
CA ILE E 136 -6.40 7.47 -42.92
C ILE E 136 -5.14 7.67 -43.73
N ILE E 137 -4.57 6.58 -44.23
CA ILE E 137 -3.36 6.62 -45.04
C ILE E 137 -3.73 6.23 -46.46
N THR E 138 -3.30 7.05 -47.42
CA THR E 138 -3.42 6.74 -48.84
C THR E 138 -2.09 6.19 -49.33
N ALA E 139 -2.11 4.96 -49.84
CA ALA E 139 -0.90 4.29 -50.29
C ALA E 139 -1.01 3.92 -51.76
N ASN E 140 0.07 4.13 -52.50
CA ASN E 140 0.20 3.59 -53.84
C ASN E 140 0.87 2.23 -53.82
N ASN E 141 2.05 2.15 -53.18
CA ASN E 141 2.72 0.88 -52.94
C ASN E 141 2.50 0.50 -51.48
N ILE E 142 1.82 -0.62 -51.26
CA ILE E 142 1.45 -1.00 -49.90
C ILE E 142 2.66 -1.45 -49.09
N ASP E 143 3.66 -2.05 -49.75
CA ASP E 143 4.86 -2.48 -49.03
C ASP E 143 5.61 -1.29 -48.44
N GLY E 144 5.44 -0.10 -49.03
CA GLY E 144 6.01 1.11 -48.48
C GLY E 144 5.48 1.47 -47.10
N ILE E 145 4.44 0.80 -46.64
CA ILE E 145 3.92 0.98 -45.28
C ILE E 145 4.57 -0.06 -44.38
N ILE E 146 5.24 0.40 -43.32
CA ILE E 146 5.83 -0.52 -42.36
C ILE E 146 4.73 -1.39 -41.77
N LYS E 147 5.02 -2.69 -41.62
CA LYS E 147 4.01 -3.63 -41.16
C LYS E 147 3.40 -3.25 -39.81
N PRO E 148 4.13 -2.68 -38.85
CA PRO E 148 3.46 -2.21 -37.62
C PRO E 148 2.35 -1.20 -37.86
N LEU E 149 2.38 -0.45 -38.96
CA LEU E 149 1.27 0.44 -39.26
C LEU E 149 0.08 -0.32 -39.83
N GLN E 150 0.35 -1.35 -40.65
CA GLN E 150 -0.73 -2.20 -41.15
C GLN E 150 -1.40 -2.96 -40.02
N SER E 151 -0.63 -3.28 -38.97
CA SER E 151 -1.21 -3.85 -37.76
C SER E 151 -2.29 -2.93 -37.20
N ARG E 152 -2.04 -1.63 -37.20
CA ARG E 152 -2.94 -0.64 -36.61
C ARG E 152 -4.02 -0.16 -37.55
N CYS E 153 -3.96 -0.51 -38.83
CA CYS E 153 -4.87 0.03 -39.82
C CYS E 153 -5.68 -1.08 -40.47
N ARG E 154 -6.74 -0.68 -41.18
CA ARG E 154 -7.55 -1.57 -42.00
C ARG E 154 -7.07 -1.44 -43.44
N VAL E 155 -6.50 -2.51 -43.98
CA VAL E 155 -5.93 -2.50 -45.33
C VAL E 155 -7.09 -2.69 -46.32
N ILE E 156 -7.61 -1.58 -46.85
CA ILE E 156 -8.59 -1.62 -47.92
C ILE E 156 -7.86 -1.55 -49.25
N THR E 157 -7.97 -2.61 -50.04
CA THR E 157 -7.42 -2.65 -51.39
C THR E 157 -8.56 -2.58 -52.39
N PHE E 158 -8.48 -1.62 -53.30
CA PHE E 158 -9.53 -1.43 -54.30
C PHE E 158 -9.59 -2.66 -55.21
N GLY E 159 -10.67 -3.43 -55.09
CA GLY E 159 -10.78 -4.66 -55.85
C GLY E 159 -11.01 -4.42 -57.33
N GLN E 160 -10.67 -5.44 -58.10
CA GLN E 160 -10.90 -5.42 -59.54
C GLN E 160 -12.40 -5.29 -59.80
N PRO E 161 -12.86 -4.24 -60.49
CA PRO E 161 -14.30 -4.09 -60.72
C PRO E 161 -14.83 -5.20 -61.61
N THR E 162 -15.93 -5.82 -61.18
CA THR E 162 -16.54 -6.88 -61.96
C THR E 162 -17.12 -6.32 -63.25
N ASP E 163 -17.62 -7.22 -64.10
CA ASP E 163 -18.20 -6.79 -65.38
C ASP E 163 -19.35 -5.81 -65.15
N GLU E 164 -20.21 -6.11 -64.18
CA GLU E 164 -21.30 -5.18 -63.84
C GLU E 164 -20.74 -3.85 -63.36
N ASP E 165 -19.66 -3.88 -62.58
CA ASP E 165 -19.07 -2.65 -62.09
C ASP E 165 -18.51 -1.81 -63.24
N LYS E 166 -17.92 -2.45 -64.23
CA LYS E 166 -17.41 -1.70 -65.38
C LYS E 166 -18.56 -1.08 -66.18
N ILE E 167 -19.65 -1.83 -66.34
CA ILE E 167 -20.78 -1.32 -67.11
C ILE E 167 -21.47 -0.18 -66.35
N GLU E 168 -21.60 -0.32 -65.03
CA GLU E 168 -22.30 0.69 -64.24
C GLU E 168 -21.43 1.91 -63.97
N MET E 169 -20.16 1.71 -63.64
CA MET E 169 -19.29 2.83 -63.31
C MET E 169 -19.04 3.73 -64.51
N MET E 170 -18.91 3.14 -65.70
CA MET E 170 -18.69 3.95 -66.90
C MET E 170 -19.85 4.91 -67.12
N LYS E 171 -21.08 4.40 -67.13
CA LYS E 171 -22.24 5.27 -67.30
C LYS E 171 -22.49 6.16 -66.08
N GLN E 172 -22.03 5.76 -64.89
CA GLN E 172 -22.05 6.67 -63.76
C GLN E 172 -21.05 7.81 -63.98
N MET E 173 -19.89 7.50 -64.55
CA MET E 173 -18.95 8.53 -64.96
C MET E 173 -19.45 9.29 -66.17
N ILE E 174 -20.25 8.64 -67.02
CA ILE E 174 -20.80 9.32 -68.20
C ILE E 174 -21.72 10.45 -67.77
N ARG E 175 -22.74 10.12 -66.96
CA ARG E 175 -23.61 11.14 -66.42
C ARG E 175 -22.85 12.12 -65.52
N ARG E 176 -21.70 11.71 -64.99
CA ARG E 176 -20.84 12.65 -64.28
C ARG E 176 -20.15 13.60 -65.25
N LEU E 177 -19.71 13.08 -66.40
CA LEU E 177 -19.12 13.94 -67.41
C LEU E 177 -20.17 14.82 -68.07
N THR E 178 -21.42 14.35 -68.14
CA THR E 178 -22.49 15.19 -68.63
C THR E 178 -22.70 16.41 -67.73
N GLU E 179 -22.75 16.17 -66.42
CA GLU E 179 -22.98 17.25 -65.47
C GLU E 179 -21.85 18.28 -65.53
N ILE E 180 -20.60 17.82 -65.53
CA ILE E 180 -19.48 18.74 -65.46
C ILE E 180 -19.37 19.56 -66.74
N CYS E 181 -19.55 18.92 -67.91
CA CYS E 181 -19.47 19.66 -69.16
C CYS E 181 -20.60 20.68 -69.27
N LYS E 182 -21.82 20.28 -68.89
CA LYS E 182 -22.93 21.21 -68.89
C LYS E 182 -22.76 22.27 -67.80
N HIS E 183 -22.10 21.94 -66.69
CA HIS E 183 -21.77 22.91 -65.66
C HIS E 183 -20.58 23.78 -66.03
N GLU E 184 -19.67 23.29 -66.88
CA GLU E 184 -18.52 24.07 -67.32
C GLU E 184 -18.79 24.91 -68.55
N GLY E 185 -19.78 24.53 -69.37
CA GLY E 185 -20.04 25.22 -70.61
C GLY E 185 -19.44 24.59 -71.84
N ILE E 186 -18.82 23.41 -71.71
CA ILE E 186 -18.24 22.73 -72.86
C ILE E 186 -19.35 22.16 -73.73
N ALA E 187 -19.21 22.32 -75.05
CA ALA E 187 -20.21 21.83 -75.98
C ALA E 187 -20.05 20.31 -76.15
N ILE E 188 -21.13 19.57 -75.89
CA ILE E 188 -21.06 18.12 -75.94
C ILE E 188 -20.92 17.64 -77.38
N ALA E 189 -21.72 18.18 -78.29
CA ALA E 189 -21.71 17.79 -79.70
C ALA E 189 -21.96 16.29 -79.86
N ASP E 190 -22.93 15.77 -79.10
CA ASP E 190 -23.25 14.36 -79.01
C ASP E 190 -22.10 13.58 -78.38
N MET E 191 -22.42 12.76 -77.37
CA MET E 191 -21.37 12.08 -76.60
C MET E 191 -20.55 11.16 -77.50
N LYS E 192 -21.18 10.11 -78.03
CA LYS E 192 -20.55 9.18 -78.96
C LYS E 192 -19.17 8.72 -78.50
N VAL E 193 -18.17 9.61 -78.63
CA VAL E 193 -16.82 9.29 -78.16
C VAL E 193 -16.64 9.50 -76.67
N VAL E 194 -17.62 10.10 -76.00
CA VAL E 194 -17.50 10.32 -74.56
C VAL E 194 -17.49 9.00 -73.82
N ALA E 195 -18.39 8.08 -74.17
CA ALA E 195 -18.35 6.75 -73.59
C ALA E 195 -17.07 6.02 -73.99
N ALA E 196 -16.56 6.29 -75.20
CA ALA E 196 -15.32 5.67 -75.64
C ALA E 196 -14.11 6.22 -74.89
N LEU E 197 -14.16 7.50 -74.51
CA LEU E 197 -13.07 8.07 -73.71
C LEU E 197 -13.03 7.44 -72.32
N VAL E 198 -14.20 7.32 -71.68
CA VAL E 198 -14.26 6.66 -70.38
C VAL E 198 -13.73 5.24 -70.49
N LYS E 199 -14.14 4.52 -71.53
CA LYS E 199 -13.63 3.17 -71.75
C LYS E 199 -12.15 3.18 -72.15
N LYS E 200 -11.70 4.24 -72.81
CA LYS E 200 -10.30 4.33 -73.22
C LYS E 200 -9.36 4.19 -72.01
N ASN E 201 -9.54 5.05 -71.01
CA ASN E 201 -8.88 4.91 -69.72
C ASN E 201 -9.99 4.60 -68.71
N PHE E 202 -10.38 3.32 -68.63
CA PHE E 202 -11.52 2.97 -67.79
C PHE E 202 -11.24 3.18 -66.31
N PRO E 203 -10.26 2.51 -65.69
CA PRO E 203 -10.10 2.69 -64.24
C PRO E 203 -9.62 4.08 -63.88
N ASP E 204 -8.69 4.63 -64.67
CA ASP E 204 -8.14 5.95 -64.40
C ASP E 204 -9.15 7.04 -64.75
N PHE E 205 -10.01 7.38 -63.78
CA PHE E 205 -10.95 8.48 -63.99
C PHE E 205 -10.28 9.84 -63.88
N ARG E 206 -9.18 9.93 -63.13
CA ARG E 206 -8.48 11.21 -62.99
C ARG E 206 -7.81 11.60 -64.29
N LYS E 207 -7.17 10.64 -64.97
CA LYS E 207 -6.62 10.91 -66.30
C LYS E 207 -7.71 11.13 -67.33
N THR E 208 -8.92 10.64 -67.07
CA THR E 208 -10.05 10.94 -67.96
C THR E 208 -10.52 12.38 -67.80
N ILE E 209 -10.67 12.83 -66.55
CA ILE E 209 -11.01 14.23 -66.31
C ILE E 209 -9.86 15.14 -66.74
N GLY E 210 -8.62 14.71 -66.47
CA GLY E 210 -7.47 15.49 -66.90
C GLY E 210 -7.40 15.67 -68.40
N GLU E 211 -7.98 14.73 -69.16
CA GLU E 211 -8.05 14.88 -70.61
C GLU E 211 -9.24 15.72 -71.06
N LEU E 212 -10.25 15.91 -70.20
CA LEU E 212 -11.25 16.93 -70.46
C LEU E 212 -10.61 18.31 -70.40
N ASP E 213 -9.83 18.57 -69.35
CA ASP E 213 -8.88 19.67 -69.40
C ASP E 213 -7.94 19.46 -70.58
N SER E 214 -7.38 20.57 -71.08
CA SER E 214 -6.68 20.68 -72.36
C SER E 214 -7.70 20.86 -73.48
N TYR E 215 -8.97 20.58 -73.18
CA TYR E 215 -10.07 20.90 -74.07
C TYR E 215 -11.02 21.91 -73.43
N SER E 216 -10.51 22.71 -72.51
CA SER E 216 -11.25 23.84 -71.96
C SER E 216 -11.06 25.09 -72.79
N SER E 217 -9.85 25.32 -73.31
CA SER E 217 -9.64 26.36 -74.29
C SER E 217 -10.50 26.12 -75.52
N LYS E 218 -10.55 24.87 -75.99
CA LYS E 218 -11.54 24.48 -76.97
C LYS E 218 -12.92 24.43 -76.34
N GLY E 219 -13.94 24.63 -77.16
CA GLY E 219 -15.31 24.48 -76.68
C GLY E 219 -15.92 23.13 -76.94
N VAL E 220 -15.24 22.29 -77.71
CA VAL E 220 -15.77 21.00 -78.15
C VAL E 220 -15.46 19.94 -77.10
N LEU E 221 -16.33 18.93 -77.04
CA LEU E 221 -16.10 17.74 -76.25
C LEU E 221 -15.60 16.58 -77.11
N ASP E 222 -15.59 16.73 -78.43
CA ASP E 222 -15.30 15.64 -79.35
C ASP E 222 -14.04 15.95 -80.15
N ALA E 223 -13.16 14.96 -80.26
CA ALA E 223 -11.94 15.00 -81.07
C ALA E 223 -11.23 13.68 -80.88
N GLY E 224 -10.18 13.47 -81.68
CA GLY E 224 -9.36 12.28 -81.53
C GLY E 224 -8.37 12.44 -80.40
N ILE E 225 -8.87 12.35 -79.16
CA ILE E 225 -8.06 12.64 -78.00
C ILE E 225 -6.95 11.61 -77.80
N LEU E 226 -7.01 10.47 -78.50
CA LEU E 226 -5.98 9.45 -78.35
C LEU E 226 -4.79 9.78 -79.24
N SER E 227 -4.69 11.06 -79.54
CA SER E 227 -3.69 11.60 -80.45
C SER E 227 -2.66 12.42 -79.73
N LEU E 228 -3.14 13.38 -78.94
CA LEU E 228 -2.25 14.23 -78.15
C LEU E 228 -1.99 13.61 -76.78
N VAL E 229 -0.73 13.22 -76.55
CA VAL E 229 -0.29 12.59 -75.30
C VAL E 229 -1.27 11.59 -74.68
N THR E 230 -1.72 10.65 -75.48
CA THR E 230 -2.67 9.63 -75.04
C THR E 230 -2.16 8.85 -73.83
N ASN E 231 -1.16 8.03 -74.07
CA ASN E 231 -0.55 7.23 -73.03
C ASN E 231 0.58 8.02 -72.40
N ASP E 232 0.22 9.09 -71.69
CA ASP E 232 1.21 9.92 -71.02
C ASP E 232 1.49 9.39 -69.62
N ARG E 233 1.54 8.07 -69.49
CA ARG E 233 1.80 7.43 -68.21
C ARG E 233 2.93 6.40 -68.28
N GLY E 234 2.66 5.28 -68.93
CA GLY E 234 3.65 4.22 -69.05
C GLY E 234 4.11 3.92 -70.46
N ALA E 235 3.80 4.83 -71.39
CA ALA E 235 4.20 4.64 -72.77
C ALA E 235 4.80 5.85 -73.51
N ILE E 236 4.21 7.03 -73.38
CA ILE E 236 4.76 8.19 -74.07
C ILE E 236 5.78 9.00 -73.26
N ASP E 237 6.41 8.36 -72.26
CA ASP E 237 7.42 9.02 -71.44
C ASP E 237 8.73 8.28 -71.56
N ASP E 238 9.27 8.26 -72.78
CA ASP E 238 10.53 7.61 -73.18
C ASP E 238 10.55 6.10 -72.96
N VAL E 239 9.40 5.48 -72.99
CA VAL E 239 9.36 4.07 -72.75
C VAL E 239 9.68 3.32 -74.05
N LEU E 240 9.48 3.99 -75.17
CA LEU E 240 9.77 3.42 -76.46
C LEU E 240 11.10 3.96 -76.96
N GLU E 241 11.04 5.16 -77.57
CA GLU E 241 12.20 5.83 -78.17
C GLU E 241 13.50 5.70 -77.43
N SER E 242 13.49 6.03 -76.14
CA SER E 242 14.68 6.00 -75.32
C SER E 242 15.12 4.61 -74.92
N LEU E 243 14.23 3.64 -75.03
CA LEU E 243 14.64 2.30 -74.65
C LEU E 243 15.55 1.69 -75.67
N LYS E 244 14.95 1.30 -76.78
CA LYS E 244 15.63 0.64 -77.91
C LYS E 244 17.03 1.10 -78.23
N ASN E 245 17.11 2.30 -78.78
CA ASN E 245 18.36 2.92 -79.23
C ASN E 245 19.49 2.78 -78.23
N LYS E 246 19.23 2.22 -77.05
CA LYS E 246 20.27 1.96 -76.05
C LYS E 246 21.00 3.23 -75.64
N ASP E 247 20.25 4.32 -75.46
CA ASP E 247 20.83 5.60 -75.06
C ASP E 247 21.14 5.54 -73.58
N VAL E 248 22.37 5.12 -73.27
CA VAL E 248 22.77 4.90 -71.88
C VAL E 248 22.65 6.19 -71.07
N LYS E 249 23.03 7.30 -71.70
CA LYS E 249 22.96 8.60 -71.04
C LYS E 249 21.52 8.94 -70.65
N GLN E 250 20.59 8.67 -71.56
CA GLN E 250 19.18 8.94 -71.31
C GLN E 250 18.57 7.87 -70.41
N LEU E 251 19.04 6.64 -70.56
CA LEU E 251 18.55 5.53 -69.77
C LEU E 251 18.78 5.78 -68.28
N ARG E 252 19.94 6.34 -67.96
CA ARG E 252 20.28 6.64 -66.57
C ARG E 252 19.52 7.86 -66.06
N ALA E 253 19.28 8.82 -66.93
CA ALA E 253 18.56 9.99 -66.50
C ALA E 253 17.07 9.71 -66.48
N LEU E 254 16.66 8.56 -67.00
CA LEU E 254 15.24 8.25 -67.01
C LEU E 254 14.86 7.38 -65.84
N ALA E 255 15.83 6.99 -65.04
CA ALA E 255 15.55 6.12 -63.93
C ALA E 255 14.89 6.84 -62.78
N PRO E 256 15.43 8.00 -62.40
CA PRO E 256 14.87 8.68 -61.23
C PRO E 256 13.37 8.96 -61.32
N LYS E 257 12.93 9.41 -62.49
CA LYS E 257 11.55 9.85 -62.59
C LYS E 257 10.57 8.78 -62.32
N TYR E 258 11.02 7.66 -61.83
CA TYR E 258 10.09 6.59 -61.67
C TYR E 258 10.35 5.75 -60.45
N ALA E 259 11.50 5.96 -59.84
CA ALA E 259 11.88 5.22 -58.67
C ALA E 259 10.84 5.37 -57.59
N ALA E 260 9.97 6.36 -57.72
CA ALA E 260 8.94 6.60 -56.72
C ALA E 260 8.10 5.34 -56.50
N ASP E 261 7.39 4.90 -57.54
CA ASP E 261 6.57 3.69 -57.49
C ASP E 261 7.25 2.64 -58.36
N TYR E 262 8.12 1.84 -57.73
CA TYR E 262 8.84 0.80 -58.46
C TYR E 262 7.92 -0.34 -58.88
N SER E 263 6.99 -0.74 -58.00
CA SER E 263 6.20 -1.93 -58.26
C SER E 263 5.29 -1.76 -59.48
N TRP E 264 4.67 -0.61 -59.61
CA TRP E 264 3.78 -0.40 -60.72
C TRP E 264 4.56 -0.46 -61.99
N PHE E 265 5.53 0.44 -62.12
CA PHE E 265 6.38 0.55 -63.28
C PHE E 265 6.88 -0.78 -63.79
N VAL E 266 7.50 -1.56 -62.93
CA VAL E 266 8.01 -2.84 -63.35
C VAL E 266 6.89 -3.69 -63.85
N GLY E 267 5.79 -3.73 -63.11
CA GLY E 267 4.66 -4.52 -63.53
C GLY E 267 4.14 -4.10 -64.90
N LYS E 268 4.05 -2.81 -65.16
CA LYS E 268 3.60 -2.40 -66.47
C LYS E 268 4.71 -2.61 -67.48
N LEU E 269 5.94 -2.72 -67.00
CA LEU E 269 7.05 -2.91 -67.91
C LEU E 269 7.15 -4.32 -68.41
N ALA E 270 6.58 -5.27 -67.68
CA ALA E 270 6.64 -6.65 -68.08
C ALA E 270 5.43 -7.01 -68.90
N GLU E 271 4.45 -6.14 -68.88
CA GLU E 271 3.22 -6.38 -69.61
C GLU E 271 3.32 -5.88 -71.05
N GLU E 272 3.61 -4.60 -71.22
CA GLU E 272 3.63 -4.05 -72.56
C GLU E 272 4.82 -4.50 -73.39
N ILE E 273 5.86 -4.96 -72.74
CA ILE E 273 7.02 -5.37 -73.46
C ILE E 273 6.85 -6.69 -74.18
N TYR E 274 5.96 -7.53 -73.67
CA TYR E 274 5.71 -8.81 -74.29
C TYR E 274 5.24 -8.64 -75.72
N SER E 275 4.88 -7.44 -76.16
CA SER E 275 4.40 -7.35 -77.53
C SER E 275 5.32 -6.56 -78.46
N ARG E 276 6.47 -6.07 -77.97
CA ARG E 276 7.34 -5.26 -78.80
C ARG E 276 8.58 -5.99 -79.30
N VAL E 277 8.94 -7.13 -78.71
CA VAL E 277 10.22 -7.76 -78.95
C VAL E 277 10.02 -9.23 -79.33
N THR E 278 11.11 -9.85 -79.78
CA THR E 278 11.10 -11.21 -80.31
C THR E 278 11.00 -12.24 -79.18
N PRO E 279 10.50 -13.45 -79.49
CA PRO E 279 10.47 -14.51 -78.47
C PRO E 279 11.84 -14.87 -77.91
N GLN E 280 12.91 -14.78 -78.71
CA GLN E 280 14.24 -15.03 -78.16
C GLN E 280 14.56 -14.05 -77.05
N SER E 281 14.03 -12.83 -77.13
CA SER E 281 14.16 -11.84 -76.06
C SER E 281 12.95 -11.82 -75.14
N ILE E 282 11.88 -12.54 -75.49
CA ILE E 282 10.76 -12.69 -74.56
C ILE E 282 11.19 -13.48 -73.34
N ILE E 283 11.78 -14.65 -73.55
CA ILE E 283 12.29 -15.44 -72.44
C ILE E 283 13.46 -14.74 -71.78
N ARG E 284 14.19 -13.92 -72.53
CA ARG E 284 15.36 -13.25 -71.96
C ARG E 284 14.96 -12.08 -71.08
N MET E 285 13.94 -11.32 -71.47
CA MET E 285 13.55 -10.16 -70.68
C MET E 285 12.98 -10.57 -69.32
N TYR E 286 12.32 -11.73 -69.26
CA TYR E 286 11.72 -12.15 -68.00
C TYR E 286 12.78 -12.47 -66.95
N GLU E 287 13.92 -13.00 -67.38
CA GLU E 287 14.98 -13.36 -66.44
C GLU E 287 15.55 -12.12 -65.77
N ILE E 288 15.88 -11.09 -66.55
CA ILE E 288 16.49 -9.89 -65.98
C ILE E 288 15.46 -9.06 -65.22
N VAL E 289 14.25 -8.95 -65.77
CA VAL E 289 13.19 -8.20 -65.07
C VAL E 289 12.74 -8.97 -63.84
N GLY E 290 12.65 -10.29 -63.95
CA GLY E 290 12.29 -11.09 -62.79
C GLY E 290 13.29 -10.97 -61.66
N GLU E 291 14.58 -10.95 -62.00
CA GLU E 291 15.61 -10.87 -60.96
C GLU E 291 15.80 -9.45 -60.43
N ASN E 292 15.50 -8.43 -61.22
CA ASN E 292 15.53 -7.07 -60.68
C ASN E 292 14.37 -6.86 -59.73
N ASN E 293 13.18 -7.30 -60.10
CA ASN E 293 12.03 -7.25 -59.20
C ASN E 293 12.22 -8.18 -58.00
N GLN E 294 12.93 -9.30 -58.20
CA GLN E 294 13.18 -10.25 -57.12
C GLN E 294 14.04 -9.66 -56.02
N TYR E 295 14.84 -8.64 -56.31
CA TYR E 295 15.81 -8.12 -55.35
C TYR E 295 15.54 -6.67 -54.96
N HIS E 296 14.30 -6.18 -55.14
CA HIS E 296 13.97 -4.81 -54.74
C HIS E 296 13.61 -4.80 -53.26
N GLY E 297 14.65 -4.94 -52.44
CA GLY E 297 14.56 -4.86 -51.00
C GLY E 297 15.98 -4.80 -50.48
N ILE E 298 16.79 -5.76 -50.93
CA ILE E 298 18.24 -5.61 -50.87
C ILE E 298 18.66 -4.35 -51.61
N ALA E 299 17.89 -3.96 -52.62
CA ALA E 299 18.10 -2.72 -53.35
C ALA E 299 18.16 -1.54 -52.40
N ALA E 300 19.37 -1.08 -52.07
CA ALA E 300 19.52 0.11 -51.24
C ALA E 300 18.93 1.33 -51.95
N ASN E 301 19.49 1.66 -53.10
CA ASN E 301 18.97 2.76 -53.92
C ASN E 301 18.16 2.16 -55.05
N THR E 302 16.84 2.32 -54.98
CA THR E 302 15.96 1.83 -56.05
C THR E 302 16.31 2.49 -57.38
N GLU E 303 16.79 3.73 -57.35
CA GLU E 303 17.11 4.45 -58.57
C GLU E 303 18.18 3.72 -59.37
N LEU E 304 19.32 3.41 -58.73
CA LEU E 304 20.38 2.67 -59.41
C LEU E 304 19.94 1.25 -59.75
N HIS E 305 18.98 0.70 -59.02
CA HIS E 305 18.44 -0.61 -59.35
C HIS E 305 17.69 -0.56 -60.68
N LEU E 306 16.92 0.51 -60.91
CA LEU E 306 16.30 0.71 -62.21
C LEU E 306 17.37 0.90 -63.29
N ALA E 307 18.41 1.68 -62.98
CA ALA E 307 19.49 1.89 -63.94
C ALA E 307 20.15 0.59 -64.34
N TYR E 308 20.25 -0.36 -63.42
CA TYR E 308 20.81 -1.67 -63.77
C TYR E 308 19.85 -2.48 -64.61
N LEU E 309 18.55 -2.37 -64.34
CA LEU E 309 17.58 -3.04 -65.20
C LEU E 309 17.63 -2.51 -66.61
N PHE E 310 17.75 -1.18 -66.77
CA PHE E 310 17.73 -0.59 -68.11
C PHE E 310 18.97 -0.97 -68.90
N ILE E 311 20.14 -0.96 -68.27
CA ILE E 311 21.37 -1.27 -68.99
C ILE E 311 21.41 -2.74 -69.39
N GLN E 312 20.86 -3.63 -68.55
CA GLN E 312 20.79 -5.05 -68.91
C GLN E 312 19.63 -5.36 -69.83
N LEU E 313 18.59 -4.51 -69.85
CA LEU E 313 17.46 -4.74 -70.74
C LEU E 313 17.75 -4.23 -72.14
N ALA E 314 18.30 -3.02 -72.25
CA ALA E 314 18.54 -2.43 -73.56
C ALA E 314 19.59 -3.21 -74.36
N CYS E 315 20.58 -3.78 -73.69
CA CYS E 315 21.68 -4.47 -74.37
C CYS E 315 21.44 -5.97 -74.50
N GLU E 316 20.21 -6.41 -74.73
CA GLU E 316 19.94 -7.84 -74.87
C GLU E 316 18.60 -8.11 -75.53
N MET E 317 17.85 -7.08 -75.88
CA MET E 317 16.54 -7.23 -76.51
C MET E 317 16.67 -7.02 -78.01
N GLN E 318 16.26 -8.03 -78.79
CA GLN E 318 16.24 -7.92 -80.25
C GLN E 318 14.93 -7.26 -80.66
N TRP E 319 14.92 -5.93 -80.58
CA TRP E 319 13.74 -5.17 -80.96
C TRP E 319 13.42 -5.39 -82.44
N LYS E 320 12.20 -5.83 -82.71
CA LYS E 320 11.79 -6.16 -84.07
C LYS E 320 11.72 -4.92 -84.96
N MET F 1 52.47 59.54 -9.56
CA MET F 1 51.83 60.64 -10.28
C MET F 1 50.33 60.40 -10.44
N LYS F 2 49.57 60.72 -9.40
CA LYS F 2 48.12 60.51 -9.41
C LYS F 2 47.48 61.27 -10.56
N LEU F 3 46.48 60.66 -11.17
CA LEU F 3 45.70 61.30 -12.23
C LEU F 3 44.37 61.79 -11.68
N SER F 4 44.00 63.02 -12.00
CA SER F 4 42.76 63.60 -11.53
C SER F 4 41.60 63.23 -12.46
N LYS F 5 40.40 63.67 -12.11
CA LYS F 5 39.23 63.31 -12.89
C LYS F 5 39.19 64.05 -14.22
N ASP F 6 39.76 65.25 -14.29
CA ASP F 6 39.86 65.96 -15.56
C ASP F 6 40.77 65.21 -16.52
N THR F 7 41.92 64.76 -16.02
CA THR F 7 42.87 64.03 -16.87
C THR F 7 42.28 62.71 -17.35
N THR F 8 41.69 61.94 -16.42
CA THR F 8 41.10 60.66 -16.80
C THR F 8 39.95 60.84 -17.78
N ALA F 9 39.19 61.93 -17.67
CA ALA F 9 38.09 62.17 -18.60
C ALA F 9 38.61 62.48 -20.00
N LEU F 10 39.67 63.29 -20.10
CA LEU F 10 40.27 63.54 -21.41
C LEU F 10 40.95 62.27 -21.94
N LEU F 11 41.59 61.51 -21.06
CA LEU F 11 42.15 60.22 -21.46
C LEU F 11 41.05 59.27 -21.93
N LYS F 12 39.94 59.21 -21.19
CA LYS F 12 38.80 58.43 -21.63
C LYS F 12 38.31 58.88 -23.00
N ASN F 13 38.28 60.20 -23.22
CA ASN F 13 37.89 60.71 -24.53
C ASN F 13 38.92 60.39 -25.60
N PHE F 14 40.20 60.56 -25.27
CA PHE F 14 41.26 60.22 -26.22
C PHE F 14 41.28 58.74 -26.54
N ALA F 15 40.69 57.90 -25.69
CA ALA F 15 40.60 56.48 -26.00
C ALA F 15 39.62 56.21 -27.14
N THR F 16 38.62 57.09 -27.32
CA THR F 16 37.68 56.93 -28.42
C THR F 16 38.32 57.22 -29.77
N ILE F 17 39.58 57.69 -29.78
CA ILE F 17 40.29 57.96 -31.02
C ILE F 17 41.23 56.81 -31.33
N ASN F 18 42.19 56.54 -30.44
CA ASN F 18 43.13 55.45 -30.60
C ASN F 18 42.81 54.35 -29.59
N SER F 19 43.05 53.10 -30.00
CA SER F 19 42.75 51.97 -29.14
C SER F 19 43.60 52.01 -27.87
N GLY F 20 44.75 52.66 -27.92
CA GLY F 20 45.62 52.76 -26.75
C GLY F 20 46.67 53.83 -26.91
N ILE F 21 46.28 55.08 -26.67
CA ILE F 21 47.18 56.22 -26.84
C ILE F 21 48.41 56.07 -25.95
N MET F 22 49.58 55.90 -26.57
CA MET F 22 50.82 55.98 -25.81
C MET F 22 51.08 57.41 -25.40
N LEU F 23 51.61 57.60 -24.20
CA LEU F 23 51.88 58.94 -23.67
C LEU F 23 53.36 59.07 -23.34
N LYS F 24 53.84 60.30 -23.41
CA LYS F 24 55.24 60.61 -23.14
C LYS F 24 55.37 61.46 -21.88
N SER F 25 56.61 61.61 -21.43
CA SER F 25 56.89 62.36 -20.21
C SER F 25 56.57 63.84 -20.40
N GLY F 26 55.90 64.43 -19.40
CA GLY F 26 55.53 65.83 -19.44
C GLY F 26 54.12 66.06 -18.95
N GLN F 27 53.39 66.95 -19.63
CA GLN F 27 51.97 67.16 -19.37
C GLN F 27 51.16 67.24 -20.65
N PHE F 28 51.76 66.86 -21.79
CA PHE F 28 51.11 66.93 -23.08
C PHE F 28 50.73 65.52 -23.53
N ILE F 29 49.49 65.35 -23.98
CA ILE F 29 48.98 64.07 -24.42
C ILE F 29 48.45 64.23 -25.85
N MET F 30 48.62 63.19 -26.65
CA MET F 30 48.25 63.25 -28.07
C MET F 30 48.01 61.84 -28.58
N THR F 31 47.06 61.72 -29.52
CA THR F 31 46.66 60.40 -29.99
C THR F 31 46.29 60.48 -31.47
N ARG F 32 47.17 59.94 -32.32
CA ARG F 32 46.83 59.75 -33.72
C ARG F 32 45.89 58.55 -33.86
N ALA F 33 44.82 58.72 -34.64
CA ALA F 33 43.81 57.68 -34.79
C ALA F 33 44.36 56.54 -35.62
N VAL F 34 44.54 55.37 -34.99
CA VAL F 34 44.96 54.10 -35.56
C VAL F 34 45.59 54.20 -36.94
N ASN F 35 44.80 54.63 -37.93
CA ASN F 35 45.29 54.72 -39.30
C ASN F 35 45.99 56.05 -39.58
N GLY F 36 45.32 57.15 -39.30
CA GLY F 36 45.80 58.46 -39.72
C GLY F 36 44.68 59.22 -40.41
N THR F 37 43.61 59.46 -39.68
CA THR F 37 42.49 60.23 -40.18
C THR F 37 41.87 61.13 -39.12
N THR F 38 42.40 61.14 -37.91
CA THR F 38 41.91 61.96 -36.82
C THR F 38 43.04 62.11 -35.81
N TYR F 39 43.05 63.24 -35.11
CA TYR F 39 44.10 63.55 -34.16
C TYR F 39 43.50 64.28 -32.97
N ALA F 40 44.17 64.18 -31.83
CA ALA F 40 43.76 64.90 -30.64
C ALA F 40 45.01 65.29 -29.85
N GLU F 41 44.95 66.45 -29.20
CA GLU F 41 46.03 66.93 -28.36
C GLU F 41 45.44 67.73 -27.21
N ALA F 42 46.08 67.65 -26.05
CA ALA F 42 45.56 68.33 -24.87
C ALA F 42 46.67 68.49 -23.83
N ASN F 43 46.59 69.60 -23.10
CA ASN F 43 47.33 69.79 -21.87
C ASN F 43 46.40 69.60 -20.69
N ILE F 44 46.90 69.01 -19.61
CA ILE F 44 46.05 68.71 -18.47
C ILE F 44 46.84 68.84 -17.18
N SER F 45 46.18 68.61 -16.03
CA SER F 45 46.69 69.07 -14.75
C SER F 45 47.88 68.23 -14.28
N ASP F 46 47.86 66.94 -14.53
CA ASP F 46 48.78 66.01 -13.88
C ASP F 46 50.07 65.86 -14.68
N VAL F 47 51.18 65.72 -13.95
CA VAL F 47 52.50 65.60 -14.54
C VAL F 47 52.79 64.14 -14.84
N ILE F 48 53.39 63.89 -16.01
CA ILE F 48 53.77 62.55 -16.43
C ILE F 48 55.23 62.34 -16.11
N ASP F 49 55.53 61.25 -15.39
CA ASP F 49 56.90 60.96 -14.98
C ASP F 49 57.68 60.16 -16.00
N PHE F 50 56.99 59.39 -16.84
CA PHE F 50 57.66 58.42 -17.70
C PHE F 50 56.93 58.32 -19.03
N ASP F 51 57.70 58.13 -20.10
CA ASP F 51 57.13 57.89 -21.42
C ASP F 51 56.97 56.39 -21.63
N VAL F 52 55.72 55.94 -21.76
CA VAL F 52 55.42 54.52 -21.96
C VAL F 52 54.47 54.38 -23.14
N ALA F 53 54.39 53.15 -23.65
CA ALA F 53 53.36 52.76 -24.58
C ALA F 53 52.24 52.07 -23.81
N ILE F 54 51.00 52.42 -24.14
CA ILE F 54 49.84 51.76 -23.57
C ILE F 54 49.16 50.98 -24.70
N TYR F 55 48.59 49.83 -24.35
CA TYR F 55 47.94 48.96 -25.32
C TYR F 55 46.43 49.14 -25.33
N ASP F 56 45.78 48.88 -24.20
CA ASP F 56 44.34 49.02 -24.07
C ASP F 56 44.09 50.07 -22.98
N LEU F 57 43.93 51.32 -23.39
CA LEU F 57 43.73 52.39 -22.42
C LEU F 57 42.39 52.29 -21.72
N ASN F 58 41.34 51.92 -22.46
CA ASN F 58 40.00 51.90 -21.88
C ASN F 58 39.93 50.97 -20.68
N GLY F 59 40.50 49.77 -20.80
CA GLY F 59 40.58 48.89 -19.66
C GLY F 59 41.54 49.39 -18.58
N PHE F 60 42.58 50.12 -18.99
CA PHE F 60 43.52 50.67 -18.02
C PHE F 60 42.83 51.67 -17.10
N LEU F 61 42.09 52.62 -17.68
CA LEU F 61 41.31 53.54 -16.86
C LEU F 61 40.22 52.81 -16.10
N GLY F 62 39.64 51.77 -16.71
CA GLY F 62 38.67 50.95 -16.00
C GLY F 62 39.27 50.27 -14.78
N ILE F 63 40.57 49.93 -14.85
CA ILE F 63 41.26 49.42 -13.68
C ILE F 63 41.53 50.56 -12.69
N LEU F 64 41.83 51.75 -13.20
CA LEU F 64 42.04 52.90 -12.34
C LEU F 64 40.78 53.25 -11.55
N SER F 65 39.61 53.06 -12.14
CA SER F 65 38.35 53.36 -11.48
C SER F 65 38.04 52.40 -10.33
N LEU F 66 38.89 51.43 -10.06
CA LEU F 66 38.69 50.48 -8.97
C LEU F 66 39.49 50.83 -7.72
N VAL F 67 40.51 51.67 -7.84
CA VAL F 67 41.30 52.10 -6.69
C VAL F 67 40.90 53.52 -6.31
N ASN F 68 41.54 54.06 -5.27
CA ASN F 68 41.30 55.44 -4.89
C ASN F 68 41.78 56.39 -5.98
N ASP F 69 41.23 57.61 -5.96
CA ASP F 69 41.64 58.63 -6.92
C ASP F 69 43.08 59.03 -6.71
N ASP F 70 43.49 59.18 -5.45
CA ASP F 70 44.88 59.50 -5.12
C ASP F 70 45.76 58.26 -5.05
N ALA F 71 45.62 57.36 -6.02
CA ALA F 71 46.50 56.19 -6.12
C ALA F 71 47.77 56.60 -6.85
N GLU F 72 48.92 56.40 -6.19
CA GLU F 72 50.19 56.82 -6.76
C GLU F 72 50.58 55.89 -7.90
N ILE F 73 50.44 56.37 -9.13
CA ILE F 73 50.78 55.58 -10.31
C ILE F 73 52.27 55.71 -10.57
N SER F 74 53.00 54.60 -10.46
CA SER F 74 54.43 54.56 -10.69
C SER F 74 54.75 53.62 -11.83
N GLN F 75 55.97 53.75 -12.36
CA GLN F 75 56.47 52.79 -13.35
C GLN F 75 57.05 51.60 -12.61
N SER F 76 56.53 50.42 -12.90
CA SER F 76 56.86 49.23 -12.13
C SER F 76 58.35 48.91 -12.20
N GLU F 77 58.82 48.15 -11.20
CA GLU F 77 60.23 47.80 -11.13
C GLU F 77 60.68 47.00 -12.34
N ASP F 78 59.77 46.23 -12.95
CA ASP F 78 60.08 45.47 -14.14
C ASP F 78 59.72 46.22 -15.43
N GLY F 79 59.42 47.51 -15.33
CA GLY F 79 59.18 48.33 -16.51
C GLY F 79 57.74 48.43 -16.95
N ASN F 80 56.79 48.01 -16.12
CA ASN F 80 55.38 48.08 -16.49
C ASN F 80 54.73 49.29 -15.82
N ILE F 81 53.51 49.12 -15.29
CA ILE F 81 52.77 50.21 -14.67
C ILE F 81 52.26 49.75 -13.32
N LYS F 82 52.69 50.42 -12.26
CA LYS F 82 52.26 50.13 -10.89
C LYS F 82 51.24 51.16 -10.47
N ILE F 83 50.11 50.69 -9.94
CA ILE F 83 49.04 51.57 -9.45
C ILE F 83 48.88 51.36 -7.95
N ALA F 84 49.72 52.01 -7.17
CA ALA F 84 49.73 51.80 -5.72
C ALA F 84 48.48 52.38 -5.09
N ASP F 85 47.73 51.54 -4.38
CA ASP F 85 46.53 51.92 -3.66
C ASP F 85 46.84 51.88 -2.16
N ALA F 86 45.81 51.66 -1.33
CA ALA F 86 46.01 51.60 0.11
C ALA F 86 46.66 50.28 0.51
N ARG F 87 45.99 49.17 0.19
CA ARG F 87 46.52 47.84 0.46
C ARG F 87 46.98 47.10 -0.79
N SER F 88 46.41 47.42 -1.95
CA SER F 88 46.66 46.68 -3.19
C SER F 88 47.72 47.37 -4.04
N THR F 89 48.09 46.69 -5.12
CA THR F 89 49.08 47.21 -6.06
C THR F 89 48.81 46.55 -7.41
N ILE F 90 48.17 47.28 -8.31
CA ILE F 90 47.81 46.76 -9.63
C ILE F 90 48.97 46.99 -10.59
N PHE F 91 49.37 45.91 -11.27
CA PHE F 91 50.49 45.92 -12.21
C PHE F 91 49.90 45.85 -13.62
N TRP F 92 49.60 47.02 -14.19
CA TRP F 92 49.10 47.04 -15.56
C TRP F 92 50.26 46.84 -16.53
N PRO F 93 50.16 45.90 -17.46
CA PRO F 93 51.28 45.63 -18.37
C PRO F 93 51.58 46.81 -19.28
N ALA F 94 52.86 47.14 -19.39
CA ALA F 94 53.29 48.12 -20.39
C ALA F 94 53.27 47.48 -21.77
N ALA F 95 52.98 48.30 -22.78
CA ALA F 95 52.78 47.80 -24.13
C ALA F 95 54.08 47.86 -24.93
N ASP F 96 54.13 47.07 -25.99
CA ASP F 96 55.22 47.16 -26.95
C ASP F 96 55.06 48.43 -27.76
N PRO F 97 56.12 49.22 -27.96
CA PRO F 97 55.97 50.48 -28.71
C PRO F 97 55.54 50.28 -30.15
N SER F 98 55.93 49.17 -30.78
CA SER F 98 55.59 48.94 -32.18
C SER F 98 54.18 48.41 -32.39
N THR F 99 53.45 48.11 -31.32
CA THR F 99 52.12 47.55 -31.42
C THR F 99 51.02 48.60 -31.35
N VAL F 100 51.35 49.86 -31.13
CA VAL F 100 50.37 50.94 -31.13
C VAL F 100 50.97 52.14 -31.85
N VAL F 101 50.10 52.98 -32.39
CA VAL F 101 50.49 54.10 -33.23
C VAL F 101 50.19 55.40 -32.49
N ALA F 102 51.22 56.22 -32.33
CA ALA F 102 51.10 57.51 -31.65
C ALA F 102 51.57 58.60 -32.60
N PRO F 103 51.28 59.88 -32.32
CA PRO F 103 51.79 60.95 -33.18
C PRO F 103 53.31 61.00 -33.15
N ASN F 104 53.92 60.83 -34.33
CA ASN F 104 55.37 60.98 -34.44
C ASN F 104 55.79 62.39 -34.09
N LYS F 105 54.91 63.36 -34.32
CA LYS F 105 55.11 64.78 -34.06
C LYS F 105 53.75 65.34 -33.70
N PRO F 106 53.67 66.25 -32.71
CA PRO F 106 52.35 66.73 -32.25
C PRO F 106 51.58 67.57 -33.27
N ILE F 107 51.79 67.30 -34.56
CA ILE F 107 51.19 67.94 -35.72
C ILE F 107 51.13 69.47 -35.59
N PRO F 108 51.94 70.20 -36.34
CA PRO F 108 51.86 71.66 -36.31
C PRO F 108 50.62 72.15 -37.05
N PHE F 109 49.88 73.05 -36.42
CA PHE F 109 48.71 73.64 -37.05
C PHE F 109 49.16 74.63 -38.13
N PRO F 110 48.78 74.43 -39.39
CA PRO F 110 49.16 75.39 -40.43
C PRO F 110 48.42 76.72 -40.25
N VAL F 111 48.74 77.71 -41.08
CA VAL F 111 48.00 78.97 -41.05
C VAL F 111 46.58 78.72 -41.52
N ALA F 112 45.61 79.07 -40.68
CA ALA F 112 44.21 78.76 -40.97
C ALA F 112 43.76 79.41 -42.27
N SER F 113 43.37 78.59 -43.24
CA SER F 113 42.82 79.11 -44.48
C SER F 113 41.45 79.74 -44.28
N ALA F 114 40.79 79.42 -43.18
CA ALA F 114 39.53 80.05 -42.79
C ALA F 114 39.33 79.81 -41.30
N VAL F 115 38.64 80.74 -40.65
CA VAL F 115 38.38 80.67 -39.22
C VAL F 115 36.90 80.90 -38.97
N THR F 116 36.33 80.11 -38.07
CA THR F 116 34.93 80.27 -37.68
C THR F 116 34.74 79.79 -36.24
N GLU F 117 33.55 79.33 -35.92
CA GLU F 117 33.24 78.81 -34.58
C GLU F 117 31.88 78.12 -34.67
N ILE F 118 31.46 77.53 -33.56
CA ILE F 118 30.18 76.83 -33.48
C ILE F 118 29.21 77.61 -32.62
N LYS F 119 29.29 77.41 -31.31
CA LYS F 119 28.42 78.09 -30.35
C LYS F 119 29.02 78.04 -28.95
N ALA F 120 28.19 77.65 -27.99
CA ALA F 120 28.61 77.55 -26.60
C ALA F 120 27.91 76.38 -25.92
N GLU F 121 26.68 76.13 -26.34
CA GLU F 121 25.88 75.03 -25.79
C GLU F 121 25.04 74.38 -26.89
N ASP F 122 25.52 74.47 -28.11
CA ASP F 122 24.82 73.90 -29.25
C ASP F 122 25.41 72.54 -29.66
N LEU F 123 26.66 72.31 -29.28
CA LEU F 123 27.32 71.05 -29.60
C LEU F 123 26.54 69.88 -29.02
N GLN F 124 26.19 69.99 -27.74
CA GLN F 124 25.42 68.94 -27.07
C GLN F 124 24.09 68.74 -27.78
N GLN F 125 23.50 69.84 -28.24
CA GLN F 125 22.23 69.79 -28.94
C GLN F 125 22.40 69.52 -30.44
N LEU F 126 23.60 69.75 -30.97
CA LEU F 126 23.87 69.51 -32.38
C LEU F 126 24.08 68.02 -32.67
N LEU F 127 25.04 67.39 -31.97
CA LEU F 127 25.33 65.99 -32.23
C LEU F 127 24.25 65.07 -31.71
N ARG F 128 23.34 65.58 -30.88
CA ARG F 128 22.23 64.76 -30.38
C ARG F 128 21.30 64.36 -31.51
N VAL F 129 20.77 65.33 -32.25
CA VAL F 129 19.92 65.04 -33.39
C VAL F 129 20.74 64.51 -34.57
N SER F 130 22.02 64.87 -34.64
CA SER F 130 22.87 64.37 -35.72
C SER F 130 22.95 62.85 -35.70
N ARG F 131 23.20 62.27 -34.53
CA ARG F 131 23.15 60.82 -34.40
C ARG F 131 21.72 60.28 -34.44
N GLY F 132 20.73 61.11 -34.09
CA GLY F 132 19.37 60.62 -34.01
C GLY F 132 18.74 60.37 -35.37
N LEU F 133 18.94 61.29 -36.30
CA LEU F 133 18.33 61.20 -37.64
C LEU F 133 19.28 60.62 -38.67
N GLN F 134 20.04 59.59 -38.27
CA GLN F 134 20.93 58.79 -39.13
C GLN F 134 21.58 59.58 -40.27
N ILE F 135 22.54 60.45 -39.96
CA ILE F 135 23.30 61.16 -40.97
C ILE F 135 24.78 60.84 -40.78
N ASP F 136 25.44 60.41 -41.85
CA ASP F 136 26.86 60.11 -41.79
C ASP F 136 27.67 61.36 -42.11
N THR F 137 28.25 61.41 -43.30
CA THR F 137 29.14 62.50 -43.69
C THR F 137 28.45 63.86 -43.53
N ILE F 138 29.21 64.84 -43.05
CA ILE F 138 28.72 66.19 -42.78
C ILE F 138 29.52 67.18 -43.61
N ALA F 139 28.87 68.28 -43.99
CA ALA F 139 29.48 69.32 -44.82
C ALA F 139 29.55 70.64 -44.06
N ILE F 140 30.47 71.48 -44.49
CA ILE F 140 30.65 72.83 -43.94
C ILE F 140 30.79 73.79 -45.12
N THR F 141 29.89 74.77 -45.20
CA THR F 141 29.85 75.64 -46.38
C THR F 141 29.35 77.01 -45.99
N VAL F 142 29.56 77.96 -46.90
CA VAL F 142 29.14 79.35 -46.73
C VAL F 142 27.75 79.52 -47.35
N LYS F 143 26.86 80.22 -46.64
CA LYS F 143 25.51 80.43 -47.11
C LYS F 143 24.95 81.69 -46.44
N GLU F 144 24.43 82.60 -47.26
CA GLU F 144 23.97 83.91 -46.80
C GLU F 144 25.11 84.72 -46.17
N GLY F 145 26.33 84.50 -46.64
CA GLY F 145 27.49 85.16 -46.07
C GLY F 145 28.03 84.42 -44.87
N LYS F 146 27.13 83.87 -44.05
CA LYS F 146 27.53 83.11 -42.89
C LYS F 146 27.91 81.69 -43.29
N ILE F 147 28.86 81.11 -42.55
CA ILE F 147 29.26 79.73 -42.75
C ILE F 147 28.45 78.86 -41.80
N VAL F 148 27.91 77.76 -42.31
CA VAL F 148 27.04 76.88 -41.55
C VAL F 148 27.45 75.44 -41.78
N ILE F 149 26.84 74.54 -41.00
CA ILE F 149 27.10 73.12 -41.08
C ILE F 149 25.81 72.40 -41.40
N ASN F 150 25.88 71.45 -42.34
CA ASN F 150 24.69 70.76 -42.83
C ASN F 150 25.09 69.54 -43.65
N GLY F 151 24.88 68.34 -43.10
CA GLY F 151 25.35 67.12 -43.72
C GLY F 151 24.23 66.27 -44.30
N PHE F 152 24.65 65.14 -44.90
CA PHE F 152 23.75 64.22 -45.56
C PHE F 152 24.06 62.79 -45.14
N ASN F 153 23.01 61.96 -45.08
CA ASN F 153 23.14 60.55 -44.80
C ASN F 153 23.68 59.81 -46.02
N LYS F 154 25.00 59.65 -46.10
CA LYS F 154 25.60 59.08 -47.30
C LYS F 154 25.17 57.65 -47.57
N VAL F 155 24.47 57.00 -46.63
CA VAL F 155 23.92 55.66 -46.84
C VAL F 155 22.90 55.71 -47.97
N GLU F 156 21.70 56.24 -47.67
CA GLU F 156 20.68 56.53 -48.65
C GLU F 156 20.97 57.78 -49.46
N ASP F 157 22.25 58.11 -49.66
CA ASP F 157 22.67 59.31 -50.39
C ASP F 157 24.15 59.21 -50.70
N SER F 158 24.54 58.13 -51.40
CA SER F 158 25.93 57.94 -51.78
C SER F 158 26.45 59.14 -52.55
N ALA F 159 25.65 59.65 -53.47
CA ALA F 159 25.90 60.97 -54.05
C ALA F 159 25.47 62.03 -53.03
N LEU F 160 26.39 62.91 -52.69
CA LEU F 160 26.16 63.87 -51.61
C LEU F 160 25.30 65.02 -52.14
N THR F 161 23.99 64.94 -51.90
CA THR F 161 23.07 65.97 -52.35
C THR F 161 21.73 65.91 -51.61
N ARG F 162 21.73 66.30 -50.34
CA ARG F 162 20.49 66.38 -49.57
C ARG F 162 20.58 67.50 -48.54
N VAL F 163 19.88 67.35 -47.42
CA VAL F 163 19.88 68.33 -46.33
C VAL F 163 19.13 67.74 -45.14
N LYS F 164 19.56 68.07 -43.92
CA LYS F 164 18.93 67.49 -42.74
C LYS F 164 18.80 68.47 -41.58
N TYR F 165 19.85 69.23 -41.27
CA TYR F 165 19.83 70.09 -40.10
C TYR F 165 20.85 71.20 -40.27
N SER F 166 20.39 72.45 -40.23
CA SER F 166 21.23 73.62 -40.38
C SER F 166 21.49 74.26 -39.02
N LEU F 167 22.60 75.02 -38.95
CA LEU F 167 23.00 75.68 -37.70
C LEU F 167 23.65 77.00 -38.05
N THR F 168 22.95 78.10 -37.76
CA THR F 168 23.53 79.43 -37.91
C THR F 168 24.41 79.73 -36.70
N LEU F 169 25.66 80.14 -36.96
CA LEU F 169 26.64 80.32 -35.90
C LEU F 169 27.33 81.68 -35.91
N GLY F 170 27.37 82.37 -37.04
CA GLY F 170 28.05 83.65 -37.14
C GLY F 170 28.49 83.91 -38.56
N ASP F 171 28.78 85.17 -38.84
CA ASP F 171 29.15 85.58 -40.18
C ASP F 171 30.65 85.39 -40.42
N TYR F 172 31.00 85.22 -41.69
CA TYR F 172 32.35 84.88 -42.12
C TYR F 172 32.99 86.12 -42.75
N ASP F 173 33.96 86.71 -42.05
CA ASP F 173 34.58 87.94 -42.53
C ASP F 173 35.34 87.76 -43.83
N GLY F 174 35.73 86.53 -44.16
CA GLY F 174 36.48 86.29 -45.38
C GLY F 174 35.64 86.54 -46.62
N GLU F 175 36.32 86.51 -47.77
CA GLU F 175 35.72 86.84 -49.06
C GLU F 175 36.02 85.75 -50.08
N ASN F 176 35.73 84.50 -49.70
CA ASN F 176 35.92 83.35 -50.57
C ASN F 176 35.09 82.20 -50.04
N THR F 177 34.58 81.38 -50.95
CA THR F 177 33.60 80.34 -50.62
C THR F 177 34.13 78.96 -50.96
N PHE F 178 33.78 77.98 -50.12
CA PHE F 178 34.29 76.61 -50.25
C PHE F 178 33.21 75.65 -49.72
N ASN F 179 33.59 74.38 -49.61
CA ASN F 179 32.74 73.36 -48.99
C ASN F 179 33.52 72.07 -48.72
N PHE F 180 33.82 71.80 -47.45
CA PHE F 180 34.52 70.59 -47.04
C PHE F 180 33.54 69.57 -46.48
N ILE F 181 33.86 68.29 -46.64
CA ILE F 181 32.90 67.21 -46.38
C ILE F 181 33.51 66.13 -45.49
N ILE F 182 33.59 66.39 -44.19
CA ILE F 182 34.28 65.47 -43.28
C ILE F 182 33.39 64.27 -42.96
N ASN F 183 34.02 63.12 -42.76
CA ASN F 183 33.32 61.92 -42.36
C ASN F 183 32.91 62.01 -40.90
N MET F 184 31.69 61.57 -40.59
CA MET F 184 31.18 61.67 -39.22
C MET F 184 32.01 60.83 -38.27
N ALA F 185 32.53 59.70 -38.75
CA ALA F 185 33.18 58.71 -37.89
C ALA F 185 34.50 59.25 -37.37
N ASN F 186 34.77 60.54 -37.58
CA ASN F 186 36.04 61.14 -37.16
C ASN F 186 35.91 62.14 -36.02
N MET F 187 34.69 62.60 -35.68
CA MET F 187 34.51 63.64 -34.70
C MET F 187 33.97 63.06 -33.40
N LYS F 188 34.53 63.51 -32.27
CA LYS F 188 34.16 62.94 -30.97
C LYS F 188 34.72 63.90 -29.90
N MET F 189 33.94 64.92 -29.57
CA MET F 189 34.36 66.01 -28.70
C MET F 189 33.74 65.86 -27.32
N GLN F 190 34.43 66.44 -26.32
CA GLN F 190 33.93 66.60 -24.97
C GLN F 190 32.94 67.76 -24.96
N PRO F 191 32.31 68.01 -23.80
CA PRO F 191 31.32 69.10 -23.67
C PRO F 191 31.95 70.47 -23.85
N GLY F 192 31.14 71.43 -24.31
CA GLY F 192 31.61 72.79 -24.51
C GLY F 192 32.16 73.03 -25.91
N ASN F 193 31.55 73.97 -26.63
CA ASN F 193 31.99 74.29 -27.98
C ASN F 193 33.37 74.96 -27.98
N TYR F 194 34.12 74.73 -29.06
CA TYR F 194 35.45 75.31 -29.18
C TYR F 194 35.57 76.18 -30.42
N LYS F 195 36.80 76.39 -30.86
CA LYS F 195 37.09 77.21 -32.04
C LYS F 195 37.38 76.31 -33.23
N LEU F 196 36.73 76.59 -34.36
CA LEU F 196 36.87 75.79 -35.56
C LEU F 196 37.79 76.53 -36.54
N LEU F 197 38.90 75.90 -36.90
CA LEU F 197 39.92 76.51 -37.75
C LEU F 197 40.15 75.62 -38.95
N LEU F 198 39.90 76.15 -40.14
CA LEU F 198 39.91 75.40 -41.38
C LEU F 198 41.24 75.55 -42.11
N TRP F 199 41.54 74.57 -42.95
CA TRP F 199 42.75 74.57 -43.75
C TRP F 199 42.54 73.71 -44.99
N ALA F 200 43.20 74.08 -46.07
CA ALA F 200 43.06 73.36 -47.33
C ALA F 200 44.25 73.67 -48.23
N LYS F 201 44.75 72.65 -48.90
CA LYS F 201 45.80 72.81 -49.91
C LYS F 201 45.38 72.01 -51.13
N GLY F 202 46.34 71.74 -52.03
CA GLY F 202 46.08 71.05 -53.28
C GLY F 202 45.28 69.77 -53.17
N LYS F 203 45.96 68.66 -52.88
CA LYS F 203 45.29 67.38 -52.65
C LYS F 203 45.36 66.98 -51.18
N GLN F 204 45.27 67.98 -50.30
CA GLN F 204 45.20 67.77 -48.87
C GLN F 204 43.95 68.46 -48.35
N GLY F 205 43.98 68.88 -47.09
CA GLY F 205 42.85 69.62 -46.54
C GLY F 205 42.36 69.09 -45.22
N ALA F 206 43.03 69.46 -44.14
CA ALA F 206 42.60 69.09 -42.81
C ALA F 206 41.48 69.99 -42.33
N ALA F 207 41.26 70.02 -41.02
CA ALA F 207 40.26 70.85 -40.35
C ALA F 207 40.33 70.53 -38.87
N LYS F 208 40.56 71.53 -38.02
CA LYS F 208 40.84 71.21 -36.63
C LYS F 208 40.15 72.18 -35.69
N PHE F 209 40.34 71.92 -34.40
CA PHE F 209 39.73 72.65 -33.30
C PHE F 209 40.81 73.23 -32.39
N GLU F 210 40.38 74.15 -31.53
CA GLU F 210 41.15 74.60 -30.39
C GLU F 210 40.18 74.74 -29.22
N GLY F 211 40.57 74.24 -28.05
CA GLY F 211 39.62 74.07 -26.98
C GLY F 211 40.16 74.47 -25.62
N GLU F 212 39.22 74.68 -24.71
CA GLU F 212 39.54 74.87 -23.30
C GLU F 212 40.26 73.67 -22.70
N HIS F 213 40.10 72.50 -23.32
CA HIS F 213 40.74 71.28 -22.86
C HIS F 213 41.60 70.61 -23.92
N ALA F 214 41.13 70.54 -25.17
CA ALA F 214 41.83 69.77 -26.19
C ALA F 214 41.60 70.39 -27.56
N ASN F 215 42.47 70.02 -28.50
CA ASN F 215 42.38 70.40 -29.90
C ASN F 215 42.18 69.14 -30.73
N TYR F 216 41.24 69.17 -31.67
CA TYR F 216 40.83 67.99 -32.43
C TYR F 216 40.99 68.23 -33.93
N VAL F 217 41.61 67.29 -34.62
CA VAL F 217 41.89 67.38 -36.06
C VAL F 217 41.10 66.29 -36.79
N VAL F 218 40.73 66.56 -38.03
CA VAL F 218 40.09 65.56 -38.89
C VAL F 218 40.85 65.47 -40.21
N ALA F 219 40.23 64.87 -41.23
CA ALA F 219 40.94 64.46 -42.43
C ALA F 219 40.32 65.07 -43.69
N LEU F 220 41.02 64.89 -44.81
CA LEU F 220 40.58 65.28 -46.13
C LEU F 220 39.77 64.16 -46.78
N GLU F 221 39.16 64.49 -47.94
CA GLU F 221 38.28 63.53 -48.59
C GLU F 221 38.42 63.54 -50.11
N ALA F 222 39.61 63.89 -50.63
CA ALA F 222 39.89 63.85 -52.06
C ALA F 222 38.87 64.64 -52.87
N ASP F 223 37.64 64.12 -52.97
CA ASP F 223 36.57 64.79 -53.71
C ASP F 223 35.92 65.93 -52.94
N SER F 224 36.71 66.74 -52.25
CA SER F 224 36.22 67.92 -51.54
C SER F 224 36.50 69.16 -52.37
N THR F 225 35.48 70.02 -52.51
CA THR F 225 35.64 71.25 -53.28
C THR F 225 36.46 72.25 -52.47
N HIS F 226 37.65 72.58 -52.97
CA HIS F 226 38.52 73.55 -52.32
C HIS F 226 38.55 74.85 -53.12
N ASP F 227 38.65 75.96 -52.40
CA ASP F 227 38.84 77.27 -53.01
C ASP F 227 40.24 77.81 -52.82
N PHE F 228 40.96 77.36 -51.81
CA PHE F 228 42.32 77.80 -51.56
C PHE F 228 43.31 76.98 -52.38
N MET G 1 8.69 27.80 8.79
CA MET G 1 9.39 27.02 7.78
C MET G 1 9.54 27.86 6.51
N LYS G 2 9.11 29.12 6.60
CA LYS G 2 9.39 30.07 5.54
C LYS G 2 10.88 30.38 5.50
N LEU G 3 11.37 30.76 4.32
CA LEU G 3 12.79 31.01 4.12
C LEU G 3 13.03 32.51 3.94
N SER G 4 13.79 33.09 4.87
CA SER G 4 14.11 34.51 4.79
C SER G 4 15.02 34.78 3.58
N LYS G 5 15.00 36.02 3.10
CA LYS G 5 15.67 36.35 1.86
C LYS G 5 17.19 36.37 1.98
N ASP G 6 17.73 36.42 3.20
CA ASP G 6 19.17 36.26 3.36
C ASP G 6 19.57 34.78 3.34
N THR G 7 18.71 33.91 3.87
CA THR G 7 18.96 32.48 3.81
C THR G 7 18.93 31.98 2.37
N THR G 8 17.92 32.40 1.61
CA THR G 8 17.85 32.01 0.20
C THR G 8 19.00 32.61 -0.60
N ALA G 9 19.40 33.83 -0.26
CA ALA G 9 20.56 34.44 -0.89
C ALA G 9 21.80 33.57 -0.65
N LEU G 10 21.92 33.01 0.55
CA LEU G 10 23.00 32.06 0.80
C LEU G 10 22.78 30.76 0.04
N LEU G 11 21.52 30.36 -0.16
CA LEU G 11 21.23 29.14 -0.91
C LEU G 11 21.58 29.31 -2.38
N LYS G 12 21.22 30.45 -2.98
CA LYS G 12 21.57 30.70 -4.38
C LYS G 12 23.08 30.78 -4.56
N ASN G 13 23.82 31.07 -3.49
CA ASN G 13 25.28 30.98 -3.56
C ASN G 13 25.74 29.53 -3.55
N PHE G 14 25.16 28.71 -2.66
CA PHE G 14 25.52 27.30 -2.61
C PHE G 14 25.22 26.59 -3.93
N ALA G 15 24.22 27.06 -4.66
CA ALA G 15 23.91 26.47 -5.96
C ALA G 15 25.02 26.69 -6.99
N THR G 16 25.86 27.72 -6.78
CA THR G 16 27.01 27.90 -7.65
C THR G 16 28.05 26.80 -7.43
N ILE G 17 28.16 26.30 -6.19
CA ILE G 17 29.12 25.25 -5.89
C ILE G 17 28.65 23.92 -6.45
N ASN G 18 27.39 23.56 -6.18
CA ASN G 18 26.81 22.30 -6.63
C ASN G 18 25.43 22.59 -7.17
N SER G 19 25.13 22.05 -8.36
CA SER G 19 23.82 22.27 -8.97
C SER G 19 22.68 21.72 -8.12
N GLY G 20 22.99 20.83 -7.17
CA GLY G 20 22.01 20.36 -6.21
C GLY G 20 22.51 20.55 -4.80
N ILE G 21 21.71 20.05 -3.85
CA ILE G 21 22.06 20.13 -2.43
C ILE G 21 21.23 19.09 -1.69
N MET G 22 21.82 18.53 -0.63
CA MET G 22 21.14 17.62 0.29
C MET G 22 21.13 18.30 1.66
N LEU G 23 19.95 18.74 2.09
CA LEU G 23 19.79 19.45 3.35
C LEU G 23 18.87 18.67 4.27
N LYS G 24 19.37 18.35 5.46
CA LYS G 24 18.61 17.63 6.46
C LYS G 24 17.91 18.62 7.39
N SER G 25 17.11 18.10 8.32
CA SER G 25 16.44 18.95 9.30
C SER G 25 17.46 19.62 10.20
N GLY G 26 17.12 20.82 10.67
CA GLY G 26 17.97 21.60 11.55
C GLY G 26 18.26 22.96 10.96
N GLN G 27 19.20 23.66 11.57
CA GLN G 27 19.63 24.98 11.12
C GLN G 27 20.92 24.95 10.32
N PHE G 28 21.56 23.78 10.20
CA PHE G 28 22.83 23.64 9.53
C PHE G 28 22.63 23.12 8.11
N ILE G 29 23.32 23.75 7.16
CA ILE G 29 23.29 23.34 5.76
C ILE G 29 24.73 23.23 5.27
N MET G 30 24.90 22.46 4.19
CA MET G 30 26.22 22.30 3.59
C MET G 30 26.08 21.71 2.19
N THR G 31 27.15 21.85 1.43
CA THR G 31 27.26 21.27 0.09
C THR G 31 28.73 21.21 -0.30
N ARG G 32 29.02 20.36 -1.26
CA ARG G 32 30.36 20.27 -1.84
C ARG G 32 30.23 20.07 -3.33
N ALA G 33 31.07 20.76 -4.09
CA ALA G 33 31.09 20.58 -5.54
C ALA G 33 31.36 19.13 -5.89
N VAL G 34 30.76 18.68 -7.00
CA VAL G 34 30.95 17.30 -7.44
C VAL G 34 32.42 17.01 -7.67
N ASN G 35 33.14 17.95 -8.29
CA ASN G 35 34.55 17.75 -8.57
C ASN G 35 35.43 18.07 -7.36
N GLY G 36 34.91 17.81 -6.15
CA GLY G 36 35.64 18.01 -4.91
C GLY G 36 36.41 19.31 -4.84
N THR G 37 35.89 20.34 -5.48
CA THR G 37 36.62 21.58 -5.70
C THR G 37 36.35 22.61 -4.61
N THR G 38 35.11 22.69 -4.12
CA THR G 38 34.76 23.62 -3.06
C THR G 38 33.78 22.96 -2.11
N TYR G 39 33.80 23.41 -0.86
CA TYR G 39 32.90 22.90 0.16
C TYR G 39 32.46 24.05 1.05
N ALA G 40 31.16 24.22 1.20
CA ALA G 40 30.58 25.29 2.00
C ALA G 40 29.68 24.71 3.08
N GLU G 41 29.81 25.25 4.29
CA GLU G 41 28.96 24.90 5.41
C GLU G 41 28.48 26.17 6.09
N ALA G 42 27.24 26.13 6.58
CA ALA G 42 26.65 27.33 7.17
C ALA G 42 25.43 26.98 7.99
N ASN G 43 25.34 27.58 9.18
CA ASN G 43 24.10 27.65 9.94
C ASN G 43 23.41 28.98 9.62
N ILE G 44 22.08 28.95 9.60
CA ILE G 44 21.29 30.05 9.08
C ILE G 44 20.15 30.37 10.04
N SER G 45 19.37 31.39 9.67
CA SER G 45 18.37 31.97 10.57
C SER G 45 17.06 31.18 10.56
N ASP G 46 16.72 30.55 9.46
CA ASP G 46 15.52 29.74 9.39
C ASP G 46 15.81 28.31 9.88
N VAL G 47 14.75 27.55 10.12
CA VAL G 47 14.86 26.19 10.65
C VAL G 47 14.22 25.24 9.66
N ILE G 48 14.98 24.25 9.21
CA ILE G 48 14.46 23.18 8.38
C ILE G 48 13.95 22.07 9.29
N ASP G 49 12.73 21.60 9.04
CA ASP G 49 12.11 20.60 9.88
C ASP G 49 12.13 19.19 9.29
N PHE G 50 12.52 19.04 8.02
CA PHE G 50 12.45 17.75 7.36
C PHE G 50 13.62 17.60 6.39
N ASP G 51 14.14 16.38 6.30
CA ASP G 51 15.19 16.08 5.33
C ASP G 51 14.60 16.10 3.92
N VAL G 52 15.31 16.74 3.01
CA VAL G 52 14.90 16.77 1.60
C VAL G 52 16.13 16.97 0.74
N ALA G 53 16.14 16.33 -0.43
CA ALA G 53 17.21 16.46 -1.41
C ALA G 53 16.63 17.06 -2.68
N ILE G 54 17.27 18.12 -3.17
CA ILE G 54 16.77 18.89 -4.29
C ILE G 54 17.73 18.70 -5.47
N TYR G 55 17.21 18.11 -6.55
CA TYR G 55 18.06 17.78 -7.70
C TYR G 55 18.49 19.02 -8.46
N ASP G 56 17.67 20.08 -8.46
CA ASP G 56 17.96 21.32 -9.16
C ASP G 56 17.69 22.47 -8.20
N LEU G 57 18.68 22.77 -7.35
CA LEU G 57 18.51 23.86 -6.39
C LEU G 57 18.40 25.20 -7.10
N ASN G 58 19.09 25.39 -8.21
CA ASN G 58 19.01 26.65 -8.95
C ASN G 58 17.58 26.92 -9.39
N GLY G 59 16.93 25.94 -10.00
CA GLY G 59 15.55 26.12 -10.43
C GLY G 59 14.57 26.19 -9.28
N PHE G 60 14.91 25.58 -8.15
CA PHE G 60 14.04 25.64 -6.98
C PHE G 60 13.88 27.06 -6.48
N LEU G 61 15.01 27.76 -6.26
CA LEU G 61 14.96 29.12 -5.78
C LEU G 61 14.43 30.07 -6.85
N GLY G 62 14.80 29.84 -8.11
CA GLY G 62 14.24 30.63 -9.19
C GLY G 62 12.74 30.53 -9.29
N ILE G 63 12.18 29.38 -8.90
CA ILE G 63 10.73 29.25 -8.79
C ILE G 63 10.25 29.85 -7.49
N LEU G 64 11.01 29.70 -6.40
CA LEU G 64 10.65 30.31 -5.13
C LEU G 64 10.68 31.83 -5.17
N SER G 65 11.26 32.43 -6.21
CA SER G 65 11.18 33.87 -6.41
C SER G 65 9.89 34.28 -7.11
N LEU G 66 8.93 33.38 -7.24
CA LEU G 66 7.66 33.67 -7.89
C LEU G 66 6.47 33.67 -6.94
N VAL G 67 6.66 33.24 -5.70
CA VAL G 67 5.61 33.32 -4.68
C VAL G 67 6.03 34.37 -3.65
N ASN G 68 5.05 34.84 -2.89
CA ASN G 68 5.31 35.85 -1.88
C ASN G 68 6.22 35.30 -0.79
N ASP G 69 6.96 36.20 -0.13
CA ASP G 69 7.97 35.78 0.84
C ASP G 69 7.35 35.10 2.06
N ASP G 70 6.08 35.38 2.35
CA ASP G 70 5.39 34.71 3.45
C ASP G 70 5.06 33.25 3.13
N ALA G 71 5.54 32.75 2.00
CA ALA G 71 5.20 31.40 1.56
C ALA G 71 5.61 30.37 2.60
N GLU G 72 4.66 29.54 3.02
CA GLU G 72 4.92 28.48 3.97
C GLU G 72 5.37 27.23 3.23
N ILE G 73 6.61 26.83 3.47
CA ILE G 73 7.18 25.63 2.88
C ILE G 73 6.94 24.47 3.84
N SER G 74 6.79 23.27 3.29
CA SER G 74 6.53 22.09 4.11
C SER G 74 6.75 20.84 3.27
N GLN G 75 6.74 19.70 3.95
CA GLN G 75 6.75 18.40 3.31
C GLN G 75 5.29 17.97 3.12
N SER G 76 4.82 18.01 1.88
CA SER G 76 3.46 17.61 1.59
C SER G 76 3.30 16.10 1.74
N GLU G 77 2.04 15.68 1.94
CA GLU G 77 1.72 14.26 1.80
C GLU G 77 2.12 13.77 0.42
N ASP G 78 1.85 14.57 -0.61
CA ASP G 78 2.55 14.49 -1.87
C ASP G 78 4.03 14.68 -1.56
N GLY G 79 4.70 13.59 -1.18
CA GLY G 79 5.96 13.59 -0.45
C GLY G 79 7.07 14.55 -0.83
N ASN G 80 6.75 15.58 -1.61
CA ASN G 80 7.75 16.51 -2.12
C ASN G 80 7.86 17.76 -1.24
N ILE G 81 8.00 18.92 -1.87
CA ILE G 81 8.15 20.19 -1.18
C ILE G 81 6.95 21.06 -1.53
N LYS G 82 6.17 21.41 -0.52
CA LYS G 82 4.95 22.20 -0.71
C LYS G 82 5.27 23.67 -0.48
N ILE G 83 4.98 24.50 -1.48
CA ILE G 83 5.16 25.94 -1.35
C ILE G 83 3.78 26.60 -1.29
N ALA G 84 3.25 26.74 -0.08
CA ALA G 84 1.94 27.36 0.09
C ALA G 84 2.08 28.88 0.00
N ASP G 85 1.31 29.49 -0.88
CA ASP G 85 1.25 30.93 -1.04
C ASP G 85 -0.12 31.42 -0.55
N ALA G 86 -0.42 32.69 -0.84
CA ALA G 86 -1.73 33.22 -0.49
C ALA G 86 -2.83 32.54 -1.29
N ARG G 87 -2.60 32.31 -2.56
CA ARG G 87 -3.58 31.68 -3.44
C ARG G 87 -3.02 30.47 -4.16
N SER G 88 -1.75 30.49 -4.54
CA SER G 88 -1.15 29.42 -5.32
C SER G 88 -0.39 28.46 -4.42
N THR G 89 -0.04 27.31 -4.99
CA THR G 89 0.75 26.30 -4.31
C THR G 89 1.66 25.64 -5.33
N ILE G 90 2.94 25.47 -4.96
CA ILE G 90 3.94 24.86 -5.83
C ILE G 90 4.40 23.56 -5.19
N PHE G 91 4.28 22.46 -5.93
CA PHE G 91 4.71 21.14 -5.48
C PHE G 91 6.02 20.82 -6.17
N TRP G 92 7.13 21.24 -5.56
CA TRP G 92 8.45 21.00 -6.13
C TRP G 92 8.91 19.60 -5.78
N PRO G 93 9.22 18.74 -6.76
CA PRO G 93 9.50 17.33 -6.46
C PRO G 93 10.77 17.17 -5.65
N ALA G 94 10.64 16.50 -4.50
CA ALA G 94 11.81 16.06 -3.76
C ALA G 94 12.56 15.02 -4.58
N ALA G 95 13.89 15.04 -4.49
CA ALA G 95 14.73 14.16 -5.28
C ALA G 95 15.29 13.04 -4.43
N ASP G 96 15.55 11.91 -5.07
CA ASP G 96 16.23 10.79 -4.43
C ASP G 96 17.59 11.28 -3.94
N PRO G 97 17.86 11.21 -2.63
CA PRO G 97 19.14 11.75 -2.12
C PRO G 97 20.38 11.10 -2.71
N SER G 98 20.25 9.91 -3.30
CA SER G 98 21.41 9.24 -3.89
C SER G 98 21.92 9.95 -5.13
N THR G 99 21.10 10.82 -5.75
CA THR G 99 21.48 11.53 -6.95
C THR G 99 22.09 12.90 -6.66
N VAL G 100 22.30 13.25 -5.41
CA VAL G 100 22.85 14.55 -5.02
C VAL G 100 24.16 14.31 -4.30
N VAL G 101 25.27 14.63 -4.97
CA VAL G 101 26.59 14.54 -4.35
C VAL G 101 26.67 15.62 -3.27
N ALA G 102 26.74 15.18 -2.01
CA ALA G 102 26.76 16.08 -0.87
C ALA G 102 27.69 15.52 0.19
N PRO G 103 28.32 16.37 1.00
CA PRO G 103 29.18 15.89 2.08
C PRO G 103 28.39 15.11 3.11
N ASN G 104 28.67 13.81 3.24
CA ASN G 104 27.93 12.99 4.20
C ASN G 104 28.17 13.45 5.64
N LYS G 105 29.23 14.22 5.88
CA LYS G 105 29.50 14.77 7.20
C LYS G 105 30.33 16.03 7.02
N PRO G 106 30.18 17.01 7.91
CA PRO G 106 30.92 18.28 7.75
C PRO G 106 32.42 18.05 7.86
N ILE G 107 33.16 18.65 6.94
CA ILE G 107 34.61 18.51 6.86
C ILE G 107 35.26 19.21 8.06
N PRO G 108 35.84 18.45 9.01
CA PRO G 108 36.52 19.09 10.13
C PRO G 108 37.89 19.60 9.72
N PHE G 109 38.01 20.90 9.50
CA PHE G 109 39.22 21.46 8.92
C PHE G 109 40.37 21.34 9.91
N PRO G 110 41.55 20.88 9.47
CA PRO G 110 42.65 20.65 10.40
C PRO G 110 43.21 21.95 10.99
N VAL G 111 44.19 21.81 11.89
CA VAL G 111 44.84 22.98 12.46
C VAL G 111 45.54 23.75 11.37
N ALA G 112 45.27 25.06 11.31
CA ALA G 112 45.73 25.88 10.20
C ALA G 112 47.25 26.00 10.20
N SER G 113 47.86 25.79 9.04
CA SER G 113 49.30 25.99 8.91
C SER G 113 49.65 27.48 8.90
N ALA G 114 48.73 28.33 8.48
CA ALA G 114 48.92 29.77 8.48
C ALA G 114 47.56 30.43 8.59
N VAL G 115 47.48 31.50 9.37
CA VAL G 115 46.23 32.20 9.64
C VAL G 115 46.38 33.65 9.20
N THR G 116 45.49 34.10 8.32
CA THR G 116 45.34 35.52 8.00
C THR G 116 43.86 35.86 8.05
N GLU G 117 43.47 37.04 7.55
CA GLU G 117 42.11 37.53 7.79
C GLU G 117 41.74 38.54 6.69
N ILE G 118 41.15 38.02 5.62
CA ILE G 118 40.72 38.88 4.52
C ILE G 118 39.55 39.75 4.98
N LYS G 119 39.52 40.98 4.49
CA LYS G 119 38.39 41.88 4.73
C LYS G 119 37.40 41.78 3.57
N ALA G 120 36.14 42.10 3.86
CA ALA G 120 35.09 41.95 2.86
C ALA G 120 35.32 42.87 1.67
N GLU G 121 35.66 44.14 1.92
CA GLU G 121 35.92 45.06 0.82
C GLU G 121 37.23 44.76 0.12
N ASP G 122 38.21 44.19 0.84
CA ASP G 122 39.42 43.70 0.18
C ASP G 122 39.10 42.57 -0.77
N LEU G 123 38.23 41.65 -0.35
CA LEU G 123 37.78 40.59 -1.24
C LEU G 123 36.98 41.16 -2.41
N GLN G 124 36.17 42.18 -2.15
CA GLN G 124 35.37 42.79 -3.21
C GLN G 124 36.26 43.37 -4.29
N GLN G 125 37.24 44.18 -3.91
CA GLN G 125 38.17 44.74 -4.88
C GLN G 125 38.94 43.66 -5.63
N LEU G 126 39.23 42.54 -4.95
CA LEU G 126 39.97 41.47 -5.61
C LEU G 126 39.15 40.86 -6.76
N LEU G 127 37.83 40.77 -6.60
CA LEU G 127 36.99 40.25 -7.67
C LEU G 127 36.85 41.26 -8.80
N ARG G 128 36.77 42.55 -8.46
CA ARG G 128 36.62 43.59 -9.48
C ARG G 128 37.86 43.67 -10.37
N VAL G 129 39.05 43.60 -9.77
CA VAL G 129 40.28 43.68 -10.55
C VAL G 129 40.48 42.42 -11.39
N SER G 130 40.03 41.27 -10.90
CA SER G 130 40.16 40.03 -11.67
C SER G 130 39.32 40.08 -12.93
N ARG G 131 38.09 40.59 -12.83
CA ARG G 131 37.24 40.72 -14.01
C ARG G 131 37.77 41.77 -14.98
N GLY G 132 38.69 42.63 -14.54
CA GLY G 132 39.25 43.65 -15.40
C GLY G 132 40.59 43.26 -15.99
N LEU G 133 41.38 42.49 -15.24
CA LEU G 133 42.70 42.05 -15.68
C LEU G 133 42.73 40.59 -16.11
N GLN G 134 41.56 39.96 -16.27
CA GLN G 134 41.45 38.56 -16.66
C GLN G 134 42.27 37.67 -15.72
N ILE G 135 42.15 37.92 -14.43
CA ILE G 135 42.90 37.17 -13.42
C ILE G 135 42.13 35.89 -13.11
N ASP G 136 42.73 34.75 -13.42
CA ASP G 136 42.07 33.45 -13.27
C ASP G 136 42.56 32.62 -12.10
N THR G 137 43.82 32.75 -11.72
CA THR G 137 44.35 32.04 -10.56
C THR G 137 45.17 33.01 -9.71
N ILE G 138 45.05 32.87 -8.39
CA ILE G 138 45.77 33.73 -7.46
C ILE G 138 46.62 32.86 -6.56
N ALA G 139 47.63 33.48 -5.97
CA ALA G 139 48.55 32.81 -5.05
C ALA G 139 48.68 33.63 -3.78
N ILE G 140 48.59 32.97 -2.63
CA ILE G 140 48.79 33.60 -1.33
C ILE G 140 50.14 33.13 -0.81
N THR G 141 51.03 34.09 -0.54
CA THR G 141 52.41 33.77 -0.18
C THR G 141 52.95 34.88 0.73
N VAL G 142 54.25 34.86 0.96
CA VAL G 142 54.91 35.79 1.87
C VAL G 142 55.71 36.79 1.03
N LYS G 143 55.60 38.07 1.38
CA LYS G 143 56.28 39.15 0.68
C LYS G 143 56.77 40.15 1.72
N GLU G 144 58.09 40.15 1.96
CA GLU G 144 58.72 41.07 2.91
C GLU G 144 58.13 40.92 4.31
N GLY G 145 57.84 39.67 4.69
CA GLY G 145 57.33 39.36 6.01
C GLY G 145 55.83 39.48 6.18
N LYS G 146 55.09 39.74 5.10
CA LYS G 146 53.64 39.90 5.18
C LYS G 146 52.95 38.93 4.24
N ILE G 147 51.79 38.44 4.67
CA ILE G 147 50.97 37.55 3.85
C ILE G 147 50.23 38.39 2.82
N VAL G 148 50.44 38.08 1.54
CA VAL G 148 49.82 38.81 0.44
C VAL G 148 49.17 37.83 -0.52
N ILE G 149 48.29 38.35 -1.37
CA ILE G 149 47.67 37.59 -2.45
C ILE G 149 48.11 38.20 -3.77
N ASN G 150 48.49 37.35 -4.72
CA ASN G 150 48.97 37.81 -6.02
C ASN G 150 48.23 37.04 -7.10
N GLY G 151 47.57 37.77 -7.99
CA GLY G 151 46.84 37.17 -9.11
C GLY G 151 47.65 37.20 -10.39
N PHE G 152 47.37 36.22 -11.25
CA PHE G 152 48.04 36.08 -12.54
C PHE G 152 46.99 35.91 -13.63
N ASN G 153 47.47 35.77 -14.87
CA ASN G 153 46.63 35.38 -16.00
C ASN G 153 47.21 34.10 -16.57
N LYS G 154 46.87 32.97 -15.93
CA LYS G 154 47.46 31.68 -16.27
C LYS G 154 47.38 31.39 -17.76
N VAL G 155 46.43 32.02 -18.45
CA VAL G 155 46.35 31.87 -19.90
C VAL G 155 47.58 32.46 -20.57
N GLU G 156 47.87 33.73 -20.28
CA GLU G 156 49.06 34.39 -20.80
C GLU G 156 50.30 34.14 -19.93
N ASP G 157 50.11 33.88 -18.64
CA ASP G 157 51.24 33.72 -17.74
C ASP G 157 51.82 32.31 -17.78
N SER G 158 50.97 31.29 -17.99
CA SER G 158 51.42 29.90 -18.08
C SER G 158 52.25 29.49 -16.88
N ALA G 159 53.54 29.85 -16.88
CA ALA G 159 54.45 29.52 -15.79
C ALA G 159 54.11 30.26 -14.50
N LEU G 160 53.19 31.23 -14.54
CA LEU G 160 52.84 32.05 -13.39
C LEU G 160 54.07 32.83 -12.91
N THR G 161 54.56 33.72 -13.78
CA THR G 161 55.75 34.52 -13.51
C THR G 161 55.45 36.00 -13.36
N ARG G 162 54.58 36.56 -14.19
CA ARG G 162 54.30 38.00 -14.19
C ARG G 162 53.18 38.30 -13.20
N VAL G 163 53.52 38.97 -12.09
CA VAL G 163 52.53 39.33 -11.09
C VAL G 163 51.61 40.40 -11.65
N LYS G 164 50.32 40.31 -11.32
CA LYS G 164 49.32 41.23 -11.83
C LYS G 164 48.52 41.91 -10.73
N TYR G 165 48.83 41.64 -9.46
CA TYR G 165 48.10 42.19 -8.33
C TYR G 165 48.84 41.82 -7.05
N SER G 166 48.59 42.56 -5.98
CA SER G 166 49.21 42.26 -4.70
C SER G 166 48.38 42.90 -3.58
N LEU G 167 47.42 42.15 -3.06
CA LEU G 167 46.65 42.58 -1.90
C LEU G 167 47.44 42.23 -0.65
N THR G 168 48.17 43.21 -0.12
CA THR G 168 48.91 42.99 1.12
C THR G 168 47.93 42.86 2.27
N LEU G 169 47.95 41.69 2.93
CA LEU G 169 46.88 41.30 3.83
C LEU G 169 47.40 41.48 5.27
N GLY G 170 47.81 40.43 5.95
CA GLY G 170 48.33 40.53 7.30
C GLY G 170 49.84 40.43 7.34
N ASP G 171 50.36 40.22 8.54
CA ASP G 171 51.78 39.97 8.76
C ASP G 171 51.98 38.53 9.20
N TYR G 172 53.14 37.98 8.88
CA TYR G 172 53.46 36.59 9.16
C TYR G 172 54.52 36.52 10.24
N ASP G 173 54.19 35.90 11.37
CA ASP G 173 55.09 35.78 12.50
C ASP G 173 55.85 34.45 12.52
N GLY G 174 55.53 33.53 11.61
CA GLY G 174 56.23 32.26 11.54
C GLY G 174 57.48 32.35 10.68
N GLU G 175 58.06 31.18 10.42
CA GLU G 175 59.29 31.07 9.64
C GLU G 175 59.12 30.29 8.35
N ASN G 176 57.94 29.74 8.09
CA ASN G 176 57.72 28.93 6.90
C ASN G 176 57.52 29.81 5.67
N THR G 177 57.83 29.23 4.50
CA THR G 177 57.63 29.89 3.21
C THR G 177 56.70 29.02 2.37
N PHE G 178 55.55 29.57 2.00
CA PHE G 178 54.54 28.84 1.25
C PHE G 178 54.09 29.65 0.05
N ASN G 179 53.58 28.95 -0.96
CA ASN G 179 53.04 29.56 -2.18
C ASN G 179 51.79 28.78 -2.56
N PHE G 180 50.69 29.07 -1.89
CA PHE G 180 49.42 28.38 -2.12
C PHE G 180 48.67 29.05 -3.27
N ILE G 181 48.29 28.27 -4.27
CA ILE G 181 47.59 28.75 -5.46
C ILE G 181 46.14 28.31 -5.37
N ILE G 182 45.22 29.25 -5.57
CA ILE G 182 43.79 28.98 -5.61
C ILE G 182 43.27 29.42 -6.99
N ASN G 183 42.34 28.64 -7.52
CA ASN G 183 41.69 28.99 -8.78
C ASN G 183 40.49 29.89 -8.50
N MET G 184 40.42 31.02 -9.20
CA MET G 184 39.35 31.99 -8.97
C MET G 184 37.97 31.38 -9.21
N ALA G 185 37.87 30.40 -10.10
CA ALA G 185 36.61 29.72 -10.33
C ALA G 185 36.09 29.04 -9.06
N ASN G 186 36.99 28.74 -8.11
CA ASN G 186 36.62 28.10 -6.86
C ASN G 186 36.46 29.10 -5.72
N MET G 187 36.29 30.38 -6.05
CA MET G 187 36.03 31.41 -5.04
C MET G 187 34.53 31.65 -4.89
N LYS G 188 33.79 30.58 -4.65
CA LYS G 188 32.32 30.60 -4.68
C LYS G 188 31.70 31.19 -3.40
N MET G 189 32.49 31.79 -2.53
CA MET G 189 31.94 32.38 -1.32
C MET G 189 31.30 33.72 -1.62
N GLN G 190 30.24 34.03 -0.88
CA GLN G 190 29.62 35.33 -0.99
C GLN G 190 30.46 36.37 -0.25
N PRO G 191 30.40 37.64 -0.67
CA PRO G 191 31.21 38.66 -0.02
C PRO G 191 30.90 38.78 1.46
N GLY G 192 31.94 39.02 2.26
CA GLY G 192 31.82 39.05 3.70
C GLY G 192 33.16 38.77 4.35
N ASN G 193 33.39 39.37 5.53
CA ASN G 193 34.68 39.21 6.18
C ASN G 193 34.93 37.74 6.55
N TYR G 194 36.12 37.26 6.24
CA TYR G 194 36.48 35.86 6.43
C TYR G 194 37.83 35.75 7.10
N LYS G 195 37.92 34.86 8.09
CA LYS G 195 39.18 34.46 8.68
C LYS G 195 39.76 33.32 7.86
N LEU G 196 40.89 33.57 7.20
CA LEU G 196 41.44 32.63 6.23
C LEU G 196 42.40 31.67 6.93
N LEU G 197 42.06 30.39 6.93
CA LEU G 197 42.89 29.33 7.47
C LEU G 197 43.52 28.55 6.33
N LEU G 198 44.85 28.39 6.38
CA LEU G 198 45.59 27.65 5.37
C LEU G 198 46.18 26.39 5.99
N TRP G 199 46.14 25.29 5.22
CA TRP G 199 46.74 24.04 5.64
C TRP G 199 47.32 23.33 4.43
N ALA G 200 48.44 22.64 4.63
CA ALA G 200 49.10 21.90 3.57
C ALA G 200 50.12 20.95 4.18
N LYS G 201 50.04 19.67 3.82
CA LYS G 201 50.98 18.66 4.28
C LYS G 201 51.41 17.83 3.09
N GLY G 202 52.69 17.91 2.74
CA GLY G 202 53.23 17.16 1.62
C GLY G 202 52.65 17.60 0.28
N LYS G 203 51.92 16.70 -0.38
CA LYS G 203 51.26 17.00 -1.63
C LYS G 203 49.76 17.24 -1.46
N GLN G 204 49.32 17.55 -0.25
CA GLN G 204 47.94 17.84 0.06
C GLN G 204 47.79 19.32 0.43
N GLY G 205 46.55 19.76 0.53
CA GLY G 205 46.29 21.14 0.90
C GLY G 205 44.88 21.63 0.69
N ALA G 206 44.46 22.60 1.49
CA ALA G 206 43.15 23.21 1.37
C ALA G 206 43.17 24.53 2.14
N ALA G 207 42.25 25.41 1.75
CA ALA G 207 42.07 26.70 2.40
C ALA G 207 40.65 26.82 2.93
N LYS G 208 40.50 27.38 4.12
CA LYS G 208 39.22 27.54 4.77
C LYS G 208 38.95 29.02 5.06
N PHE G 209 37.70 29.43 4.85
CA PHE G 209 37.27 30.81 5.08
C PHE G 209 36.18 30.80 6.15
N GLU G 210 36.54 31.19 7.37
CA GLU G 210 35.58 31.24 8.47
C GLU G 210 34.81 32.56 8.40
N GLY G 211 33.48 32.47 8.30
CA GLY G 211 32.63 33.63 8.16
C GLY G 211 31.76 33.88 9.38
N GLU G 212 31.05 35.00 9.31
CA GLU G 212 30.12 35.37 10.38
C GLU G 212 28.89 34.47 10.43
N HIS G 213 28.76 33.54 9.49
CA HIS G 213 27.68 32.55 9.51
C HIS G 213 27.95 31.42 8.52
N ALA G 214 28.77 31.69 7.50
CA ALA G 214 29.03 30.72 6.43
C ALA G 214 30.53 30.50 6.30
N ASN G 215 30.92 29.23 6.23
CA ASN G 215 32.31 28.84 6.06
C ASN G 215 32.50 28.17 4.70
N TYR G 216 33.71 28.29 4.15
CA TYR G 216 34.00 27.80 2.81
C TYR G 216 35.38 27.15 2.78
N VAL G 217 35.42 25.91 2.31
CA VAL G 217 36.67 25.18 2.09
C VAL G 217 36.90 25.11 0.60
N VAL G 218 37.88 25.87 0.10
CA VAL G 218 38.23 25.88 -1.32
C VAL G 218 39.57 25.18 -1.49
N ALA G 219 39.72 24.46 -2.58
CA ALA G 219 40.88 23.61 -2.78
C ALA G 219 42.06 24.39 -3.34
N LEU G 220 43.26 23.97 -2.95
CA LEU G 220 44.48 24.54 -3.47
C LEU G 220 44.83 23.90 -4.82
N GLU G 221 45.81 24.49 -5.50
CA GLU G 221 46.13 24.09 -6.86
C GLU G 221 47.33 23.16 -6.89
N ALA G 222 47.42 22.38 -7.98
CA ALA G 222 48.44 21.35 -8.10
C ALA G 222 49.85 21.90 -7.87
N ASP G 223 50.07 23.15 -8.28
CA ASP G 223 51.40 23.75 -8.22
C ASP G 223 51.68 24.47 -6.91
N SER G 224 50.81 24.30 -5.90
CA SER G 224 51.04 24.93 -4.60
C SER G 224 52.32 24.39 -3.98
N THR G 225 53.28 25.28 -3.73
CA THR G 225 54.55 24.92 -3.13
C THR G 225 54.60 25.44 -1.70
N HIS G 226 55.04 24.60 -0.78
CA HIS G 226 55.12 24.95 0.63
C HIS G 226 56.29 24.20 1.25
N ASP G 227 56.68 24.64 2.45
CA ASP G 227 57.71 23.95 3.24
C ASP G 227 57.17 23.50 4.59
N PHE G 228 55.88 23.18 4.64
CA PHE G 228 55.27 22.62 5.84
C PHE G 228 55.43 21.11 5.88
N MET H 1 -6.10 53.11 -43.58
CA MET H 1 -5.93 52.41 -42.33
C MET H 1 -4.59 52.74 -41.67
N LYS H 2 -4.64 53.06 -40.38
CA LYS H 2 -3.46 53.32 -39.59
C LYS H 2 -3.35 52.27 -38.49
N LEU H 3 -2.13 51.78 -38.27
CA LEU H 3 -1.87 50.72 -37.31
C LEU H 3 -1.16 51.31 -36.10
N SER H 4 -1.84 51.30 -34.95
CA SER H 4 -1.30 51.90 -33.74
C SER H 4 -0.44 50.88 -33.00
N LYS H 5 -0.05 51.22 -31.77
CA LYS H 5 0.83 50.35 -31.00
C LYS H 5 0.05 49.20 -30.37
N ASP H 6 -1.15 49.48 -29.86
CA ASP H 6 -1.97 48.42 -29.26
C ASP H 6 -2.46 47.43 -30.30
N THR H 7 -2.68 47.88 -31.54
CA THR H 7 -3.20 46.99 -32.57
C THR H 7 -2.09 46.15 -33.17
N THR H 8 -0.91 46.73 -33.41
CA THR H 8 0.21 45.95 -33.91
C THR H 8 0.65 44.91 -32.88
N ALA H 9 0.57 45.25 -31.60
CA ALA H 9 0.87 44.28 -30.56
C ALA H 9 -0.13 43.13 -30.58
N LEU H 10 -1.40 43.43 -30.85
CA LEU H 10 -2.39 42.36 -31.02
C LEU H 10 -2.07 41.51 -32.23
N LEU H 11 -1.69 42.14 -33.35
CA LEU H 11 -1.30 41.38 -34.52
C LEU H 11 -0.04 40.56 -34.25
N LYS H 12 0.86 41.09 -33.41
CA LYS H 12 2.02 40.32 -33.00
C LYS H 12 1.60 39.12 -32.16
N ASN H 13 0.45 39.21 -31.48
CA ASN H 13 -0.09 38.07 -30.74
C ASN H 13 -0.81 37.11 -31.67
N PHE H 14 -1.66 37.64 -32.56
CA PHE H 14 -2.38 36.79 -33.51
C PHE H 14 -1.45 36.09 -34.48
N ALA H 15 -0.24 36.63 -34.71
CA ALA H 15 0.73 35.94 -35.55
C ALA H 15 1.17 34.62 -34.95
N THR H 16 1.16 34.53 -33.62
CA THR H 16 1.59 33.30 -32.96
C THR H 16 0.61 32.15 -33.20
N ILE H 17 -0.67 32.48 -33.41
CA ILE H 17 -1.67 31.44 -33.63
C ILE H 17 -1.66 31.00 -35.09
N ASN H 18 -1.55 31.94 -36.02
CA ASN H 18 -1.53 31.65 -37.44
C ASN H 18 -0.44 32.50 -38.09
N SER H 19 0.36 31.88 -38.95
CA SER H 19 1.48 32.60 -39.57
C SER H 19 1.01 33.84 -40.32
N GLY H 20 -0.25 33.89 -40.73
CA GLY H 20 -0.83 35.08 -41.30
C GLY H 20 -2.22 35.34 -40.77
N ILE H 21 -2.94 36.29 -41.37
CA ILE H 21 -4.30 36.60 -40.95
C ILE H 21 -5.07 37.15 -42.14
N MET H 22 -6.36 36.84 -42.18
CA MET H 22 -7.30 37.44 -43.12
C MET H 22 -8.19 38.41 -42.34
N LEU H 23 -8.28 39.65 -42.82
CA LEU H 23 -9.08 40.67 -42.16
C LEU H 23 -9.89 41.42 -43.21
N LYS H 24 -11.21 41.46 -43.01
CA LYS H 24 -12.12 42.16 -43.89
C LYS H 24 -12.54 43.49 -43.27
N SER H 25 -13.19 44.33 -44.09
CA SER H 25 -13.52 45.69 -43.72
C SER H 25 -14.26 45.75 -42.39
N GLY H 26 -13.81 46.64 -41.52
CA GLY H 26 -14.42 46.85 -40.22
C GLY H 26 -13.34 47.04 -39.17
N GLN H 27 -13.71 46.80 -37.91
CA GLN H 27 -12.77 46.86 -36.80
C GLN H 27 -12.65 45.53 -36.08
N PHE H 28 -13.14 44.45 -36.69
CA PHE H 28 -13.12 43.12 -36.09
C PHE H 28 -12.07 42.28 -36.79
N ILE H 29 -11.06 41.84 -36.04
CA ILE H 29 -10.02 40.96 -36.56
C ILE H 29 -10.14 39.62 -35.86
N MET H 30 -9.82 38.55 -36.58
CA MET H 30 -9.98 37.20 -36.06
C MET H 30 -9.06 36.26 -36.81
N THR H 31 -8.49 35.30 -36.08
CA THR H 31 -7.65 34.26 -36.66
C THR H 31 -7.85 32.97 -35.89
N ARG H 32 -7.66 31.86 -36.59
CA ARG H 32 -7.77 30.54 -35.99
C ARG H 32 -6.48 29.76 -36.26
N ALA H 33 -6.24 28.76 -35.41
CA ALA H 33 -5.10 27.89 -35.61
C ALA H 33 -5.30 27.01 -36.84
N VAL H 34 -4.19 26.68 -37.50
CA VAL H 34 -4.26 25.86 -38.72
C VAL H 34 -4.95 24.54 -38.43
N ASN H 35 -4.59 23.90 -37.31
CA ASN H 35 -5.21 22.64 -36.93
C ASN H 35 -6.60 22.83 -36.33
N GLY H 36 -6.94 24.05 -35.92
CA GLY H 36 -8.24 24.31 -35.35
C GLY H 36 -8.31 24.01 -33.87
N THR H 37 -7.45 24.65 -33.09
CA THR H 37 -7.39 24.43 -31.65
C THR H 37 -7.49 25.72 -30.86
N THR H 38 -7.07 26.84 -31.44
CA THR H 38 -7.08 28.14 -30.76
C THR H 38 -7.68 29.17 -31.70
N TYR H 39 -8.80 29.75 -31.29
CA TYR H 39 -9.45 30.83 -32.03
C TYR H 39 -9.36 32.12 -31.24
N ALA H 40 -8.91 33.18 -31.89
CA ALA H 40 -8.78 34.49 -31.28
C ALA H 40 -9.56 35.51 -32.08
N GLU H 41 -10.20 36.44 -31.36
CA GLU H 41 -10.94 37.53 -31.97
C GLU H 41 -10.64 38.81 -31.21
N ALA H 42 -10.85 39.94 -31.88
CA ALA H 42 -10.52 41.23 -31.25
C ALA H 42 -11.22 42.34 -32.00
N ASN H 43 -12.05 43.11 -31.29
CA ASN H 43 -12.50 44.41 -31.77
C ASN H 43 -11.50 45.45 -31.30
N ILE H 44 -11.10 46.34 -32.22
CA ILE H 44 -9.98 47.24 -31.98
C ILE H 44 -10.45 48.68 -32.19
N SER H 45 -9.56 49.62 -31.85
CA SER H 45 -9.83 51.04 -32.02
C SER H 45 -9.43 51.55 -33.40
N ASP H 46 -8.42 50.94 -34.02
CA ASP H 46 -8.02 51.32 -35.37
C ASP H 46 -8.94 50.66 -36.38
N VAL H 47 -9.46 51.45 -37.32
CA VAL H 47 -10.38 50.96 -38.33
C VAL H 47 -9.59 50.72 -39.62
N ILE H 48 -9.78 49.55 -40.21
CA ILE H 48 -9.16 49.22 -41.49
C ILE H 48 -10.20 49.38 -42.59
N ASP H 49 -9.73 49.72 -43.79
CA ASP H 49 -10.60 50.13 -44.88
C ASP H 49 -10.99 48.97 -45.79
N PHE H 50 -10.00 48.39 -46.49
CA PHE H 50 -10.26 47.33 -47.44
C PHE H 50 -10.12 45.95 -46.78
N ASP H 51 -10.29 44.91 -47.58
CA ASP H 51 -10.07 43.53 -47.16
C ASP H 51 -8.72 43.08 -47.67
N VAL H 52 -7.94 42.44 -46.80
CA VAL H 52 -6.58 42.05 -47.16
C VAL H 52 -6.23 40.74 -46.46
N ALA H 53 -5.38 39.94 -47.10
CA ALA H 53 -4.83 38.72 -46.51
C ALA H 53 -3.32 38.82 -46.50
N ILE H 54 -2.71 38.62 -45.34
CA ILE H 54 -1.27 38.65 -45.18
C ILE H 54 -0.80 37.24 -44.87
N TYR H 55 0.08 36.71 -45.72
CA TYR H 55 0.61 35.37 -45.49
C TYR H 55 1.74 35.39 -44.46
N ASP H 56 2.62 36.37 -44.54
CA ASP H 56 3.76 36.49 -43.63
C ASP H 56 3.50 37.63 -42.66
N LEU H 57 2.60 37.38 -41.70
CA LEU H 57 2.25 38.41 -40.72
C LEU H 57 3.44 38.76 -39.86
N ASN H 58 4.28 37.79 -39.51
CA ASN H 58 5.49 38.06 -38.75
C ASN H 58 6.40 39.01 -39.51
N GLY H 59 6.69 38.69 -40.78
CA GLY H 59 7.53 39.55 -41.59
C GLY H 59 6.86 40.87 -41.93
N PHE H 60 5.52 40.89 -41.94
CA PHE H 60 4.81 42.13 -42.21
C PHE H 60 4.99 43.12 -41.07
N LEU H 61 4.94 42.63 -39.82
CA LEU H 61 5.13 43.52 -38.68
C LEU H 61 6.58 43.94 -38.53
N GLY H 62 7.52 43.09 -38.97
CA GLY H 62 8.92 43.47 -38.92
C GLY H 62 9.26 44.58 -39.89
N ILE H 63 8.71 44.51 -41.10
CA ILE H 63 8.95 45.58 -42.07
C ILE H 63 8.26 46.86 -41.63
N LEU H 64 7.10 46.76 -40.98
CA LEU H 64 6.42 47.93 -40.46
C LEU H 64 7.17 48.58 -39.30
N SER H 65 8.11 47.86 -38.68
CA SER H 65 8.83 48.37 -37.52
C SER H 65 9.95 49.33 -37.90
N LEU H 66 10.00 49.80 -39.14
CA LEU H 66 10.91 50.86 -39.53
C LEU H 66 10.21 52.16 -39.90
N VAL H 67 8.92 52.10 -40.21
CA VAL H 67 8.16 53.28 -40.61
C VAL H 67 7.66 54.00 -39.36
N ASN H 68 7.61 55.34 -39.43
CA ASN H 68 7.10 56.12 -38.32
C ASN H 68 5.64 55.78 -38.03
N ASP H 69 5.15 56.28 -36.89
CA ASP H 69 3.78 56.00 -36.48
C ASP H 69 2.75 56.55 -37.45
N ASP H 70 3.12 57.55 -38.25
CA ASP H 70 2.23 58.07 -39.28
C ASP H 70 2.00 57.08 -40.42
N ALA H 71 2.52 55.86 -40.30
CA ALA H 71 2.49 54.83 -41.34
C ALA H 71 1.16 54.77 -42.08
N GLU H 72 1.16 55.20 -43.34
CA GLU H 72 -0.02 55.11 -44.21
C GLU H 72 0.01 53.75 -44.90
N ILE H 73 -0.88 52.85 -44.49
CA ILE H 73 -1.04 51.55 -45.12
C ILE H 73 -2.18 51.68 -46.12
N SER H 74 -1.84 51.66 -47.41
CA SER H 74 -2.81 51.80 -48.47
C SER H 74 -2.74 50.62 -49.42
N GLN H 75 -3.81 50.44 -50.20
CA GLN H 75 -3.80 49.45 -51.27
C GLN H 75 -3.13 50.04 -52.50
N SER H 76 -2.33 49.22 -53.17
CA SER H 76 -1.74 49.63 -54.43
C SER H 76 -2.78 49.57 -55.54
N GLU H 77 -2.62 50.46 -56.53
CA GLU H 77 -3.59 50.52 -57.62
C GLU H 77 -3.70 49.18 -58.35
N ASP H 78 -2.65 48.36 -58.31
CA ASP H 78 -2.73 47.00 -58.81
C ASP H 78 -3.28 46.03 -57.75
N GLY H 79 -2.95 46.24 -56.48
CA GLY H 79 -3.52 45.42 -55.43
C GLY H 79 -2.69 45.29 -54.16
N ASN H 80 -1.39 45.50 -54.26
CA ASN H 80 -0.49 45.28 -53.13
C ASN H 80 -0.72 46.34 -52.05
N ILE H 81 0.10 46.26 -50.99
CA ILE H 81 -0.01 47.14 -49.85
C ILE H 81 1.25 47.99 -49.77
N LYS H 82 1.12 49.28 -50.06
CA LYS H 82 2.22 50.23 -49.96
C LYS H 82 2.21 50.87 -48.57
N ILE H 83 3.41 51.08 -48.02
CA ILE H 83 3.57 51.68 -46.70
C ILE H 83 4.27 53.02 -46.88
N ALA H 84 3.52 54.10 -46.70
CA ALA H 84 4.04 55.45 -46.89
C ALA H 84 4.59 55.97 -45.56
N ASP H 85 5.87 56.34 -45.56
CA ASP H 85 6.55 56.89 -44.39
C ASP H 85 6.62 58.40 -44.51
N ALA H 86 7.16 59.05 -43.48
CA ALA H 86 7.43 60.48 -43.56
C ALA H 86 8.34 60.80 -44.74
N ARG H 87 9.22 59.88 -45.11
CA ARG H 87 10.09 60.05 -46.27
C ARG H 87 10.01 58.84 -47.19
N SER H 88 10.46 57.68 -46.72
CA SER H 88 10.61 56.50 -47.55
C SER H 88 9.24 55.93 -47.91
N THR H 89 9.27 54.85 -48.71
CA THR H 89 8.07 54.15 -49.13
C THR H 89 8.43 52.70 -49.44
N ILE H 90 7.67 51.76 -48.87
CA ILE H 90 7.93 50.34 -49.07
C ILE H 90 6.75 49.73 -49.82
N PHE H 91 7.03 48.62 -50.51
CA PHE H 91 6.02 47.85 -51.21
C PHE H 91 6.03 46.43 -50.67
N TRP H 92 4.88 45.98 -50.17
CA TRP H 92 4.73 44.62 -49.68
C TRP H 92 3.72 43.87 -50.54
N PRO H 93 4.02 42.61 -50.92
CA PRO H 93 3.09 41.85 -51.75
C PRO H 93 2.01 41.17 -50.90
N ALA H 94 0.75 41.44 -51.24
CA ALA H 94 -0.36 40.78 -50.57
C ALA H 94 -0.60 39.39 -51.14
N ALA H 95 -1.26 38.56 -50.35
CA ALA H 95 -1.51 37.17 -50.70
C ALA H 95 -3.01 36.91 -50.83
N ASP H 96 -3.34 35.79 -51.45
CA ASP H 96 -4.72 35.41 -51.66
C ASP H 96 -5.37 35.00 -50.34
N PRO H 97 -6.65 35.34 -50.13
CA PRO H 97 -7.31 34.98 -48.86
C PRO H 97 -7.40 33.48 -48.61
N SER H 98 -7.28 32.64 -49.64
CA SER H 98 -7.29 31.20 -49.42
C SER H 98 -5.94 30.65 -49.03
N THR H 99 -4.86 31.43 -49.18
CA THR H 99 -3.56 31.01 -48.68
C THR H 99 -3.52 31.04 -47.16
N VAL H 100 -4.14 32.05 -46.55
CA VAL H 100 -4.21 32.17 -45.10
C VAL H 100 -5.47 31.45 -44.63
N VAL H 101 -5.30 30.41 -43.83
CA VAL H 101 -6.44 29.71 -43.24
C VAL H 101 -7.16 30.67 -42.32
N ALA H 102 -8.36 31.07 -42.70
CA ALA H 102 -9.10 32.06 -41.94
C ALA H 102 -10.15 31.39 -41.06
N PRO H 103 -10.45 31.98 -39.90
CA PRO H 103 -11.53 31.43 -39.07
C PRO H 103 -12.87 31.44 -39.78
N ASN H 104 -13.25 32.57 -40.38
CA ASN H 104 -14.40 32.66 -41.30
C ASN H 104 -15.74 32.46 -40.60
N LYS H 105 -15.76 31.74 -39.48
CA LYS H 105 -17.00 31.31 -38.83
C LYS H 105 -17.00 31.79 -37.38
N PRO H 106 -17.29 33.06 -37.14
CA PRO H 106 -17.32 33.57 -35.75
C PRO H 106 -18.64 33.29 -35.05
N ILE H 107 -19.02 32.02 -34.99
CA ILE H 107 -20.24 31.61 -34.28
C ILE H 107 -20.07 31.93 -32.80
N PRO H 108 -21.04 32.55 -32.15
CA PRO H 108 -20.86 32.97 -30.76
C PRO H 108 -20.70 31.79 -29.81
N PHE H 109 -19.98 32.03 -28.72
CA PHE H 109 -19.87 31.04 -27.67
C PHE H 109 -21.27 30.71 -27.13
N PRO H 110 -21.49 29.47 -26.69
CA PRO H 110 -22.82 29.09 -26.20
C PRO H 110 -23.11 29.67 -24.83
N VAL H 111 -23.71 28.87 -23.96
CA VAL H 111 -23.91 29.26 -22.58
C VAL H 111 -22.70 28.81 -21.77
N ALA H 112 -22.22 29.68 -20.88
CA ALA H 112 -21.08 29.36 -20.04
C ALA H 112 -21.48 28.28 -19.04
N SER H 113 -20.90 27.09 -19.18
CA SER H 113 -21.19 26.00 -18.26
C SER H 113 -20.60 26.26 -16.88
N ALA H 114 -19.47 26.97 -16.83
CA ALA H 114 -18.86 27.40 -15.57
C ALA H 114 -18.16 28.73 -15.81
N VAL H 115 -18.12 29.57 -14.79
CA VAL H 115 -17.60 30.93 -14.91
C VAL H 115 -16.69 31.24 -13.72
N THR H 116 -15.50 31.75 -14.02
CA THR H 116 -14.63 32.37 -13.03
C THR H 116 -13.79 33.41 -13.76
N GLU H 117 -12.88 34.04 -13.02
CA GLU H 117 -12.01 35.06 -13.61
C GLU H 117 -10.60 34.89 -13.06
N ILE H 118 -9.62 34.94 -13.97
CA ILE H 118 -8.21 34.82 -13.60
C ILE H 118 -7.58 36.20 -13.71
N LYS H 119 -6.79 36.58 -12.71
CA LYS H 119 -6.16 37.88 -12.70
C LYS H 119 -5.04 37.97 -13.74
N ALA H 120 -4.56 39.20 -13.96
CA ALA H 120 -3.42 39.39 -14.85
C ALA H 120 -2.15 38.82 -14.23
N GLU H 121 -1.90 39.11 -12.96
CA GLU H 121 -0.73 38.56 -12.29
C GLU H 121 -0.89 37.08 -11.97
N ASP H 122 -2.11 36.55 -12.02
CA ASP H 122 -2.31 35.13 -11.81
C ASP H 122 -1.96 34.33 -13.06
N LEU H 123 -2.39 34.80 -14.23
CA LEU H 123 -1.90 34.23 -15.48
C LEU H 123 -0.38 34.41 -15.58
N GLN H 124 0.12 35.58 -15.17
CA GLN H 124 1.54 35.83 -15.17
C GLN H 124 2.29 34.78 -14.36
N GLN H 125 1.83 34.51 -13.13
CA GLN H 125 2.51 33.54 -12.28
C GLN H 125 2.39 32.12 -12.83
N LEU H 126 1.26 31.79 -13.46
CA LEU H 126 1.12 30.47 -14.07
C LEU H 126 2.11 30.28 -15.19
N LEU H 127 2.25 31.27 -16.06
CA LEU H 127 3.17 31.16 -17.20
C LEU H 127 4.62 31.23 -16.74
N ARG H 128 4.90 31.94 -15.65
CA ARG H 128 6.28 32.03 -15.18
C ARG H 128 6.68 30.81 -14.35
N VAL H 129 5.75 30.20 -13.62
CA VAL H 129 6.04 28.97 -12.90
C VAL H 129 6.25 27.83 -13.89
N SER H 130 5.40 27.74 -14.91
CA SER H 130 5.54 26.68 -15.90
C SER H 130 6.86 26.80 -16.65
N ARG H 131 7.33 28.02 -16.90
CA ARG H 131 8.61 28.20 -17.56
C ARG H 131 9.75 27.59 -16.74
N GLY H 132 9.66 27.67 -15.41
CA GLY H 132 10.69 27.14 -14.56
C GLY H 132 10.44 25.71 -14.11
N LEU H 133 9.19 25.27 -14.14
CA LEU H 133 8.80 23.96 -13.67
C LEU H 133 8.48 22.98 -14.79
N GLN H 134 8.58 23.41 -16.05
CA GLN H 134 8.23 22.61 -17.21
C GLN H 134 6.84 22.00 -17.05
N ILE H 135 5.82 22.85 -17.14
CA ILE H 135 4.43 22.42 -17.09
C ILE H 135 3.85 22.54 -18.49
N ASP H 136 3.37 21.43 -19.04
CA ASP H 136 2.89 21.37 -20.40
C ASP H 136 1.38 21.24 -20.53
N THR H 137 0.69 20.80 -19.48
CA THR H 137 -0.76 20.67 -19.49
C THR H 137 -1.32 21.15 -18.17
N ILE H 138 -2.44 21.86 -18.23
CA ILE H 138 -3.14 22.32 -17.03
C ILE H 138 -4.58 21.85 -17.08
N ALA H 139 -5.12 21.53 -15.90
CA ALA H 139 -6.48 21.04 -15.75
C ALA H 139 -7.22 21.93 -14.77
N ILE H 140 -8.45 22.30 -15.12
CA ILE H 140 -9.27 23.20 -14.31
C ILE H 140 -10.37 22.36 -13.67
N THR H 141 -10.32 22.21 -12.36
CA THR H 141 -11.29 21.40 -11.63
C THR H 141 -11.71 22.16 -10.37
N VAL H 142 -12.37 21.46 -9.46
CA VAL H 142 -12.88 22.02 -8.21
C VAL H 142 -12.19 21.31 -7.05
N LYS H 143 -11.84 22.08 -6.01
CA LYS H 143 -11.25 21.52 -4.80
C LYS H 143 -11.75 22.30 -3.60
N GLU H 144 -12.50 21.63 -2.73
CA GLU H 144 -12.98 22.21 -1.48
C GLU H 144 -13.83 23.46 -1.74
N GLY H 145 -14.67 23.40 -2.76
CA GLY H 145 -15.57 24.49 -3.11
C GLY H 145 -15.02 25.48 -4.12
N LYS H 146 -13.75 25.87 -3.96
CA LYS H 146 -13.12 26.79 -4.89
C LYS H 146 -12.50 26.03 -6.05
N ILE H 147 -12.52 26.65 -7.23
CA ILE H 147 -11.99 26.02 -8.43
C ILE H 147 -10.53 26.44 -8.60
N VAL H 148 -9.71 25.53 -9.12
CA VAL H 148 -8.27 25.73 -9.22
C VAL H 148 -7.79 25.30 -10.59
N ILE H 149 -6.58 25.74 -10.92
CA ILE H 149 -5.86 25.32 -12.11
C ILE H 149 -4.64 24.55 -11.65
N ASN H 150 -4.51 23.30 -12.11
CA ASN H 150 -3.41 22.43 -11.74
C ASN H 150 -2.52 22.19 -12.95
N GLY H 151 -1.22 22.31 -12.76
CA GLY H 151 -0.24 22.10 -13.83
C GLY H 151 0.55 20.84 -13.59
N PHE H 152 0.83 20.12 -14.67
CA PHE H 152 1.51 18.83 -14.57
C PHE H 152 2.72 18.77 -15.51
N ASN H 153 3.22 17.56 -15.73
CA ASN H 153 4.30 17.32 -16.72
C ASN H 153 3.89 16.07 -17.49
N LYS H 154 2.95 16.25 -18.42
CA LYS H 154 2.36 15.19 -19.24
C LYS H 154 3.40 14.19 -19.72
N VAL H 155 4.58 14.69 -20.10
CA VAL H 155 5.66 13.79 -20.51
C VAL H 155 6.23 13.05 -19.31
N GLU H 156 6.60 13.77 -18.27
CA GLU H 156 7.14 13.18 -17.04
C GLU H 156 6.07 12.56 -16.17
N ASP H 157 4.81 12.58 -16.61
CA ASP H 157 3.69 12.15 -15.77
C ASP H 157 2.56 11.78 -16.72
N SER H 158 2.40 10.47 -16.96
CA SER H 158 1.47 9.96 -17.98
C SER H 158 0.06 10.50 -17.79
N ALA H 159 -0.65 10.01 -16.78
CA ALA H 159 -2.07 10.31 -16.59
C ALA H 159 -2.30 11.45 -15.60
N LEU H 160 -1.38 12.42 -15.55
CA LEU H 160 -1.55 13.63 -14.74
C LEU H 160 -1.75 13.30 -13.26
N THR H 161 -0.84 12.50 -12.72
CA THR H 161 -0.97 12.03 -11.35
C THR H 161 -0.51 13.08 -10.34
N ARG H 162 0.75 13.49 -10.42
CA ARG H 162 1.35 14.35 -9.41
C ARG H 162 1.27 15.80 -9.86
N VAL H 163 0.60 16.63 -9.06
CA VAL H 163 0.51 18.06 -9.35
C VAL H 163 1.87 18.71 -9.14
N LYS H 164 2.15 19.75 -9.93
CA LYS H 164 3.33 20.58 -9.75
C LYS H 164 3.02 22.03 -9.45
N TYR H 165 1.76 22.44 -9.55
CA TYR H 165 1.33 23.82 -9.30
C TYR H 165 -0.18 23.86 -9.24
N SER H 166 -0.72 24.74 -8.40
CA SER H 166 -2.16 24.85 -8.23
C SER H 166 -2.50 26.29 -7.87
N LEU H 167 -3.39 26.90 -8.64
CA LEU H 167 -3.79 28.30 -8.47
C LEU H 167 -5.30 28.39 -8.28
N THR H 168 -5.72 28.95 -7.16
CA THR H 168 -7.14 29.09 -6.84
C THR H 168 -7.69 30.39 -7.42
N LEU H 169 -8.94 30.33 -7.92
CA LEU H 169 -9.52 31.44 -8.67
C LEU H 169 -10.94 31.76 -8.22
N GLY H 170 -11.26 31.49 -6.96
CA GLY H 170 -12.60 31.73 -6.45
C GLY H 170 -13.41 30.44 -6.35
N ASP H 171 -14.58 30.57 -5.75
CA ASP H 171 -15.39 29.42 -5.37
C ASP H 171 -16.48 29.10 -6.39
N TYR H 172 -16.82 27.82 -6.48
CA TYR H 172 -17.89 27.32 -7.34
C TYR H 172 -19.17 27.19 -6.53
N ASP H 173 -20.31 27.47 -7.18
CA ASP H 173 -21.59 27.52 -6.49
C ASP H 173 -22.41 26.26 -6.75
N GLY H 174 -22.68 25.93 -8.01
CA GLY H 174 -23.46 24.76 -8.32
C GLY H 174 -22.77 23.47 -7.90
N GLU H 175 -23.58 22.41 -7.81
CA GLU H 175 -23.08 21.11 -7.37
C GLU H 175 -22.76 20.25 -8.59
N ASN H 176 -21.67 20.63 -9.26
CA ASN H 176 -21.13 19.88 -10.39
C ASN H 176 -19.68 19.51 -10.13
N THR H 177 -19.24 18.42 -10.75
CA THR H 177 -17.87 17.93 -10.64
C THR H 177 -17.30 17.74 -12.03
N PHE H 178 -16.13 18.30 -12.28
CA PHE H 178 -15.53 18.24 -13.61
C PHE H 178 -14.02 18.40 -13.49
N ASN H 179 -13.35 18.35 -14.64
CA ASN H 179 -11.91 18.52 -14.74
C ASN H 179 -11.51 18.76 -16.18
N PHE H 180 -11.55 20.02 -16.62
CA PHE H 180 -11.21 20.36 -18.00
C PHE H 180 -9.71 20.49 -18.14
N ILE H 181 -9.11 19.65 -18.98
CA ILE H 181 -7.66 19.64 -19.20
C ILE H 181 -7.38 20.45 -20.46
N ILE H 182 -6.52 21.47 -20.32
CA ILE H 182 -6.11 22.29 -21.45
C ILE H 182 -4.62 22.09 -21.69
N ASN H 183 -4.25 22.00 -22.96
CA ASN H 183 -2.83 21.97 -23.32
C ASN H 183 -2.24 23.37 -23.16
N MET H 184 -1.10 23.45 -22.47
CA MET H 184 -0.45 24.74 -22.28
C MET H 184 0.10 25.28 -23.59
N ALA H 185 0.50 24.41 -24.51
CA ALA H 185 1.04 24.85 -25.79
C ALA H 185 0.02 25.66 -26.57
N ASN H 186 -1.11 25.03 -26.93
CA ASN H 186 -2.19 25.73 -27.62
C ASN H 186 -3.00 26.55 -26.62
N MET H 187 -2.31 27.55 -26.05
CA MET H 187 -2.89 28.51 -25.11
C MET H 187 -2.08 29.79 -25.28
N LYS H 188 -2.54 30.65 -26.21
CA LYS H 188 -1.71 31.73 -26.73
C LYS H 188 -2.30 33.10 -26.45
N MET H 189 -2.94 33.30 -25.30
CA MET H 189 -3.44 34.61 -24.95
C MET H 189 -2.32 35.47 -24.37
N GLN H 190 -2.46 36.78 -24.56
CA GLN H 190 -1.49 37.76 -24.08
C GLN H 190 -1.80 38.12 -22.63
N PRO H 191 -0.84 38.73 -21.91
CA PRO H 191 -1.05 39.01 -20.48
C PRO H 191 -2.24 39.94 -20.25
N GLY H 192 -2.94 39.71 -19.16
CA GLY H 192 -4.06 40.54 -18.77
C GLY H 192 -5.10 39.74 -18.03
N ASN H 193 -6.16 40.44 -17.65
CA ASN H 193 -7.30 39.83 -16.97
C ASN H 193 -8.20 39.13 -17.98
N TYR H 194 -8.69 37.95 -17.61
CA TYR H 194 -9.56 37.16 -18.47
C TYR H 194 -10.65 36.53 -17.63
N LYS H 195 -11.89 36.96 -17.82
CA LYS H 195 -13.01 36.23 -17.25
C LYS H 195 -13.08 34.86 -17.92
N LEU H 196 -12.74 33.81 -17.18
CA LEU H 196 -12.66 32.47 -17.75
C LEU H 196 -14.07 31.89 -17.91
N LEU H 197 -14.46 31.66 -19.16
CA LEU H 197 -15.70 30.96 -19.48
C LEU H 197 -15.37 29.54 -19.91
N LEU H 198 -16.09 28.58 -19.33
CA LEU H 198 -15.87 27.15 -19.61
C LEU H 198 -17.18 26.54 -20.07
N TRP H 199 -17.19 26.02 -21.29
CA TRP H 199 -18.35 25.32 -21.84
C TRP H 199 -17.97 23.90 -22.21
N ALA H 200 -18.81 22.96 -21.83
CA ALA H 200 -18.60 21.55 -22.18
C ALA H 200 -19.89 20.76 -21.94
N LYS H 201 -20.34 20.04 -22.94
CA LYS H 201 -21.50 19.16 -22.83
C LYS H 201 -21.24 17.87 -23.58
N GLY H 202 -21.58 16.75 -22.97
CA GLY H 202 -21.33 15.45 -23.56
C GLY H 202 -19.85 15.18 -23.73
N LYS H 203 -19.41 15.10 -24.99
CA LYS H 203 -18.01 14.85 -25.29
C LYS H 203 -17.34 16.01 -26.03
N GLN H 204 -18.03 17.14 -26.16
CA GLN H 204 -17.49 18.34 -26.78
C GLN H 204 -17.39 19.45 -25.74
N GLY H 205 -16.45 20.36 -25.96
CA GLY H 205 -16.26 21.46 -25.03
C GLY H 205 -15.17 22.39 -25.52
N ALA H 206 -15.04 23.52 -24.81
CA ALA H 206 -14.06 24.54 -25.15
C ALA H 206 -13.88 25.46 -23.94
N ALA H 207 -12.81 26.25 -23.98
CA ALA H 207 -12.51 27.21 -22.94
C ALA H 207 -12.35 28.59 -23.57
N LYS H 208 -13.10 29.57 -23.08
CA LYS H 208 -13.09 30.92 -23.62
C LYS H 208 -12.52 31.87 -22.58
N PHE H 209 -11.57 32.70 -23.00
CA PHE H 209 -10.93 33.69 -22.15
C PHE H 209 -11.35 35.08 -22.62
N GLU H 210 -12.12 35.77 -21.78
CA GLU H 210 -12.66 37.09 -22.12
C GLU H 210 -11.74 38.16 -21.58
N GLY H 211 -10.87 38.69 -22.45
CA GLY H 211 -10.03 39.80 -22.08
C GLY H 211 -10.72 41.14 -22.29
N GLU H 212 -10.15 42.18 -21.66
CA GLU H 212 -10.74 43.51 -21.73
C GLU H 212 -10.75 44.07 -23.15
N HIS H 213 -9.98 43.48 -24.06
CA HIS H 213 -9.95 43.91 -25.46
C HIS H 213 -10.27 42.77 -26.41
N ALA H 214 -9.66 41.61 -26.24
CA ALA H 214 -9.77 40.51 -27.18
C ALA H 214 -10.29 39.26 -26.47
N ASN H 215 -10.68 38.28 -27.27
CA ASN H 215 -11.17 36.99 -26.77
C ASN H 215 -10.33 35.86 -27.35
N TYR H 216 -10.05 34.87 -26.50
CA TYR H 216 -9.31 33.68 -26.89
C TYR H 216 -10.14 32.45 -26.55
N VAL H 217 -10.43 31.63 -27.55
CA VAL H 217 -11.18 30.40 -27.37
C VAL H 217 -10.24 29.24 -27.72
N VAL H 218 -9.83 28.50 -26.71
CA VAL H 218 -8.98 27.34 -26.91
C VAL H 218 -9.82 26.07 -26.81
N ALA H 219 -9.25 24.96 -27.25
CA ALA H 219 -9.92 23.68 -27.14
C ALA H 219 -9.44 22.95 -25.90
N LEU H 220 -10.27 22.05 -25.39
CA LEU H 220 -9.94 21.24 -24.24
C LEU H 220 -9.40 19.89 -24.69
N GLU H 221 -8.47 19.35 -23.91
CA GLU H 221 -7.87 18.07 -24.24
C GLU H 221 -8.90 16.95 -24.09
N ALA H 222 -8.75 15.90 -24.90
CA ALA H 222 -9.74 14.84 -24.94
C ALA H 222 -9.87 14.13 -23.59
N ASP H 223 -8.80 14.11 -22.80
CA ASP H 223 -8.83 13.41 -21.51
C ASP H 223 -9.76 14.07 -20.52
N SER H 224 -10.24 15.29 -20.81
CA SER H 224 -11.06 16.03 -19.86
C SER H 224 -12.31 15.26 -19.49
N THR H 225 -12.76 15.46 -18.25
CA THR H 225 -13.95 14.80 -17.73
C THR H 225 -14.89 15.84 -17.12
N HIS H 226 -16.18 15.57 -17.20
CA HIS H 226 -17.18 16.43 -16.58
C HIS H 226 -18.50 15.67 -16.49
N ASP H 227 -19.37 16.14 -15.60
CA ASP H 227 -20.69 15.54 -15.40
C ASP H 227 -21.81 16.45 -15.88
N PHE H 228 -21.49 17.48 -16.65
CA PHE H 228 -22.50 18.38 -17.22
C PHE H 228 -23.44 17.62 -18.14
N MET K 2 -72.47 -3.14 24.70
CA MET K 2 -72.62 -4.48 25.26
C MET K 2 -71.24 -5.13 25.44
N ILE K 3 -70.35 -4.90 24.49
CA ILE K 3 -68.98 -5.41 24.55
C ILE K 3 -68.11 -4.39 25.28
N THR K 4 -67.28 -4.87 26.20
CA THR K 4 -66.44 -3.99 26.99
C THR K 4 -65.31 -3.41 26.15
N VAL K 5 -64.94 -2.17 26.44
CA VAL K 5 -63.98 -1.40 25.66
C VAL K 5 -63.15 -0.54 26.59
N ASN K 6 -61.86 -0.39 26.28
CA ASN K 6 -60.94 0.43 27.08
C ASN K 6 -60.51 1.70 26.33
N GLU K 7 -61.38 2.23 25.48
CA GLU K 7 -61.27 3.49 24.74
C GLU K 7 -59.86 3.98 24.41
N LYS K 8 -58.98 4.11 25.41
CA LYS K 8 -57.69 4.75 25.20
C LYS K 8 -56.66 3.85 24.55
N GLU K 9 -56.84 2.52 24.60
CA GLU K 9 -55.87 1.61 24.03
C GLU K 9 -55.99 1.56 22.51
N HIS K 10 -54.87 1.74 21.83
CA HIS K 10 -54.80 1.58 20.38
C HIS K 10 -54.31 0.21 19.96
N ILE K 11 -53.78 -0.58 20.89
CA ILE K 11 -53.32 -1.93 20.63
C ILE K 11 -54.53 -2.85 20.80
N LEU K 12 -55.11 -3.28 19.68
CA LEU K 12 -56.44 -3.89 19.59
C LEU K 12 -56.78 -4.86 20.72
N GLU K 13 -55.85 -5.77 21.04
CA GLU K 13 -56.14 -6.81 22.02
C GLU K 13 -56.36 -6.25 23.42
N GLN K 14 -55.74 -5.12 23.74
CA GLN K 14 -55.94 -4.47 25.03
C GLN K 14 -57.13 -3.53 25.04
N LYS K 15 -57.67 -3.19 23.87
CA LYS K 15 -58.79 -2.26 23.78
C LYS K 15 -60.11 -2.95 24.10
N TYR K 16 -60.32 -4.15 23.56
CA TYR K 16 -61.53 -4.93 23.83
C TYR K 16 -61.27 -5.96 24.92
N ARG K 17 -60.74 -5.53 26.04
CA ARG K 17 -60.41 -6.43 27.13
C ARG K 17 -61.65 -6.69 27.98
N PRO K 18 -62.09 -7.95 28.12
CA PRO K 18 -63.30 -8.25 28.90
C PRO K 18 -63.22 -7.71 30.32
N SER K 19 -64.40 -7.46 30.89
CA SER K 19 -64.49 -6.88 32.23
C SER K 19 -65.57 -7.54 33.08
N THR K 20 -65.98 -8.77 32.73
CA THR K 20 -66.96 -9.50 33.52
C THR K 20 -66.74 -10.99 33.26
N ILE K 21 -67.15 -11.80 34.24
CA ILE K 21 -66.86 -13.24 34.20
C ILE K 21 -67.37 -13.89 32.92
N ASP K 22 -68.48 -13.41 32.35
CA ASP K 22 -68.99 -14.03 31.14
C ASP K 22 -69.14 -13.05 29.98
N GLU K 23 -68.31 -12.02 29.94
CA GLU K 23 -67.81 -11.53 28.66
C GLU K 23 -66.63 -12.38 28.21
N CYS K 24 -65.94 -13.02 29.16
CA CYS K 24 -64.87 -13.93 28.85
C CYS K 24 -65.42 -15.24 28.30
N ILE K 25 -64.61 -15.91 27.49
CA ILE K 25 -64.98 -17.17 26.88
C ILE K 25 -64.26 -18.30 27.60
N LEU K 26 -64.82 -18.72 28.73
CA LEU K 26 -64.26 -19.75 29.59
C LEU K 26 -64.83 -21.12 29.22
N PRO K 27 -64.15 -22.20 29.60
CA PRO K 27 -64.65 -23.54 29.26
C PRO K 27 -65.83 -23.99 30.09
N ALA K 28 -67.04 -23.77 29.56
CA ALA K 28 -68.30 -24.32 30.08
C ALA K 28 -68.35 -24.47 31.59
N PHE K 29 -67.65 -25.49 32.11
CA PHE K 29 -67.74 -25.81 33.53
C PHE K 29 -66.98 -24.79 34.37
N ASP K 30 -65.72 -24.51 34.00
CA ASP K 30 -64.96 -23.48 34.70
C ASP K 30 -65.69 -22.15 34.68
N LYS K 31 -66.34 -21.83 33.55
CA LYS K 31 -67.14 -20.62 33.45
C LYS K 31 -68.18 -20.52 34.55
N GLU K 32 -68.81 -21.65 34.89
CA GLU K 32 -69.88 -21.63 35.90
C GLU K 32 -69.33 -21.53 37.32
N THR K 33 -68.13 -22.02 37.57
CA THR K 33 -67.58 -21.95 38.92
C THR K 33 -67.23 -20.51 39.30
N PHE K 34 -66.53 -19.80 38.41
CA PHE K 34 -66.26 -18.39 38.66
C PHE K 34 -67.54 -17.60 38.87
N LYS K 35 -68.59 -17.93 38.10
CA LYS K 35 -69.89 -17.30 38.31
C LYS K 35 -70.45 -17.63 39.69
N SER K 36 -70.16 -18.83 40.20
CA SER K 36 -70.60 -19.19 41.55
C SER K 36 -69.80 -18.43 42.61
N ILE K 37 -68.48 -18.36 42.45
CA ILE K 37 -67.66 -17.61 43.38
C ILE K 37 -68.05 -16.13 43.40
N THR K 38 -68.47 -15.60 42.25
CA THR K 38 -68.96 -14.23 42.21
C THR K 38 -70.22 -14.05 43.05
N SER K 39 -71.16 -14.99 42.93
CA SER K 39 -72.43 -14.88 43.64
C SER K 39 -72.29 -15.19 45.13
N LYS K 40 -71.29 -15.98 45.52
CA LYS K 40 -71.09 -16.35 46.91
C LYS K 40 -70.39 -15.24 47.72
N GLY K 41 -70.47 -13.99 47.26
CA GLY K 41 -69.93 -12.87 48.00
C GLY K 41 -68.42 -12.73 47.88
N LYS K 42 -67.69 -13.45 48.72
CA LYS K 42 -66.24 -13.31 48.81
C LYS K 42 -65.54 -14.41 48.04
N ILE K 43 -64.37 -14.08 47.49
CA ILE K 43 -63.61 -15.00 46.66
C ILE K 43 -62.52 -15.67 47.50
N PRO K 44 -62.19 -16.93 47.25
CA PRO K 44 -61.08 -17.56 47.96
C PRO K 44 -59.76 -17.40 47.19
N HIS K 45 -58.68 -17.79 47.85
CA HIS K 45 -57.37 -17.80 47.19
C HIS K 45 -57.40 -18.74 45.99
N ILE K 46 -57.11 -18.20 44.81
CA ILE K 46 -57.21 -18.96 43.57
C ILE K 46 -55.96 -18.70 42.74
N ILE K 47 -55.49 -19.73 42.04
CA ILE K 47 -54.33 -19.63 41.17
C ILE K 47 -54.79 -19.96 39.76
N LEU K 48 -54.97 -18.94 38.94
CA LEU K 48 -55.29 -19.11 37.53
C LEU K 48 -54.01 -19.34 36.75
N HIS K 49 -53.88 -20.51 36.12
CA HIS K 49 -52.65 -20.89 35.45
C HIS K 49 -52.96 -21.52 34.11
N SER K 50 -51.95 -21.51 33.22
CA SER K 50 -52.01 -22.14 31.92
C SER K 50 -50.64 -22.10 31.25
N PRO K 51 -50.10 -23.25 30.82
CA PRO K 51 -48.86 -23.24 30.04
C PRO K 51 -49.03 -22.64 28.64
N SER K 52 -50.24 -22.24 28.28
CA SER K 52 -50.50 -21.51 27.04
C SER K 52 -50.78 -20.06 27.35
N PRO K 53 -50.17 -19.12 26.63
CA PRO K 53 -50.45 -17.70 26.87
C PRO K 53 -51.76 -17.28 26.24
N GLY K 54 -52.27 -16.15 26.71
CA GLY K 54 -53.47 -15.57 26.11
C GLY K 54 -54.73 -16.39 26.30
N THR K 55 -54.86 -17.07 27.44
CA THR K 55 -56.04 -17.86 27.72
C THR K 55 -57.11 -17.12 28.52
N GLY K 56 -56.72 -16.07 29.22
CA GLY K 56 -57.68 -15.29 30.00
C GLY K 56 -57.37 -15.28 31.49
N LYS K 57 -56.16 -15.74 31.85
CA LYS K 57 -55.80 -15.87 33.25
C LYS K 57 -55.88 -14.53 33.97
N THR K 58 -55.36 -13.48 33.36
CA THR K 58 -55.39 -12.16 33.97
C THR K 58 -56.66 -11.38 33.67
N THR K 59 -57.43 -11.82 32.66
CA THR K 59 -58.73 -11.20 32.42
C THR K 59 -59.76 -11.67 33.43
N VAL K 60 -59.78 -12.98 33.73
CA VAL K 60 -60.63 -13.47 34.80
C VAL K 60 -60.14 -12.98 36.16
N ALA K 61 -58.86 -12.60 36.26
CA ALA K 61 -58.36 -12.00 37.50
C ALA K 61 -58.96 -10.63 37.73
N LYS K 62 -58.90 -9.76 36.72
CA LYS K 62 -59.46 -8.42 36.85
C LYS K 62 -60.97 -8.39 36.75
N ALA K 63 -61.58 -9.38 36.09
CA ALA K 63 -63.04 -9.44 36.03
C ALA K 63 -63.62 -9.75 37.40
N LEU K 64 -63.07 -10.76 38.08
CA LEU K 64 -63.56 -11.13 39.40
C LEU K 64 -63.50 -9.96 40.38
N CYS K 65 -62.40 -9.20 40.35
CA CYS K 65 -62.26 -8.07 41.26
C CYS K 65 -63.30 -7.00 40.99
N HIS K 66 -63.58 -6.71 39.72
CA HIS K 66 -64.60 -5.73 39.40
C HIS K 66 -66.01 -6.31 39.57
N ASP K 67 -66.20 -7.58 39.21
CA ASP K 67 -67.51 -8.20 39.36
C ASP K 67 -67.93 -8.32 40.81
N VAL K 68 -66.97 -8.39 41.74
CA VAL K 68 -67.29 -8.30 43.17
C VAL K 68 -67.16 -6.86 43.66
N ASN K 69 -66.61 -5.95 42.85
CA ASN K 69 -66.34 -4.56 43.25
C ASN K 69 -65.44 -4.54 44.48
N ALA K 70 -64.19 -4.94 44.24
CA ALA K 70 -63.21 -5.13 45.30
C ALA K 70 -62.12 -4.07 45.20
N ASP K 71 -61.80 -3.45 46.33
CA ASP K 71 -60.60 -2.63 46.41
C ASP K 71 -59.39 -3.53 46.19
N MET K 72 -59.01 -3.73 44.93
CA MET K 72 -57.94 -4.65 44.58
C MET K 72 -56.61 -3.91 44.45
N MET K 73 -55.53 -4.61 44.79
CA MET K 73 -54.18 -4.16 44.51
C MET K 73 -53.63 -5.00 43.37
N PHE K 74 -53.25 -4.34 42.28
CA PHE K 74 -52.63 -5.01 41.15
C PHE K 74 -51.12 -4.88 41.28
N VAL K 75 -50.44 -6.01 41.40
CA VAL K 75 -49.00 -6.05 41.60
C VAL K 75 -48.39 -7.01 40.58
N ASN K 76 -47.31 -6.57 39.94
CA ASN K 76 -46.57 -7.44 39.03
C ASN K 76 -45.88 -8.54 39.84
N GLY K 77 -46.20 -9.79 39.53
CA GLY K 77 -45.66 -10.90 40.31
C GLY K 77 -44.16 -11.02 40.22
N SER K 78 -43.59 -10.70 39.07
CA SER K 78 -42.14 -10.63 38.97
C SER K 78 -41.57 -9.45 39.74
N ASP K 79 -42.41 -8.47 40.08
CA ASP K 79 -41.97 -7.28 40.78
C ASP K 79 -42.32 -7.29 42.26
N CYS K 80 -42.90 -8.38 42.76
CA CYS K 80 -43.19 -8.51 44.19
C CYS K 80 -42.03 -9.28 44.81
N LYS K 81 -41.17 -8.57 45.53
CA LYS K 81 -40.03 -9.17 46.19
C LYS K 81 -40.43 -9.58 47.60
N ILE K 82 -39.44 -9.92 48.43
CA ILE K 82 -39.73 -10.25 49.83
C ILE K 82 -40.26 -9.01 50.56
N ASP K 83 -39.72 -7.83 50.21
CA ASP K 83 -40.12 -6.60 50.88
C ASP K 83 -41.51 -6.15 50.48
N PHE K 84 -42.01 -6.60 49.32
CA PHE K 84 -43.38 -6.27 48.93
C PHE K 84 -44.38 -7.09 49.73
N VAL K 85 -43.98 -8.28 50.19
CA VAL K 85 -44.85 -9.08 51.05
C VAL K 85 -44.79 -8.59 52.49
N ARG K 86 -43.62 -8.16 52.94
CA ARG K 86 -43.49 -7.60 54.28
C ARG K 86 -44.22 -6.27 54.40
N GLY K 87 -44.15 -5.44 53.36
CA GLY K 87 -44.64 -4.09 53.44
C GLY K 87 -45.99 -3.86 52.79
N PRO K 88 -46.00 -3.55 51.49
CA PRO K 88 -47.25 -3.15 50.83
C PRO K 88 -48.38 -4.16 50.95
N LEU K 89 -48.08 -5.46 50.84
CA LEU K 89 -49.12 -6.47 51.03
C LEU K 89 -49.66 -6.41 52.45
N THR K 90 -48.78 -6.33 53.44
CA THR K 90 -49.23 -6.17 54.82
C THR K 90 -49.87 -4.81 55.04
N ASN K 91 -49.31 -3.77 54.40
CA ASN K 91 -49.90 -2.43 54.52
C ASN K 91 -51.31 -2.39 53.93
N PHE K 92 -51.61 -3.26 52.97
CA PHE K 92 -52.92 -3.27 52.34
C PHE K 92 -53.89 -4.18 53.09
N ALA K 93 -53.43 -5.36 53.50
CA ALA K 93 -54.30 -6.26 54.26
C ALA K 93 -54.70 -5.65 55.59
N SER K 94 -53.80 -4.89 56.21
CA SER K 94 -54.10 -4.25 57.49
C SER K 94 -54.91 -2.97 57.33
N ALA K 95 -55.29 -2.60 56.12
CA ALA K 95 -56.07 -1.38 55.91
C ALA K 95 -57.54 -1.62 56.25
N ALA K 96 -58.17 -0.62 56.85
CA ALA K 96 -59.56 -0.74 57.28
C ALA K 96 -60.48 -0.88 56.06
N SER K 97 -61.28 -1.95 56.04
CA SER K 97 -62.27 -2.17 55.00
C SER K 97 -63.51 -1.35 55.37
N PHE K 98 -63.44 -0.06 55.08
CA PHE K 98 -64.48 0.87 55.53
C PHE K 98 -65.74 0.75 54.69
N ASP K 99 -65.61 0.36 53.43
CA ASP K 99 -66.73 0.32 52.50
C ASP K 99 -67.26 -1.09 52.26
N GLY K 100 -66.74 -2.10 52.96
CA GLY K 100 -67.16 -3.46 52.73
C GLY K 100 -66.54 -4.14 51.53
N ARG K 101 -65.89 -3.39 50.65
CA ARG K 101 -65.19 -4.00 49.52
C ARG K 101 -64.08 -4.91 50.02
N GLN K 102 -64.19 -6.20 49.74
CA GLN K 102 -63.19 -7.15 50.19
C GLN K 102 -61.86 -6.89 49.51
N LYS K 103 -60.80 -6.81 50.31
CA LYS K 103 -59.47 -6.59 49.75
C LYS K 103 -59.02 -7.80 48.95
N VAL K 104 -58.46 -7.55 47.77
CA VAL K 104 -57.95 -8.60 46.91
C VAL K 104 -56.56 -8.21 46.42
N ILE K 105 -55.60 -9.13 46.55
CA ILE K 105 -54.27 -8.97 46.00
C ILE K 105 -54.18 -9.87 44.77
N VAL K 106 -54.07 -9.28 43.59
CA VAL K 106 -53.92 -10.01 42.34
C VAL K 106 -52.46 -9.91 41.91
N ILE K 107 -51.81 -11.06 41.75
CA ILE K 107 -50.38 -11.15 41.48
C ILE K 107 -50.21 -11.65 40.06
N ASP K 108 -49.51 -10.87 39.24
CA ASP K 108 -49.44 -11.11 37.79
C ASP K 108 -48.16 -11.86 37.44
N GLU K 109 -48.31 -13.05 36.86
CA GLU K 109 -47.19 -13.87 36.37
C GLU K 109 -46.23 -14.20 37.52
N PHE K 110 -46.74 -14.94 38.50
CA PHE K 110 -45.96 -15.37 39.64
C PHE K 110 -45.26 -16.70 39.43
N CYS K 111 -45.18 -17.18 38.18
CA CYS K 111 -44.44 -18.39 37.88
C CYS K 111 -42.93 -18.25 38.09
N ARG K 112 -42.51 -17.10 38.62
CA ARG K 112 -41.09 -16.85 38.87
C ARG K 112 -40.52 -17.85 39.85
N SER K 113 -39.27 -18.22 39.64
CA SER K 113 -38.57 -19.15 40.51
C SER K 113 -37.59 -18.46 41.47
N GLY K 114 -37.07 -17.30 41.11
CA GLY K 114 -36.09 -16.64 41.96
C GLY K 114 -36.67 -16.13 43.26
N LEU K 115 -37.98 -15.95 43.33
CA LEU K 115 -38.65 -15.45 44.53
C LEU K 115 -39.22 -16.58 45.37
N ALA K 116 -38.52 -17.72 45.45
CA ALA K 116 -39.01 -18.84 46.24
C ALA K 116 -39.12 -18.46 47.71
N GLU K 117 -38.19 -17.64 48.21
CA GLU K 117 -38.27 -17.16 49.58
C GLU K 117 -39.50 -16.28 49.77
N SER K 118 -39.76 -15.38 48.82
CA SER K 118 -40.97 -14.57 48.88
C SER K 118 -42.22 -15.41 48.80
N GLN K 119 -42.16 -16.55 48.11
CA GLN K 119 -43.31 -17.44 48.01
C GLN K 119 -43.61 -18.07 49.36
N ARG K 120 -42.59 -18.59 50.06
CA ARG K 120 -42.82 -19.19 51.36
C ARG K 120 -43.27 -18.15 52.39
N HIS K 121 -42.85 -16.90 52.22
CA HIS K 121 -43.40 -15.83 53.05
C HIS K 121 -44.87 -15.60 52.73
N LEU K 122 -45.23 -15.70 51.46
CA LEU K 122 -46.61 -15.44 51.05
C LEU K 122 -47.58 -16.46 51.67
N ARG K 123 -47.14 -17.70 51.83
CA ARG K 123 -48.01 -18.71 52.46
C ARG K 123 -48.17 -18.44 53.95
N SER K 124 -47.09 -18.05 54.63
CA SER K 124 -47.23 -17.64 56.03
C SER K 124 -48.01 -16.34 56.15
N PHE K 125 -47.97 -15.50 55.10
CA PHE K 125 -48.86 -14.35 55.04
C PHE K 125 -50.31 -14.79 54.90
N MET K 126 -50.55 -15.84 54.10
CA MET K 126 -51.91 -16.32 53.90
C MET K 126 -52.51 -16.92 55.15
N GLU K 127 -51.68 -17.44 56.06
CA GLU K 127 -52.20 -17.96 57.32
C GLU K 127 -52.57 -16.85 58.29
N ALA K 128 -51.85 -15.73 58.26
CA ALA K 128 -52.12 -14.62 59.17
C ALA K 128 -53.14 -13.63 58.63
N TYR K 129 -53.41 -13.67 57.32
CA TYR K 129 -54.34 -12.75 56.69
C TYR K 129 -55.31 -13.49 55.79
N SER K 130 -55.71 -14.70 56.18
CA SER K 130 -56.62 -15.53 55.41
C SER K 130 -58.00 -14.87 55.29
N SER K 131 -58.76 -14.90 56.38
CA SER K 131 -60.10 -14.33 56.39
C SER K 131 -60.10 -12.81 56.30
N ASN K 132 -58.94 -12.18 56.15
CA ASN K 132 -58.86 -10.73 56.02
C ASN K 132 -58.98 -10.30 54.56
N CYS K 133 -58.07 -10.77 53.71
CA CYS K 133 -58.07 -10.43 52.29
C CYS K 133 -57.88 -11.70 51.47
N SER K 134 -58.33 -11.64 50.23
CA SER K 134 -58.21 -12.75 49.29
C SER K 134 -57.11 -12.46 48.29
N ILE K 135 -56.44 -13.52 47.83
CA ILE K 135 -55.33 -13.39 46.90
C ILE K 135 -55.67 -14.14 45.61
N ILE K 136 -55.18 -13.60 44.49
CA ILE K 136 -55.35 -14.21 43.18
C ILE K 136 -53.99 -14.22 42.49
N ILE K 137 -53.62 -15.37 41.96
CA ILE K 137 -52.31 -15.56 41.33
C ILE K 137 -52.52 -16.00 39.90
N THR K 138 -52.01 -15.22 38.96
CA THR K 138 -51.91 -15.63 37.57
C THR K 138 -50.48 -16.07 37.29
N ALA K 139 -50.33 -17.21 36.61
CA ALA K 139 -49.01 -17.74 36.33
C ALA K 139 -49.09 -18.57 35.05
N ASN K 140 -47.94 -18.71 34.39
CA ASN K 140 -47.89 -19.47 33.14
C ASN K 140 -47.47 -20.91 33.30
N ASN K 141 -46.91 -21.30 34.45
CA ASN K 141 -46.64 -22.70 34.71
C ASN K 141 -46.91 -22.99 36.19
N ILE K 142 -47.38 -24.20 36.45
CA ILE K 142 -47.77 -24.57 37.81
C ILE K 142 -46.62 -25.17 38.61
N ASP K 143 -45.56 -25.65 37.94
CA ASP K 143 -44.38 -26.13 38.65
C ASP K 143 -43.61 -25.00 39.30
N GLY K 144 -43.85 -23.76 38.88
CA GLY K 144 -43.14 -22.63 39.48
C GLY K 144 -43.73 -22.17 40.79
N ILE K 145 -45.05 -22.31 40.96
CA ILE K 145 -45.69 -22.02 42.22
C ILE K 145 -45.40 -23.17 43.19
N ILE K 146 -44.94 -22.84 44.39
CA ILE K 146 -44.53 -23.87 45.33
C ILE K 146 -45.76 -24.69 45.74
N LYS K 147 -45.50 -25.95 46.12
CA LYS K 147 -46.61 -26.86 46.44
C LYS K 147 -47.48 -26.40 47.59
N PRO K 148 -46.96 -25.79 48.67
CA PRO K 148 -47.87 -25.29 49.71
C PRO K 148 -48.88 -24.27 49.21
N LEU K 149 -48.48 -23.38 48.31
CA LEU K 149 -49.44 -22.43 47.75
C LEU K 149 -50.50 -23.15 46.92
N GLN K 150 -50.07 -24.06 46.04
CA GLN K 150 -51.01 -24.91 45.31
C GLN K 150 -51.99 -25.60 46.26
N SER K 151 -51.51 -26.02 47.43
CA SER K 151 -52.36 -26.70 48.39
C SER K 151 -53.50 -25.79 48.86
N ARG K 152 -53.16 -24.57 49.30
CA ARG K 152 -54.15 -23.70 49.91
C ARG K 152 -54.98 -22.92 48.89
N CYS K 153 -54.52 -22.82 47.65
CA CYS K 153 -55.24 -22.07 46.63
C CYS K 153 -55.97 -23.03 45.68
N ARG K 154 -57.01 -22.51 45.03
CA ARG K 154 -57.74 -23.26 44.02
C ARG K 154 -57.00 -23.13 42.69
N VAL K 155 -56.43 -24.24 42.22
CA VAL K 155 -55.68 -24.25 40.97
C VAL K 155 -56.67 -24.49 39.83
N ILE K 156 -56.93 -23.46 39.05
CA ILE K 156 -57.85 -23.54 37.91
C ILE K 156 -57.01 -23.61 36.64
N THR K 157 -56.98 -24.77 36.01
CA THR K 157 -56.32 -24.90 34.73
C THR K 157 -57.16 -24.26 33.64
N PHE K 158 -56.50 -23.56 32.70
CA PHE K 158 -57.21 -22.70 31.76
C PHE K 158 -57.18 -23.32 30.37
N GLY K 159 -56.22 -22.98 29.53
CA GLY K 159 -56.23 -23.35 28.12
C GLY K 159 -56.20 -24.83 27.81
N GLN K 160 -56.80 -25.66 28.65
CA GLN K 160 -56.89 -27.11 28.43
C GLN K 160 -58.36 -27.51 28.49
N PRO K 161 -59.16 -27.11 27.51
CA PRO K 161 -60.59 -27.41 27.57
C PRO K 161 -60.95 -28.72 26.89
N THR K 162 -62.01 -29.34 27.41
CA THR K 162 -62.53 -30.54 26.79
C THR K 162 -63.00 -30.23 25.38
N ASP K 163 -62.96 -31.25 24.51
CA ASP K 163 -63.28 -31.03 23.10
C ASP K 163 -64.73 -30.58 22.92
N GLU K 164 -65.63 -30.98 23.81
CA GLU K 164 -66.99 -30.44 23.75
C GLU K 164 -67.01 -28.97 24.14
N ASP K 165 -66.15 -28.55 25.08
CA ASP K 165 -66.01 -27.15 25.41
C ASP K 165 -65.12 -26.39 24.42
N LYS K 166 -64.23 -27.10 23.72
CA LYS K 166 -63.38 -26.46 22.73
C LYS K 166 -64.19 -25.97 21.53
N ILE K 167 -65.17 -26.75 21.10
CA ILE K 167 -65.97 -26.36 19.93
C ILE K 167 -66.92 -25.22 20.28
N GLU K 168 -67.49 -25.24 21.49
CA GLU K 168 -68.41 -24.16 21.85
C GLU K 168 -67.68 -22.85 22.05
N MET K 169 -66.45 -22.91 22.55
CA MET K 169 -65.71 -21.67 22.83
C MET K 169 -65.05 -21.14 21.57
N MET K 170 -64.71 -22.00 20.62
CA MET K 170 -64.24 -21.52 19.32
C MET K 170 -65.33 -20.77 18.59
N LYS K 171 -66.56 -21.31 18.60
CA LYS K 171 -67.70 -20.61 18.01
C LYS K 171 -67.97 -19.30 18.74
N GLN K 172 -67.77 -19.28 20.05
CA GLN K 172 -67.96 -18.03 20.80
C GLN K 172 -66.91 -16.99 20.42
N MET K 173 -65.65 -17.42 20.25
CA MET K 173 -64.63 -16.49 19.80
C MET K 173 -64.85 -16.09 18.35
N ILE K 174 -65.37 -17.00 17.52
CA ILE K 174 -65.73 -16.65 16.16
C ILE K 174 -66.82 -15.57 16.17
N ARG K 175 -67.85 -15.76 16.99
CA ARG K 175 -68.91 -14.76 17.09
C ARG K 175 -68.41 -13.48 17.76
N ARG K 176 -67.47 -13.61 18.71
CA ARG K 176 -66.93 -12.42 19.36
C ARG K 176 -66.03 -11.63 18.43
N LEU K 177 -65.31 -12.32 17.51
CA LEU K 177 -64.48 -11.61 16.55
C LEU K 177 -65.33 -10.78 15.58
N THR K 178 -66.54 -11.22 15.27
CA THR K 178 -67.39 -10.47 14.37
C THR K 178 -67.79 -9.13 14.98
N GLU K 179 -68.30 -9.15 16.21
CA GLU K 179 -68.62 -7.92 16.91
C GLU K 179 -67.38 -7.04 17.12
N ILE K 180 -66.19 -7.64 17.14
CA ILE K 180 -64.96 -6.84 17.14
C ILE K 180 -64.79 -6.14 15.80
N CYS K 181 -65.07 -6.84 14.70
CA CYS K 181 -64.91 -6.24 13.38
C CYS K 181 -65.95 -5.15 13.13
N LYS K 182 -67.16 -5.29 13.68
CA LYS K 182 -68.17 -4.25 13.52
C LYS K 182 -67.75 -2.97 14.23
N HIS K 183 -67.30 -3.09 15.48
CA HIS K 183 -66.99 -1.92 16.28
C HIS K 183 -65.71 -1.20 15.83
N GLU K 184 -64.82 -1.90 15.14
CA GLU K 184 -63.57 -1.31 14.66
C GLU K 184 -63.67 -0.82 13.23
N GLY K 185 -64.81 -1.02 12.56
CA GLY K 185 -64.96 -0.59 11.20
C GLY K 185 -64.31 -1.48 10.17
N ILE K 186 -64.29 -2.79 10.41
CA ILE K 186 -63.68 -3.76 9.51
C ILE K 186 -64.79 -4.61 8.90
N ALA K 187 -64.64 -4.94 7.62
CA ALA K 187 -65.65 -5.68 6.88
C ALA K 187 -65.24 -7.15 6.76
N ILE K 188 -66.14 -8.05 7.15
CA ILE K 188 -65.91 -9.48 7.00
C ILE K 188 -66.58 -9.95 5.72
N ALA K 189 -65.90 -9.79 4.59
CA ALA K 189 -66.43 -10.24 3.31
C ALA K 189 -66.45 -11.76 3.19
N ASP K 190 -65.83 -12.47 4.13
CA ASP K 190 -65.83 -13.93 4.13
C ASP K 190 -65.69 -14.40 5.56
N MET K 191 -66.66 -15.18 6.03
CA MET K 191 -66.62 -15.70 7.40
C MET K 191 -65.55 -16.77 7.58
N LYS K 192 -65.11 -17.40 6.49
CA LYS K 192 -64.08 -18.43 6.59
C LYS K 192 -62.78 -17.86 7.15
N VAL K 193 -62.53 -16.57 6.95
CA VAL K 193 -61.37 -15.92 7.55
C VAL K 193 -61.38 -16.10 9.06
N VAL K 194 -62.41 -15.55 9.72
CA VAL K 194 -62.55 -15.68 11.17
C VAL K 194 -62.61 -17.14 11.58
N ALA K 195 -63.20 -18.00 10.74
CA ALA K 195 -63.25 -19.43 11.04
C ALA K 195 -61.85 -20.01 11.20
N ALA K 196 -61.01 -19.86 10.17
CA ALA K 196 -59.64 -20.34 10.24
C ALA K 196 -58.74 -19.44 11.08
N LEU K 197 -59.20 -18.25 11.46
CA LEU K 197 -58.39 -17.37 12.30
C LEU K 197 -58.42 -17.83 13.76
N VAL K 198 -59.60 -18.15 14.27
CA VAL K 198 -59.71 -18.66 15.63
C VAL K 198 -59.23 -20.10 15.71
N LYS K 199 -59.45 -20.88 14.65
CA LYS K 199 -59.07 -22.28 14.65
C LYS K 199 -57.57 -22.45 14.80
N LYS K 200 -56.79 -21.69 14.03
CA LYS K 200 -55.33 -21.81 14.01
C LYS K 200 -54.74 -21.53 15.40
N ASN K 201 -54.67 -20.26 15.78
CA ASN K 201 -54.21 -19.88 17.11
C ASN K 201 -55.35 -20.18 18.09
N PHE K 202 -55.33 -21.35 18.72
CA PHE K 202 -56.52 -21.61 19.53
C PHE K 202 -56.37 -21.03 20.93
N PRO K 203 -55.84 -21.75 21.93
CA PRO K 203 -56.07 -21.34 23.33
C PRO K 203 -55.59 -19.93 23.62
N ASP K 204 -54.68 -19.40 22.80
CA ASP K 204 -54.24 -18.01 22.88
C ASP K 204 -55.29 -17.14 22.21
N PHE K 205 -56.15 -16.51 23.00
CA PHE K 205 -57.15 -15.59 22.49
C PHE K 205 -56.63 -14.16 22.37
N ARG K 206 -55.35 -13.92 22.69
CA ARG K 206 -54.74 -12.63 22.41
C ARG K 206 -54.09 -12.60 21.03
N LYS K 207 -53.51 -13.72 20.58
CA LYS K 207 -52.91 -13.76 19.26
C LYS K 207 -53.96 -13.74 18.16
N THR K 208 -55.16 -14.27 18.42
CA THR K 208 -56.23 -14.23 17.44
C THR K 208 -56.62 -12.79 17.11
N ILE K 209 -56.79 -11.96 18.16
CA ILE K 209 -57.13 -10.56 17.94
C ILE K 209 -55.96 -9.85 17.26
N GLY K 210 -54.73 -10.20 17.64
CA GLY K 210 -53.57 -9.65 16.96
C GLY K 210 -53.50 -10.06 15.50
N GLU K 211 -53.75 -11.34 15.21
CA GLU K 211 -53.84 -11.79 13.83
C GLU K 211 -54.98 -11.09 13.10
N LEU K 212 -56.07 -10.77 13.81
CA LEU K 212 -57.13 -9.99 13.19
C LEU K 212 -56.66 -8.59 12.85
N ASP K 213 -55.90 -7.96 13.76
CA ASP K 213 -55.41 -6.61 13.50
C ASP K 213 -54.32 -6.62 12.44
N SER K 214 -53.47 -7.64 12.44
CA SER K 214 -52.41 -7.73 11.45
C SER K 214 -52.97 -7.93 10.05
N TYR K 215 -54.11 -8.60 9.94
CA TYR K 215 -54.79 -8.81 8.67
C TYR K 215 -55.88 -7.80 8.43
N SER K 216 -56.02 -6.81 9.31
CA SER K 216 -56.94 -5.70 9.11
C SER K 216 -56.28 -4.51 8.43
N SER K 217 -55.18 -4.74 7.70
CA SER K 217 -54.47 -3.65 7.05
C SER K 217 -55.31 -2.97 5.98
N LYS K 218 -56.33 -3.63 5.45
CA LYS K 218 -57.19 -3.07 4.41
C LYS K 218 -58.61 -2.81 4.88
N GLY K 219 -58.84 -2.86 6.19
CA GLY K 219 -60.18 -2.65 6.72
C GLY K 219 -61.21 -3.65 6.24
N VAL K 220 -60.75 -4.78 5.68
CA VAL K 220 -61.63 -5.80 5.13
C VAL K 220 -60.90 -7.13 5.21
N LEU K 221 -61.68 -8.20 5.43
CA LEU K 221 -61.12 -9.55 5.51
C LEU K 221 -61.51 -10.36 4.29
N ASP K 222 -61.10 -9.89 3.10
CA ASP K 222 -61.51 -10.55 1.88
C ASP K 222 -60.83 -11.91 1.74
N ALA K 223 -61.17 -12.61 0.65
CA ALA K 223 -60.78 -14.01 0.50
C ALA K 223 -59.27 -14.16 0.33
N GLY K 224 -58.58 -13.14 -0.17
CA GLY K 224 -57.14 -13.21 -0.26
C GLY K 224 -56.49 -13.37 1.11
N ILE K 225 -57.02 -12.64 2.10
CA ILE K 225 -56.54 -12.80 3.47
C ILE K 225 -56.89 -14.19 4.00
N LEU K 226 -58.07 -14.69 3.64
CA LEU K 226 -58.49 -16.04 4.03
C LEU K 226 -57.42 -17.07 3.66
N SER K 227 -57.04 -17.10 2.38
CA SER K 227 -55.99 -18.01 1.94
C SER K 227 -54.68 -17.72 2.65
N LEU K 228 -54.44 -16.46 3.04
CA LEU K 228 -53.22 -16.12 3.75
C LEU K 228 -53.21 -16.61 5.19
N VAL K 229 -54.37 -16.59 5.86
CA VAL K 229 -54.44 -17.13 7.21
C VAL K 229 -54.23 -18.63 7.20
N THR K 230 -54.87 -19.32 6.25
CA THR K 230 -54.64 -20.76 6.11
C THR K 230 -53.23 -21.04 5.58
N ASN K 231 -52.65 -20.09 4.87
CA ASN K 231 -51.31 -20.27 4.33
C ASN K 231 -50.27 -20.29 5.45
N ASP K 232 -49.11 -20.85 5.13
CA ASP K 232 -47.97 -20.80 6.02
C ASP K 232 -46.68 -21.01 5.26
N ARG K 233 -46.13 -19.93 4.68
CA ARG K 233 -44.78 -20.00 4.15
C ARG K 233 -43.78 -20.40 5.23
N GLY K 234 -44.05 -20.02 6.47
CA GLY K 234 -43.28 -20.50 7.61
C GLY K 234 -41.83 -20.06 7.53
N ALA K 235 -40.94 -21.04 7.46
CA ALA K 235 -39.51 -20.76 7.38
C ALA K 235 -38.81 -21.75 6.45
N ILE K 236 -38.29 -22.83 7.02
CA ILE K 236 -37.49 -23.80 6.27
C ILE K 236 -38.38 -24.80 5.54
N ASP K 237 -39.60 -24.38 5.17
CA ASP K 237 -40.53 -25.29 4.52
C ASP K 237 -40.00 -25.81 3.19
N ASP K 238 -39.10 -25.05 2.54
CA ASP K 238 -38.58 -25.47 1.25
C ASP K 238 -37.68 -26.71 1.39
N VAL K 239 -36.83 -26.73 2.40
CA VAL K 239 -35.95 -27.88 2.61
C VAL K 239 -36.75 -29.09 3.08
N LEU K 240 -37.78 -28.85 3.91
CA LEU K 240 -38.59 -29.95 4.42
C LEU K 240 -39.39 -30.61 3.30
N GLU K 241 -40.07 -29.80 2.49
CA GLU K 241 -40.87 -30.35 1.39
C GLU K 241 -39.99 -31.04 0.35
N SER K 242 -38.73 -30.61 0.22
CA SER K 242 -37.84 -31.17 -0.77
C SER K 242 -37.31 -32.54 -0.36
N LEU K 243 -37.06 -32.73 0.93
CA LEU K 243 -36.39 -33.94 1.40
C LEU K 243 -37.21 -35.20 1.21
N LYS K 244 -38.53 -35.07 1.03
CA LYS K 244 -39.37 -36.26 0.90
C LYS K 244 -39.15 -36.97 -0.44
N ASN K 245 -38.90 -36.21 -1.50
CA ASN K 245 -38.85 -36.78 -2.84
C ASN K 245 -37.55 -37.48 -3.17
N LYS K 246 -36.56 -37.48 -2.27
CA LYS K 246 -35.25 -38.06 -2.49
C LYS K 246 -34.56 -37.46 -3.72
N ASP K 247 -34.95 -36.26 -4.14
CA ASP K 247 -34.34 -35.61 -5.29
C ASP K 247 -33.02 -34.98 -4.89
N VAL K 248 -31.94 -35.38 -5.56
CA VAL K 248 -30.60 -34.96 -5.16
C VAL K 248 -30.31 -33.53 -5.60
N LYS K 249 -30.85 -33.10 -6.75
CA LYS K 249 -30.46 -31.81 -7.30
C LYS K 249 -31.05 -30.65 -6.49
N GLN K 250 -32.31 -30.77 -6.06
CA GLN K 250 -32.89 -29.71 -5.24
C GLN K 250 -32.29 -29.69 -3.84
N LEU K 251 -31.84 -30.84 -3.34
CA LEU K 251 -31.13 -30.86 -2.07
C LEU K 251 -29.78 -30.17 -2.17
N ARG K 252 -29.09 -30.35 -3.31
CA ARG K 252 -27.82 -29.66 -3.51
C ARG K 252 -28.01 -28.16 -3.66
N ALA K 253 -29.14 -27.73 -4.23
CA ALA K 253 -29.39 -26.31 -4.40
C ALA K 253 -29.92 -25.66 -3.11
N LEU K 254 -30.66 -26.41 -2.30
CA LEU K 254 -31.16 -25.90 -1.03
C LEU K 254 -30.10 -25.92 0.06
N ALA K 255 -28.94 -26.53 -0.18
CA ALA K 255 -27.89 -26.53 0.83
C ALA K 255 -27.23 -25.16 0.99
N PRO K 256 -26.75 -24.50 -0.08
CA PRO K 256 -26.15 -23.17 0.11
C PRO K 256 -27.15 -22.09 0.48
N LYS K 257 -28.46 -22.34 0.30
CA LYS K 257 -29.45 -21.40 0.78
C LYS K 257 -29.48 -21.32 2.30
N TYR K 258 -29.07 -22.40 2.98
CA TYR K 258 -29.14 -22.48 4.44
C TYR K 258 -27.81 -22.93 5.04
N ALA K 259 -26.70 -22.71 4.35
CA ALA K 259 -25.40 -23.22 4.81
C ALA K 259 -24.63 -22.25 5.68
N ALA K 260 -24.91 -20.95 5.58
CA ALA K 260 -24.14 -19.97 6.36
C ALA K 260 -24.49 -20.07 7.84
N ASP K 261 -25.77 -20.04 8.18
CA ASP K 261 -26.23 -20.22 9.56
C ASP K 261 -26.53 -21.70 9.79
N TYR K 262 -25.46 -22.48 9.85
CA TYR K 262 -25.60 -23.93 9.99
C TYR K 262 -26.27 -24.30 11.32
N SER K 263 -25.81 -23.69 12.41
CA SER K 263 -26.24 -24.13 13.74
C SER K 263 -27.74 -23.96 13.94
N TRP K 264 -28.30 -22.85 13.47
CA TRP K 264 -29.74 -22.65 13.58
C TRP K 264 -30.49 -23.59 12.66
N PHE K 265 -29.94 -23.86 11.48
CA PHE K 265 -30.64 -24.68 10.50
C PHE K 265 -30.77 -26.12 10.97
N VAL K 266 -29.66 -26.72 11.41
CA VAL K 266 -29.72 -28.09 11.90
C VAL K 266 -30.49 -28.16 13.21
N GLY K 267 -30.49 -27.07 13.99
CA GLY K 267 -31.32 -27.02 15.18
C GLY K 267 -32.79 -26.87 14.85
N LYS K 268 -33.10 -26.20 13.74
CA LYS K 268 -34.49 -26.08 13.29
C LYS K 268 -34.94 -27.35 12.56
N LEU K 269 -34.01 -28.05 11.92
CA LEU K 269 -34.34 -29.34 11.32
C LEU K 269 -34.68 -30.36 12.41
N ALA K 270 -33.76 -30.56 13.36
CA ALA K 270 -33.99 -31.49 14.46
C ALA K 270 -35.31 -31.24 15.17
N GLU K 271 -35.77 -29.99 15.20
CA GLU K 271 -37.06 -29.66 15.78
C GLU K 271 -38.21 -30.06 14.86
N GLU K 272 -38.09 -29.74 13.57
CA GLU K 272 -39.24 -29.84 12.68
C GLU K 272 -39.48 -31.25 12.15
N ILE K 273 -38.41 -31.97 11.81
CA ILE K 273 -38.58 -33.18 11.00
C ILE K 273 -38.94 -34.42 11.79
N TYR K 274 -38.80 -34.43 13.12
CA TYR K 274 -39.21 -35.61 13.87
C TYR K 274 -40.70 -35.86 13.76
N SER K 275 -41.50 -34.79 13.78
CA SER K 275 -42.95 -34.88 13.87
C SER K 275 -43.58 -35.70 12.75
N ARG K 276 -42.77 -36.29 11.87
CA ARG K 276 -43.26 -37.02 10.71
C ARG K 276 -42.41 -38.28 10.46
N VAL K 277 -42.07 -39.01 11.52
CA VAL K 277 -41.05 -40.06 11.44
C VAL K 277 -41.64 -41.41 11.84
N THR K 278 -41.23 -42.45 11.12
CA THR K 278 -41.65 -43.82 11.40
C THR K 278 -40.94 -44.35 12.66
N PRO K 279 -41.56 -45.29 13.37
CA PRO K 279 -41.06 -45.65 14.72
C PRO K 279 -39.60 -46.11 14.80
N GLN K 280 -38.96 -46.47 13.69
CA GLN K 280 -37.56 -46.88 13.78
C GLN K 280 -36.59 -45.84 13.27
N SER K 281 -37.05 -44.88 12.48
CA SER K 281 -36.17 -43.84 11.96
C SER K 281 -35.88 -42.74 12.98
N ILE K 282 -36.41 -42.83 14.20
CA ILE K 282 -36.08 -41.85 15.23
C ILE K 282 -34.60 -41.95 15.58
N ILE K 283 -34.13 -43.17 15.87
CA ILE K 283 -32.72 -43.36 16.20
C ILE K 283 -31.84 -42.86 15.06
N ARG K 284 -32.18 -43.24 13.83
CA ARG K 284 -31.34 -42.90 12.68
C ARG K 284 -31.36 -41.41 12.38
N MET K 285 -32.45 -40.71 12.72
CA MET K 285 -32.59 -39.30 12.39
C MET K 285 -31.61 -38.43 13.16
N TYR K 286 -31.84 -38.28 14.48
CA TYR K 286 -30.92 -37.48 15.29
C TYR K 286 -29.50 -38.00 15.20
N GLU K 287 -29.32 -39.31 15.01
CA GLU K 287 -27.99 -39.88 14.78
C GLU K 287 -27.25 -39.11 13.70
N ILE K 288 -27.89 -38.95 12.54
CA ILE K 288 -27.28 -38.21 11.45
C ILE K 288 -27.18 -36.73 11.80
N VAL K 289 -28.19 -36.19 12.48
CA VAL K 289 -28.16 -34.78 12.86
C VAL K 289 -27.06 -34.52 13.88
N GLY K 290 -26.96 -35.37 14.90
CA GLY K 290 -25.87 -35.24 15.85
C GLY K 290 -24.52 -35.46 15.22
N GLU K 291 -24.38 -36.54 14.46
CA GLU K 291 -23.12 -36.82 13.77
C GLU K 291 -22.79 -35.76 12.73
N ASN K 292 -23.79 -35.00 12.25
CA ASN K 292 -23.46 -33.91 11.36
C ASN K 292 -23.03 -32.67 12.15
N ASN K 293 -23.66 -32.42 13.29
CA ASN K 293 -23.32 -31.23 14.08
C ASN K 293 -22.01 -31.41 14.84
N GLN K 294 -21.89 -32.52 15.59
CA GLN K 294 -20.70 -32.77 16.40
C GLN K 294 -19.43 -32.85 15.55
N TYR K 295 -19.56 -33.06 14.24
CA TYR K 295 -18.43 -33.00 13.32
C TYR K 295 -18.43 -31.75 12.45
N HIS K 296 -19.41 -30.85 12.60
CA HIS K 296 -19.44 -29.63 11.82
C HIS K 296 -18.36 -28.66 12.30
N GLY K 297 -17.91 -27.81 11.38
CA GLY K 297 -16.87 -26.84 11.69
C GLY K 297 -15.53 -27.47 11.44
N ILE K 298 -15.45 -28.78 11.70
CA ILE K 298 -14.28 -29.54 11.32
C ILE K 298 -14.28 -29.79 9.82
N ALA K 299 -15.47 -29.96 9.24
CA ALA K 299 -15.60 -30.09 7.79
C ALA K 299 -15.20 -28.78 7.11
N ALA K 300 -14.29 -28.88 6.15
CA ALA K 300 -13.80 -27.68 5.47
C ALA K 300 -14.92 -27.01 4.69
N ASN K 301 -15.52 -27.72 3.73
CA ASN K 301 -16.63 -27.20 2.96
C ASN K 301 -17.92 -27.50 3.72
N THR K 302 -18.50 -26.47 4.34
CA THR K 302 -19.72 -26.66 5.12
C THR K 302 -20.97 -26.73 4.26
N GLU K 303 -20.94 -26.14 3.05
CA GLU K 303 -22.07 -26.28 2.14
C GLU K 303 -22.23 -27.72 1.67
N LEU K 304 -21.13 -28.33 1.23
CA LEU K 304 -21.17 -29.75 0.87
C LEU K 304 -21.55 -30.60 2.07
N HIS K 305 -21.12 -30.21 3.27
CA HIS K 305 -21.46 -30.95 4.47
C HIS K 305 -22.95 -30.90 4.74
N LEU K 306 -23.58 -29.73 4.53
CA LEU K 306 -25.02 -29.64 4.65
C LEU K 306 -25.73 -30.49 3.59
N ALA K 307 -25.15 -30.60 2.40
CA ALA K 307 -25.67 -31.52 1.41
C ALA K 307 -25.50 -32.97 1.85
N TYR K 308 -24.35 -33.28 2.46
CA TYR K 308 -24.14 -34.61 3.03
C TYR K 308 -25.21 -34.92 4.07
N LEU K 309 -25.56 -33.94 4.91
CA LEU K 309 -26.65 -34.13 5.86
C LEU K 309 -27.97 -34.35 5.15
N PHE K 310 -28.22 -33.61 4.08
CA PHE K 310 -29.48 -33.74 3.35
C PHE K 310 -29.67 -35.14 2.81
N ILE K 311 -28.64 -35.69 2.17
CA ILE K 311 -28.78 -36.95 1.46
C ILE K 311 -28.88 -38.12 2.43
N GLN K 312 -28.12 -38.07 3.53
CA GLN K 312 -28.23 -39.11 4.54
C GLN K 312 -29.66 -39.22 5.06
N LEU K 313 -30.31 -38.09 5.30
CA LEU K 313 -31.68 -38.12 5.77
C LEU K 313 -32.64 -38.60 4.68
N ALA K 314 -32.43 -38.15 3.44
CA ALA K 314 -33.32 -38.56 2.36
C ALA K 314 -33.26 -40.05 2.08
N CYS K 315 -32.17 -40.71 2.47
CA CYS K 315 -31.99 -42.13 2.14
C CYS K 315 -32.46 -43.07 3.24
N GLU K 316 -32.20 -42.73 4.50
CA GLU K 316 -32.48 -43.63 5.61
C GLU K 316 -33.81 -43.34 6.31
N MET K 317 -34.58 -42.37 5.83
CA MET K 317 -35.81 -41.96 6.49
C MET K 317 -37.01 -42.44 5.68
N GLN K 318 -37.87 -43.22 6.33
CA GLN K 318 -39.26 -43.38 5.88
C GLN K 318 -40.12 -42.27 6.49
N TRP K 319 -39.68 -41.05 6.25
CA TRP K 319 -40.08 -39.86 7.00
C TRP K 319 -41.44 -39.34 6.49
N LYS K 320 -42.47 -40.13 6.78
CA LYS K 320 -43.83 -39.74 6.39
C LYS K 320 -44.62 -39.22 7.58
N SER L 1 -30.74 9.88 -6.66
CA SER L 1 -30.33 8.88 -5.68
C SER L 1 -31.52 8.41 -4.86
N MET L 2 -31.41 7.19 -4.31
CA MET L 2 -32.43 6.63 -3.43
C MET L 2 -31.90 6.32 -2.04
N ILE L 3 -30.73 6.83 -1.68
CA ILE L 3 -30.04 6.42 -0.47
C ILE L 3 -30.02 7.57 0.53
N THR L 4 -29.93 7.20 1.81
CA THR L 4 -29.55 8.12 2.88
C THR L 4 -28.06 7.93 3.15
N VAL L 5 -27.43 8.99 3.67
CA VAL L 5 -26.03 8.95 4.05
C VAL L 5 -25.90 9.56 5.44
N ASN L 6 -25.47 8.75 6.41
CA ASN L 6 -25.14 9.29 7.72
C ASN L 6 -23.96 10.24 7.63
N GLU L 7 -22.94 9.88 6.86
CA GLU L 7 -21.74 10.69 6.63
C GLU L 7 -20.95 11.00 7.90
N LYS L 8 -21.55 10.77 9.07
CA LYS L 8 -20.77 10.75 10.29
C LYS L 8 -20.01 9.44 10.43
N GLU L 9 -20.52 8.37 9.82
CA GLU L 9 -19.85 7.08 9.82
C GLU L 9 -18.92 6.98 8.62
N HIS L 10 -17.76 6.38 8.84
CA HIS L 10 -16.85 6.07 7.75
C HIS L 10 -17.15 4.71 7.12
N ILE L 11 -17.81 3.83 7.85
CA ILE L 11 -18.01 2.45 7.41
C ILE L 11 -19.23 2.42 6.48
N LEU L 12 -19.03 1.92 5.25
CA LEU L 12 -20.09 1.98 4.26
C LEU L 12 -21.10 0.86 4.39
N GLU L 13 -21.24 0.29 5.59
CA GLU L 13 -22.32 -0.62 5.91
C GLU L 13 -23.31 -0.03 6.90
N GLN L 14 -22.84 0.85 7.78
CA GLN L 14 -23.66 1.55 8.74
C GLN L 14 -24.02 2.97 8.30
N LYS L 15 -23.20 3.58 7.45
CA LYS L 15 -23.46 4.94 6.99
C LYS L 15 -24.53 4.96 5.90
N TYR L 16 -24.66 3.89 5.13
CA TYR L 16 -25.73 3.77 4.14
C TYR L 16 -26.93 3.02 4.71
N ARG L 17 -27.34 3.32 5.95
CA ARG L 17 -28.49 2.53 6.33
C ARG L 17 -29.78 3.32 6.09
N PRO L 18 -30.82 2.64 5.61
CA PRO L 18 -32.06 3.33 5.24
C PRO L 18 -32.62 4.17 6.39
N SER L 19 -33.26 5.28 6.02
CA SER L 19 -33.89 6.20 6.96
C SER L 19 -35.39 5.96 7.11
N THR L 20 -36.10 5.75 6.00
CA THR L 20 -37.53 5.49 6.01
C THR L 20 -37.79 4.03 5.67
N ILE L 21 -39.01 3.58 5.96
CA ILE L 21 -39.42 2.23 5.57
C ILE L 21 -39.42 2.08 4.06
N ASP L 22 -39.70 3.17 3.33
CA ASP L 22 -39.68 3.12 1.88
C ASP L 22 -38.29 2.82 1.35
N GLU L 23 -37.24 3.19 2.10
CA GLU L 23 -35.88 2.93 1.64
C GLU L 23 -35.45 1.51 1.95
N CYS L 24 -36.04 0.87 2.96
CA CYS L 24 -35.70 -0.50 3.29
C CYS L 24 -36.16 -1.45 2.17
N ILE L 25 -35.39 -2.51 1.97
CA ILE L 25 -35.74 -3.56 1.02
C ILE L 25 -36.39 -4.69 1.79
N LEU L 26 -37.67 -4.94 1.50
CA LEU L 26 -38.49 -5.85 2.28
C LEU L 26 -39.36 -6.67 1.34
N PRO L 27 -39.85 -7.82 1.80
CA PRO L 27 -40.89 -8.52 1.02
C PRO L 27 -42.13 -7.64 0.87
N ALA L 28 -42.83 -7.83 -0.24
CA ALA L 28 -43.99 -6.98 -0.55
C ALA L 28 -45.03 -7.05 0.57
N PHE L 29 -45.24 -8.23 1.15
CA PHE L 29 -46.15 -8.36 2.27
C PHE L 29 -45.65 -7.59 3.48
N ASP L 30 -44.37 -7.76 3.83
CA ASP L 30 -43.84 -7.14 5.04
C ASP L 30 -43.69 -5.63 4.87
N LYS L 31 -43.31 -5.17 3.68
CA LYS L 31 -43.22 -3.74 3.44
C LYS L 31 -44.59 -3.07 3.55
N GLU L 32 -45.63 -3.76 3.11
CA GLU L 32 -46.97 -3.17 3.12
C GLU L 32 -47.52 -3.11 4.54
N THR L 33 -47.34 -4.17 5.33
CA THR L 33 -47.79 -4.12 6.72
C THR L 33 -46.97 -3.15 7.55
N PHE L 34 -45.79 -2.76 7.07
CA PHE L 34 -45.01 -1.74 7.78
C PHE L 34 -45.48 -0.33 7.42
N LYS L 35 -45.77 -0.09 6.14
CA LYS L 35 -46.30 1.22 5.74
C LYS L 35 -47.69 1.45 6.32
N SER L 36 -48.50 0.39 6.47
CA SER L 36 -49.80 0.53 7.09
C SER L 36 -49.70 0.73 8.61
N ILE L 37 -48.63 0.22 9.23
CA ILE L 37 -48.40 0.49 10.65
C ILE L 37 -47.97 1.94 10.84
N THR L 38 -47.19 2.49 9.92
CA THR L 38 -46.89 3.91 9.95
C THR L 38 -48.11 4.75 9.57
N SER L 39 -49.05 4.19 8.81
CA SER L 39 -50.25 4.93 8.45
C SER L 39 -51.15 5.15 9.67
N LYS L 40 -51.37 4.10 10.47
CA LYS L 40 -52.24 4.19 11.62
C LYS L 40 -51.69 5.08 12.74
N GLY L 41 -50.50 5.65 12.57
CA GLY L 41 -49.97 6.58 13.53
C GLY L 41 -49.49 5.98 14.84
N LYS L 42 -50.22 4.99 15.35
CA LYS L 42 -49.90 4.33 16.61
C LYS L 42 -49.37 2.94 16.30
N ILE L 43 -48.14 2.68 16.73
CA ILE L 43 -47.44 1.43 16.38
C ILE L 43 -47.69 0.39 17.46
N PRO L 44 -47.96 -0.85 17.10
CA PRO L 44 -48.23 -1.89 18.10
C PRO L 44 -46.92 -2.48 18.62
N HIS L 45 -47.06 -3.39 19.58
CA HIS L 45 -45.94 -4.23 19.96
C HIS L 45 -45.56 -5.12 18.80
N ILE L 46 -44.27 -5.18 18.48
CA ILE L 46 -43.80 -5.96 17.34
C ILE L 46 -42.48 -6.64 17.69
N ILE L 47 -42.27 -7.82 17.14
CA ILE L 47 -41.00 -8.53 17.21
C ILE L 47 -40.47 -8.72 15.80
N LEU L 48 -39.28 -8.16 15.54
CA LEU L 48 -38.59 -8.34 14.27
C LEU L 48 -37.43 -9.29 14.50
N HIS L 49 -37.56 -10.51 14.01
CA HIS L 49 -36.56 -11.56 14.17
C HIS L 49 -36.19 -12.10 12.80
N SER L 50 -35.10 -12.86 12.73
CA SER L 50 -34.60 -13.20 11.40
C SER L 50 -33.76 -14.48 11.29
N PRO L 51 -33.63 -15.29 12.35
CA PRO L 51 -32.47 -16.19 12.44
C PRO L 51 -31.24 -15.74 11.67
N SER L 52 -31.27 -15.84 10.35
CA SER L 52 -30.21 -15.28 9.53
C SER L 52 -30.15 -13.76 9.72
N PRO L 53 -29.06 -13.22 10.23
CA PRO L 53 -29.00 -11.79 10.55
C PRO L 53 -28.77 -10.94 9.29
N GLY L 54 -28.70 -9.63 9.50
CA GLY L 54 -28.49 -8.69 8.41
C GLY L 54 -29.72 -8.33 7.61
N THR L 55 -30.90 -8.81 8.00
CA THR L 55 -32.09 -8.67 7.17
C THR L 55 -32.72 -7.28 7.26
N GLY L 56 -32.62 -6.62 8.41
CA GLY L 56 -33.12 -5.26 8.51
C GLY L 56 -33.95 -4.96 9.75
N LYS L 57 -33.98 -5.89 10.71
CA LYS L 57 -34.78 -5.68 11.92
C LYS L 57 -34.36 -4.40 12.64
N THR L 58 -33.07 -4.26 12.92
CA THR L 58 -32.58 -3.06 13.59
C THR L 58 -32.84 -1.83 12.74
N THR L 59 -32.69 -1.94 11.42
CA THR L 59 -32.94 -0.81 10.53
C THR L 59 -34.44 -0.51 10.44
N VAL L 60 -35.26 -1.53 10.18
CA VAL L 60 -36.70 -1.32 10.04
C VAL L 60 -37.29 -0.76 11.34
N ALA L 61 -36.82 -1.26 12.48
CA ALA L 61 -37.31 -0.74 13.76
C ALA L 61 -36.99 0.74 13.90
N LYS L 62 -35.75 1.14 13.60
CA LYS L 62 -35.39 2.55 13.66
C LYS L 62 -36.09 3.34 12.56
N ALA L 63 -36.19 2.76 11.37
CA ALA L 63 -36.90 3.44 10.28
C ALA L 63 -38.40 3.49 10.51
N LEU L 64 -38.94 2.56 11.31
CA LEU L 64 -40.37 2.61 11.63
C LEU L 64 -40.68 3.80 12.55
N CYS L 65 -39.86 3.98 13.59
CA CYS L 65 -40.03 5.13 14.47
C CYS L 65 -39.81 6.43 13.73
N HIS L 66 -38.94 6.43 12.72
CA HIS L 66 -38.70 7.63 11.92
C HIS L 66 -39.94 8.02 11.13
N ASP L 67 -40.60 7.05 10.49
CA ASP L 67 -41.78 7.33 9.68
C ASP L 67 -43.01 7.64 10.51
N VAL L 68 -43.00 7.31 11.80
CA VAL L 68 -44.11 7.62 12.69
C VAL L 68 -43.86 8.89 13.50
N ASN L 69 -42.62 9.36 13.58
CA ASN L 69 -42.22 10.46 14.46
C ASN L 69 -42.53 10.10 15.91
N ALA L 70 -41.85 9.06 16.39
CA ALA L 70 -42.09 8.49 17.69
C ALA L 70 -41.07 9.00 18.70
N ASP L 71 -41.51 9.11 19.96
CA ASP L 71 -40.58 9.34 21.06
C ASP L 71 -39.95 8.00 21.39
N MET L 72 -38.98 7.63 20.55
CA MET L 72 -38.37 6.31 20.61
C MET L 72 -37.20 6.30 21.59
N MET L 73 -37.10 5.22 22.36
CA MET L 73 -36.00 5.02 23.32
C MET L 73 -35.27 3.74 22.91
N PHE L 74 -34.19 3.90 22.15
CA PHE L 74 -33.43 2.77 21.65
C PHE L 74 -32.59 2.16 22.76
N VAL L 75 -32.73 0.85 22.95
CA VAL L 75 -32.17 0.16 24.11
C VAL L 75 -31.43 -1.09 23.65
N ASN L 76 -30.22 -1.28 24.15
CA ASN L 76 -29.46 -2.51 23.93
C ASN L 76 -30.06 -3.62 24.78
N GLY L 77 -30.70 -4.60 24.12
CA GLY L 77 -31.35 -5.70 24.81
C GLY L 77 -30.43 -6.52 25.70
N SER L 78 -29.14 -6.59 25.38
CA SER L 78 -28.19 -7.26 26.26
C SER L 78 -28.02 -6.50 27.57
N ASP L 79 -28.29 -5.19 27.58
CA ASP L 79 -28.30 -4.40 28.79
C ASP L 79 -29.72 -4.18 29.32
N CYS L 80 -30.67 -5.01 28.89
CA CYS L 80 -32.06 -4.86 29.31
C CYS L 80 -32.34 -5.69 30.57
N LYS L 81 -31.63 -5.31 31.64
CA LYS L 81 -31.77 -6.02 32.91
C LYS L 81 -33.13 -5.73 33.53
N ILE L 82 -33.47 -6.52 34.55
CA ILE L 82 -34.81 -6.43 35.13
C ILE L 82 -34.98 -5.13 35.92
N ASP L 83 -33.92 -4.67 36.59
CA ASP L 83 -33.99 -3.39 37.27
C ASP L 83 -34.09 -2.24 36.27
N PHE L 84 -33.51 -2.41 35.08
CA PHE L 84 -33.66 -1.41 34.02
C PHE L 84 -35.11 -1.28 33.58
N VAL L 85 -35.78 -2.43 33.40
CA VAL L 85 -37.20 -2.39 33.00
C VAL L 85 -38.04 -1.76 34.10
N ARG L 86 -37.77 -2.11 35.36
CA ARG L 86 -38.49 -1.50 36.47
C ARG L 86 -38.20 -0.01 36.55
N GLY L 87 -36.98 0.39 36.26
CA GLY L 87 -36.57 1.77 36.41
C GLY L 87 -36.96 2.65 35.24
N PRO L 88 -35.96 3.08 34.45
CA PRO L 88 -36.23 4.06 33.38
C PRO L 88 -37.31 3.65 32.40
N LEU L 89 -37.43 2.35 32.08
CA LEU L 89 -38.45 1.93 31.13
C LEU L 89 -39.85 2.15 31.67
N THR L 90 -40.06 1.95 32.97
CA THR L 90 -41.37 2.20 33.56
C THR L 90 -41.61 3.71 33.74
N ASN L 91 -40.58 4.45 34.13
CA ASN L 91 -40.69 5.91 34.14
C ASN L 91 -40.98 6.43 32.74
N PHE L 92 -40.37 5.83 31.73
CA PHE L 92 -40.64 6.23 30.34
C PHE L 92 -42.04 5.85 29.92
N ALA L 93 -42.48 4.62 30.24
CA ALA L 93 -43.78 4.15 29.78
C ALA L 93 -44.93 4.81 30.54
N SER L 94 -44.68 5.36 31.72
CA SER L 94 -45.74 6.01 32.49
C SER L 94 -45.85 7.49 32.19
N ALA L 95 -44.81 8.12 31.67
CA ALA L 95 -44.85 9.55 31.38
C ALA L 95 -45.65 9.83 30.12
N ALA L 96 -46.32 10.98 30.11
CA ALA L 96 -47.11 11.41 28.97
C ALA L 96 -46.22 12.14 27.98
N SER L 97 -46.41 11.84 26.68
CA SER L 97 -45.61 12.44 25.62
C SER L 97 -45.68 13.96 25.65
N PHE L 98 -44.54 14.60 25.93
CA PHE L 98 -44.51 16.04 26.09
C PHE L 98 -44.73 16.78 24.77
N ASP L 99 -44.51 16.13 23.63
CA ASP L 99 -44.76 16.74 22.33
C ASP L 99 -45.73 15.94 21.48
N GLY L 100 -46.44 14.97 22.06
CA GLY L 100 -47.44 14.20 21.35
C GLY L 100 -46.94 12.99 20.61
N ARG L 101 -45.62 12.77 20.58
CA ARG L 101 -45.07 11.64 19.85
C ARG L 101 -45.40 10.32 20.53
N GLN L 102 -45.78 9.33 19.72
CA GLN L 102 -46.04 7.99 20.25
C GLN L 102 -44.78 7.38 20.84
N LYS L 103 -44.75 7.23 22.16
CA LYS L 103 -43.58 6.64 22.81
C LYS L 103 -43.47 5.16 22.46
N VAL L 104 -42.24 4.73 22.16
CA VAL L 104 -41.98 3.33 21.85
C VAL L 104 -40.59 2.98 22.36
N ILE L 105 -40.41 1.72 22.73
CA ILE L 105 -39.16 1.21 23.27
C ILE L 105 -38.62 0.17 22.30
N VAL L 106 -37.48 0.45 21.70
CA VAL L 106 -36.85 -0.46 20.76
C VAL L 106 -35.81 -1.26 21.53
N ILE L 107 -36.11 -2.54 21.80
CA ILE L 107 -35.17 -3.41 22.52
C ILE L 107 -34.38 -4.18 21.48
N ASP L 108 -33.13 -3.77 21.27
CA ASP L 108 -32.29 -4.34 20.23
C ASP L 108 -31.60 -5.60 20.73
N GLU L 109 -31.76 -6.70 20.01
CA GLU L 109 -31.16 -7.99 20.35
C GLU L 109 -31.65 -8.48 21.72
N PHE L 110 -32.94 -8.78 21.79
CA PHE L 110 -33.59 -9.19 23.02
C PHE L 110 -33.73 -10.71 23.13
N CYS L 111 -33.13 -11.47 22.22
CA CYS L 111 -33.22 -12.92 22.29
C CYS L 111 -32.39 -13.51 23.43
N ARG L 112 -31.79 -12.70 24.30
CA ARG L 112 -30.93 -13.21 25.35
C ARG L 112 -31.73 -14.06 26.33
N SER L 113 -31.17 -15.22 26.69
CA SER L 113 -31.81 -16.13 27.63
C SER L 113 -31.32 -15.97 29.06
N GLY L 114 -30.13 -15.40 29.26
CA GLY L 114 -29.68 -15.09 30.61
C GLY L 114 -30.58 -14.07 31.28
N LEU L 115 -31.16 -13.17 30.48
CA LEU L 115 -32.14 -12.20 30.96
C LEU L 115 -33.56 -12.75 30.95
N ALA L 116 -33.71 -14.04 31.24
CA ALA L 116 -35.05 -14.63 31.27
C ALA L 116 -35.87 -14.06 32.41
N GLU L 117 -35.25 -13.83 33.57
CA GLU L 117 -35.94 -13.17 34.67
C GLU L 117 -36.45 -11.80 34.27
N SER L 118 -35.76 -11.13 33.35
CA SER L 118 -36.20 -9.80 32.90
C SER L 118 -37.43 -9.90 32.02
N GLN L 119 -37.47 -10.89 31.13
CA GLN L 119 -38.64 -11.07 30.28
C GLN L 119 -39.88 -11.42 31.10
N ARG L 120 -39.70 -12.16 32.19
CA ARG L 120 -40.83 -12.53 33.03
C ARG L 120 -41.44 -11.32 33.72
N HIS L 121 -40.68 -10.23 33.84
CA HIS L 121 -41.27 -8.97 34.28
C HIS L 121 -41.95 -8.24 33.13
N LEU L 122 -41.49 -8.46 31.90
CA LEU L 122 -42.00 -7.71 30.76
C LEU L 122 -43.40 -8.13 30.34
N ARG L 123 -43.78 -9.39 30.56
CA ARG L 123 -45.09 -9.86 30.11
C ARG L 123 -46.22 -9.07 30.77
N SER L 124 -46.07 -8.73 32.06
CA SER L 124 -47.04 -7.88 32.73
C SER L 124 -46.71 -6.40 32.57
N PHE L 125 -45.57 -6.07 31.97
CA PHE L 125 -45.21 -4.67 31.74
C PHE L 125 -46.02 -4.11 30.57
N MET L 126 -45.94 -4.76 29.41
CA MET L 126 -46.54 -4.25 28.19
C MET L 126 -48.07 -4.18 28.25
N GLU L 127 -48.70 -4.87 29.19
CA GLU L 127 -50.13 -4.73 29.40
C GLU L 127 -50.49 -3.55 30.29
N ALA L 128 -49.66 -3.24 31.31
CA ALA L 128 -49.94 -2.11 32.19
C ALA L 128 -49.77 -0.77 31.48
N TYR L 129 -48.80 -0.66 30.57
CA TYR L 129 -48.55 0.60 29.88
C TYR L 129 -48.76 0.44 28.38
N SER L 130 -49.90 -0.15 28.00
CA SER L 130 -50.21 -0.36 26.59
C SER L 130 -50.68 0.91 25.92
N SER L 131 -51.49 1.71 26.62
CA SER L 131 -52.00 2.95 26.04
C SER L 131 -50.87 3.90 25.67
N ASN L 132 -49.95 4.15 26.60
CA ASN L 132 -48.91 5.15 26.38
C ASN L 132 -47.82 4.64 25.46
N CYS L 133 -47.26 3.47 25.75
CA CYS L 133 -46.01 3.04 25.13
C CYS L 133 -46.16 1.70 24.44
N SER L 134 -45.32 1.50 23.41
CA SER L 134 -45.19 0.24 22.70
C SER L 134 -43.75 -0.23 22.76
N ILE L 135 -43.52 -1.47 22.32
CA ILE L 135 -42.18 -2.06 22.36
C ILE L 135 -41.92 -2.75 21.02
N ILE L 136 -40.79 -2.41 20.40
CA ILE L 136 -40.23 -3.17 19.29
C ILE L 136 -39.12 -4.04 19.85
N ILE L 137 -39.05 -5.29 19.37
CA ILE L 137 -38.07 -6.24 19.85
C ILE L 137 -37.28 -6.78 18.67
N THR L 138 -35.98 -6.52 18.64
CA THR L 138 -35.08 -7.14 17.69
C THR L 138 -34.51 -8.41 18.32
N ALA L 139 -34.44 -9.48 17.52
CA ALA L 139 -33.93 -10.75 18.02
C ALA L 139 -33.46 -11.59 16.83
N ASN L 140 -32.60 -12.54 17.12
CA ASN L 140 -32.20 -13.53 16.14
C ASN L 140 -32.78 -14.91 16.40
N ASN L 141 -33.29 -15.16 17.60
CA ASN L 141 -33.90 -16.45 17.94
C ASN L 141 -35.24 -16.18 18.60
N ILE L 142 -36.33 -16.47 17.88
CA ILE L 142 -37.67 -16.33 18.46
C ILE L 142 -37.82 -17.27 19.64
N ASP L 143 -37.29 -18.49 19.52
CA ASP L 143 -37.38 -19.46 20.60
C ASP L 143 -36.64 -19.02 21.86
N GLY L 144 -35.84 -17.96 21.78
CA GLY L 144 -35.32 -17.32 22.97
C GLY L 144 -36.30 -16.39 23.66
N ILE L 145 -37.29 -15.89 22.92
CA ILE L 145 -38.36 -15.10 23.51
C ILE L 145 -39.38 -16.06 24.13
N ILE L 146 -39.88 -15.71 25.31
CA ILE L 146 -40.94 -16.50 25.91
C ILE L 146 -42.18 -16.43 25.03
N LYS L 147 -42.92 -17.54 24.99
CA LYS L 147 -44.18 -17.56 24.25
C LYS L 147 -45.17 -16.51 24.71
N PRO L 148 -45.32 -16.21 26.02
CA PRO L 148 -46.23 -15.11 26.39
C PRO L 148 -45.86 -13.78 25.77
N LEU L 149 -44.57 -13.47 25.64
CA LEU L 149 -44.18 -12.22 24.99
C LEU L 149 -44.52 -12.25 23.51
N GLN L 150 -44.22 -13.35 22.82
CA GLN L 150 -44.57 -13.50 21.42
C GLN L 150 -46.07 -13.29 21.20
N SER L 151 -46.89 -13.77 22.13
CA SER L 151 -48.33 -13.61 22.03
C SER L 151 -48.76 -12.15 22.12
N ARG L 152 -47.92 -11.27 22.69
CA ARG L 152 -48.32 -9.89 22.91
C ARG L 152 -47.89 -8.96 21.78
N CYS L 153 -46.99 -9.38 20.91
CA CYS L 153 -46.47 -8.53 19.84
C CYS L 153 -46.60 -9.24 18.50
N ARG L 154 -46.44 -8.46 17.43
CA ARG L 154 -46.50 -8.97 16.08
C ARG L 154 -45.19 -9.65 15.73
N VAL L 155 -45.25 -10.95 15.42
CA VAL L 155 -44.05 -11.73 15.09
C VAL L 155 -43.89 -11.66 13.57
N ILE L 156 -43.15 -10.65 13.12
CA ILE L 156 -42.84 -10.49 11.70
C ILE L 156 -41.51 -11.20 11.45
N THR L 157 -41.55 -12.27 10.66
CA THR L 157 -40.35 -13.03 10.34
C THR L 157 -39.59 -12.34 9.20
N PHE L 158 -38.38 -11.89 9.49
CA PHE L 158 -37.59 -11.14 8.53
C PHE L 158 -36.72 -12.06 7.69
N GLY L 159 -36.50 -11.66 6.44
CA GLY L 159 -35.66 -12.43 5.55
C GLY L 159 -36.19 -13.81 5.25
N GLN L 160 -37.51 -13.96 5.17
CA GLN L 160 -38.16 -15.21 4.76
C GLN L 160 -39.01 -14.96 3.53
N PRO L 161 -38.43 -14.42 2.46
CA PRO L 161 -39.24 -13.95 1.34
C PRO L 161 -39.72 -15.08 0.46
N THR L 162 -40.84 -14.85 -0.20
CA THR L 162 -41.33 -15.79 -1.19
C THR L 162 -40.37 -15.81 -2.36
N ASP L 163 -40.65 -16.68 -3.32
CA ASP L 163 -39.80 -16.78 -4.52
C ASP L 163 -39.93 -15.53 -5.38
N GLU L 164 -41.12 -14.93 -5.43
CA GLU L 164 -41.28 -13.68 -6.16
C GLU L 164 -40.53 -12.54 -5.47
N ASP L 165 -40.67 -12.43 -4.14
CA ASP L 165 -39.99 -11.37 -3.41
C ASP L 165 -38.48 -11.53 -3.45
N LYS L 166 -37.98 -12.77 -3.43
CA LYS L 166 -36.53 -12.99 -3.45
C LYS L 166 -35.91 -12.45 -4.73
N ILE L 167 -36.57 -12.63 -5.87
CA ILE L 167 -36.02 -12.15 -7.13
C ILE L 167 -36.00 -10.62 -7.16
N GLU L 168 -37.03 -9.98 -6.60
CA GLU L 168 -37.10 -8.52 -6.63
C GLU L 168 -36.23 -7.88 -5.55
N MET L 169 -36.11 -8.51 -4.38
CA MET L 169 -35.22 -7.98 -3.35
C MET L 169 -33.77 -8.00 -3.82
N MET L 170 -33.40 -9.00 -4.62
CA MET L 170 -32.05 -9.03 -5.18
C MET L 170 -31.88 -7.93 -6.23
N LYS L 171 -32.87 -7.77 -7.11
CA LYS L 171 -32.81 -6.68 -8.08
C LYS L 171 -32.76 -5.32 -7.40
N GLN L 172 -33.56 -5.14 -6.35
CA GLN L 172 -33.48 -3.92 -5.56
C GLN L 172 -32.12 -3.77 -4.90
N MET L 173 -31.50 -4.88 -4.50
CA MET L 173 -30.18 -4.80 -3.89
C MET L 173 -29.12 -4.46 -4.91
N ILE L 174 -29.24 -4.99 -6.13
CA ILE L 174 -28.29 -4.67 -7.20
C ILE L 174 -28.29 -3.17 -7.47
N ARG L 175 -29.49 -2.58 -7.56
CA ARG L 175 -29.57 -1.14 -7.81
C ARG L 175 -29.03 -0.35 -6.62
N ARG L 176 -29.37 -0.76 -5.40
CA ARG L 176 -28.87 -0.05 -4.23
C ARG L 176 -27.37 -0.20 -4.08
N LEU L 177 -26.84 -1.39 -4.39
CA LEU L 177 -25.38 -1.55 -4.42
C LEU L 177 -24.77 -0.72 -5.54
N THR L 178 -25.43 -0.65 -6.70
CA THR L 178 -24.95 0.19 -7.78
C THR L 178 -24.90 1.65 -7.36
N GLU L 179 -25.91 2.11 -6.62
CA GLU L 179 -25.93 3.49 -6.15
C GLU L 179 -24.96 3.71 -4.99
N ILE L 180 -24.69 2.67 -4.21
CA ILE L 180 -23.64 2.78 -3.20
C ILE L 180 -22.27 2.96 -3.85
N CYS L 181 -22.03 2.24 -4.95
CA CYS L 181 -20.79 2.40 -5.69
C CYS L 181 -20.67 3.80 -6.29
N LYS L 182 -21.80 4.36 -6.74
CA LYS L 182 -21.77 5.70 -7.32
C LYS L 182 -21.42 6.75 -6.27
N HIS L 183 -21.81 6.53 -5.02
CA HIS L 183 -21.54 7.50 -3.96
C HIS L 183 -20.11 7.39 -3.43
N GLU L 184 -19.55 6.18 -3.39
CA GLU L 184 -18.21 6.00 -2.86
C GLU L 184 -17.13 6.31 -3.90
N GLY L 185 -17.41 6.02 -5.18
CA GLY L 185 -16.43 6.23 -6.22
C GLY L 185 -15.96 4.93 -6.83
N ILE L 186 -16.81 3.91 -6.78
CA ILE L 186 -16.49 2.58 -7.30
C ILE L 186 -17.10 2.45 -8.70
N ALA L 187 -16.33 1.86 -9.61
CA ALA L 187 -16.78 1.57 -10.97
C ALA L 187 -16.97 0.07 -11.11
N ILE L 188 -18.12 -0.34 -11.63
CA ILE L 188 -18.46 -1.74 -11.79
C ILE L 188 -18.27 -2.12 -13.26
N ALA L 189 -17.35 -3.03 -13.54
CA ALA L 189 -17.11 -3.51 -14.89
C ALA L 189 -18.08 -4.63 -15.23
N ASP L 190 -17.69 -5.87 -14.93
CA ASP L 190 -18.60 -7.00 -15.07
C ASP L 190 -19.71 -6.88 -14.02
N MET L 191 -20.94 -6.70 -14.48
CA MET L 191 -22.07 -6.55 -13.56
C MET L 191 -22.53 -7.88 -12.96
N LYS L 192 -21.97 -9.00 -13.40
CA LYS L 192 -22.25 -10.26 -12.75
C LYS L 192 -21.68 -10.32 -11.34
N VAL L 193 -20.75 -9.42 -11.02
CA VAL L 193 -20.18 -9.37 -9.67
C VAL L 193 -21.23 -8.98 -8.65
N VAL L 194 -21.88 -7.83 -8.88
CA VAL L 194 -22.92 -7.36 -7.96
C VAL L 194 -24.04 -8.39 -7.86
N ALA L 195 -24.37 -9.02 -8.99
CA ALA L 195 -25.38 -10.09 -8.97
C ALA L 195 -24.90 -11.27 -8.15
N ALA L 196 -23.64 -11.69 -8.33
CA ALA L 196 -23.11 -12.81 -7.56
C ALA L 196 -22.89 -12.43 -6.10
N LEU L 197 -22.64 -11.14 -5.81
CA LEU L 197 -22.49 -10.70 -4.43
C LEU L 197 -23.80 -10.87 -3.66
N VAL L 198 -24.90 -10.39 -4.23
CA VAL L 198 -26.19 -10.48 -3.56
C VAL L 198 -26.63 -11.92 -3.44
N LYS L 199 -26.36 -12.73 -4.46
CA LYS L 199 -26.88 -14.09 -4.49
C LYS L 199 -26.12 -15.02 -3.56
N LYS L 200 -24.84 -14.74 -3.31
CA LYS L 200 -24.02 -15.67 -2.52
C LYS L 200 -24.45 -15.70 -1.06
N ASN L 201 -24.53 -14.53 -0.43
CA ASN L 201 -24.93 -14.38 0.97
C ASN L 201 -26.24 -13.59 0.97
N PHE L 202 -27.34 -14.26 0.65
CA PHE L 202 -28.57 -13.57 0.31
C PHE L 202 -29.20 -12.82 1.48
N PRO L 203 -29.78 -13.50 2.48
CA PRO L 203 -30.65 -12.77 3.43
C PRO L 203 -29.91 -11.72 4.23
N ASP L 204 -28.59 -11.86 4.38
CA ASP L 204 -27.78 -10.90 5.13
C ASP L 204 -27.36 -9.79 4.18
N PHE L 205 -28.09 -8.68 4.19
CA PHE L 205 -27.72 -7.53 3.38
C PHE L 205 -26.52 -6.79 3.95
N ARG L 206 -26.25 -6.95 5.24
CA ARG L 206 -25.12 -6.25 5.85
C ARG L 206 -23.79 -6.87 5.44
N LYS L 207 -23.71 -8.20 5.42
CA LYS L 207 -22.51 -8.86 4.91
C LYS L 207 -22.37 -8.67 3.41
N THR L 208 -23.49 -8.52 2.70
CA THR L 208 -23.42 -8.26 1.26
C THR L 208 -22.70 -6.94 0.98
N ILE L 209 -23.08 -5.88 1.69
CA ILE L 209 -22.44 -4.59 1.49
C ILE L 209 -21.00 -4.63 2.01
N GLY L 210 -20.77 -5.39 3.09
CA GLY L 210 -19.42 -5.51 3.61
C GLY L 210 -18.48 -6.16 2.61
N GLU L 211 -18.95 -7.19 1.90
CA GLU L 211 -18.13 -7.80 0.87
C GLU L 211 -17.91 -6.85 -0.30
N LEU L 212 -18.88 -5.97 -0.58
CA LEU L 212 -18.68 -4.97 -1.63
C LEU L 212 -17.45 -4.12 -1.34
N ASP L 213 -17.35 -3.58 -0.13
CA ASP L 213 -16.16 -2.85 0.27
C ASP L 213 -14.93 -3.74 0.23
N SER L 214 -15.05 -4.97 0.75
CA SER L 214 -13.91 -5.88 0.79
C SER L 214 -13.48 -6.33 -0.59
N TYR L 215 -14.43 -6.46 -1.52
CA TYR L 215 -14.09 -6.86 -2.89
C TYR L 215 -13.77 -5.67 -3.78
N SER L 216 -14.29 -4.48 -3.47
CA SER L 216 -13.80 -3.27 -4.11
C SER L 216 -12.49 -2.85 -3.43
N SER L 217 -11.72 -3.84 -3.00
CA SER L 217 -10.46 -3.68 -2.29
C SER L 217 -9.57 -2.63 -2.96
N LYS L 218 -8.91 -3.00 -4.05
CA LYS L 218 -8.05 -2.08 -4.79
C LYS L 218 -8.85 -0.93 -5.37
N GLY L 219 -10.17 -0.99 -5.21
CA GLY L 219 -11.06 -0.05 -5.85
C GLY L 219 -11.45 -0.57 -7.21
N VAL L 220 -12.70 -0.34 -7.61
CA VAL L 220 -13.24 -0.73 -8.91
C VAL L 220 -13.41 -2.24 -8.98
N LEU L 221 -14.58 -2.69 -9.44
CA LEU L 221 -14.84 -4.10 -9.67
C LEU L 221 -14.49 -4.46 -11.11
N ASP L 222 -14.15 -5.73 -11.31
CA ASP L 222 -13.84 -6.22 -12.66
C ASP L 222 -14.08 -7.72 -12.70
N ALA L 223 -13.81 -8.31 -13.88
CA ALA L 223 -14.07 -9.74 -14.07
C ALA L 223 -13.17 -10.60 -13.19
N GLY L 224 -11.99 -10.11 -12.82
CA GLY L 224 -11.14 -10.84 -11.90
C GLY L 224 -11.76 -10.98 -10.53
N ILE L 225 -12.49 -9.96 -10.07
CA ILE L 225 -13.23 -10.07 -8.82
C ILE L 225 -14.42 -11.00 -8.99
N LEU L 226 -15.01 -11.05 -10.19
CA LEU L 226 -16.09 -12.00 -10.45
C LEU L 226 -15.64 -13.43 -10.21
N SER L 227 -14.43 -13.77 -10.68
CA SER L 227 -13.89 -15.10 -10.42
C SER L 227 -13.56 -15.32 -8.95
N LEU L 228 -13.33 -14.24 -8.19
CA LEU L 228 -13.04 -14.39 -6.77
C LEU L 228 -14.30 -14.65 -5.94
N VAL L 229 -15.46 -14.20 -6.43
CA VAL L 229 -16.73 -14.44 -5.74
C VAL L 229 -17.12 -15.89 -5.95
N THR L 230 -17.43 -16.26 -7.20
CA THR L 230 -17.65 -17.67 -7.55
C THR L 230 -16.27 -18.32 -7.72
N ASN L 231 -15.62 -18.55 -6.58
CA ASN L 231 -14.20 -18.91 -6.57
C ASN L 231 -13.97 -20.36 -6.93
N ASP L 232 -14.71 -20.87 -7.91
CA ASP L 232 -14.46 -22.19 -8.46
C ASP L 232 -13.33 -22.11 -9.49
N ARG L 233 -12.15 -21.69 -9.01
CA ARG L 233 -11.05 -21.34 -9.89
C ARG L 233 -10.52 -22.57 -10.63
N GLY L 234 -10.42 -22.46 -11.95
CA GLY L 234 -9.96 -23.57 -12.75
C GLY L 234 -11.03 -24.64 -12.92
N ALA L 235 -10.56 -25.84 -13.26
CA ALA L 235 -11.44 -26.98 -13.45
C ALA L 235 -10.76 -28.24 -12.90
N ILE L 236 -11.59 -29.22 -12.55
CA ILE L 236 -11.10 -30.49 -12.03
C ILE L 236 -11.31 -31.55 -13.10
N ASP L 237 -10.94 -31.24 -14.34
CA ASP L 237 -11.11 -32.20 -15.42
C ASP L 237 -10.02 -33.26 -15.43
N ASP L 238 -8.83 -32.94 -14.93
CA ASP L 238 -7.74 -33.92 -14.91
C ASP L 238 -7.97 -34.97 -13.83
N VAL L 239 -8.45 -34.56 -12.65
CA VAL L 239 -8.77 -35.52 -11.61
C VAL L 239 -10.02 -36.30 -11.98
N LEU L 240 -10.99 -35.65 -12.64
CA LEU L 240 -12.18 -36.35 -13.08
C LEU L 240 -11.84 -37.47 -14.05
N GLU L 241 -10.87 -37.24 -14.94
CA GLU L 241 -10.52 -38.25 -15.93
C GLU L 241 -9.75 -39.42 -15.29
N SER L 242 -8.78 -39.11 -14.42
CA SER L 242 -8.09 -40.17 -13.71
C SER L 242 -9.06 -41.00 -12.87
N LEU L 243 -10.09 -40.35 -12.32
CA LEU L 243 -11.14 -41.08 -11.65
C LEU L 243 -11.96 -41.92 -12.63
N LYS L 244 -12.11 -41.45 -13.87
CA LYS L 244 -12.76 -42.27 -14.89
C LYS L 244 -11.93 -43.51 -15.19
N ASN L 245 -10.60 -43.34 -15.30
CA ASN L 245 -9.74 -44.49 -15.53
C ASN L 245 -9.66 -45.41 -14.32
N LYS L 246 -9.90 -44.86 -13.12
CA LYS L 246 -9.89 -45.63 -11.87
C LYS L 246 -8.53 -46.30 -11.64
N ASP L 247 -7.47 -45.71 -12.16
CA ASP L 247 -6.14 -46.29 -12.02
C ASP L 247 -5.50 -45.88 -10.70
N VAL L 248 -4.59 -46.72 -10.22
CA VAL L 248 -3.98 -46.48 -8.91
C VAL L 248 -2.81 -45.51 -9.02
N LYS L 249 -1.95 -45.69 -10.03
CA LYS L 249 -0.71 -44.92 -10.09
C LYS L 249 -0.96 -43.43 -10.27
N GLN L 250 -1.82 -43.07 -11.22
CA GLN L 250 -2.10 -41.65 -11.45
C GLN L 250 -2.87 -41.03 -10.29
N LEU L 251 -3.73 -41.79 -9.62
CA LEU L 251 -4.45 -41.27 -8.47
C LEU L 251 -3.51 -41.05 -7.29
N ARG L 252 -2.58 -41.98 -7.07
CA ARG L 252 -1.62 -41.82 -5.98
C ARG L 252 -0.71 -40.62 -6.19
N ALA L 253 -0.54 -40.17 -7.43
CA ALA L 253 0.43 -39.13 -7.74
C ALA L 253 -0.09 -37.72 -7.52
N LEU L 254 -1.41 -37.52 -7.45
CA LEU L 254 -1.96 -36.17 -7.35
C LEU L 254 -2.52 -35.86 -5.95
N ALA L 255 -1.75 -36.14 -4.89
CA ALA L 255 -2.26 -36.02 -3.53
C ALA L 255 -2.25 -34.55 -3.08
N PRO L 256 -1.09 -33.93 -2.89
CA PRO L 256 -1.03 -32.53 -2.45
C PRO L 256 -1.39 -31.52 -3.52
N LYS L 257 -1.82 -31.98 -4.69
CA LYS L 257 -2.25 -31.11 -5.75
C LYS L 257 -3.38 -30.19 -5.29
N TYR L 258 -4.49 -30.77 -4.85
CA TYR L 258 -5.64 -30.00 -4.37
C TYR L 258 -5.84 -30.15 -2.87
N ALA L 259 -4.82 -30.60 -2.14
CA ALA L 259 -4.90 -30.65 -0.68
C ALA L 259 -4.83 -29.25 -0.07
N ALA L 260 -4.27 -28.28 -0.81
CA ALA L 260 -4.19 -26.92 -0.31
C ALA L 260 -5.58 -26.30 -0.17
N ASP L 261 -6.31 -26.22 -1.28
CA ASP L 261 -7.68 -25.71 -1.26
C ASP L 261 -8.66 -26.89 -1.25
N TYR L 262 -8.68 -27.57 -0.10
CA TYR L 262 -9.46 -28.79 0.03
C TYR L 262 -10.95 -28.51 -0.06
N SER L 263 -11.42 -27.47 0.64
CA SER L 263 -12.85 -27.21 0.71
C SER L 263 -13.45 -26.99 -0.67
N TRP L 264 -12.84 -26.11 -1.46
CA TRP L 264 -13.33 -25.89 -2.82
C TRP L 264 -13.18 -27.14 -3.67
N PHE L 265 -12.08 -27.87 -3.49
CA PHE L 265 -11.80 -29.02 -4.34
C PHE L 265 -12.88 -30.08 -4.20
N VAL L 266 -13.23 -30.42 -2.95
CA VAL L 266 -14.29 -31.41 -2.76
C VAL L 266 -15.64 -30.86 -3.19
N GLY L 267 -15.83 -29.54 -3.08
CA GLY L 267 -17.05 -28.93 -3.60
C GLY L 267 -17.12 -29.01 -5.11
N LYS L 268 -16.01 -28.74 -5.79
CA LYS L 268 -15.97 -28.86 -7.24
C LYS L 268 -15.97 -30.32 -7.68
N LEU L 269 -15.49 -31.22 -6.83
CA LEU L 269 -15.46 -32.64 -7.19
C LEU L 269 -16.87 -33.23 -7.21
N ALA L 270 -17.64 -32.98 -6.15
CA ALA L 270 -19.02 -33.47 -6.11
C ALA L 270 -19.88 -32.82 -7.19
N GLU L 271 -19.55 -31.58 -7.57
CA GLU L 271 -20.29 -30.91 -8.65
C GLU L 271 -20.08 -31.63 -9.97
N GLU L 272 -18.83 -31.88 -10.34
CA GLU L 272 -18.54 -32.49 -11.63
C GLU L 272 -19.09 -33.92 -11.69
N ILE L 273 -18.75 -34.74 -10.70
CA ILE L 273 -19.16 -36.15 -10.70
C ILE L 273 -20.66 -36.29 -10.82
N TYR L 274 -21.42 -35.32 -10.29
CA TYR L 274 -22.87 -35.33 -10.46
C TYR L 274 -23.24 -35.42 -11.95
N SER L 275 -22.57 -34.63 -12.79
CA SER L 275 -22.86 -34.62 -14.21
C SER L 275 -22.13 -35.72 -14.99
N ARG L 276 -21.16 -36.40 -14.38
CA ARG L 276 -20.35 -37.38 -15.08
C ARG L 276 -20.64 -38.81 -14.63
N VAL L 277 -21.62 -39.03 -13.75
CA VAL L 277 -21.84 -40.34 -13.16
C VAL L 277 -23.29 -40.75 -13.30
N THR L 278 -23.55 -42.04 -13.08
CA THR L 278 -24.88 -42.61 -13.15
C THR L 278 -25.67 -42.29 -11.88
N PRO L 279 -27.00 -42.19 -11.98
CA PRO L 279 -27.80 -41.89 -10.78
C PRO L 279 -27.73 -42.98 -9.72
N GLN L 280 -27.53 -44.24 -10.12
CA GLN L 280 -27.39 -45.31 -9.13
C GLN L 280 -26.08 -45.21 -8.36
N SER L 281 -25.10 -44.50 -8.91
CA SER L 281 -23.81 -44.31 -8.27
C SER L 281 -23.70 -43.00 -7.50
N ILE L 282 -24.72 -42.14 -7.56
CA ILE L 282 -24.70 -40.89 -6.82
C ILE L 282 -24.74 -41.16 -5.32
N ILE L 283 -25.48 -42.18 -4.91
CA ILE L 283 -25.60 -42.48 -3.48
C ILE L 283 -24.26 -42.91 -2.90
N ARG L 284 -23.45 -43.65 -3.68
CA ARG L 284 -22.13 -44.03 -3.21
C ARG L 284 -21.17 -42.85 -3.24
N MET L 285 -21.26 -42.02 -4.28
CA MET L 285 -20.37 -40.87 -4.40
C MET L 285 -20.52 -39.92 -3.22
N TYR L 286 -21.75 -39.45 -2.99
CA TYR L 286 -21.99 -38.52 -1.88
C TYR L 286 -21.71 -39.17 -0.54
N GLU L 287 -21.91 -40.49 -0.42
CA GLU L 287 -21.62 -41.17 0.83
C GLU L 287 -20.11 -41.18 1.11
N ILE L 288 -19.31 -41.41 0.07
CA ILE L 288 -17.87 -41.44 0.25
C ILE L 288 -17.30 -40.03 0.38
N VAL L 289 -17.70 -39.14 -0.53
CA VAL L 289 -17.14 -37.78 -0.53
C VAL L 289 -17.60 -37.01 0.71
N GLY L 290 -18.86 -37.16 1.09
CA GLY L 290 -19.37 -36.44 2.26
C GLY L 290 -18.68 -36.87 3.54
N GLU L 291 -18.42 -38.17 3.70
CA GLU L 291 -17.71 -38.64 4.88
C GLU L 291 -16.29 -38.10 4.92
N ASN L 292 -15.59 -38.15 3.78
CA ASN L 292 -14.21 -37.66 3.74
C ASN L 292 -14.13 -36.18 4.12
N ASN L 293 -15.10 -35.38 3.64
CA ASN L 293 -15.14 -33.98 4.02
C ASN L 293 -15.48 -33.81 5.50
N GLN L 294 -16.27 -34.72 6.05
CA GLN L 294 -16.68 -34.61 7.45
C GLN L 294 -15.50 -34.72 8.40
N TYR L 295 -14.44 -35.45 7.99
CA TYR L 295 -13.29 -35.69 8.86
C TYR L 295 -12.03 -35.00 8.35
N HIS L 296 -12.18 -33.87 7.65
CA HIS L 296 -11.02 -33.10 7.23
C HIS L 296 -10.52 -32.23 8.37
N GLY L 297 -9.20 -32.02 8.41
CA GLY L 297 -8.59 -31.32 9.53
C GLY L 297 -8.34 -32.30 10.67
N ILE L 298 -9.33 -33.16 10.92
CA ILE L 298 -9.10 -34.33 11.76
C ILE L 298 -7.95 -35.16 11.20
N ALA L 299 -7.89 -35.28 9.88
CA ALA L 299 -6.84 -36.05 9.22
C ALA L 299 -5.54 -35.25 9.21
N ALA L 300 -4.50 -35.82 9.81
CA ALA L 300 -3.19 -35.18 9.78
C ALA L 300 -2.64 -35.12 8.37
N ASN L 301 -2.40 -36.29 7.77
CA ASN L 301 -1.95 -36.35 6.39
C ASN L 301 -3.10 -36.01 5.45
N THR L 302 -3.28 -34.73 5.15
CA THR L 302 -4.36 -34.32 4.25
C THR L 302 -4.17 -34.91 2.86
N GLU L 303 -2.91 -35.13 2.45
CA GLU L 303 -2.66 -35.78 1.16
C GLU L 303 -3.13 -37.22 1.17
N LEU L 304 -2.79 -37.96 2.23
CA LEU L 304 -3.24 -39.35 2.33
C LEU L 304 -4.76 -39.43 2.44
N HIS L 305 -5.36 -38.57 3.26
CA HIS L 305 -6.82 -38.55 3.35
C HIS L 305 -7.45 -38.19 2.01
N LEU L 306 -6.78 -37.36 1.21
CA LEU L 306 -7.23 -37.12 -0.15
C LEU L 306 -7.13 -38.41 -0.98
N ALA L 307 -6.06 -39.18 -0.77
CA ALA L 307 -5.94 -40.46 -1.46
C ALA L 307 -7.04 -41.43 -1.05
N TYR L 308 -7.34 -41.49 0.25
CA TYR L 308 -8.43 -42.34 0.71
C TYR L 308 -9.75 -41.94 0.09
N LEU L 309 -9.96 -40.64 -0.13
CA LEU L 309 -11.15 -40.18 -0.83
C LEU L 309 -11.21 -40.73 -2.24
N PHE L 310 -10.05 -40.84 -2.90
CA PHE L 310 -10.03 -41.23 -4.31
C PHE L 310 -10.29 -42.71 -4.51
N ILE L 311 -9.95 -43.55 -3.53
CA ILE L 311 -9.94 -45.00 -3.71
C ILE L 311 -11.36 -45.53 -3.90
N GLN L 312 -12.13 -45.61 -2.80
CA GLN L 312 -13.49 -46.13 -2.90
C GLN L 312 -14.35 -45.30 -3.84
N LEU L 313 -13.98 -44.05 -4.09
CA LEU L 313 -14.65 -43.22 -5.08
C LEU L 313 -14.50 -43.87 -6.45
N ALA L 314 -13.28 -43.92 -6.96
CA ALA L 314 -13.04 -44.46 -8.30
C ALA L 314 -13.45 -45.94 -8.40
N CYS L 315 -13.36 -46.67 -7.29
CA CYS L 315 -13.68 -48.10 -7.30
C CYS L 315 -15.17 -48.34 -7.58
N GLU L 316 -16.00 -48.22 -6.55
CA GLU L 316 -17.43 -48.51 -6.66
C GLU L 316 -18.19 -47.33 -7.27
N MET L 317 -17.75 -46.92 -8.46
CA MET L 317 -18.38 -45.82 -9.19
C MET L 317 -18.71 -46.28 -10.59
N GLN L 318 -20.00 -46.36 -10.90
CA GLN L 318 -20.46 -46.66 -12.24
C GLN L 318 -20.54 -45.38 -13.04
N TRP L 319 -19.75 -45.28 -14.10
CA TRP L 319 -19.62 -44.06 -14.88
C TRP L 319 -20.54 -44.09 -16.10
N LYS L 320 -20.72 -42.91 -16.69
CA LYS L 320 -21.54 -42.77 -17.89
C LYS L 320 -20.72 -42.16 -19.03
N MET M 2 14.33 -4.23 5.66
CA MET M 2 13.99 -3.30 6.73
C MET M 2 13.20 -4.02 7.81
N ILE M 3 13.82 -4.99 8.45
CA ILE M 3 13.16 -5.81 9.46
C ILE M 3 13.01 -4.99 10.74
N THR M 4 11.82 -5.04 11.32
CA THR M 4 11.53 -4.29 12.54
C THR M 4 11.95 -5.09 13.76
N VAL M 5 12.64 -4.42 14.69
CA VAL M 5 13.09 -5.02 15.93
C VAL M 5 12.52 -4.21 17.08
N ASN M 6 11.96 -4.90 18.07
CA ASN M 6 11.46 -4.26 19.29
C ASN M 6 12.55 -4.07 20.34
N GLU M 7 13.60 -4.88 20.30
CA GLU M 7 14.84 -4.67 21.06
C GLU M 7 14.70 -4.95 22.55
N LYS M 8 13.48 -4.91 23.09
CA LYS M 8 13.25 -5.32 24.47
C LYS M 8 12.76 -6.75 24.58
N GLU M 9 12.57 -7.44 23.46
CA GLU M 9 12.12 -8.83 23.45
C GLU M 9 13.28 -9.76 23.12
N HIS M 10 13.27 -10.94 23.72
CA HIS M 10 14.33 -11.91 23.52
C HIS M 10 13.88 -13.21 22.85
N ILE M 11 12.58 -13.39 22.62
CA ILE M 11 11.98 -14.69 22.30
C ILE M 11 12.13 -14.91 20.81
N LEU M 12 12.76 -13.94 20.15
CA LEU M 12 13.10 -13.94 18.73
C LEU M 12 11.84 -13.79 17.89
N GLU M 13 10.89 -14.72 18.03
CA GLU M 13 9.68 -14.65 17.20
C GLU M 13 8.86 -13.40 17.50
N GLN M 14 8.91 -12.92 18.74
CA GLN M 14 8.32 -11.63 19.07
C GLN M 14 9.33 -10.49 18.97
N LYS M 15 10.63 -10.81 18.95
CA LYS M 15 11.63 -9.76 18.75
C LYS M 15 11.53 -9.16 17.36
N TYR M 16 11.32 -10.00 16.34
CA TYR M 16 11.22 -9.52 14.97
C TYR M 16 9.80 -9.61 14.44
N ARG M 17 8.83 -9.17 15.23
CA ARG M 17 7.49 -9.25 14.70
C ARG M 17 7.21 -8.05 13.79
N PRO M 18 6.49 -8.25 12.68
CA PRO M 18 6.24 -7.15 11.76
C PRO M 18 5.49 -6.00 12.42
N SER M 19 5.94 -4.79 12.17
CA SER M 19 5.29 -3.58 12.65
C SER M 19 4.36 -2.96 11.61
N THR M 20 4.75 -2.99 10.35
CA THR M 20 3.96 -2.44 9.26
C THR M 20 3.16 -3.54 8.57
N ILE M 21 2.20 -3.12 7.76
CA ILE M 21 1.46 -4.07 6.94
C ILE M 21 2.32 -4.56 5.78
N ASP M 22 3.34 -3.79 5.40
CA ASP M 22 4.21 -4.19 4.29
C ASP M 22 5.14 -5.33 4.71
N GLU M 23 5.63 -5.29 5.95
CA GLU M 23 6.55 -6.33 6.42
C GLU M 23 5.85 -7.67 6.60
N CYS M 24 4.53 -7.69 6.78
CA CYS M 24 3.81 -8.93 6.94
C CYS M 24 3.82 -9.73 5.64
N ILE M 25 4.01 -11.04 5.77
CA ILE M 25 4.02 -11.95 4.63
C ILE M 25 2.64 -12.60 4.59
N LEU M 26 1.81 -12.16 3.66
CA LEU M 26 0.40 -12.50 3.61
C LEU M 26 0.03 -13.02 2.23
N PRO M 27 -1.07 -13.75 2.13
CA PRO M 27 -1.58 -14.12 0.80
C PRO M 27 -1.85 -12.86 -0.03
N ALA M 28 -1.61 -12.98 -1.34
CA ALA M 28 -1.57 -11.80 -2.20
C ALA M 28 -2.85 -11.00 -2.14
N PHE M 29 -4.00 -11.66 -2.31
CA PHE M 29 -5.27 -10.93 -2.31
C PHE M 29 -5.59 -10.36 -0.94
N ASP M 30 -5.36 -11.14 0.12
CA ASP M 30 -5.63 -10.65 1.47
C ASP M 30 -4.75 -9.45 1.81
N LYS M 31 -3.49 -9.47 1.36
CA LYS M 31 -2.60 -8.36 1.61
C LYS M 31 -3.04 -7.11 0.87
N GLU M 32 -3.59 -7.28 -0.34
CA GLU M 32 -4.10 -6.13 -1.09
C GLU M 32 -5.29 -5.50 -0.37
N THR M 33 -6.15 -6.32 0.23
CA THR M 33 -7.27 -5.78 1.00
C THR M 33 -6.77 -4.97 2.18
N PHE M 34 -5.74 -5.45 2.88
CA PHE M 34 -5.19 -4.72 4.01
C PHE M 34 -4.60 -3.38 3.56
N LYS M 35 -3.84 -3.39 2.47
CA LYS M 35 -3.28 -2.14 1.96
C LYS M 35 -4.37 -1.17 1.57
N SER M 36 -5.48 -1.68 1.03
CA SER M 36 -6.62 -0.83 0.72
C SER M 36 -7.28 -0.28 1.98
N ILE M 37 -7.40 -1.12 3.01
CA ILE M 37 -8.04 -0.70 4.25
C ILE M 37 -7.22 0.40 4.93
N THR M 38 -5.90 0.26 4.92
CA THR M 38 -5.04 1.32 5.44
C THR M 38 -5.13 2.58 4.57
N SER M 39 -5.36 2.41 3.27
CA SER M 39 -5.35 3.56 2.36
C SER M 39 -6.48 4.53 2.68
N LYS M 40 -7.65 4.01 3.03
CA LYS M 40 -8.80 4.86 3.30
C LYS M 40 -8.68 5.64 4.61
N GLY M 41 -7.59 5.46 5.36
CA GLY M 41 -7.40 6.18 6.60
C GLY M 41 -8.31 5.80 7.74
N LYS M 42 -9.25 4.89 7.51
CA LYS M 42 -10.19 4.45 8.54
C LYS M 42 -10.35 2.94 8.44
N ILE M 43 -10.55 2.30 9.57
CA ILE M 43 -10.59 0.84 9.67
C ILE M 43 -12.02 0.41 9.96
N PRO M 44 -12.55 -0.61 9.26
CA PRO M 44 -13.88 -1.14 9.60
C PRO M 44 -13.82 -2.17 10.70
N HIS M 45 -14.91 -2.93 10.89
CA HIS M 45 -14.91 -4.07 11.78
C HIS M 45 -14.31 -5.27 11.07
N ILE M 46 -13.32 -5.92 11.69
CA ILE M 46 -12.53 -6.95 11.04
C ILE M 46 -12.49 -8.20 11.92
N ILE M 47 -12.50 -9.36 11.28
CA ILE M 47 -12.21 -10.63 11.92
C ILE M 47 -11.06 -11.28 11.16
N LEU M 48 -9.93 -11.47 11.82
CA LEU M 48 -8.79 -12.18 11.25
C LEU M 48 -8.72 -13.54 11.94
N HIS M 49 -9.17 -14.58 11.24
CA HIS M 49 -9.26 -15.92 11.81
C HIS M 49 -8.40 -16.89 11.00
N SER M 50 -8.02 -17.98 11.67
CA SER M 50 -7.31 -19.10 11.07
C SER M 50 -7.17 -20.21 12.10
N PRO M 51 -7.54 -21.45 11.76
CA PRO M 51 -7.26 -22.56 12.70
C PRO M 51 -5.77 -22.80 12.89
N SER M 52 -4.97 -22.57 11.86
CA SER M 52 -3.52 -22.72 11.98
C SER M 52 -2.96 -21.64 12.91
N PRO M 53 -2.09 -21.99 13.86
CA PRO M 53 -1.83 -21.10 14.99
C PRO M 53 -0.94 -19.89 14.69
N GLY M 54 -0.13 -19.91 13.64
CA GLY M 54 0.84 -18.85 13.47
C GLY M 54 0.81 -18.14 12.12
N THR M 55 -0.35 -17.62 11.73
CA THR M 55 -0.52 -17.01 10.42
C THR M 55 -0.23 -15.52 10.40
N GLY M 56 -0.26 -14.86 11.55
CA GLY M 56 -0.02 -13.43 11.62
C GLY M 56 -1.24 -12.58 11.91
N LYS M 57 -2.33 -13.20 12.37
CA LYS M 57 -3.57 -12.46 12.61
C LYS M 57 -3.37 -11.39 13.68
N THR M 58 -2.71 -11.76 14.79
CA THR M 58 -2.44 -10.79 15.85
C THR M 58 -1.49 -9.69 15.37
N THR M 59 -0.60 -10.03 14.43
CA THR M 59 0.34 -9.04 13.93
C THR M 59 -0.33 -8.08 12.96
N VAL M 60 -1.12 -8.60 12.02
CA VAL M 60 -1.81 -7.75 11.07
C VAL M 60 -2.79 -6.82 11.79
N ALA M 61 -3.41 -7.31 12.86
CA ALA M 61 -4.31 -6.47 13.65
C ALA M 61 -3.58 -5.26 14.21
N LYS M 62 -2.43 -5.49 14.86
CA LYS M 62 -1.63 -4.37 15.36
C LYS M 62 -0.97 -3.58 14.23
N ALA M 63 -0.77 -4.19 13.06
CA ALA M 63 -0.17 -3.47 11.95
C ALA M 63 -1.18 -2.52 11.31
N LEU M 64 -2.44 -2.96 11.19
CA LEU M 64 -3.48 -2.09 10.63
C LEU M 64 -3.66 -0.85 11.49
N CYS M 65 -3.70 -1.02 12.81
CA CYS M 65 -3.85 0.12 13.72
C CYS M 65 -2.62 1.01 13.72
N HIS M 66 -1.48 0.50 13.25
CA HIS M 66 -0.27 1.31 13.18
C HIS M 66 -0.25 2.18 11.93
N ASP M 67 -0.48 1.58 10.76
CA ASP M 67 -0.52 2.34 9.52
C ASP M 67 -1.58 3.41 9.55
N VAL M 68 -2.67 3.19 10.28
CA VAL M 68 -3.72 4.18 10.41
C VAL M 68 -3.39 5.22 11.48
N ASN M 69 -2.46 4.92 12.40
CA ASN M 69 -2.28 5.67 13.63
C ASN M 69 -3.59 5.69 14.42
N ALA M 70 -4.03 4.49 14.78
CA ALA M 70 -5.30 4.31 15.47
C ALA M 70 -5.09 4.41 16.98
N ASP M 71 -6.13 4.89 17.67
CA ASP M 71 -6.17 4.86 19.12
C ASP M 71 -6.59 3.46 19.52
N MET M 72 -5.60 2.60 19.77
CA MET M 72 -5.79 1.16 19.80
C MET M 72 -5.82 0.64 21.22
N MET M 73 -6.91 -0.03 21.59
CA MET M 73 -6.99 -0.78 22.83
C MET M 73 -6.81 -2.26 22.50
N PHE M 74 -5.79 -2.87 23.07
CA PHE M 74 -5.56 -4.30 22.94
C PHE M 74 -6.06 -5.00 24.19
N VAL M 75 -6.78 -6.11 24.00
CA VAL M 75 -7.39 -6.81 25.12
C VAL M 75 -7.53 -8.29 24.76
N ASN M 76 -7.26 -9.15 25.74
CA ASN M 76 -7.44 -10.58 25.57
C ASN M 76 -8.94 -10.91 25.45
N GLY M 77 -9.25 -11.83 24.54
CA GLY M 77 -10.64 -12.24 24.39
C GLY M 77 -11.18 -12.97 25.60
N SER M 78 -10.34 -13.81 26.22
CA SER M 78 -10.75 -14.50 27.44
C SER M 78 -10.99 -13.53 28.59
N ASP M 79 -10.40 -12.34 28.54
CA ASP M 79 -10.67 -11.28 29.50
C ASP M 79 -11.85 -10.42 29.11
N CYS M 80 -12.48 -10.69 27.97
CA CYS M 80 -13.53 -9.82 27.43
C CYS M 80 -14.90 -10.24 27.95
N LYS M 81 -15.06 -10.11 29.27
CA LYS M 81 -16.34 -10.40 29.89
C LYS M 81 -17.40 -9.40 29.43
N ILE M 82 -18.67 -9.72 29.73
CA ILE M 82 -19.74 -8.82 29.33
C ILE M 82 -19.68 -7.51 30.11
N ASP M 83 -19.33 -7.60 31.40
CA ASP M 83 -19.10 -6.39 32.17
C ASP M 83 -17.82 -5.68 31.75
N PHE M 84 -16.94 -6.37 31.03
CA PHE M 84 -15.78 -5.71 30.44
C PHE M 84 -16.17 -4.92 29.20
N VAL M 85 -17.05 -5.48 28.36
CA VAL M 85 -17.57 -4.72 27.24
C VAL M 85 -18.34 -3.51 27.75
N ARG M 86 -19.12 -3.70 28.82
CA ARG M 86 -19.80 -2.57 29.44
C ARG M 86 -18.80 -1.59 30.06
N GLY M 87 -17.72 -2.10 30.63
CA GLY M 87 -16.77 -1.27 31.32
C GLY M 87 -15.72 -0.65 30.41
N PRO M 88 -14.50 -1.22 30.44
CA PRO M 88 -13.40 -0.59 29.70
C PRO M 88 -13.66 -0.40 28.21
N LEU M 89 -14.40 -1.32 27.57
CA LEU M 89 -14.65 -1.20 26.15
C LEU M 89 -15.55 0.00 25.85
N THR M 90 -16.63 0.18 26.62
CA THR M 90 -17.53 1.29 26.40
C THR M 90 -16.91 2.61 26.86
N ASN M 91 -16.18 2.60 27.98
CA ASN M 91 -15.48 3.79 28.43
C ASN M 91 -14.57 4.36 27.35
N PHE M 92 -14.02 3.49 26.51
CA PHE M 92 -13.08 3.92 25.48
C PHE M 92 -13.80 4.39 24.23
N ALA M 93 -14.80 3.63 23.78
CA ALA M 93 -15.49 3.95 22.54
C ALA M 93 -16.35 5.20 22.68
N SER M 94 -16.83 5.49 23.89
CA SER M 94 -17.65 6.68 24.13
C SER M 94 -16.81 7.92 24.40
N ALA M 95 -15.53 7.78 24.71
CA ALA M 95 -14.65 8.94 24.84
C ALA M 95 -14.35 9.54 23.48
N ALA M 96 -14.05 10.84 23.47
CA ALA M 96 -13.88 11.60 22.24
C ALA M 96 -12.40 11.67 21.87
N SER M 97 -12.07 11.20 20.67
CA SER M 97 -10.72 11.33 20.13
C SER M 97 -10.69 12.63 19.34
N PHE M 98 -10.33 13.72 20.04
CA PHE M 98 -10.30 15.03 19.41
C PHE M 98 -9.20 15.13 18.35
N ASP M 99 -8.14 14.34 18.50
CA ASP M 99 -7.01 14.40 17.58
C ASP M 99 -7.35 13.90 16.19
N GLY M 100 -8.54 13.36 15.98
CA GLY M 100 -8.99 12.96 14.66
C GLY M 100 -8.59 11.57 14.23
N ARG M 101 -7.90 10.81 15.06
CA ARG M 101 -7.49 9.45 14.71
C ARG M 101 -8.50 8.45 15.25
N GLN M 102 -8.88 7.50 14.40
CA GLN M 102 -9.93 6.56 14.73
C GLN M 102 -9.49 5.60 15.84
N LYS M 103 -10.36 5.40 16.82
CA LYS M 103 -10.08 4.44 17.88
C LYS M 103 -10.35 3.02 17.39
N VAL M 104 -9.67 2.05 18.00
CA VAL M 104 -9.81 0.65 17.62
C VAL M 104 -9.73 -0.21 18.87
N ILE M 105 -10.53 -1.27 18.92
CA ILE M 105 -10.51 -2.24 20.00
C ILE M 105 -10.13 -3.59 19.40
N VAL M 106 -8.95 -4.09 19.76
CA VAL M 106 -8.47 -5.38 19.27
C VAL M 106 -8.80 -6.43 20.33
N ILE M 107 -9.73 -7.32 19.99
CA ILE M 107 -10.13 -8.40 20.90
C ILE M 107 -9.36 -9.64 20.49
N ASP M 108 -8.19 -9.82 21.10
CA ASP M 108 -7.31 -10.91 20.72
C ASP M 108 -7.84 -12.24 21.22
N GLU M 109 -7.85 -13.24 20.33
CA GLU M 109 -8.18 -14.62 20.68
C GLU M 109 -9.57 -14.73 21.30
N PHE M 110 -10.57 -14.39 20.48
CA PHE M 110 -11.96 -14.34 20.91
C PHE M 110 -12.74 -15.61 20.56
N CYS M 111 -12.04 -16.69 20.18
CA CYS M 111 -12.73 -17.94 19.88
C CYS M 111 -13.50 -18.48 21.07
N ARG M 112 -13.03 -18.18 22.28
CA ARG M 112 -13.56 -18.72 23.53
C ARG M 112 -15.08 -18.76 23.54
N SER M 113 -15.64 -19.95 23.77
CA SER M 113 -17.08 -20.15 23.74
C SER M 113 -17.75 -19.69 25.02
N GLY M 114 -17.04 -19.73 26.15
CA GLY M 114 -17.61 -19.33 27.42
C GLY M 114 -18.01 -17.87 27.50
N LEU M 115 -17.65 -17.06 26.51
CA LEU M 115 -17.98 -15.64 26.48
C LEU M 115 -19.04 -15.33 25.43
N ALA M 116 -19.99 -16.26 25.24
CA ALA M 116 -21.02 -16.06 24.22
C ALA M 116 -21.95 -14.91 24.59
N GLU M 117 -22.26 -14.75 25.88
CA GLU M 117 -23.13 -13.65 26.27
C GLU M 117 -22.43 -12.31 26.15
N SER M 118 -21.13 -12.26 26.44
CA SER M 118 -20.34 -11.07 26.12
C SER M 118 -20.30 -10.84 24.62
N GLN M 119 -20.33 -11.91 23.83
CA GLN M 119 -20.36 -11.78 22.38
C GLN M 119 -21.66 -11.16 21.91
N ARG M 120 -22.79 -11.63 22.45
CA ARG M 120 -24.09 -11.11 22.04
C ARG M 120 -24.26 -9.64 22.39
N HIS M 121 -23.52 -9.14 23.38
CA HIS M 121 -23.62 -7.73 23.73
C HIS M 121 -22.90 -6.86 22.71
N LEU M 122 -21.86 -7.39 22.07
CA LEU M 122 -21.16 -6.64 21.03
C LEU M 122 -22.01 -6.46 19.79
N ARG M 123 -23.08 -7.24 19.63
CA ARG M 123 -23.96 -7.08 18.48
C ARG M 123 -24.42 -5.63 18.34
N SER M 124 -24.96 -5.07 19.41
CA SER M 124 -25.44 -3.69 19.39
C SER M 124 -24.35 -2.68 19.74
N PHE M 125 -23.30 -3.11 20.44
CA PHE M 125 -22.21 -2.19 20.79
C PHE M 125 -21.53 -1.65 19.55
N MET M 126 -21.20 -2.53 18.60
CA MET M 126 -20.44 -2.13 17.43
C MET M 126 -21.23 -1.16 16.55
N GLU M 127 -22.56 -1.23 16.58
CA GLU M 127 -23.37 -0.29 15.82
C GLU M 127 -23.47 1.06 16.50
N ALA M 128 -23.47 1.09 17.84
CA ALA M 128 -23.51 2.36 18.56
C ALA M 128 -22.23 3.15 18.36
N TYR M 129 -21.09 2.49 18.49
CA TYR M 129 -19.80 3.15 18.33
C TYR M 129 -19.11 2.68 17.05
N SER M 130 -19.75 2.89 15.91
CA SER M 130 -19.21 2.49 14.61
C SER M 130 -18.44 3.60 13.92
N SER M 131 -18.87 4.87 14.05
CA SER M 131 -18.10 5.97 13.49
C SER M 131 -16.87 6.27 14.33
N ASN M 132 -17.04 6.37 15.64
CA ASN M 132 -15.92 6.64 16.55
C ASN M 132 -14.82 5.61 16.38
N CYS M 133 -15.13 4.35 16.67
CA CYS M 133 -14.12 3.31 16.73
C CYS M 133 -14.56 2.08 15.95
N SER M 134 -13.67 1.10 15.88
CA SER M 134 -13.91 -0.15 15.20
C SER M 134 -13.24 -1.27 15.97
N ILE M 135 -13.84 -2.45 15.93
CA ILE M 135 -13.36 -3.61 16.68
C ILE M 135 -12.66 -4.57 15.74
N ILE M 136 -11.51 -5.07 16.17
CA ILE M 136 -10.72 -6.04 15.42
C ILE M 136 -10.61 -7.30 16.28
N ILE M 137 -10.89 -8.46 15.68
CA ILE M 137 -10.98 -9.71 16.41
C ILE M 137 -10.00 -10.72 15.83
N THR M 138 -9.30 -11.42 16.72
CA THR M 138 -8.43 -12.53 16.35
C THR M 138 -9.09 -13.83 16.80
N ALA M 139 -9.09 -14.83 15.93
CA ALA M 139 -9.80 -16.07 16.22
C ALA M 139 -9.05 -17.26 15.63
N ASN M 140 -8.98 -18.35 16.39
CA ASN M 140 -8.45 -19.61 15.90
C ASN M 140 -9.54 -20.52 15.34
N ASN M 141 -10.80 -20.04 15.29
CA ASN M 141 -11.95 -20.85 14.92
C ASN M 141 -13.21 -19.99 14.94
N ILE M 142 -13.72 -19.62 13.76
CA ILE M 142 -14.85 -18.69 13.71
C ILE M 142 -16.13 -19.28 14.26
N ASP M 143 -16.22 -20.61 14.41
CA ASP M 143 -17.44 -21.20 14.93
C ASP M 143 -17.71 -20.77 16.37
N GLY M 144 -16.68 -20.35 17.11
CA GLY M 144 -16.91 -19.69 18.38
C GLY M 144 -17.44 -18.29 18.22
N ILE M 145 -17.11 -17.64 17.11
CA ILE M 145 -17.63 -16.31 16.80
C ILE M 145 -19.08 -16.46 16.31
N ILE M 146 -20.01 -15.79 16.98
CA ILE M 146 -21.42 -15.96 16.63
C ILE M 146 -21.68 -15.39 15.25
N LYS M 147 -22.68 -15.94 14.57
CA LYS M 147 -22.95 -15.55 13.19
C LYS M 147 -23.36 -14.09 13.02
N PRO M 148 -24.07 -13.45 13.95
CA PRO M 148 -24.27 -12.00 13.81
C PRO M 148 -22.98 -11.21 13.84
N LEU M 149 -22.00 -11.63 14.65
CA LEU M 149 -20.72 -10.92 14.71
C LEU M 149 -19.91 -11.15 13.44
N GLN M 150 -19.91 -12.37 12.91
CA GLN M 150 -19.26 -12.61 11.61
C GLN M 150 -19.89 -11.75 10.53
N SER M 151 -21.19 -11.47 10.65
CA SER M 151 -21.88 -10.65 9.65
C SER M 151 -21.42 -9.20 9.69
N ARG M 152 -21.04 -8.69 10.85
CA ARG M 152 -20.68 -7.29 11.00
C ARG M 152 -19.25 -6.98 10.60
N CYS M 153 -18.42 -7.99 10.39
CA CYS M 153 -17.01 -7.79 10.13
C CYS M 153 -16.64 -8.33 8.75
N ARG M 154 -15.35 -8.24 8.43
CA ARG M 154 -14.77 -8.80 7.21
C ARG M 154 -13.95 -10.01 7.64
N VAL M 155 -14.55 -11.20 7.50
CA VAL M 155 -13.94 -12.43 7.99
C VAL M 155 -12.86 -12.90 7.03
N ILE M 156 -11.62 -12.47 7.26
CA ILE M 156 -10.50 -12.81 6.40
C ILE M 156 -9.87 -14.08 6.94
N THR M 157 -10.15 -15.21 6.28
CA THR M 157 -9.64 -16.50 6.72
C THR M 157 -8.17 -16.64 6.35
N PHE M 158 -7.32 -16.73 7.36
CA PHE M 158 -5.88 -16.85 7.15
C PHE M 158 -5.48 -18.31 7.03
N GLY M 159 -4.25 -18.52 6.57
CA GLY M 159 -3.72 -19.87 6.48
C GLY M 159 -4.30 -20.72 5.39
N GLN M 160 -4.93 -20.11 4.39
CA GLN M 160 -5.42 -20.83 3.21
C GLN M 160 -5.03 -20.08 1.95
N PRO M 161 -3.73 -19.91 1.70
CA PRO M 161 -3.30 -19.20 0.50
C PRO M 161 -3.26 -20.12 -0.70
N THR M 162 -3.37 -19.50 -1.88
CA THR M 162 -3.27 -20.27 -3.12
C THR M 162 -1.88 -20.86 -3.27
N ASP M 163 -1.77 -21.87 -4.14
CA ASP M 163 -0.46 -22.45 -4.42
C ASP M 163 0.47 -21.44 -5.08
N GLU M 164 -0.10 -20.47 -5.80
CA GLU M 164 0.72 -19.36 -6.31
C GLU M 164 1.10 -18.42 -5.18
N ASP M 165 0.16 -18.14 -4.26
CA ASP M 165 0.47 -17.33 -3.09
C ASP M 165 1.52 -18.00 -2.22
N LYS M 166 1.34 -19.30 -1.98
CA LYS M 166 2.20 -20.04 -1.04
C LYS M 166 3.67 -19.96 -1.43
N ILE M 167 3.96 -20.13 -2.72
CA ILE M 167 5.35 -20.19 -3.15
C ILE M 167 6.05 -18.84 -2.95
N GLU M 168 5.36 -17.74 -3.26
CA GLU M 168 5.97 -16.43 -3.08
C GLU M 168 6.03 -16.05 -1.60
N MET M 169 5.08 -16.53 -0.79
CA MET M 169 5.16 -16.30 0.65
C MET M 169 6.35 -17.03 1.25
N MET M 170 6.50 -18.31 0.92
CA MET M 170 7.67 -19.06 1.37
C MET M 170 8.96 -18.36 0.95
N LYS M 171 9.02 -17.89 -0.29
CA LYS M 171 10.19 -17.16 -0.77
C LYS M 171 10.37 -15.87 0.01
N GLN M 172 9.28 -15.12 0.22
CA GLN M 172 9.34 -13.93 1.06
C GLN M 172 9.81 -14.26 2.47
N MET M 173 9.45 -15.45 2.97
CA MET M 173 9.87 -15.86 4.31
C MET M 173 11.33 -16.28 4.34
N ILE M 174 11.86 -16.86 3.25
CA ILE M 174 13.26 -17.23 3.22
C ILE M 174 14.14 -15.98 3.23
N ARG M 175 13.76 -14.95 2.47
CA ARG M 175 14.57 -13.75 2.40
C ARG M 175 14.53 -12.96 3.70
N ARG M 176 13.38 -12.93 4.37
CA ARG M 176 13.29 -12.26 5.65
C ARG M 176 14.05 -13.04 6.72
N LEU M 177 13.98 -14.37 6.67
CA LEU M 177 14.74 -15.20 7.60
C LEU M 177 16.24 -15.05 7.38
N THR M 178 16.65 -14.89 6.11
CA THR M 178 18.05 -14.62 5.81
C THR M 178 18.53 -13.38 6.56
N GLU M 179 17.74 -12.31 6.53
CA GLU M 179 18.10 -11.10 7.24
C GLU M 179 18.00 -11.28 8.76
N ILE M 180 17.11 -12.16 9.21
CA ILE M 180 17.02 -12.46 10.64
C ILE M 180 18.32 -13.07 11.14
N CYS M 181 18.87 -14.02 10.39
CA CYS M 181 20.13 -14.64 10.77
C CYS M 181 21.28 -13.64 10.78
N LYS M 182 21.16 -12.56 9.99
CA LYS M 182 22.17 -11.52 10.02
C LYS M 182 22.07 -10.69 11.30
N HIS M 183 20.86 -10.20 11.62
CA HIS M 183 20.69 -9.43 12.84
C HIS M 183 21.06 -10.23 14.09
N GLU M 184 20.85 -11.54 14.05
CA GLU M 184 21.16 -12.40 15.20
C GLU M 184 22.60 -12.90 15.18
N GLY M 185 23.22 -13.00 14.02
CA GLY M 185 24.58 -13.51 13.94
C GLY M 185 24.62 -15.01 13.71
N ILE M 186 23.67 -15.52 12.92
CA ILE M 186 23.61 -16.93 12.57
C ILE M 186 24.29 -17.11 11.22
N ALA M 187 25.33 -17.95 11.18
CA ALA M 187 26.02 -18.24 9.94
C ALA M 187 25.20 -19.23 9.11
N ILE M 188 24.88 -18.85 7.88
CA ILE M 188 24.05 -19.69 7.02
C ILE M 188 24.94 -20.42 6.03
N ALA M 189 25.50 -21.57 6.45
CA ALA M 189 26.39 -22.31 5.58
C ALA M 189 25.64 -23.02 4.46
N ASP M 190 24.37 -23.36 4.69
CA ASP M 190 23.53 -23.99 3.68
C ASP M 190 22.18 -23.30 3.67
N MET M 191 21.83 -22.69 2.53
CA MET M 191 20.52 -22.07 2.37
C MET M 191 19.41 -23.09 2.34
N LYS M 192 19.71 -24.35 2.00
CA LYS M 192 18.70 -25.39 1.94
C LYS M 192 18.10 -25.70 3.31
N VAL M 193 18.83 -25.43 4.39
CA VAL M 193 18.27 -25.66 5.72
C VAL M 193 17.22 -24.60 6.05
N VAL M 194 17.36 -23.40 5.48
CA VAL M 194 16.31 -22.40 5.64
C VAL M 194 15.13 -22.72 4.75
N ALA M 195 15.40 -23.23 3.54
CA ALA M 195 14.33 -23.67 2.65
C ALA M 195 13.54 -24.82 3.27
N ALA M 196 14.23 -25.71 3.98
CA ALA M 196 13.55 -26.83 4.62
C ALA M 196 12.77 -26.38 5.86
N LEU M 197 13.20 -25.30 6.50
CA LEU M 197 12.53 -24.84 7.72
C LEU M 197 11.13 -24.32 7.41
N VAL M 198 11.02 -23.42 6.43
CA VAL M 198 9.71 -22.85 6.10
C VAL M 198 8.78 -23.92 5.56
N LYS M 199 9.30 -24.81 4.70
CA LYS M 199 8.46 -25.87 4.16
C LYS M 199 8.00 -26.85 5.23
N LYS M 200 8.80 -27.01 6.30
CA LYS M 200 8.46 -27.96 7.35
C LYS M 200 7.14 -27.58 8.02
N ASN M 201 7.05 -26.36 8.52
CA ASN M 201 5.83 -25.82 9.12
C ASN M 201 5.44 -24.60 8.30
N PHE M 202 4.64 -24.82 7.26
CA PHE M 202 4.40 -23.76 6.29
C PHE M 202 3.56 -22.62 6.87
N PRO M 203 2.27 -22.80 7.16
CA PRO M 203 1.44 -21.63 7.50
C PRO M 203 1.76 -21.05 8.87
N ASP M 204 2.34 -21.84 9.76
CA ASP M 204 2.68 -21.40 11.10
C ASP M 204 4.02 -20.67 11.04
N PHE M 205 3.94 -19.36 10.79
CA PHE M 205 5.16 -18.56 10.71
C PHE M 205 5.81 -18.37 12.09
N ARG M 206 5.02 -18.44 13.16
CA ARG M 206 5.61 -18.32 14.49
C ARG M 206 6.44 -19.56 14.84
N LYS M 207 6.10 -20.71 14.26
CA LYS M 207 6.87 -21.92 14.52
C LYS M 207 8.13 -21.99 13.68
N THR M 208 8.11 -21.43 12.46
CA THR M 208 9.32 -21.36 11.65
C THR M 208 10.41 -20.59 12.38
N ILE M 209 10.09 -19.36 12.81
CA ILE M 209 11.06 -18.53 13.52
C ILE M 209 11.48 -19.20 14.82
N GLY M 210 10.53 -19.86 15.49
CA GLY M 210 10.87 -20.59 16.69
C GLY M 210 11.81 -21.75 16.44
N GLU M 211 11.58 -22.47 15.33
CA GLU M 211 12.51 -23.55 14.97
C GLU M 211 13.85 -23.01 14.52
N LEU M 212 13.88 -21.78 13.97
CA LEU M 212 15.14 -21.16 13.64
C LEU M 212 15.98 -20.92 14.89
N ASP M 213 15.34 -20.50 15.97
CA ASP M 213 16.05 -20.32 17.24
C ASP M 213 16.59 -21.66 17.75
N SER M 214 15.79 -22.72 17.63
CA SER M 214 16.19 -24.02 18.11
C SER M 214 17.32 -24.61 17.28
N TYR M 215 17.30 -24.37 15.97
CA TYR M 215 18.27 -24.96 15.06
C TYR M 215 19.47 -24.06 14.81
N SER M 216 19.50 -22.87 15.40
CA SER M 216 20.71 -22.07 15.46
C SER M 216 21.52 -22.36 16.72
N SER M 217 21.35 -23.56 17.30
CA SER M 217 21.98 -23.88 18.58
C SER M 217 23.49 -23.88 18.47
N LYS M 218 24.04 -24.22 17.31
CA LYS M 218 25.49 -24.21 17.10
C LYS M 218 25.95 -22.94 16.39
N GLY M 219 25.11 -21.91 16.32
CA GLY M 219 25.50 -20.65 15.74
C GLY M 219 25.52 -20.64 14.22
N VAL M 220 25.79 -21.79 13.62
CA VAL M 220 25.85 -21.95 12.17
C VAL M 220 24.73 -22.87 11.72
N LEU M 221 24.17 -22.57 10.55
CA LEU M 221 23.15 -23.41 9.93
C LEU M 221 23.78 -24.28 8.84
N ASP M 222 24.76 -25.07 9.26
CA ASP M 222 25.54 -25.86 8.33
C ASP M 222 24.69 -26.98 7.74
N ALA M 223 25.27 -27.65 6.73
CA ALA M 223 24.58 -28.78 6.10
C ALA M 223 24.30 -29.90 7.08
N GLY M 224 25.04 -29.97 8.19
CA GLY M 224 24.75 -30.94 9.23
C GLY M 224 23.46 -30.67 9.96
N ILE M 225 22.94 -29.45 9.88
CA ILE M 225 21.64 -29.15 10.47
C ILE M 225 20.51 -29.55 9.53
N LEU M 226 20.78 -29.64 8.22
CA LEU M 226 19.77 -30.11 7.27
C LEU M 226 19.38 -31.55 7.55
N SER M 227 20.35 -32.37 7.96
CA SER M 227 20.07 -33.77 8.25
C SER M 227 19.13 -33.96 9.43
N LEU M 228 18.89 -32.92 10.23
CA LEU M 228 18.06 -33.02 11.42
C LEU M 228 16.71 -32.33 11.27
N VAL M 229 16.40 -31.77 10.10
CA VAL M 229 15.09 -31.17 9.87
C VAL M 229 14.26 -32.09 8.97
N THR M 230 14.55 -33.38 9.02
CA THR M 230 13.87 -34.32 8.13
C THR M 230 13.50 -35.63 8.83
N ASN M 231 14.48 -36.37 9.32
CA ASN M 231 14.28 -37.70 9.91
C ASN M 231 13.60 -38.65 8.92
N ASP M 232 13.92 -38.51 7.63
CA ASP M 232 13.29 -39.33 6.59
C ASP M 232 13.90 -40.72 6.55
N ALA M 235 11.37 -47.05 1.61
CA ALA M 235 11.09 -46.16 2.73
C ALA M 235 11.65 -46.74 4.04
N ILE M 236 10.76 -47.35 4.82
CA ILE M 236 11.14 -47.99 6.06
C ILE M 236 11.26 -49.49 5.82
N ASP M 237 12.09 -50.16 6.62
CA ASP M 237 12.31 -51.59 6.47
C ASP M 237 11.60 -52.40 7.55
N ASP M 238 11.93 -52.16 8.82
CA ASP M 238 11.42 -53.01 9.90
C ASP M 238 9.92 -52.85 10.13
N VAL M 239 9.33 -51.73 9.73
CA VAL M 239 7.90 -51.52 9.98
C VAL M 239 7.08 -52.52 9.16
N LEU M 240 7.27 -52.55 7.84
CA LEU M 240 6.56 -53.53 7.04
C LEU M 240 7.12 -54.94 7.23
N GLU M 241 8.41 -55.07 7.55
CA GLU M 241 8.96 -56.40 7.83
C GLU M 241 8.35 -56.99 9.09
N SER M 242 8.04 -56.15 10.08
CA SER M 242 7.44 -56.66 11.31
C SER M 242 5.99 -57.07 11.10
N LEU M 243 5.30 -56.49 10.12
CA LEU M 243 3.93 -56.86 9.84
C LEU M 243 3.79 -57.80 8.65
N LYS M 244 4.83 -57.92 7.81
CA LYS M 244 4.79 -58.86 6.70
C LYS M 244 4.72 -60.29 7.22
N ASN M 245 5.64 -60.66 8.10
CA ASN M 245 5.61 -61.96 8.77
C ASN M 245 4.74 -61.94 10.03
N LYS M 246 3.84 -60.95 10.16
CA LYS M 246 2.90 -60.82 11.27
C LYS M 246 3.59 -60.82 12.62
N ASP M 247 4.84 -60.34 12.66
CA ASP M 247 5.64 -60.32 13.88
C ASP M 247 5.06 -59.22 14.78
N VAL M 248 4.04 -59.61 15.55
CA VAL M 248 3.40 -58.68 16.47
C VAL M 248 4.40 -58.20 17.52
N LYS M 249 5.45 -59.00 17.76
CA LYS M 249 6.46 -58.67 18.75
C LYS M 249 7.03 -57.27 18.53
N GLN M 250 7.56 -57.02 17.34
CA GLN M 250 8.15 -55.71 17.04
C GLN M 250 7.10 -54.68 16.66
N LEU M 251 6.01 -55.11 16.02
CA LEU M 251 4.93 -54.18 15.72
C LEU M 251 4.29 -53.64 16.99
N ARG M 252 4.36 -54.42 18.08
CA ARG M 252 3.89 -53.98 19.38
C ARG M 252 4.63 -52.72 19.83
N ALA M 253 5.94 -52.86 20.07
CA ALA M 253 6.78 -51.73 20.47
C ALA M 253 7.32 -50.99 19.25
N LEU M 254 6.37 -50.54 18.42
CA LEU M 254 6.68 -49.70 17.27
C LEU M 254 5.80 -48.48 17.18
N ALA M 255 4.81 -48.33 18.07
CA ALA M 255 3.95 -47.16 18.04
C ALA M 255 4.69 -45.88 18.45
N PRO M 256 5.43 -45.83 19.57
CA PRO M 256 6.19 -44.61 19.87
C PRO M 256 7.29 -44.32 18.85
N LYS M 257 7.78 -45.34 18.15
CA LYS M 257 8.89 -45.15 17.22
C LYS M 257 8.49 -44.24 16.06
N TYR M 258 7.22 -44.25 15.66
CA TYR M 258 6.72 -43.38 14.60
C TYR M 258 5.44 -42.68 15.05
N ALA M 259 5.38 -42.31 16.33
CA ALA M 259 4.20 -41.61 16.84
C ALA M 259 4.26 -40.11 16.55
N ALA M 260 5.45 -39.51 16.69
CA ALA M 260 5.58 -38.08 16.49
C ALA M 260 5.31 -37.69 15.04
N ASP M 261 5.87 -38.44 14.10
CA ASP M 261 5.75 -38.13 12.67
C ASP M 261 4.59 -38.89 12.05
N TYR M 262 3.39 -38.67 12.60
CA TYR M 262 2.21 -39.40 12.14
C TYR M 262 1.96 -39.14 10.66
N SER M 263 1.80 -37.89 10.27
CA SER M 263 1.45 -37.56 8.89
C SER M 263 2.48 -38.09 7.91
N TRP M 264 3.76 -38.06 8.29
CA TRP M 264 4.78 -38.64 7.43
C TRP M 264 4.79 -40.17 7.51
N PHE M 265 4.40 -40.73 8.66
CA PHE M 265 4.48 -42.18 8.82
C PHE M 265 3.40 -42.88 7.99
N VAL M 266 2.21 -42.29 7.89
CA VAL M 266 1.15 -42.95 7.13
C VAL M 266 1.28 -42.63 5.65
N GLY M 267 1.83 -41.47 5.30
CA GLY M 267 2.02 -41.14 3.89
C GLY M 267 3.05 -42.03 3.24
N LYS M 268 4.22 -42.17 3.86
CA LYS M 268 5.24 -43.06 3.34
C LYS M 268 4.88 -44.52 3.52
N LEU M 269 4.03 -44.84 4.50
CA LEU M 269 3.51 -46.20 4.60
C LEU M 269 2.65 -46.53 3.38
N ALA M 270 1.78 -45.60 2.99
CA ALA M 270 0.99 -45.79 1.78
C ALA M 270 1.87 -45.86 0.54
N GLU M 271 3.08 -45.33 0.60
CA GLU M 271 3.98 -45.35 -0.55
C GLU M 271 4.62 -46.72 -0.72
N GLU M 272 5.16 -47.29 0.36
CA GLU M 272 5.91 -48.54 0.28
C GLU M 272 5.03 -49.78 0.40
N ILE M 273 3.91 -49.70 1.11
CA ILE M 273 3.00 -50.85 1.18
C ILE M 273 2.50 -51.22 -0.21
N TYR M 274 2.25 -50.21 -1.04
CA TYR M 274 1.85 -50.42 -2.42
C TYR M 274 2.84 -51.28 -3.20
N SER M 275 4.09 -51.38 -2.72
CA SER M 275 5.12 -52.12 -3.45
C SER M 275 5.01 -53.62 -3.21
N ARG M 276 4.99 -54.03 -1.94
CA ARG M 276 5.02 -55.45 -1.56
C ARG M 276 3.64 -56.08 -1.46
N VAL M 277 2.62 -55.44 -2.02
CA VAL M 277 1.24 -55.87 -1.80
C VAL M 277 0.61 -56.27 -3.12
N THR M 278 -0.48 -57.04 -3.02
CA THR M 278 -1.26 -57.56 -4.13
C THR M 278 -2.41 -56.62 -4.46
N PRO M 279 -2.98 -56.70 -5.67
CA PRO M 279 -4.10 -55.82 -6.01
C PRO M 279 -5.32 -55.96 -5.10
N GLN M 280 -5.73 -57.19 -4.78
CA GLN M 280 -6.90 -57.35 -3.94
C GLN M 280 -6.66 -56.93 -2.49
N SER M 281 -5.42 -56.58 -2.14
CA SER M 281 -5.11 -56.00 -0.84
C SER M 281 -4.84 -54.51 -0.91
N ILE M 282 -4.83 -53.93 -2.11
CA ILE M 282 -4.66 -52.48 -2.25
C ILE M 282 -5.88 -51.75 -1.70
N ILE M 283 -7.08 -52.24 -2.04
CA ILE M 283 -8.31 -51.56 -1.63
C ILE M 283 -8.46 -51.60 -0.11
N ARG M 284 -8.21 -52.76 0.51
CA ARG M 284 -8.34 -52.86 1.95
C ARG M 284 -7.25 -52.08 2.66
N MET M 285 -6.08 -51.95 2.05
CA MET M 285 -5.00 -51.17 2.65
C MET M 285 -5.42 -49.71 2.78
N TYR M 286 -5.86 -49.09 1.69
CA TYR M 286 -6.26 -47.69 1.74
C TYR M 286 -7.50 -47.48 2.59
N GLU M 287 -8.34 -48.50 2.73
CA GLU M 287 -9.53 -48.38 3.58
C GLU M 287 -9.13 -48.17 5.04
N ILE M 288 -8.34 -49.09 5.59
CA ILE M 288 -8.04 -49.05 7.01
C ILE M 288 -7.00 -47.98 7.34
N VAL M 289 -6.08 -47.69 6.42
CA VAL M 289 -5.12 -46.61 6.66
C VAL M 289 -5.81 -45.26 6.55
N GLY M 290 -6.73 -45.11 5.59
CA GLY M 290 -7.44 -43.85 5.45
C GLY M 290 -8.36 -43.57 6.63
N GLU M 291 -9.05 -44.59 7.13
CA GLU M 291 -9.94 -44.39 8.27
C GLU M 291 -9.15 -44.10 9.54
N ASN M 292 -8.07 -44.86 9.79
CA ASN M 292 -7.24 -44.57 10.95
C ASN M 292 -6.58 -43.20 10.84
N ASN M 293 -6.42 -42.70 9.62
CA ASN M 293 -5.91 -41.34 9.43
C ASN M 293 -7.03 -40.30 9.60
N GLN M 294 -8.27 -40.67 9.32
CA GLN M 294 -9.40 -39.73 9.39
C GLN M 294 -10.22 -39.86 10.66
N TYR M 295 -9.88 -40.80 11.54
CA TYR M 295 -10.56 -40.92 12.82
C TYR M 295 -9.64 -40.64 14.01
N HIS M 296 -8.37 -40.30 13.75
CA HIS M 296 -7.48 -39.87 14.82
C HIS M 296 -7.73 -38.39 15.08
N GLY M 297 -6.84 -37.70 15.79
CA GLY M 297 -7.11 -36.31 16.16
C GLY M 297 -8.09 -36.27 17.32
N ILE M 298 -9.21 -36.97 17.14
CA ILE M 298 -10.05 -37.40 18.24
C ILE M 298 -9.39 -38.62 18.90
N ALA M 299 -8.22 -39.02 18.42
CA ALA M 299 -7.41 -40.01 19.10
C ALA M 299 -6.79 -39.39 20.35
N ALA M 300 -7.29 -39.78 21.52
CA ALA M 300 -6.71 -39.31 22.77
C ALA M 300 -5.24 -39.70 22.87
N ASN M 301 -4.95 -40.99 22.67
CA ASN M 301 -3.60 -41.51 22.67
C ASN M 301 -3.28 -42.00 21.27
N THR M 302 -2.10 -41.62 20.77
CA THR M 302 -1.68 -42.02 19.43
C THR M 302 -0.91 -43.33 19.41
N GLU M 303 -0.36 -43.77 20.55
CA GLU M 303 0.38 -45.01 20.63
C GLU M 303 -0.47 -46.20 20.20
N LEU M 304 -1.43 -46.60 21.03
CA LEU M 304 -2.31 -47.71 20.69
C LEU M 304 -3.02 -47.50 19.37
N HIS M 305 -3.16 -46.26 18.91
CA HIS M 305 -3.84 -46.00 17.64
C HIS M 305 -2.98 -46.43 16.46
N LEU M 306 -1.65 -46.34 16.59
CA LEU M 306 -0.78 -46.87 15.55
C LEU M 306 -0.83 -48.40 15.53
N ALA M 307 -0.82 -49.03 16.70
CA ALA M 307 -0.92 -50.48 16.75
C ALA M 307 -2.29 -50.96 16.27
N TYR M 308 -3.31 -50.11 16.38
CA TYR M 308 -4.64 -50.48 15.91
C TYR M 308 -4.65 -50.73 14.41
N LEU M 309 -4.25 -49.72 13.62
CA LEU M 309 -4.16 -49.93 12.18
C LEU M 309 -3.00 -50.83 11.81
N PHE M 310 -2.01 -50.99 12.69
CA PHE M 310 -0.96 -51.98 12.48
C PHE M 310 -1.56 -53.37 12.35
N ILE M 311 -2.31 -53.80 13.37
CA ILE M 311 -2.96 -55.11 13.31
C ILE M 311 -3.93 -55.17 12.15
N GLN M 312 -4.57 -54.04 11.83
CA GLN M 312 -5.52 -54.00 10.71
C GLN M 312 -4.83 -54.39 9.40
N LEU M 313 -3.78 -53.65 9.03
CA LEU M 313 -3.07 -53.92 7.78
C LEU M 313 -2.03 -55.02 7.90
N ALA M 314 -2.09 -55.84 8.96
CA ALA M 314 -1.22 -56.99 9.10
C ALA M 314 -1.97 -58.31 9.18
N CYS M 315 -3.26 -58.31 9.50
CA CYS M 315 -4.03 -59.54 9.61
C CYS M 315 -4.84 -59.86 8.37
N GLU M 316 -5.30 -58.85 7.63
CA GLU M 316 -6.14 -59.09 6.46
C GLU M 316 -5.42 -58.73 5.18
N MET M 317 -4.18 -59.20 5.02
CA MET M 317 -3.35 -58.84 3.87
C MET M 317 -2.75 -60.10 3.26
N GLN M 318 -3.26 -60.49 2.10
CA GLN M 318 -2.56 -61.42 1.22
C GLN M 318 -1.60 -60.61 0.36
N TRP M 319 -0.32 -60.94 0.43
CA TRP M 319 0.67 -60.18 -0.33
C TRP M 319 2.01 -60.89 -0.35
N LYS M 320 2.65 -60.89 -1.52
CA LYS M 320 3.99 -61.46 -1.65
C LYS M 320 5.00 -60.56 -0.96
N ILE N 3 25.41 -33.71 44.02
CA ILE N 3 24.11 -34.13 44.54
C ILE N 3 23.60 -33.09 45.53
N THR N 4 22.47 -32.47 45.19
CA THR N 4 21.88 -31.41 45.99
C THR N 4 20.83 -31.96 46.95
N VAL N 5 20.49 -31.15 47.95
CA VAL N 5 19.69 -31.60 49.08
C VAL N 5 18.63 -30.54 49.39
N ASN N 6 17.36 -30.93 49.30
CA ASN N 6 16.26 -30.13 49.84
C ASN N 6 15.95 -30.69 51.22
N GLU N 7 16.59 -30.15 52.25
CA GLU N 7 16.41 -30.64 53.61
C GLU N 7 15.02 -30.37 54.14
N LYS N 8 14.05 -30.19 53.24
CA LYS N 8 12.70 -29.82 53.62
C LYS N 8 11.82 -31.04 53.87
N GLU N 9 11.72 -31.93 52.87
CA GLU N 9 10.64 -32.91 52.87
C GLU N 9 11.00 -34.24 53.53
N HIS N 10 10.38 -35.31 53.03
CA HIS N 10 10.52 -36.64 53.61
C HIS N 10 10.60 -37.69 52.51
N ILE N 11 9.85 -37.48 51.43
CA ILE N 11 10.07 -38.26 50.21
C ILE N 11 11.49 -37.98 49.77
N LEU N 12 12.37 -38.98 49.89
CA LEU N 12 13.79 -38.76 49.64
C LEU N 12 14.06 -38.39 48.19
N GLU N 13 13.12 -38.63 47.28
CA GLU N 13 13.31 -38.22 45.89
C GLU N 13 13.09 -36.71 45.73
N GLN N 14 12.03 -36.17 46.33
CA GLN N 14 11.87 -34.71 46.33
C GLN N 14 12.84 -34.05 47.27
N LYS N 15 13.33 -34.79 48.27
CA LYS N 15 14.38 -34.30 49.14
C LYS N 15 15.67 -34.08 48.36
N TYR N 16 16.08 -35.08 47.57
CA TYR N 16 17.33 -34.97 46.83
C TYR N 16 17.07 -34.88 45.33
N ARG N 17 16.20 -33.97 44.93
CA ARG N 17 16.02 -33.78 43.49
C ARG N 17 17.11 -32.88 42.95
N PRO N 18 17.60 -33.15 41.73
CA PRO N 18 18.66 -32.31 41.16
C PRO N 18 18.23 -30.86 41.04
N SER N 19 19.10 -29.95 41.48
CA SER N 19 18.85 -28.52 41.40
C SER N 19 19.46 -27.88 40.17
N THR N 20 20.56 -28.43 39.65
CA THR N 20 21.20 -27.92 38.45
C THR N 20 21.02 -28.92 37.31
N ILE N 21 21.19 -28.42 36.08
CA ILE N 21 20.98 -29.28 34.91
C ILE N 21 22.06 -30.34 34.81
N ASP N 22 23.30 -30.00 35.19
CA ASP N 22 24.40 -30.94 35.04
C ASP N 22 24.25 -32.14 35.95
N GLU N 23 23.66 -31.95 37.13
CA GLU N 23 23.43 -33.08 38.03
C GLU N 23 22.42 -34.06 37.45
N CYS N 24 21.52 -33.60 36.57
CA CYS N 24 20.54 -34.48 35.96
C CYS N 24 21.23 -35.54 35.11
N ILE N 25 20.64 -36.72 35.08
CA ILE N 25 21.09 -37.82 34.25
C ILE N 25 20.06 -38.01 33.14
N LEU N 26 20.40 -37.54 31.94
CA LEU N 26 19.49 -37.60 30.79
C LEU N 26 20.34 -37.83 29.54
N PRO N 27 19.77 -38.49 28.53
CA PRO N 27 20.58 -38.88 27.35
C PRO N 27 21.23 -37.72 26.60
N ALA N 28 22.03 -38.07 25.60
CA ALA N 28 22.89 -37.15 24.88
C ALA N 28 22.14 -35.97 24.28
N PHE N 29 21.33 -36.22 23.25
CA PHE N 29 20.66 -35.14 22.54
C PHE N 29 19.37 -34.71 23.22
N ASP N 30 19.38 -34.74 24.55
CA ASP N 30 18.48 -33.97 25.38
C ASP N 30 19.25 -32.95 26.22
N LYS N 31 20.29 -33.42 26.92
CA LYS N 31 21.07 -32.53 27.78
C LYS N 31 21.86 -31.51 26.98
N GLU N 32 22.45 -31.95 25.86
CA GLU N 32 23.24 -31.02 25.04
C GLU N 32 22.40 -29.82 24.62
N THR N 33 21.14 -30.07 24.24
CA THR N 33 20.24 -28.96 23.92
C THR N 33 19.84 -28.18 25.17
N PHE N 34 19.73 -28.86 26.32
CA PHE N 34 19.33 -28.18 27.54
C PHE N 34 20.38 -27.16 27.98
N LYS N 35 21.65 -27.58 28.00
CA LYS N 35 22.73 -26.63 28.28
C LYS N 35 22.80 -25.55 27.21
N SER N 36 22.42 -25.88 25.97
CA SER N 36 22.41 -24.87 24.91
C SER N 36 21.39 -23.78 25.19
N ILE N 37 20.29 -24.12 25.88
CA ILE N 37 19.28 -23.12 26.21
C ILE N 37 19.72 -22.28 27.41
N THR N 38 20.22 -22.94 28.46
CA THR N 38 20.73 -22.22 29.61
C THR N 38 21.93 -21.34 29.25
N SER N 39 22.58 -21.62 28.13
CA SER N 39 23.67 -20.77 27.66
C SER N 39 23.16 -19.35 27.39
N LYS N 40 22.16 -19.23 26.51
CA LYS N 40 21.68 -17.95 26.01
C LYS N 40 21.20 -17.01 27.12
N GLY N 41 21.18 -17.49 28.36
CA GLY N 41 20.91 -16.63 29.50
C GLY N 41 19.47 -16.20 29.65
N LYS N 42 18.79 -15.99 28.53
CA LYS N 42 17.38 -15.65 28.50
C LYS N 42 16.60 -16.85 27.99
N ILE N 43 15.49 -17.16 28.67
CA ILE N 43 14.78 -18.41 28.44
C ILE N 43 13.64 -18.20 27.44
N PRO N 44 13.39 -19.16 26.56
CA PRO N 44 12.20 -19.08 25.71
C PRO N 44 11.02 -19.87 26.27
N HIS N 45 9.88 -19.83 25.59
CA HIS N 45 8.75 -20.68 25.97
C HIS N 45 9.04 -22.11 25.54
N ILE N 46 9.16 -23.01 26.52
CA ILE N 46 9.57 -24.39 26.27
C ILE N 46 8.46 -25.33 26.74
N ILE N 47 8.03 -26.21 25.86
CA ILE N 47 7.09 -27.29 26.18
C ILE N 47 7.85 -28.60 26.18
N LEU N 48 7.55 -29.46 27.15
CA LEU N 48 8.16 -30.78 27.25
C LEU N 48 7.08 -31.82 27.51
N HIS N 49 7.32 -33.03 26.99
CA HIS N 49 6.45 -34.17 27.22
C HIS N 49 7.33 -35.38 27.48
N SER N 50 6.98 -36.16 28.53
CA SER N 50 7.83 -37.29 28.88
C SER N 50 7.70 -38.43 27.86
N PRO N 51 6.50 -39.01 27.60
CA PRO N 51 5.19 -38.91 28.24
C PRO N 51 5.00 -39.99 29.31
N SER N 52 5.93 -40.95 29.36
CA SER N 52 5.88 -42.00 30.35
C SER N 52 6.19 -41.45 31.74
N PRO N 53 5.57 -42.02 32.77
CA PRO N 53 5.68 -41.43 34.12
C PRO N 53 7.11 -41.35 34.61
N GLY N 54 7.45 -40.23 35.24
CA GLY N 54 8.70 -40.06 35.96
C GLY N 54 9.96 -40.24 35.15
N THR N 55 10.44 -39.17 34.52
CA THR N 55 11.70 -39.20 33.78
C THR N 55 12.61 -38.03 34.10
N GLY N 56 12.21 -37.16 35.03
CA GLY N 56 12.89 -35.91 35.28
C GLY N 56 12.12 -34.69 34.85
N LYS N 57 10.92 -34.88 34.29
CA LYS N 57 10.11 -33.83 33.70
C LYS N 57 10.06 -32.56 34.54
N THR N 58 9.55 -32.65 35.76
CA THR N 58 9.43 -31.47 36.61
C THR N 58 10.79 -30.93 37.02
N THR N 59 11.73 -31.82 37.35
CA THR N 59 13.05 -31.38 37.77
C THR N 59 13.81 -30.71 36.62
N VAL N 60 13.67 -31.23 35.40
CA VAL N 60 14.29 -30.60 34.24
C VAL N 60 13.82 -29.16 34.11
N ALA N 61 12.52 -28.93 34.32
CA ALA N 61 11.98 -27.57 34.28
C ALA N 61 12.59 -26.71 35.38
N LYS N 62 12.49 -27.17 36.63
CA LYS N 62 13.05 -26.43 37.75
C LYS N 62 14.57 -26.33 37.68
N ALA N 63 15.23 -27.22 36.93
CA ALA N 63 16.67 -27.09 36.74
C ALA N 63 16.99 -25.93 35.81
N LEU N 64 16.25 -25.81 34.71
CA LEU N 64 16.52 -24.73 33.76
C LEU N 64 16.30 -23.36 34.41
N CYS N 65 15.27 -23.25 35.24
CA CYS N 65 15.06 -21.99 35.96
C CYS N 65 16.20 -21.71 36.93
N HIS N 66 16.81 -22.77 37.48
CA HIS N 66 17.93 -22.57 38.39
C HIS N 66 19.20 -22.19 37.63
N ASP N 67 19.50 -22.90 36.54
CA ASP N 67 20.73 -22.62 35.78
C ASP N 67 20.64 -21.28 35.06
N VAL N 68 19.46 -20.90 34.59
CA VAL N 68 19.25 -19.55 34.08
C VAL N 68 19.16 -18.53 35.21
N ASN N 69 19.08 -18.99 36.46
CA ASN N 69 18.95 -18.13 37.63
C ASN N 69 17.70 -17.26 37.51
N ALA N 70 16.56 -17.92 37.70
CA ALA N 70 15.26 -17.34 37.39
C ALA N 70 14.46 -17.05 38.65
N ASP N 71 13.52 -16.13 38.50
CA ASP N 71 12.50 -15.85 39.52
C ASP N 71 11.29 -16.76 39.28
N MET N 72 11.55 -18.07 39.44
CA MET N 72 10.59 -19.08 39.02
C MET N 72 9.32 -19.03 39.86
N MET N 73 8.17 -19.02 39.19
CA MET N 73 6.86 -19.12 39.82
C MET N 73 6.26 -20.46 39.43
N PHE N 74 6.49 -21.47 40.27
CA PHE N 74 6.07 -22.84 39.99
C PHE N 74 4.60 -23.02 40.38
N VAL N 75 3.81 -23.57 39.46
CA VAL N 75 2.37 -23.71 39.64
C VAL N 75 1.92 -25.05 39.09
N ASN N 76 1.13 -25.79 39.88
CA ASN N 76 0.53 -27.02 39.41
C ASN N 76 -0.50 -26.72 38.33
N GLY N 77 -0.52 -27.55 37.29
CA GLY N 77 -1.37 -27.27 36.13
C GLY N 77 -2.85 -27.23 36.47
N SER N 78 -3.33 -28.28 37.14
CA SER N 78 -4.74 -28.29 37.55
C SER N 78 -5.04 -27.29 38.65
N ASP N 79 -4.03 -26.67 39.25
CA ASP N 79 -4.22 -25.57 40.19
C ASP N 79 -4.20 -24.21 39.50
N CYS N 80 -3.98 -24.18 38.20
CA CYS N 80 -3.79 -22.94 37.45
C CYS N 80 -5.04 -22.61 36.65
N LYS N 81 -6.08 -22.18 37.36
CA LYS N 81 -7.32 -21.79 36.72
C LYS N 81 -7.17 -20.40 36.09
N ILE N 82 -8.19 -20.01 35.31
CA ILE N 82 -8.08 -18.78 34.50
C ILE N 82 -8.09 -17.54 35.37
N ASP N 83 -8.79 -17.57 36.51
CA ASP N 83 -8.75 -16.44 37.44
C ASP N 83 -7.39 -16.30 38.11
N PHE N 84 -6.71 -17.42 38.32
CA PHE N 84 -5.36 -17.39 38.87
C PHE N 84 -4.39 -16.76 37.88
N VAL N 85 -4.52 -17.09 36.59
CA VAL N 85 -3.67 -16.47 35.57
C VAL N 85 -3.94 -14.97 35.50
N ARG N 86 -5.22 -14.59 35.57
CA ARG N 86 -5.57 -13.17 35.50
C ARG N 86 -4.96 -12.38 36.65
N GLY N 87 -4.90 -12.98 37.84
CA GLY N 87 -4.50 -12.26 39.03
C GLY N 87 -3.02 -12.33 39.31
N PRO N 88 -2.61 -13.32 40.11
CA PRO N 88 -1.20 -13.37 40.54
C PRO N 88 -0.20 -13.51 39.39
N LEU N 89 -0.43 -14.44 38.46
CA LEU N 89 0.52 -14.63 37.36
C LEU N 89 0.71 -13.35 36.58
N THR N 90 -0.40 -12.69 36.21
CA THR N 90 -0.31 -11.41 35.53
C THR N 90 0.39 -10.37 36.40
N ASN N 91 0.04 -10.31 37.68
CA ASN N 91 0.74 -9.42 38.60
C ASN N 91 2.20 -9.81 38.74
N PHE N 92 2.51 -11.09 38.57
CA PHE N 92 3.90 -11.53 38.58
C PHE N 92 4.60 -11.18 37.27
N ALA N 93 3.92 -11.36 36.14
CA ALA N 93 4.51 -11.12 34.84
C ALA N 93 4.56 -9.65 34.47
N SER N 94 3.72 -8.81 35.08
CA SER N 94 3.69 -7.40 34.70
C SER N 94 4.85 -6.63 35.30
N ALA N 95 5.07 -6.77 36.60
CA ALA N 95 6.16 -6.06 37.27
C ALA N 95 7.51 -6.65 36.85
N ALA N 96 8.54 -5.81 36.90
CA ALA N 96 9.90 -6.21 36.56
C ALA N 96 10.67 -6.55 37.82
N SER N 97 11.30 -7.71 37.83
CA SER N 97 12.03 -8.16 39.02
C SER N 97 13.23 -7.25 39.29
N PHE N 98 13.45 -6.94 40.56
CA PHE N 98 14.55 -6.07 40.98
C PHE N 98 15.87 -6.82 41.16
N ASP N 99 15.91 -8.09 40.76
CA ASP N 99 17.15 -8.86 40.75
C ASP N 99 17.76 -9.00 39.36
N GLY N 100 17.07 -8.56 38.32
CA GLY N 100 17.60 -8.68 36.97
C GLY N 100 17.35 -10.08 36.48
N ARG N 101 16.86 -10.94 37.37
CA ARG N 101 16.64 -12.34 37.04
C ARG N 101 15.49 -12.46 36.05
N GLN N 102 15.70 -13.29 35.03
CA GLN N 102 14.63 -13.63 34.11
C GLN N 102 13.52 -14.35 34.86
N LYS N 103 12.35 -13.73 34.91
CA LYS N 103 11.19 -14.41 35.47
C LYS N 103 10.79 -15.57 34.56
N VAL N 104 10.07 -16.54 35.13
CA VAL N 104 9.58 -17.69 34.37
C VAL N 104 8.44 -18.31 35.13
N ILE N 105 7.46 -18.84 34.40
CA ILE N 105 6.29 -19.49 34.97
C ILE N 105 6.32 -20.96 34.55
N VAL N 106 6.44 -21.84 35.53
CA VAL N 106 6.52 -23.28 35.28
C VAL N 106 5.16 -23.86 35.64
N ILE N 107 4.37 -24.19 34.62
CA ILE N 107 3.05 -24.79 34.81
C ILE N 107 3.23 -26.30 34.75
N ASP N 108 3.32 -26.93 35.92
CA ASP N 108 3.59 -28.34 36.01
C ASP N 108 2.33 -29.15 35.72
N GLU N 109 2.48 -30.15 34.84
CA GLU N 109 1.39 -31.05 34.47
C GLU N 109 0.18 -30.26 33.96
N PHE N 110 0.37 -29.66 32.79
CA PHE N 110 -0.69 -28.89 32.14
C PHE N 110 -1.32 -29.70 31.02
N CYS N 111 -1.93 -30.84 31.40
CA CYS N 111 -2.45 -31.78 30.41
C CYS N 111 -3.81 -32.34 30.75
N ARG N 112 -4.25 -32.33 32.00
CA ARG N 112 -5.58 -32.82 32.34
C ARG N 112 -6.63 -31.99 31.61
N SER N 113 -7.59 -32.67 31.00
CA SER N 113 -8.57 -32.01 30.14
C SER N 113 -9.57 -31.18 30.93
N GLY N 114 -9.09 -30.21 31.70
CA GLY N 114 -9.98 -29.42 32.53
C GLY N 114 -9.86 -27.91 32.33
N LEU N 115 -8.64 -27.43 32.05
CA LEU N 115 -8.43 -25.99 31.98
C LEU N 115 -8.09 -25.55 30.57
N ALA N 116 -8.86 -26.03 29.58
CA ALA N 116 -8.63 -25.61 28.20
C ALA N 116 -8.89 -24.12 28.04
N GLU N 117 -9.92 -23.60 28.70
CA GLU N 117 -10.20 -22.17 28.62
C GLU N 117 -9.10 -21.33 29.28
N SER N 118 -8.44 -21.89 30.29
CA SER N 118 -7.28 -21.21 30.86
C SER N 118 -6.10 -21.25 29.90
N GLN N 119 -5.95 -22.37 29.19
CA GLN N 119 -4.93 -22.47 28.15
C GLN N 119 -5.19 -21.47 27.03
N ARG N 120 -6.47 -21.25 26.70
CA ARG N 120 -6.81 -20.28 25.66
C ARG N 120 -6.61 -18.85 26.14
N HIS N 121 -6.73 -18.61 27.45
CA HIS N 121 -6.35 -17.30 27.97
C HIS N 121 -4.85 -17.08 27.87
N LEU N 122 -4.08 -18.15 27.85
CA LEU N 122 -2.63 -18.04 27.91
C LEU N 122 -2.03 -17.62 26.57
N ARG N 123 -2.64 -18.00 25.45
CA ARG N 123 -2.04 -17.68 24.16
C ARG N 123 -2.00 -16.18 23.90
N SER N 124 -2.88 -15.39 24.51
CA SER N 124 -2.72 -13.94 24.49
C SER N 124 -1.81 -13.44 25.60
N PHE N 125 -1.80 -14.14 26.74
CA PHE N 125 -1.00 -13.70 27.88
C PHE N 125 0.50 -13.83 27.59
N MET N 126 0.89 -14.94 26.96
CA MET N 126 2.31 -15.21 26.76
C MET N 126 2.97 -14.21 25.80
N GLU N 127 2.20 -13.66 24.86
CA GLU N 127 2.73 -12.61 23.99
C GLU N 127 2.56 -11.23 24.59
N ALA N 128 1.52 -11.01 25.40
CA ALA N 128 1.35 -9.72 26.06
C ALA N 128 2.47 -9.46 27.06
N TYR N 129 2.77 -10.44 27.90
CA TYR N 129 3.80 -10.28 28.91
C TYR N 129 5.02 -11.12 28.60
N SER N 130 5.47 -11.05 27.33
CA SER N 130 6.76 -11.60 26.93
C SER N 130 7.80 -10.50 27.00
N SER N 131 8.87 -10.76 27.76
CA SER N 131 9.98 -9.87 28.10
C SER N 131 10.38 -10.16 29.55
N ASN N 132 9.48 -9.85 30.47
CA ASN N 132 9.73 -10.11 31.89
C ASN N 132 9.84 -11.61 32.16
N CYS N 133 8.87 -12.39 31.66
CA CYS N 133 8.86 -13.82 31.94
C CYS N 133 8.49 -14.60 30.70
N SER N 134 9.01 -15.82 30.63
CA SER N 134 8.59 -16.85 29.68
C SER N 134 7.86 -17.93 30.47
N ILE N 135 7.50 -19.02 29.79
CA ILE N 135 6.72 -20.08 30.41
C ILE N 135 7.30 -21.44 30.01
N ILE N 136 7.50 -22.30 31.00
CA ILE N 136 7.91 -23.69 30.79
C ILE N 136 6.74 -24.58 31.18
N ILE N 137 6.22 -25.32 30.20
CA ILE N 137 5.05 -26.18 30.41
C ILE N 137 5.50 -27.63 30.33
N THR N 138 5.08 -28.43 31.30
CA THR N 138 5.44 -29.85 31.40
C THR N 138 4.17 -30.68 31.30
N ALA N 139 3.76 -30.99 30.07
CA ALA N 139 2.53 -31.72 29.83
C ALA N 139 2.81 -33.21 29.58
N ASN N 140 1.80 -34.04 29.83
CA ASN N 140 1.92 -35.48 29.66
C ASN N 140 1.53 -35.95 28.27
N ASN N 141 0.73 -35.18 27.53
CA ASN N 141 0.28 -35.56 26.20
C ASN N 141 0.32 -34.32 25.32
N ILE N 142 1.09 -34.40 24.23
CA ILE N 142 1.29 -33.22 23.38
C ILE N 142 -0.01 -32.80 22.72
N ASP N 143 -0.85 -33.77 22.34
CA ASP N 143 -2.11 -33.46 21.69
C ASP N 143 -3.06 -32.68 22.61
N GLY N 144 -2.87 -32.77 23.92
CA GLY N 144 -3.70 -32.01 24.84
C GLY N 144 -3.40 -30.53 24.82
N ILE N 145 -2.18 -30.16 24.45
CA ILE N 145 -1.83 -28.75 24.32
C ILE N 145 -2.49 -28.19 23.06
N ILE N 146 -3.29 -27.13 23.24
CA ILE N 146 -3.93 -26.52 22.09
C ILE N 146 -2.87 -26.01 21.12
N LYS N 147 -3.22 -25.95 19.85
CA LYS N 147 -2.23 -25.64 18.81
C LYS N 147 -1.61 -24.25 18.95
N PRO N 148 -2.34 -23.18 19.31
CA PRO N 148 -1.66 -21.89 19.50
C PRO N 148 -0.57 -21.93 20.54
N LEU N 149 -0.76 -22.70 21.62
CA LEU N 149 0.29 -22.85 22.61
C LEU N 149 1.49 -23.61 22.05
N GLN N 150 1.22 -24.66 21.28
CA GLN N 150 2.31 -25.41 20.63
C GLN N 150 3.14 -24.51 19.75
N SER N 151 2.51 -23.59 19.02
CA SER N 151 3.22 -22.75 18.07
C SER N 151 4.21 -21.83 18.77
N ARG N 152 3.77 -21.14 19.83
CA ARG N 152 4.63 -20.20 20.53
C ARG N 152 5.56 -20.85 21.53
N CYS N 153 5.66 -22.18 21.53
CA CYS N 153 6.55 -22.90 22.42
C CYS N 153 7.55 -23.71 21.61
N ARG N 154 8.59 -24.17 22.30
CA ARG N 154 9.60 -25.05 21.72
C ARG N 154 9.31 -26.45 22.25
N VAL N 155 8.63 -27.26 21.43
CA VAL N 155 8.22 -28.60 21.86
C VAL N 155 9.47 -29.46 22.04
N ILE N 156 9.66 -29.97 23.25
CA ILE N 156 10.81 -30.80 23.60
C ILE N 156 10.34 -32.22 23.84
N THR N 157 10.89 -33.15 23.08
CA THR N 157 10.58 -34.57 23.20
C THR N 157 11.64 -35.28 24.05
N PHE N 158 11.93 -34.73 25.24
CA PHE N 158 13.02 -35.28 26.04
C PHE N 158 12.72 -36.72 26.41
N GLY N 159 13.69 -37.58 26.13
CA GLY N 159 13.51 -39.02 26.09
C GLY N 159 14.36 -39.57 24.96
N GLN N 160 13.84 -40.54 24.22
CA GLN N 160 14.55 -41.24 23.15
C GLN N 160 15.98 -41.58 23.59
N PRO N 161 16.14 -42.35 24.68
CA PRO N 161 17.49 -42.61 25.20
C PRO N 161 18.27 -43.49 24.24
N THR N 162 19.39 -42.97 23.75
CA THR N 162 20.26 -43.77 22.91
C THR N 162 20.78 -44.97 23.69
N ASP N 163 21.03 -46.06 22.97
CA ASP N 163 21.55 -47.26 23.62
C ASP N 163 22.86 -46.97 24.33
N GLU N 164 23.73 -46.15 23.73
CA GLU N 164 24.95 -45.75 24.41
C GLU N 164 24.67 -44.89 25.63
N ASP N 165 23.61 -44.10 25.60
CA ASP N 165 23.19 -43.38 26.80
C ASP N 165 22.71 -44.34 27.87
N LYS N 166 21.92 -45.34 27.48
CA LYS N 166 21.35 -46.28 28.44
C LYS N 166 22.43 -46.95 29.28
N ILE N 167 23.47 -47.47 28.61
CA ILE N 167 24.50 -48.24 29.32
C ILE N 167 25.35 -47.31 30.19
N GLU N 168 25.68 -46.12 29.67
CA GLU N 168 26.52 -45.21 30.44
C GLU N 168 25.74 -44.34 31.40
N MET N 169 24.40 -44.28 31.28
CA MET N 169 23.58 -43.67 32.31
C MET N 169 23.31 -44.60 33.48
N MET N 170 23.42 -45.92 33.27
CA MET N 170 23.13 -46.86 34.35
C MET N 170 24.08 -46.64 35.52
N LYS N 171 25.38 -46.48 35.22
CA LYS N 171 26.35 -46.18 36.27
C LYS N 171 25.94 -44.96 37.08
N GLN N 172 25.53 -43.89 36.39
CA GLN N 172 25.19 -42.66 37.08
C GLN N 172 23.92 -42.81 37.92
N MET N 173 22.99 -43.66 37.50
CA MET N 173 21.77 -43.86 38.27
C MET N 173 22.05 -44.60 39.57
N ILE N 174 22.95 -45.59 39.51
CA ILE N 174 23.41 -46.25 40.74
C ILE N 174 24.57 -45.52 41.40
N ARG N 175 25.19 -44.57 40.71
CA ARG N 175 26.25 -43.77 41.32
C ARG N 175 25.69 -42.95 42.48
N ARG N 176 24.66 -42.14 42.21
CA ARG N 176 24.12 -41.28 43.24
C ARG N 176 23.21 -42.04 44.20
N LEU N 177 22.53 -43.08 43.72
CA LEU N 177 21.71 -43.89 44.62
C LEU N 177 22.54 -44.60 45.66
N THR N 178 23.77 -45.02 45.31
CA THR N 178 24.69 -45.52 46.32
C THR N 178 25.26 -44.37 47.15
N GLU N 179 25.33 -43.17 46.58
CA GLU N 179 25.73 -42.00 47.34
C GLU N 179 24.61 -41.53 48.26
N ILE N 180 23.36 -41.63 47.81
CA ILE N 180 22.23 -41.19 48.62
C ILE N 180 21.99 -42.14 49.79
N CYS N 181 22.28 -43.43 49.61
CA CYS N 181 22.06 -44.42 50.67
C CYS N 181 22.85 -44.10 51.93
N LYS N 182 23.78 -43.15 51.89
CA LYS N 182 24.51 -42.76 53.09
C LYS N 182 23.59 -42.13 54.13
N HIS N 183 22.68 -41.26 53.70
CA HIS N 183 21.94 -40.42 54.63
C HIS N 183 20.84 -41.15 55.39
N GLU N 184 20.37 -42.29 54.88
CA GLU N 184 19.31 -43.03 55.57
C GLU N 184 19.85 -44.13 56.48
N GLY N 185 21.15 -44.43 56.41
CA GLY N 185 21.73 -45.45 57.27
C GLY N 185 21.15 -46.83 57.04
N ILE N 186 20.64 -47.11 55.85
CA ILE N 186 20.04 -48.39 55.52
C ILE N 186 21.03 -49.20 54.70
N ALA N 187 21.29 -50.43 55.15
CA ALA N 187 22.29 -51.26 54.50
C ALA N 187 21.80 -51.74 53.15
N ILE N 188 22.61 -51.52 52.12
CA ILE N 188 22.37 -52.11 50.81
C ILE N 188 22.66 -53.60 50.93
N ALA N 189 21.63 -54.37 51.33
CA ALA N 189 21.85 -55.76 51.72
C ALA N 189 22.46 -56.58 50.59
N ASP N 190 22.14 -56.24 49.35
CA ASP N 190 22.66 -56.97 48.20
C ASP N 190 23.09 -55.99 47.12
N MET N 191 24.00 -56.44 46.26
CA MET N 191 24.27 -55.72 45.02
C MET N 191 23.23 -56.05 43.97
N LYS N 192 22.62 -57.24 44.07
CA LYS N 192 21.54 -57.66 43.18
C LYS N 192 20.18 -57.15 43.65
N VAL N 193 20.16 -56.28 44.66
CA VAL N 193 18.94 -55.62 45.09
C VAL N 193 18.99 -54.11 44.85
N VAL N 194 20.14 -53.56 44.47
CA VAL N 194 20.26 -52.17 44.08
C VAL N 194 20.37 -52.04 42.56
N ALA N 195 21.33 -52.76 41.95
CA ALA N 195 21.53 -52.65 40.51
C ALA N 195 20.41 -53.34 39.73
N ALA N 196 19.84 -54.42 40.27
CA ALA N 196 18.73 -55.08 39.60
C ALA N 196 17.43 -54.28 39.74
N LEU N 197 17.29 -53.50 40.81
CA LEU N 197 16.09 -52.67 40.99
C LEU N 197 15.98 -51.65 39.87
N VAL N 198 17.03 -50.85 39.68
CA VAL N 198 17.05 -49.86 38.61
C VAL N 198 17.11 -50.51 37.24
N LYS N 199 17.52 -51.77 37.16
CA LYS N 199 17.52 -52.48 35.89
C LYS N 199 16.11 -52.90 35.48
N LYS N 200 15.28 -53.28 36.46
CA LYS N 200 13.92 -53.73 36.16
C LYS N 200 13.07 -52.58 35.63
N ASN N 201 12.94 -51.51 36.41
CA ASN N 201 12.21 -50.33 35.98
C ASN N 201 13.20 -49.24 35.56
N PHE N 202 13.80 -49.45 34.40
CA PHE N 202 14.83 -48.52 33.92
C PHE N 202 14.23 -47.21 33.39
N PRO N 203 13.21 -47.24 32.50
CA PRO N 203 12.65 -45.97 31.99
C PRO N 203 12.13 -45.09 33.10
N ASP N 204 11.11 -45.55 33.82
CA ASP N 204 10.57 -44.80 34.95
C ASP N 204 11.59 -44.81 36.07
N PHE N 205 12.38 -43.73 36.17
CA PHE N 205 13.38 -43.65 37.22
C PHE N 205 12.74 -43.45 38.59
N ARG N 206 11.61 -42.77 38.65
CA ARG N 206 11.01 -42.48 39.95
C ARG N 206 10.32 -43.71 40.54
N LYS N 207 9.73 -44.56 39.70
CA LYS N 207 9.12 -45.78 40.22
C LYS N 207 10.18 -46.73 40.75
N THR N 208 11.32 -46.84 40.06
CA THR N 208 12.36 -47.74 40.53
C THR N 208 13.07 -47.21 41.76
N ILE N 209 13.09 -45.89 41.96
CA ILE N 209 13.59 -45.34 43.22
C ILE N 209 12.47 -45.17 44.22
N GLY N 210 11.21 -45.17 43.78
CA GLY N 210 10.10 -45.35 44.71
C GLY N 210 9.98 -46.78 45.20
N GLU N 211 10.41 -47.74 44.38
CA GLU N 211 10.47 -49.12 44.84
C GLU N 211 11.59 -49.33 45.84
N LEU N 212 12.65 -48.51 45.77
CA LEU N 212 13.68 -48.55 46.80
C LEU N 212 13.22 -47.82 48.07
N ASP N 213 12.36 -46.82 47.92
CA ASP N 213 11.79 -46.16 49.10
C ASP N 213 10.81 -47.06 49.83
N SER N 214 10.14 -47.96 49.11
CA SER N 214 9.30 -48.96 49.75
C SER N 214 10.15 -50.12 50.27
N TYR N 215 11.20 -50.47 49.54
CA TYR N 215 12.18 -51.44 50.03
C TYR N 215 12.88 -50.94 51.28
N SER N 216 12.90 -49.61 51.49
CA SER N 216 13.57 -48.99 52.63
C SER N 216 12.75 -49.09 53.92
N SER N 217 11.67 -49.88 53.93
CA SER N 217 10.92 -50.05 55.16
C SER N 217 11.78 -50.69 56.25
N LYS N 218 12.57 -51.69 55.88
CA LYS N 218 13.49 -52.34 56.79
C LYS N 218 14.83 -51.60 56.81
N GLY N 219 15.60 -51.85 57.87
CA GLY N 219 16.92 -51.26 57.98
C GLY N 219 17.94 -51.76 56.99
N VAL N 220 17.56 -52.70 56.13
CA VAL N 220 18.45 -53.26 55.12
C VAL N 220 17.77 -53.19 53.76
N LEU N 221 18.17 -54.05 52.84
CA LEU N 221 17.57 -54.08 51.51
C LEU N 221 17.36 -55.52 51.03
N ALA N 235 -2.92 -48.24 40.92
CA ALA N 235 -2.93 -48.50 39.48
C ALA N 235 -4.31 -49.04 39.06
N ILE N 236 -4.35 -49.91 38.06
CA ILE N 236 -5.60 -50.46 37.55
C ILE N 236 -5.72 -51.84 38.13
N ASP N 237 -4.97 -52.08 39.20
CA ASP N 237 -5.03 -53.38 39.83
C ASP N 237 -6.41 -53.66 40.39
N ASP N 238 -7.13 -52.61 40.78
CA ASP N 238 -8.46 -52.80 41.34
C ASP N 238 -9.52 -52.91 40.25
N VAL N 239 -9.30 -52.28 39.10
CA VAL N 239 -10.27 -52.38 38.00
C VAL N 239 -10.03 -53.64 37.19
N LEU N 240 -8.77 -54.06 37.05
CA LEU N 240 -8.49 -55.33 36.37
C LEU N 240 -9.04 -56.51 37.16
N GLU N 241 -8.88 -56.50 38.48
CA GLU N 241 -9.44 -57.58 39.29
C GLU N 241 -10.96 -57.54 39.30
N SER N 242 -11.54 -56.35 39.07
CA SER N 242 -12.98 -56.27 38.83
C SER N 242 -13.31 -56.74 37.41
N LEU N 243 -12.47 -56.39 36.44
CA LEU N 243 -12.69 -56.84 35.07
C LEU N 243 -12.62 -58.35 34.97
N LYS N 244 -11.68 -58.98 35.66
CA LYS N 244 -11.53 -60.43 35.60
C LYS N 244 -12.69 -61.18 36.25
N ASN N 245 -13.64 -60.47 36.87
CA ASN N 245 -14.80 -61.10 37.49
C ASN N 245 -16.12 -60.59 36.93
N LYS N 246 -16.09 -59.59 36.04
CA LYS N 246 -17.29 -59.09 35.35
C LYS N 246 -18.33 -58.56 36.34
N ASP N 247 -17.89 -57.72 37.26
CA ASP N 247 -18.82 -57.11 38.22
C ASP N 247 -19.47 -55.88 37.59
N VAL N 248 -20.79 -55.96 37.40
CA VAL N 248 -21.55 -54.93 36.69
C VAL N 248 -21.55 -53.62 37.47
N LYS N 249 -22.16 -53.63 38.66
CA LYS N 249 -22.34 -52.39 39.41
C LYS N 249 -21.01 -51.82 39.87
N GLN N 250 -20.01 -52.66 40.12
CA GLN N 250 -18.71 -52.18 40.57
C GLN N 250 -17.92 -51.54 39.44
N LEU N 251 -17.96 -52.11 38.23
CA LEU N 251 -17.24 -51.53 37.11
C LEU N 251 -17.78 -50.16 36.75
N ARG N 252 -19.11 -49.99 36.79
CA ARG N 252 -19.69 -48.68 36.56
C ARG N 252 -19.15 -47.68 37.57
N ALA N 253 -19.28 -48.00 38.86
CA ALA N 253 -18.78 -47.13 39.93
C ALA N 253 -17.26 -47.04 39.96
N LEU N 254 -16.57 -47.78 39.10
CA LEU N 254 -15.12 -47.64 38.95
C LEU N 254 -14.75 -46.71 37.80
N ALA N 255 -15.71 -46.29 36.97
CA ALA N 255 -15.37 -45.49 35.79
C ALA N 255 -14.94 -44.07 36.12
N PRO N 256 -15.64 -43.31 36.99
CA PRO N 256 -15.27 -41.88 37.15
C PRO N 256 -13.87 -41.66 37.68
N LYS N 257 -13.30 -42.61 38.41
CA LYS N 257 -11.94 -42.44 38.93
C LYS N 257 -10.90 -42.34 37.81
N TYR N 258 -11.20 -42.86 36.63
CA TYR N 258 -10.23 -42.92 35.54
C TYR N 258 -10.65 -42.14 34.32
N ALA N 259 -11.90 -41.66 34.26
CA ALA N 259 -12.29 -40.73 33.21
C ALA N 259 -11.62 -39.37 33.37
N ALA N 260 -11.00 -39.12 34.51
CA ALA N 260 -10.27 -37.87 34.72
C ALA N 260 -9.17 -37.71 33.69
N ASP N 261 -8.20 -38.61 33.70
CA ASP N 261 -7.14 -38.64 32.69
C ASP N 261 -7.39 -39.85 31.79
N TYR N 262 -8.01 -39.59 30.64
CA TYR N 262 -8.40 -40.67 29.74
C TYR N 262 -7.19 -41.28 29.04
N SER N 263 -6.35 -40.44 28.43
CA SER N 263 -5.30 -40.94 27.55
C SER N 263 -4.34 -41.85 28.28
N TRP N 264 -3.95 -41.48 29.51
CA TRP N 264 -3.03 -42.33 30.26
C TRP N 264 -3.69 -43.64 30.66
N PHE N 265 -4.97 -43.61 31.06
CA PHE N 265 -5.64 -44.82 31.49
C PHE N 265 -5.73 -45.84 30.36
N VAL N 266 -6.18 -45.40 29.19
CA VAL N 266 -6.38 -46.32 28.07
C VAL N 266 -5.06 -46.91 27.61
N GLY N 267 -3.98 -46.13 27.72
CA GLY N 267 -2.66 -46.67 27.40
C GLY N 267 -2.21 -47.73 28.38
N LYS N 268 -2.42 -47.48 29.67
CA LYS N 268 -2.05 -48.47 30.70
C LYS N 268 -2.94 -49.71 30.60
N LEU N 269 -4.22 -49.53 30.28
CA LEU N 269 -5.12 -50.66 30.14
C LEU N 269 -4.75 -51.52 28.93
N ALA N 270 -4.37 -50.89 27.82
CA ALA N 270 -3.96 -51.61 26.64
C ALA N 270 -2.62 -52.31 26.80
N GLU N 271 -1.91 -52.07 27.90
CA GLU N 271 -0.67 -52.77 28.22
C GLU N 271 -0.85 -53.82 29.29
N GLU N 272 -1.52 -53.49 30.38
CA GLU N 272 -1.75 -54.43 31.48
C GLU N 272 -2.97 -55.31 31.28
N ILE N 273 -3.53 -55.35 30.07
CA ILE N 273 -4.50 -56.37 29.71
C ILE N 273 -3.94 -57.36 28.69
N TYR N 274 -2.83 -57.01 28.03
CA TYR N 274 -2.17 -57.94 27.12
C TYR N 274 -1.79 -59.23 27.84
N SER N 275 -1.27 -59.13 29.05
CA SER N 275 -0.84 -60.30 29.81
C SER N 275 -2.00 -61.03 30.47
N ARG N 276 -3.14 -60.37 30.67
CA ARG N 276 -4.22 -60.89 31.50
C ARG N 276 -5.32 -61.55 30.69
N VAL N 277 -5.08 -61.86 29.41
CA VAL N 277 -6.12 -62.44 28.56
C VAL N 277 -5.44 -63.19 27.42
N THR N 278 -6.20 -64.09 26.77
CA THR N 278 -5.75 -65.00 25.72
C THR N 278 -5.75 -64.31 24.36
N PRO N 279 -4.91 -64.76 23.44
CA PRO N 279 -4.79 -64.09 22.12
C PRO N 279 -6.09 -63.80 21.40
N GLN N 280 -7.14 -64.62 21.55
CA GLN N 280 -8.39 -64.30 20.86
C GLN N 280 -9.06 -63.08 21.47
N SER N 281 -9.00 -62.93 22.79
CA SER N 281 -9.44 -61.70 23.43
C SER N 281 -8.41 -60.59 23.32
N ILE N 282 -7.17 -60.93 22.93
CA ILE N 282 -6.16 -59.90 22.68
C ILE N 282 -6.48 -59.13 21.41
N ILE N 283 -6.75 -59.85 20.32
CA ILE N 283 -7.11 -59.18 19.07
C ILE N 283 -8.44 -58.45 19.23
N ARG N 284 -9.36 -59.03 20.00
CA ARG N 284 -10.67 -58.40 20.16
C ARG N 284 -10.61 -57.15 21.03
N MET N 285 -9.71 -57.11 22.01
CA MET N 285 -9.60 -55.90 22.84
C MET N 285 -8.95 -54.76 22.06
N TYR N 286 -8.02 -55.07 21.16
CA TYR N 286 -7.45 -54.03 20.32
C TYR N 286 -8.50 -53.44 19.38
N GLU N 287 -9.50 -54.24 19.01
CA GLU N 287 -10.64 -53.69 18.29
C GLU N 287 -11.52 -52.84 19.20
N ILE N 288 -11.74 -53.30 20.43
CA ILE N 288 -12.60 -52.59 21.37
C ILE N 288 -11.92 -51.31 21.85
N VAL N 289 -10.75 -51.45 22.48
CA VAL N 289 -10.05 -50.28 23.00
C VAL N 289 -9.58 -49.39 21.86
N GLY N 290 -9.42 -49.94 20.65
CA GLY N 290 -9.11 -49.11 19.51
C GLY N 290 -10.26 -48.17 19.16
N GLU N 291 -11.46 -48.71 19.01
CA GLU N 291 -12.63 -47.87 18.75
C GLU N 291 -12.95 -46.97 19.94
N ASN N 292 -12.74 -47.46 21.15
CA ASN N 292 -13.00 -46.64 22.33
C ASN N 292 -12.07 -45.43 22.38
N ASN N 293 -10.77 -45.67 22.19
CA ASN N 293 -9.82 -44.56 22.17
C ASN N 293 -9.98 -43.70 20.93
N GLN N 294 -10.34 -44.32 19.80
CA GLN N 294 -10.47 -43.58 18.54
C GLN N 294 -11.52 -42.47 18.65
N TYR N 295 -12.58 -42.70 19.43
CA TYR N 295 -13.73 -41.80 19.46
C TYR N 295 -13.80 -40.99 20.75
N HIS N 296 -12.67 -40.74 21.41
CA HIS N 296 -12.65 -39.96 22.65
C HIS N 296 -12.36 -38.50 22.33
N GLY N 297 -13.29 -37.63 22.68
CA GLY N 297 -13.19 -36.22 22.38
C GLY N 297 -14.53 -35.71 21.90
N ILE N 298 -15.00 -36.27 20.79
CA ILE N 298 -16.41 -36.17 20.44
C ILE N 298 -17.25 -36.77 21.57
N ALA N 299 -16.73 -37.79 22.23
CA ALA N 299 -17.27 -38.29 23.49
C ALA N 299 -16.96 -37.25 24.57
N ALA N 300 -17.75 -36.19 24.58
CA ALA N 300 -17.51 -35.08 25.52
C ALA N 300 -17.59 -35.56 26.96
N ASN N 301 -18.59 -36.38 27.27
CA ASN N 301 -18.71 -36.96 28.61
C ASN N 301 -17.78 -38.17 28.68
N THR N 302 -16.59 -37.95 29.27
CA THR N 302 -15.63 -39.04 29.41
C THR N 302 -16.08 -40.10 30.41
N GLU N 303 -16.93 -39.74 31.37
CA GLU N 303 -17.48 -40.72 32.30
C GLU N 303 -18.16 -41.85 31.55
N LEU N 304 -19.05 -41.52 30.62
CA LEU N 304 -19.79 -42.53 29.88
C LEU N 304 -18.86 -43.34 28.96
N HIS N 305 -17.85 -42.68 28.39
CA HIS N 305 -16.95 -43.37 27.49
C HIS N 305 -16.14 -44.45 28.20
N LEU N 306 -15.85 -44.26 29.48
CA LEU N 306 -15.13 -45.28 30.24
C LEU N 306 -16.05 -46.43 30.62
N ALA N 307 -17.29 -46.14 31.02
CA ALA N 307 -18.22 -47.20 31.37
C ALA N 307 -18.60 -48.03 30.15
N TYR N 308 -18.64 -47.43 28.96
CA TYR N 308 -18.89 -48.20 27.76
C TYR N 308 -17.72 -49.13 27.46
N LEU N 309 -16.49 -48.65 27.66
CA LEU N 309 -15.32 -49.52 27.48
C LEU N 309 -15.33 -50.65 28.50
N PHE N 310 -15.71 -50.36 29.74
CA PHE N 310 -15.70 -51.38 30.78
C PHE N 310 -16.74 -52.46 30.52
N ILE N 311 -17.95 -52.06 30.12
CA ILE N 311 -19.01 -53.04 29.87
C ILE N 311 -18.63 -53.94 28.70
N GLN N 312 -18.08 -53.35 27.64
CA GLN N 312 -17.73 -54.14 26.47
C GLN N 312 -16.56 -55.09 26.76
N LEU N 313 -15.57 -54.62 27.52
CA LEU N 313 -14.45 -55.50 27.87
C LEU N 313 -14.85 -56.53 28.91
N ALA N 314 -15.80 -56.20 29.77
CA ALA N 314 -16.20 -57.15 30.81
C ALA N 314 -16.76 -58.44 30.21
N CYS N 315 -17.59 -58.32 29.18
CA CYS N 315 -18.28 -59.48 28.62
C CYS N 315 -17.53 -60.16 27.48
N GLU N 316 -16.74 -59.40 26.71
CA GLU N 316 -16.11 -59.92 25.50
C GLU N 316 -14.67 -60.36 25.72
N MET N 317 -14.31 -60.79 26.93
CA MET N 317 -12.97 -61.26 27.22
C MET N 317 -13.02 -62.72 27.67
N GLN N 318 -12.24 -63.56 26.99
CA GLN N 318 -12.01 -64.93 27.44
C GLN N 318 -10.80 -64.89 28.37
N TRP N 319 -11.06 -64.86 29.67
CA TRP N 319 -10.00 -64.64 30.64
C TRP N 319 -9.08 -65.85 30.74
N LYS N 320 -7.78 -65.61 30.63
CA LYS N 320 -6.79 -66.68 30.76
C LYS N 320 -6.36 -66.82 32.21
N LEU Q 3 -50.47 -15.78 79.23
CA LEU Q 3 -51.00 -14.75 80.11
C LEU Q 3 -52.26 -14.15 79.50
N PHE Q 4 -52.86 -13.19 80.22
CA PHE Q 4 -54.04 -12.45 79.79
C PHE Q 4 -55.28 -13.33 79.73
N LYS Q 5 -55.71 -13.84 80.89
CA LYS Q 5 -56.94 -14.62 81.01
C LYS Q 5 -56.97 -15.77 80.01
N ASP Q 6 -58.00 -15.79 79.17
CA ASP Q 6 -58.08 -16.82 78.12
C ASP Q 6 -56.98 -16.61 77.08
N ASP Q 7 -56.93 -15.41 76.49
CA ASP Q 7 -55.99 -15.07 75.43
C ASP Q 7 -56.05 -16.09 74.29
N ILE Q 8 -57.17 -16.04 73.57
CA ILE Q 8 -57.43 -16.91 72.44
C ILE Q 8 -56.25 -16.86 71.48
N GLN Q 9 -55.48 -17.94 71.42
CA GLN Q 9 -54.20 -17.93 70.74
C GLN Q 9 -54.36 -17.72 69.24
N LEU Q 10 -53.62 -16.77 68.69
CA LEU Q 10 -53.46 -16.64 67.25
C LEU Q 10 -52.36 -17.57 66.79
N ASN Q 11 -52.57 -18.24 65.67
CA ASN Q 11 -51.63 -19.29 65.27
C ASN Q 11 -50.28 -18.70 64.88
N GLU Q 12 -49.21 -19.31 65.41
CA GLU Q 12 -47.80 -18.93 65.28
C GLU Q 12 -47.49 -17.93 64.17
N HIS Q 13 -47.98 -18.21 62.95
CA HIS Q 13 -47.81 -17.28 61.84
C HIS Q 13 -48.31 -15.89 62.24
N GLN Q 14 -49.51 -15.82 62.82
CA GLN Q 14 -50.07 -14.53 63.23
C GLN Q 14 -49.17 -13.81 64.21
N VAL Q 15 -48.73 -14.51 65.26
CA VAL Q 15 -47.93 -13.88 66.31
C VAL Q 15 -46.65 -13.29 65.72
N ALA Q 16 -46.11 -13.93 64.68
CA ALA Q 16 -44.89 -13.43 64.05
C ALA Q 16 -45.17 -12.20 63.20
N TRP Q 17 -46.20 -12.26 62.34
CA TRP Q 17 -46.50 -11.15 61.45
C TRP Q 17 -46.96 -9.91 62.23
N TYR Q 18 -47.92 -10.08 63.13
CA TYR Q 18 -48.56 -8.95 63.78
C TYR Q 18 -47.56 -8.10 64.56
N SER Q 19 -46.61 -8.75 65.23
CA SER Q 19 -45.59 -8.03 65.98
C SER Q 19 -44.52 -7.40 65.09
N LYS Q 20 -44.62 -7.58 63.77
CA LYS Q 20 -43.58 -7.14 62.82
C LYS Q 20 -42.21 -7.71 63.18
N ASP Q 21 -42.18 -8.73 64.04
CA ASP Q 21 -40.94 -9.45 64.35
C ASP Q 21 -40.53 -10.22 63.10
N TRP Q 22 -39.84 -9.51 62.19
CA TRP Q 22 -39.50 -10.11 60.91
C TRP Q 22 -38.46 -11.21 61.03
N THR Q 23 -37.76 -11.28 62.16
CA THR Q 23 -37.02 -12.48 62.50
C THR Q 23 -37.96 -13.68 62.66
N ALA Q 24 -39.13 -13.45 63.26
CA ALA Q 24 -40.07 -14.51 63.58
C ALA Q 24 -40.92 -14.96 62.40
N VAL Q 25 -41.20 -14.09 61.44
CA VAL Q 25 -41.97 -14.54 60.27
C VAL Q 25 -41.11 -15.41 59.38
N GLN Q 26 -39.84 -15.02 59.19
CA GLN Q 26 -38.91 -15.87 58.45
C GLN Q 26 -38.84 -17.26 59.07
N SER Q 27 -38.93 -17.34 60.39
CA SER Q 27 -39.04 -18.64 61.05
C SER Q 27 -40.31 -19.35 60.62
N ALA Q 28 -41.45 -18.64 60.67
CA ALA Q 28 -42.71 -19.24 60.27
C ALA Q 28 -42.76 -19.49 58.76
N ALA Q 29 -42.09 -18.66 57.97
CA ALA Q 29 -42.07 -18.88 56.52
C ALA Q 29 -41.17 -20.06 56.16
N ASP Q 30 -39.96 -20.11 56.72
CA ASP Q 30 -39.10 -21.27 56.53
C ASP Q 30 -39.66 -22.54 57.16
N SER Q 31 -40.69 -22.43 58.01
CA SER Q 31 -41.20 -23.59 58.74
C SER Q 31 -41.81 -24.64 57.84
N PHE Q 32 -42.00 -24.38 56.55
CA PHE Q 32 -42.43 -25.41 55.61
C PHE Q 32 -41.68 -25.27 54.29
N LYS Q 33 -40.36 -25.12 54.38
CA LYS Q 33 -39.51 -25.32 53.21
C LYS Q 33 -39.77 -26.72 52.67
N GLU Q 34 -40.66 -26.83 51.70
CA GLU Q 34 -41.01 -28.15 51.17
C GLU Q 34 -39.75 -28.85 50.67
N LYS Q 35 -39.54 -30.07 51.15
CA LYS Q 35 -38.26 -30.78 51.03
C LYS Q 35 -37.72 -30.78 49.60
N ALA Q 36 -38.12 -31.77 48.81
CA ALA Q 36 -37.62 -31.89 47.44
C ALA Q 36 -38.49 -32.86 46.66
N GLU Q 37 -38.60 -32.61 45.36
CA GLU Q 37 -39.28 -33.48 44.41
C GLU Q 37 -39.13 -32.93 43.00
N ASN Q 38 -37.94 -33.04 42.41
CA ASN Q 38 -37.72 -32.48 41.08
C ASN Q 38 -38.47 -33.22 39.98
N GLU Q 39 -39.09 -34.36 40.30
CA GLU Q 39 -39.98 -35.10 39.40
C GLU Q 39 -39.30 -35.57 38.12
N PHE Q 40 -38.00 -35.32 37.99
CA PHE Q 40 -37.23 -35.85 36.86
C PHE Q 40 -37.05 -37.36 36.94
N PHE Q 41 -37.19 -37.96 38.12
CA PHE Q 41 -37.17 -39.43 38.17
C PHE Q 41 -38.35 -40.01 37.42
N GLU Q 42 -39.44 -39.26 37.32
CA GLU Q 42 -40.55 -39.59 36.43
C GLU Q 42 -40.28 -39.17 34.99
N ILE Q 43 -39.01 -38.89 34.67
CA ILE Q 43 -38.55 -38.77 33.29
C ILE Q 43 -37.78 -40.02 32.86
N ILE Q 44 -36.96 -40.57 33.77
CA ILE Q 44 -36.40 -41.89 33.55
C ILE Q 44 -37.49 -42.94 33.68
N GLY Q 45 -38.47 -42.71 34.55
CA GLY Q 45 -39.62 -43.55 34.73
C GLY Q 45 -40.75 -43.28 33.74
N ALA Q 46 -40.53 -42.42 32.75
CA ALA Q 46 -41.52 -42.13 31.73
C ALA Q 46 -41.16 -42.73 30.38
N ILE Q 47 -39.97 -43.31 30.25
CA ILE Q 47 -39.52 -43.96 29.03
C ILE Q 47 -39.57 -45.48 29.15
N ASN Q 48 -39.11 -46.02 30.28
CA ASN Q 48 -38.98 -47.46 30.45
C ASN Q 48 -40.27 -48.02 31.02
N ASN Q 49 -41.42 -47.47 30.61
CA ASN Q 49 -42.69 -47.98 31.09
C ASN Q 49 -43.77 -47.96 30.00
N LYS Q 50 -43.37 -47.81 28.74
CA LYS Q 50 -44.31 -47.82 27.60
C LYS Q 50 -45.37 -46.73 27.76
N THR Q 51 -44.92 -45.54 28.15
CA THR Q 51 -45.82 -44.41 28.33
C THR Q 51 -45.17 -43.16 27.75
N LYS Q 52 -45.99 -42.13 27.53
CA LYS Q 52 -45.56 -40.87 26.94
C LYS Q 52 -45.97 -39.75 27.88
N CYS Q 53 -45.02 -39.22 28.64
CA CYS Q 53 -45.30 -38.19 29.62
C CYS Q 53 -45.08 -36.80 29.05
N SER Q 54 -45.27 -35.78 29.88
CA SER Q 54 -45.18 -34.40 29.44
C SER Q 54 -43.77 -34.06 28.96
N ILE Q 55 -42.78 -34.27 29.85
CA ILE Q 55 -41.35 -34.01 29.61
C ILE Q 55 -41.17 -32.78 28.73
N ALA Q 56 -41.70 -31.65 29.18
CA ALA Q 56 -41.54 -30.39 28.47
C ALA Q 56 -41.41 -29.25 29.47
N GLN Q 57 -42.25 -29.27 30.52
CA GLN Q 57 -42.16 -28.24 31.54
C GLN Q 57 -40.84 -28.30 32.29
N LYS Q 58 -40.22 -29.48 32.35
CA LYS Q 58 -38.94 -29.64 33.04
C LYS Q 58 -37.85 -28.81 32.35
N SER Q 61 -32.33 -33.23 32.10
CA SER Q 61 -31.20 -32.67 32.83
C SER Q 61 -29.94 -32.72 31.96
N LYS Q 62 -30.10 -33.18 30.72
CA LYS Q 62 -29.05 -33.21 29.72
C LYS Q 62 -27.83 -34.02 30.18
N PHE Q 63 -27.04 -33.44 31.09
CA PHE Q 63 -25.85 -34.14 31.58
C PHE Q 63 -26.19 -35.25 32.57
N MET Q 64 -27.18 -35.01 33.44
CA MET Q 64 -27.49 -35.99 34.47
C MET Q 64 -28.31 -37.16 33.92
N VAL Q 65 -29.21 -36.90 32.97
CA VAL Q 65 -30.02 -37.96 32.38
C VAL Q 65 -29.12 -39.00 31.72
N GLU Q 66 -27.96 -38.58 31.23
CA GLU Q 66 -27.00 -39.55 30.68
C GLU Q 66 -26.38 -40.38 31.77
N ASN Q 67 -25.82 -39.73 32.79
CA ASN Q 67 -25.23 -40.45 33.92
C ASN Q 67 -26.28 -41.14 34.78
N ALA Q 68 -27.56 -40.85 34.57
CA ALA Q 68 -28.62 -41.55 35.28
C ALA Q 68 -28.69 -43.01 34.86
N LEU Q 69 -28.75 -43.26 33.56
CA LEU Q 69 -28.79 -44.61 33.02
C LEU Q 69 -27.41 -45.23 32.87
N SER Q 70 -26.39 -44.66 33.53
CA SER Q 70 -25.10 -45.35 33.61
C SER Q 70 -25.18 -46.59 34.50
N GLN Q 71 -26.22 -46.69 35.33
CA GLN Q 71 -26.36 -47.85 36.21
C GLN Q 71 -26.72 -49.09 35.42
N PHE Q 72 -27.74 -49.00 34.57
CA PHE Q 72 -28.20 -50.15 33.80
C PHE Q 72 -27.35 -50.32 32.54
N PRO Q 73 -26.63 -51.43 32.39
CA PRO Q 73 -25.99 -51.73 31.09
C PRO Q 73 -26.97 -52.22 30.04
N GLU Q 74 -28.19 -52.59 30.45
CA GLU Q 74 -29.19 -53.02 29.48
C GLU Q 74 -29.56 -51.89 28.54
N CYS Q 75 -29.67 -50.66 29.06
CA CYS Q 75 -30.04 -49.51 28.27
C CYS Q 75 -28.84 -48.77 27.69
N MET Q 76 -27.66 -49.38 27.72
CA MET Q 76 -26.40 -48.74 27.39
C MET Q 76 -26.19 -48.40 25.91
N PRO Q 77 -26.58 -49.25 24.95
CA PRO Q 77 -26.31 -48.91 23.54
C PRO Q 77 -26.91 -47.58 23.12
N ALA Q 78 -28.07 -47.21 23.67
CA ALA Q 78 -28.57 -45.86 23.49
C ALA Q 78 -27.77 -44.86 24.32
N VAL Q 79 -27.43 -45.25 25.55
CA VAL Q 79 -26.68 -44.37 26.45
C VAL Q 79 -25.34 -43.99 25.83
N TYR Q 80 -24.65 -44.96 25.22
CA TYR Q 80 -23.39 -44.66 24.54
C TYR Q 80 -23.62 -43.72 23.36
N ALA Q 81 -24.48 -44.12 22.43
CA ALA Q 81 -24.67 -43.36 21.21
C ALA Q 81 -25.23 -41.95 21.46
N MET Q 82 -25.78 -41.69 22.64
CA MET Q 82 -26.33 -40.39 22.94
C MET Q 82 -25.34 -39.47 23.66
N ASN Q 83 -24.10 -39.90 23.83
CA ASN Q 83 -23.04 -39.06 24.35
C ASN Q 83 -22.19 -38.43 23.26
N LEU Q 84 -21.66 -39.24 22.34
CA LEU Q 84 -20.83 -38.70 21.27
C LEU Q 84 -21.66 -37.81 20.34
N ILE Q 85 -22.84 -38.29 19.93
CA ILE Q 85 -23.69 -37.50 19.04
C ILE Q 85 -24.63 -36.58 19.82
N GLY Q 86 -24.87 -36.85 21.09
CA GLY Q 86 -25.69 -35.99 21.91
C GLY Q 86 -25.01 -34.76 22.44
N SER Q 87 -23.76 -34.52 22.03
CA SER Q 87 -23.04 -33.33 22.50
C SER Q 87 -23.79 -32.06 22.11
N GLY Q 88 -24.23 -31.98 20.85
CA GLY Q 88 -25.03 -30.85 20.42
C GLY Q 88 -26.49 -31.06 20.71
N LEU Q 89 -27.34 -30.82 19.71
CA LEU Q 89 -28.78 -31.01 19.82
C LEU Q 89 -29.30 -30.10 20.93
N SER Q 90 -30.35 -30.56 21.61
CA SER Q 90 -31.03 -29.78 22.64
C SER Q 90 -30.93 -30.52 23.97
N ASP Q 91 -31.93 -30.37 24.82
CA ASP Q 91 -32.02 -31.13 26.06
C ASP Q 91 -33.06 -32.25 26.00
N GLU Q 92 -34.13 -32.05 25.23
CA GLU Q 92 -35.11 -33.10 25.00
C GLU Q 92 -34.66 -34.10 23.95
N ALA Q 93 -33.74 -33.73 23.07
CA ALA Q 93 -33.22 -34.69 22.10
C ALA Q 93 -32.59 -35.89 22.79
N HIS Q 94 -31.98 -35.67 23.96
CA HIS Q 94 -31.53 -36.80 24.77
C HIS Q 94 -32.71 -37.68 25.17
N PHE Q 95 -33.76 -37.07 25.71
CA PHE Q 95 -34.91 -37.83 26.18
C PHE Q 95 -35.60 -38.54 25.03
N ASN Q 96 -35.93 -37.80 23.97
CA ASN Q 96 -36.60 -38.40 22.82
C ASN Q 96 -35.78 -39.50 22.18
N TYR Q 97 -34.45 -39.46 22.33
CA TYR Q 97 -33.62 -40.52 21.77
C TYR Q 97 -33.79 -41.82 22.54
N LEU Q 98 -33.70 -41.75 23.87
CA LEU Q 98 -33.95 -42.92 24.72
C LEU Q 98 -35.43 -43.26 24.82
N MET Q 99 -36.31 -42.52 24.13
CA MET Q 99 -37.74 -42.85 24.18
C MET Q 99 -38.04 -44.11 23.38
N ALA Q 100 -37.45 -44.25 22.20
CA ALA Q 100 -37.64 -45.46 21.40
C ALA Q 100 -36.57 -46.51 21.65
N ALA Q 101 -35.46 -46.13 22.29
CA ALA Q 101 -34.39 -47.06 22.62
C ALA Q 101 -34.51 -47.40 24.10
N VAL Q 102 -35.45 -48.30 24.40
CA VAL Q 102 -35.79 -48.69 25.77
C VAL Q 102 -35.64 -50.20 25.89
N PRO Q 103 -35.62 -50.77 27.11
CA PRO Q 103 -35.46 -52.22 27.23
C PRO Q 103 -36.75 -52.97 27.53
N ARG Q 104 -36.97 -53.31 28.80
CA ARG Q 104 -38.03 -54.23 29.18
C ARG Q 104 -38.82 -53.71 30.37
N GLY Q 105 -38.13 -53.22 31.41
CA GLY Q 105 -38.81 -52.58 32.51
C GLY Q 105 -38.60 -53.21 33.87
N LYS Q 106 -37.57 -54.03 34.03
CA LYS Q 106 -37.24 -54.62 35.33
C LYS Q 106 -36.14 -53.82 36.02
N ARG Q 107 -36.45 -52.56 36.31
CA ARG Q 107 -35.55 -51.72 37.08
C ARG Q 107 -35.40 -52.24 38.49
N TYR Q 108 -34.16 -52.45 38.92
CA TYR Q 108 -33.89 -52.94 40.26
C TYR Q 108 -32.60 -52.32 40.78
N GLY Q 109 -32.46 -52.30 42.09
CA GLY Q 109 -31.26 -51.78 42.72
C GLY Q 109 -31.44 -50.33 43.15
N LYS Q 110 -30.47 -49.48 42.80
CA LYS Q 110 -30.45 -48.12 43.28
C LYS Q 110 -29.45 -47.27 42.51
N TRP Q 111 -28.70 -46.44 43.22
CA TRP Q 111 -27.61 -45.64 42.69
C TRP Q 111 -26.28 -46.26 43.09
N ALA Q 112 -25.21 -45.76 42.49
CA ALA Q 112 -23.86 -46.25 42.76
C ALA Q 112 -22.98 -45.10 43.22
N LYS Q 113 -22.28 -45.29 44.35
CA LYS Q 113 -21.25 -44.34 44.77
C LYS Q 113 -19.89 -44.99 44.71
N LEU Q 114 -19.14 -44.95 45.81
CA LEU Q 114 -17.85 -45.63 45.86
C LEU Q 114 -17.54 -45.97 47.31
N VAL Q 115 -16.34 -46.50 47.53
CA VAL Q 115 -15.84 -46.79 48.88
C VAL Q 115 -14.66 -45.87 49.15
N GLU Q 116 -14.86 -44.57 48.98
CA GLU Q 116 -13.79 -43.60 49.21
C GLU Q 116 -13.45 -43.58 50.70
N ASP Q 117 -12.25 -44.06 51.03
CA ASP Q 117 -11.81 -44.15 52.41
C ASP Q 117 -11.69 -42.75 53.01
N SER Q 118 -12.76 -42.29 53.67
CA SER Q 118 -12.81 -40.91 54.16
C SER Q 118 -11.65 -40.59 55.10
N THR Q 119 -11.13 -41.60 55.81
CA THR Q 119 -10.05 -41.36 56.75
C THR Q 119 -8.79 -40.88 56.02
N GLU Q 120 -8.42 -41.56 54.93
CA GLU Q 120 -7.24 -41.20 54.16
C GLU Q 120 -7.58 -40.48 52.86
N VAL Q 121 -8.86 -40.14 52.65
CA VAL Q 121 -9.22 -39.34 51.48
C VAL Q 121 -8.61 -37.95 51.59
N LEU Q 122 -8.51 -37.42 52.80
CA LEU Q 122 -7.86 -36.13 53.02
C LEU Q 122 -6.35 -36.24 52.88
N ILE Q 123 -5.77 -37.40 53.24
CA ILE Q 123 -4.33 -37.57 53.21
C ILE Q 123 -3.80 -37.39 51.78
N ILE Q 124 -4.54 -37.91 50.80
CA ILE Q 124 -4.13 -37.75 49.40
C ILE Q 124 -4.11 -36.27 49.02
N LYS Q 125 -5.21 -35.56 49.29
CA LYS Q 125 -5.32 -34.18 48.87
C LYS Q 125 -4.31 -33.29 49.58
N LEU Q 126 -3.98 -33.61 50.83
CA LEU Q 126 -3.02 -32.79 51.57
C LEU Q 126 -1.61 -32.97 51.02
N LEU Q 127 -1.24 -34.21 50.69
CA LEU Q 127 0.04 -34.43 50.02
C LEU Q 127 0.08 -33.77 48.65
N ALA Q 128 -1.08 -33.72 47.97
CA ALA Q 128 -1.11 -33.10 46.65
C ALA Q 128 -1.08 -31.59 46.74
N LYS Q 129 -1.73 -31.02 47.76
CA LYS Q 129 -1.75 -29.58 47.93
C LYS Q 129 -0.42 -29.06 48.49
N ARG Q 130 0.14 -29.77 49.47
CA ARG Q 130 1.38 -29.35 50.10
C ARG Q 130 2.54 -29.32 49.11
N TYR Q 131 2.85 -30.47 48.50
CA TYR Q 131 3.99 -30.57 47.61
C TYR Q 131 3.65 -30.23 46.16
N GLN Q 132 2.46 -29.70 45.90
CA GLN Q 132 2.02 -29.33 44.55
C GLN Q 132 1.99 -30.51 43.59
N VAL Q 133 1.94 -31.73 44.13
CA VAL Q 133 1.92 -32.92 43.29
C VAL Q 133 0.49 -33.21 42.88
N ASN Q 134 0.35 -34.03 41.83
CA ASN Q 134 -0.96 -34.47 41.39
C ASN Q 134 -1.49 -35.55 42.35
N THR Q 135 -2.82 -35.72 42.34
CA THR Q 135 -3.44 -36.65 43.27
C THR Q 135 -2.99 -38.08 43.01
N ASN Q 136 -3.00 -38.51 41.75
CA ASN Q 136 -2.62 -39.88 41.43
C ASN Q 136 -1.14 -40.13 41.72
N ASP Q 137 -0.31 -39.09 41.62
CA ASP Q 137 1.07 -39.23 42.06
C ASP Q 137 1.17 -39.28 43.57
N ALA Q 138 0.28 -38.58 44.27
CA ALA Q 138 0.19 -38.68 45.73
C ALA Q 138 -0.59 -39.89 46.19
N ILE Q 139 -1.46 -40.44 45.33
CA ILE Q 139 -2.12 -41.70 45.65
C ILE Q 139 -1.10 -42.81 45.79
N ASN Q 140 -0.09 -42.83 44.91
CA ASN Q 140 0.98 -43.80 45.00
C ASN Q 140 1.85 -43.59 46.23
N TYR Q 141 1.89 -42.38 46.77
CA TYR Q 141 2.64 -42.11 47.99
C TYR Q 141 2.10 -42.86 49.20
N LYS Q 142 0.93 -43.49 49.09
CA LYS Q 142 0.41 -44.30 50.19
C LYS Q 142 1.36 -45.45 50.50
N SER Q 143 1.84 -46.15 49.47
CA SER Q 143 2.80 -47.22 49.69
C SER Q 143 4.18 -46.68 50.08
N ILE Q 144 4.51 -45.46 49.65
CA ILE Q 144 5.80 -44.86 49.92
C ILE Q 144 5.70 -44.09 51.24
N LEU Q 145 4.56 -44.21 51.92
CA LEU Q 145 4.40 -43.64 53.24
C LEU Q 145 3.63 -44.52 54.23
N THR Q 146 3.15 -45.70 53.81
CA THR Q 146 2.61 -46.65 54.79
C THR Q 146 3.70 -47.13 55.73
N LYS Q 147 4.69 -47.84 55.19
CA LYS Q 147 5.82 -48.33 55.98
C LYS Q 147 6.86 -47.21 56.11
N ASN Q 148 7.90 -47.26 55.29
CA ASN Q 148 8.85 -46.15 55.24
C ASN Q 148 8.13 -44.88 54.79
N GLY Q 149 8.28 -43.82 55.58
CA GLY Q 149 7.58 -42.58 55.33
C GLY Q 149 6.53 -42.31 56.38
N LYS Q 150 6.98 -42.16 57.63
CA LYS Q 150 6.08 -41.95 58.76
C LYS Q 150 5.12 -40.79 58.52
N LEU Q 151 3.91 -41.10 58.03
CA LEU Q 151 2.91 -40.07 57.82
C LEU Q 151 2.63 -39.19 59.03
N PRO Q 152 2.56 -39.70 60.28
CA PRO Q 152 2.29 -38.80 61.41
C PRO Q 152 3.22 -37.61 61.52
N LEU Q 153 4.53 -37.80 61.33
CA LEU Q 153 5.43 -36.67 61.36
C LEU Q 153 5.17 -35.73 60.19
N VAL Q 154 4.92 -36.28 59.00
CA VAL Q 154 4.56 -35.46 57.86
C VAL Q 154 3.18 -34.84 58.06
N LEU Q 155 2.26 -35.60 58.66
CA LEU Q 155 0.91 -35.09 58.89
C LEU Q 155 0.95 -33.86 59.79
N LYS Q 156 1.87 -33.83 60.74
CA LYS Q 156 2.08 -32.63 61.55
C LYS Q 156 2.84 -31.56 60.78
N GLU Q 157 3.78 -31.96 59.91
CA GLU Q 157 4.51 -30.96 59.12
C GLU Q 157 3.60 -30.20 58.16
N LEU Q 158 2.45 -30.77 57.79
CA LEU Q 158 1.44 -30.05 57.02
C LEU Q 158 0.12 -29.93 57.79
N LYS Q 159 0.16 -30.05 59.11
CA LYS Q 159 -1.05 -29.89 59.92
C LYS Q 159 -1.61 -28.48 59.83
N GLY Q 160 -0.78 -27.49 59.52
CA GLY Q 160 -1.25 -26.12 59.32
C GLY Q 160 -2.01 -25.90 58.03
N LEU Q 161 -1.93 -26.84 57.09
CA LEU Q 161 -2.70 -26.81 55.86
C LEU Q 161 -4.07 -27.46 56.02
N VAL Q 162 -4.51 -27.67 57.25
CA VAL Q 162 -5.83 -28.21 57.56
C VAL Q 162 -6.68 -27.05 58.03
N THR Q 163 -6.63 -25.93 57.29
CA THR Q 163 -7.34 -24.72 57.68
C THR Q 163 -8.82 -24.86 57.38
N ASP Q 164 -9.64 -24.27 58.26
CA ASP Q 164 -11.09 -24.39 58.13
C ASP Q 164 -11.61 -23.87 56.79
N ASP Q 165 -10.80 -23.13 56.04
CA ASP Q 165 -11.17 -22.77 54.68
C ASP Q 165 -10.78 -23.87 53.69
N PHE Q 166 -9.66 -24.54 53.93
CA PHE Q 166 -9.29 -25.66 53.07
C PHE Q 166 -10.26 -26.82 53.26
N LEU Q 167 -10.77 -27.00 54.47
CA LEU Q 167 -11.62 -28.13 54.81
C LEU Q 167 -12.97 -28.08 54.13
N LYS Q 168 -13.18 -27.11 53.23
CA LYS Q 168 -14.45 -26.97 52.54
C LYS Q 168 -14.60 -27.99 51.42
N GLU Q 169 -13.50 -28.57 50.95
CA GLU Q 169 -13.52 -29.47 49.81
C GLU Q 169 -13.45 -30.94 50.19
N VAL Q 170 -13.03 -31.26 51.42
CA VAL Q 170 -13.01 -32.65 51.87
C VAL Q 170 -14.45 -33.13 52.01
N THR Q 171 -15.19 -32.55 52.95
CA THR Q 171 -16.58 -32.92 53.17
C THR Q 171 -17.24 -31.87 54.04
N LYS Q 172 -18.58 -31.81 53.95
CA LYS Q 172 -19.40 -30.86 54.70
C LYS Q 172 -20.09 -31.49 55.90
N ASN Q 173 -20.20 -32.81 55.94
CA ASN Q 173 -21.08 -33.53 56.86
C ASN Q 173 -20.71 -33.39 58.34
N VAL Q 174 -21.25 -34.30 59.16
CA VAL Q 174 -21.25 -34.10 60.60
C VAL Q 174 -19.86 -34.21 61.23
N LYS Q 175 -18.91 -34.85 60.54
CA LYS Q 175 -17.54 -34.92 61.06
C LYS Q 175 -16.63 -33.88 60.43
N GLU Q 176 -17.20 -32.83 59.84
CA GLU Q 176 -16.38 -31.74 59.34
C GLU Q 176 -15.81 -30.91 60.49
N GLN Q 177 -16.55 -30.78 61.59
CA GLN Q 177 -15.96 -30.16 62.77
C GLN Q 177 -14.92 -31.08 63.40
N LYS Q 178 -15.10 -32.39 63.28
CA LYS Q 178 -14.01 -33.31 63.56
C LYS Q 178 -12.91 -33.20 62.52
N GLN Q 179 -13.25 -32.81 61.29
CA GLN Q 179 -12.23 -32.44 60.32
C GLN Q 179 -11.68 -31.06 60.69
N LEU Q 180 -11.07 -30.99 61.87
CA LEU Q 180 -10.49 -29.80 62.47
C LEU Q 180 -10.01 -30.24 63.84
N LYS Q 181 -10.57 -31.35 64.32
CA LYS Q 181 -10.12 -32.06 65.50
C LYS Q 181 -9.17 -33.21 65.17
N LYS Q 182 -9.55 -34.09 64.25
CA LYS Q 182 -8.77 -35.29 63.95
C LYS Q 182 -7.34 -34.97 63.52
N LEU Q 183 -7.09 -33.77 62.99
CA LEU Q 183 -5.75 -33.33 62.63
C LEU Q 183 -5.40 -32.04 63.37
N ALA Q 184 -5.80 -31.96 64.63
CA ALA Q 184 -5.28 -30.95 65.55
C ALA Q 184 -4.96 -31.53 66.91
N LEU Q 185 -5.11 -32.85 67.11
CA LEU Q 185 -4.83 -33.49 68.38
C LEU Q 185 -4.48 -34.96 68.17
N GLU Q 186 -5.09 -35.61 67.18
CA GLU Q 186 -4.93 -37.03 66.95
C GLU Q 186 -3.93 -37.37 65.84
N TRP Q 187 -3.25 -36.38 65.29
CA TRP Q 187 -2.27 -36.62 64.23
C TRP Q 187 -1.12 -37.51 64.69
N MET R 1 -10.05 29.28 34.71
CA MET R 1 -11.31 28.64 35.04
C MET R 1 -11.35 28.18 36.49
N LYS R 2 -12.55 27.78 36.94
CA LYS R 2 -12.81 27.16 38.23
C LYS R 2 -14.33 27.11 38.46
N LEU R 3 -14.79 26.14 39.24
CA LEU R 3 -16.19 26.06 39.63
C LEU R 3 -16.36 26.59 41.04
N SER R 4 -17.62 26.72 41.44
CA SER R 4 -17.97 27.17 42.78
C SER R 4 -18.92 26.17 43.42
N LYS R 5 -19.13 26.34 44.73
CA LYS R 5 -20.01 25.42 45.45
C LYS R 5 -21.47 25.62 45.07
N ASP R 6 -21.88 26.87 44.78
CA ASP R 6 -23.24 27.11 44.31
C ASP R 6 -23.44 26.59 42.89
N THR R 7 -22.36 26.29 42.17
CA THR R 7 -22.47 25.74 40.82
C THR R 7 -22.45 24.21 40.85
N THR R 8 -21.42 23.63 41.46
CA THR R 8 -21.32 22.17 41.54
C THR R 8 -22.52 21.55 42.26
N ALA R 9 -23.19 22.32 43.12
CA ALA R 9 -24.42 21.83 43.74
C ALA R 9 -25.50 21.60 42.69
N LEU R 10 -25.66 22.54 41.76
CA LEU R 10 -26.61 22.34 40.67
C LEU R 10 -26.11 21.28 39.69
N LEU R 11 -24.80 21.09 39.59
CA LEU R 11 -24.25 20.06 38.72
C LEU R 11 -24.52 18.67 39.30
N LYS R 12 -24.42 18.52 40.62
CA LYS R 12 -24.72 17.25 41.26
C LYS R 12 -26.19 16.88 41.10
N ASN R 13 -27.08 17.88 41.15
CA ASN R 13 -28.49 17.64 40.87
C ASN R 13 -28.71 17.21 39.42
N PHE R 14 -27.91 17.75 38.49
CA PHE R 14 -28.02 17.35 37.10
C PHE R 14 -27.51 15.94 36.85
N ALA R 15 -26.88 15.31 37.83
CA ALA R 15 -26.42 13.93 37.69
C ALA R 15 -27.48 12.91 38.07
N THR R 16 -28.51 13.32 38.80
CA THR R 16 -29.62 12.43 39.14
C THR R 16 -30.72 12.44 38.10
N ILE R 17 -30.64 13.31 37.10
CA ILE R 17 -31.59 13.33 36.00
C ILE R 17 -31.03 12.65 34.76
N ASN R 18 -29.73 12.78 34.52
CA ASN R 18 -29.05 12.06 33.46
C ASN R 18 -27.62 11.82 33.89
N SER R 19 -27.12 10.60 33.65
CA SER R 19 -25.78 10.24 34.10
C SER R 19 -24.72 11.09 33.41
N GLY R 20 -25.00 11.57 32.20
CA GLY R 20 -24.12 12.47 31.49
C GLY R 20 -24.81 13.79 31.19
N ILE R 21 -24.01 14.70 30.61
CA ILE R 21 -24.51 16.04 30.31
C ILE R 21 -23.66 16.63 29.19
N MET R 22 -24.27 17.49 28.38
CA MET R 22 -23.57 18.30 27.39
C MET R 22 -23.65 19.75 27.85
N LEU R 23 -22.50 20.34 28.17
CA LEU R 23 -22.43 21.71 28.66
C LEU R 23 -21.84 22.61 27.58
N LYS R 24 -22.33 23.84 27.53
CA LYS R 24 -21.84 24.83 26.59
C LYS R 24 -21.16 25.98 27.32
N SER R 25 -20.57 26.89 26.55
CA SER R 25 -19.87 28.02 27.11
C SER R 25 -20.85 29.06 27.65
N GLY R 26 -20.53 29.63 28.80
CA GLY R 26 -21.34 30.65 29.43
C GLY R 26 -21.87 30.22 30.77
N GLN R 27 -22.63 31.12 31.40
CA GLN R 27 -23.28 30.83 32.67
C GLN R 27 -24.47 29.89 32.52
N PHE R 28 -24.84 29.52 31.30
CA PHE R 28 -26.04 28.75 31.03
C PHE R 28 -25.70 27.28 30.84
N ILE R 29 -26.51 26.42 31.47
CA ILE R 29 -26.35 24.98 31.40
C ILE R 29 -27.71 24.34 31.19
N MET R 30 -27.71 23.14 30.62
CA MET R 30 -28.97 22.45 30.35
C MET R 30 -28.72 20.96 30.13
N THR R 31 -29.75 20.17 30.40
CA THR R 31 -29.73 18.73 30.21
C THR R 31 -31.15 18.20 30.28
N ARG R 32 -31.35 16.99 29.75
CA ARG R 32 -32.61 16.29 29.88
C ARG R 32 -32.32 14.83 30.20
N ALA R 33 -33.31 14.18 30.82
CA ALA R 33 -33.22 12.74 31.04
C ALA R 33 -33.30 12.01 29.70
N VAL R 34 -32.59 10.89 29.61
CA VAL R 34 -32.55 10.14 28.36
C VAL R 34 -33.95 9.71 27.95
N ASN R 35 -34.77 9.29 28.92
CA ASN R 35 -36.14 8.89 28.63
C ASN R 35 -37.10 10.06 28.51
N GLY R 36 -36.67 11.26 28.83
CA GLY R 36 -37.54 12.42 28.68
C GLY R 36 -38.65 12.51 29.69
N THR R 37 -38.37 12.17 30.95
CA THR R 37 -39.33 12.35 32.03
C THR R 37 -39.12 13.67 32.77
N THR R 38 -37.92 14.24 32.70
CA THR R 38 -37.63 15.53 33.29
C THR R 38 -36.49 16.18 32.49
N TYR R 39 -36.43 17.50 32.56
CA TYR R 39 -35.56 18.26 31.68
C TYR R 39 -35.32 19.64 32.29
N ALA R 40 -34.06 19.99 32.51
CA ALA R 40 -33.70 21.16 33.31
C ALA R 40 -32.64 22.00 32.64
N GLU R 41 -32.76 23.32 32.80
CA GLU R 41 -31.75 24.28 32.38
C GLU R 41 -31.66 25.38 33.41
N ALA R 42 -30.48 25.99 33.53
CA ALA R 42 -30.24 26.95 34.60
C ALA R 42 -29.15 27.93 34.19
N ASN R 43 -29.12 29.05 34.92
CA ASN R 43 -28.02 30.00 34.89
C ASN R 43 -27.33 29.98 36.25
N ILE R 44 -25.99 30.08 36.24
CA ILE R 44 -25.21 29.90 37.45
C ILE R 44 -24.07 30.92 37.47
N SER R 45 -23.43 31.05 38.63
CA SER R 45 -22.41 32.08 38.84
C SER R 45 -21.19 31.86 37.96
N ASP R 46 -20.55 30.71 38.08
CA ASP R 46 -19.29 30.46 37.37
C ASP R 46 -19.48 30.55 35.87
N VAL R 47 -18.49 31.15 35.20
CA VAL R 47 -18.44 31.11 33.75
C VAL R 47 -17.78 29.81 33.31
N ILE R 48 -17.97 29.46 32.03
CA ILE R 48 -17.41 28.25 31.44
C ILE R 48 -16.42 28.65 30.36
N ASP R 49 -15.25 28.01 30.37
CA ASP R 49 -14.21 28.33 29.40
C ASP R 49 -14.53 27.76 28.02
N PHE R 50 -14.95 26.50 27.97
CA PHE R 50 -15.12 25.80 26.71
C PHE R 50 -16.20 24.74 26.86
N ASP R 51 -16.89 24.47 25.76
CA ASP R 51 -17.97 23.48 25.73
C ASP R 51 -17.40 22.08 25.53
N VAL R 52 -18.03 21.10 26.19
CA VAL R 52 -17.59 19.71 26.12
C VAL R 52 -18.71 18.82 26.65
N ALA R 53 -18.58 17.52 26.46
CA ALA R 53 -19.54 16.54 26.95
C ALA R 53 -18.86 15.61 27.96
N ILE R 54 -19.62 15.21 28.98
CA ILE R 54 -19.12 14.32 30.02
C ILE R 54 -20.03 13.09 30.05
N TYR R 55 -19.44 11.91 29.92
CA TYR R 55 -20.22 10.68 29.95
C TYR R 55 -20.65 10.34 31.38
N ASP R 56 -19.71 10.38 32.32
CA ASP R 56 -19.95 10.04 33.71
C ASP R 56 -19.78 11.31 34.54
N LEU R 57 -20.89 11.95 34.88
CA LEU R 57 -20.83 13.21 35.61
C LEU R 57 -20.69 12.99 37.12
N ASN R 58 -21.34 11.94 37.65
CA ASN R 58 -21.23 11.64 39.07
C ASN R 58 -19.78 11.36 39.46
N GLY R 59 -19.10 10.51 38.69
CA GLY R 59 -17.69 10.27 38.95
C GLY R 59 -16.83 11.49 38.72
N PHE R 60 -17.25 12.37 37.81
CA PHE R 60 -16.51 13.60 37.58
C PHE R 60 -16.53 14.50 38.81
N LEU R 61 -17.72 14.74 39.36
CA LEU R 61 -17.83 15.57 40.56
C LEU R 61 -17.25 14.86 41.78
N GLY R 62 -17.36 13.53 41.83
CA GLY R 62 -16.72 12.80 42.92
C GLY R 62 -15.22 12.96 42.92
N ILE R 63 -14.61 12.99 41.73
CA ILE R 63 -13.19 13.30 41.63
C ILE R 63 -12.94 14.76 41.93
N LEU R 64 -13.87 15.64 41.53
CA LEU R 64 -13.71 17.06 41.77
C LEU R 64 -13.81 17.41 43.25
N SER R 65 -14.36 16.52 44.08
CA SER R 65 -14.36 16.69 45.52
C SER R 65 -13.06 16.23 46.16
N LEU R 66 -12.07 15.80 45.37
CA LEU R 66 -10.79 15.35 45.88
C LEU R 66 -9.69 16.39 45.73
N VAL R 67 -9.91 17.43 44.94
CA VAL R 67 -9.03 18.59 44.93
C VAL R 67 -9.58 19.58 45.95
N ASN R 68 -8.84 20.66 46.18
CA ASN R 68 -9.37 21.74 47.01
C ASN R 68 -10.60 22.35 46.34
N ASP R 69 -11.33 23.16 47.11
CA ASP R 69 -12.57 23.73 46.59
C ASP R 69 -12.29 24.87 45.62
N ASP R 70 -11.13 24.82 44.96
CA ASP R 70 -10.82 25.67 43.82
C ASP R 70 -10.16 24.80 42.76
N ALA R 71 -10.07 25.33 41.55
CA ALA R 71 -9.49 24.58 40.44
C ALA R 71 -9.15 25.54 39.31
N GLU R 72 -8.69 24.98 38.20
CA GLU R 72 -8.57 25.70 36.94
C GLU R 72 -8.93 24.71 35.84
N ILE R 73 -10.17 24.80 35.34
CA ILE R 73 -10.74 23.79 34.47
C ILE R 73 -10.55 24.18 33.00
N SER R 74 -9.29 24.38 32.61
CA SER R 74 -9.01 24.68 31.21
C SER R 74 -8.92 23.40 30.39
N GLN R 75 -9.05 23.55 29.07
CA GLN R 75 -8.90 22.43 28.17
C GLN R 75 -7.42 22.14 27.97
N SER R 76 -7.00 20.93 28.33
CA SER R 76 -5.60 20.56 28.21
C SER R 76 -5.16 20.55 26.75
N GLU R 77 -3.85 20.57 26.53
CA GLU R 77 -3.31 20.50 25.19
C GLU R 77 -3.73 19.24 24.46
N ASP R 78 -4.09 18.18 25.20
CA ASP R 78 -4.71 16.99 24.64
C ASP R 78 -6.24 17.06 24.64
N GLY R 79 -6.79 18.26 24.46
CA GLY R 79 -8.22 18.47 24.23
C GLY R 79 -9.20 17.79 25.16
N ASN R 80 -8.82 17.60 26.42
CA ASN R 80 -9.71 16.97 27.39
C ASN R 80 -10.11 17.98 28.46
N ILE R 81 -10.25 17.54 29.70
CA ILE R 81 -10.62 18.39 30.82
C ILE R 81 -9.48 18.37 31.83
N LYS R 82 -8.84 19.51 32.01
CA LYS R 82 -7.65 19.65 32.85
C LYS R 82 -8.04 20.42 34.11
N ILE R 83 -8.02 19.74 35.25
CA ILE R 83 -8.32 20.34 36.55
C ILE R 83 -7.01 20.64 37.25
N ALA R 84 -6.86 21.87 37.75
CA ALA R 84 -5.62 22.30 38.37
C ALA R 84 -5.75 22.32 39.89
N ASP R 85 -4.77 21.73 40.57
CA ASP R 85 -4.67 21.74 42.03
C ASP R 85 -3.34 22.40 42.40
N ALA R 86 -3.22 22.77 43.68
CA ALA R 86 -2.01 23.41 44.15
C ALA R 86 -0.79 22.51 43.94
N ARG R 87 -0.95 21.20 44.16
CA ARG R 87 0.12 20.23 43.97
C ARG R 87 -0.12 19.29 42.81
N SER R 88 -1.37 18.93 42.53
CA SER R 88 -1.69 17.92 41.54
C SER R 88 -2.41 18.55 40.34
N THR R 89 -2.73 17.70 39.37
CA THR R 89 -3.43 18.13 38.16
C THR R 89 -4.12 16.90 37.58
N ILE R 90 -5.43 16.97 37.41
CA ILE R 90 -6.24 15.84 36.97
C ILE R 90 -6.74 16.11 35.56
N PHE R 91 -6.48 15.17 34.66
CA PHE R 91 -6.95 15.26 33.28
C PHE R 91 -8.14 14.32 33.09
N TRP R 92 -9.32 14.88 32.81
CA TRP R 92 -10.53 14.07 32.65
C TRP R 92 -10.88 13.92 31.18
N PRO R 93 -11.21 12.72 30.71
CA PRO R 93 -11.45 12.53 29.27
C PRO R 93 -12.70 13.25 28.80
N ALA R 94 -12.61 13.83 27.60
CA ALA R 94 -13.76 14.44 26.95
C ALA R 94 -14.58 13.36 26.23
N ALA R 95 -15.90 13.48 26.32
CA ALA R 95 -16.80 12.48 25.76
C ALA R 95 -17.31 12.91 24.39
N ASP R 96 -17.63 11.91 23.57
CA ASP R 96 -18.21 12.17 22.26
C ASP R 96 -19.62 12.72 22.44
N PRO R 97 -19.94 13.88 21.84
CA PRO R 97 -21.31 14.40 21.96
C PRO R 97 -22.37 13.45 21.42
N SER R 98 -22.02 12.60 20.46
CA SER R 98 -23.00 11.69 19.88
C SER R 98 -23.37 10.55 20.82
N THR R 99 -22.63 10.34 21.90
CA THR R 99 -22.94 9.31 22.88
C THR R 99 -23.72 9.82 24.07
N VAL R 100 -23.78 11.15 24.26
CA VAL R 100 -24.54 11.76 25.35
C VAL R 100 -25.84 12.32 24.78
N VAL R 101 -26.92 12.20 25.55
CA VAL R 101 -28.24 12.67 25.13
C VAL R 101 -28.53 13.99 25.83
N ALA R 102 -28.87 15.01 25.04
CA ALA R 102 -29.24 16.32 25.55
C ALA R 102 -30.08 17.01 24.48
N PRO R 103 -31.01 17.89 24.87
CA PRO R 103 -31.86 18.54 23.87
C PRO R 103 -31.05 19.41 22.91
N ASN R 104 -31.43 19.35 21.64
CA ASN R 104 -30.74 20.13 20.62
C ASN R 104 -30.81 21.62 20.93
N LYS R 105 -32.00 22.13 21.25
CA LYS R 105 -32.20 23.52 21.61
C LYS R 105 -33.29 23.59 22.67
N PRO R 106 -33.14 24.47 23.67
CA PRO R 106 -34.21 24.65 24.65
C PRO R 106 -35.43 25.32 24.04
N ILE R 107 -36.28 24.53 23.39
CA ILE R 107 -37.50 25.07 22.79
C ILE R 107 -38.33 25.73 23.87
N PRO R 108 -38.76 26.98 23.69
CA PRO R 108 -39.39 27.72 24.79
C PRO R 108 -40.65 27.05 25.30
N PHE R 109 -40.76 26.98 26.63
CA PHE R 109 -41.94 26.42 27.27
C PHE R 109 -43.12 27.37 27.10
N PRO R 110 -44.24 26.93 26.55
CA PRO R 110 -45.35 27.85 26.26
C PRO R 110 -45.97 28.38 27.55
N VAL R 111 -46.84 29.38 27.37
CA VAL R 111 -47.55 29.95 28.50
C VAL R 111 -48.45 28.89 29.13
N ALA R 112 -48.30 28.71 30.44
CA ALA R 112 -48.99 27.63 31.13
C ALA R 112 -50.49 27.84 31.15
N SER R 113 -51.22 26.74 31.36
CA SER R 113 -52.66 26.77 31.51
C SER R 113 -53.10 27.06 32.94
N ALA R 114 -52.17 27.02 33.90
CA ALA R 114 -52.47 27.33 35.29
C ALA R 114 -51.18 27.76 35.97
N VAL R 115 -51.26 28.77 36.82
CA VAL R 115 -50.10 29.36 37.47
C VAL R 115 -50.33 29.37 38.97
N THR R 116 -49.40 28.76 39.71
CA THR R 116 -49.41 28.80 41.17
C THR R 116 -47.96 28.74 41.65
N GLU R 117 -47.77 28.47 42.94
CA GLU R 117 -46.43 28.42 43.51
C GLU R 117 -46.45 27.62 44.80
N ILE R 118 -45.38 26.87 45.02
CA ILE R 118 -45.14 26.19 46.29
C ILE R 118 -43.85 26.73 46.89
N LYS R 119 -43.82 26.83 48.21
CA LYS R 119 -42.68 27.38 48.92
C LYS R 119 -41.68 26.27 49.24
N ALA R 120 -40.43 26.69 49.51
CA ALA R 120 -39.36 25.75 49.82
C ALA R 120 -39.74 24.81 50.96
N GLU R 121 -40.43 25.33 51.99
CA GLU R 121 -40.85 24.48 53.08
C GLU R 121 -42.00 23.56 52.69
N ASP R 122 -42.90 24.01 51.83
CA ASP R 122 -43.98 23.14 51.37
C ASP R 122 -43.44 22.04 50.46
N LEU R 123 -42.52 22.40 49.56
CA LEU R 123 -41.91 21.41 48.67
C LEU R 123 -41.13 20.37 49.45
N GLN R 124 -40.21 20.83 50.30
CA GLN R 124 -39.36 19.91 51.05
C GLN R 124 -40.18 19.03 51.98
N GLN R 125 -41.21 19.59 52.60
CA GLN R 125 -42.06 18.80 53.49
C GLN R 125 -42.88 17.77 52.71
N LEU R 126 -43.27 18.09 51.49
CA LEU R 126 -44.02 17.15 50.65
C LEU R 126 -43.22 15.87 50.43
N LEU R 127 -42.02 16.01 49.88
CA LEU R 127 -41.18 14.83 49.64
C LEU R 127 -40.79 14.14 50.95
N ARG R 128 -40.68 14.91 52.04
CA ARG R 128 -40.36 14.31 53.33
C ARG R 128 -41.52 13.46 53.84
N VAL R 129 -42.75 13.91 53.64
CA VAL R 129 -43.91 13.07 53.91
C VAL R 129 -43.97 11.93 52.90
N SER R 130 -43.61 12.21 51.64
CA SER R 130 -43.57 11.16 50.62
C SER R 130 -42.61 10.04 51.02
N ARG R 131 -41.48 10.41 51.62
CA ARG R 131 -40.50 9.40 52.01
C ARG R 131 -41.02 8.57 53.19
N GLY R 132 -41.61 9.22 54.18
CA GLY R 132 -42.11 8.49 55.34
C GLY R 132 -43.35 7.67 55.04
N LEU R 133 -44.25 8.21 54.23
CA LEU R 133 -45.52 7.56 53.92
C LEU R 133 -45.44 6.67 52.68
N GLN R 134 -44.28 6.57 52.05
CA GLN R 134 -44.10 5.82 50.81
C GLN R 134 -45.09 6.31 49.74
N ILE R 135 -44.86 7.55 49.31
CA ILE R 135 -45.70 8.21 48.31
C ILE R 135 -44.90 8.27 47.02
N ASP R 136 -45.33 7.51 46.01
CA ASP R 136 -44.62 7.41 44.75
C ASP R 136 -45.20 8.28 43.65
N THR R 137 -46.46 8.67 43.74
CA THR R 137 -47.08 9.54 42.76
C THR R 137 -47.89 10.62 43.47
N ILE R 138 -47.90 11.82 42.90
CA ILE R 138 -48.65 12.95 43.44
C ILE R 138 -49.51 13.54 42.33
N ALA R 139 -50.65 14.09 42.72
CA ALA R 139 -51.62 14.67 41.78
C ALA R 139 -51.98 16.07 42.25
N ILE R 140 -51.94 17.03 41.31
CA ILE R 140 -52.30 18.41 41.60
C ILE R 140 -53.65 18.69 40.93
N THR R 141 -54.65 19.02 41.75
CA THR R 141 -56.00 19.22 41.26
C THR R 141 -56.69 20.28 42.11
N VAL R 142 -57.97 20.50 41.82
CA VAL R 142 -58.76 21.57 42.44
C VAL R 142 -59.76 20.95 43.40
N LYS R 143 -59.83 21.49 44.61
CA LYS R 143 -60.84 21.11 45.59
C LYS R 143 -61.46 22.38 46.16
N GLU R 144 -62.78 22.49 46.03
CA GLU R 144 -63.52 23.68 46.48
C GLU R 144 -62.89 24.97 45.93
N GLY R 145 -62.37 24.89 44.71
CA GLY R 145 -61.81 26.05 44.05
C GLY R 145 -60.37 26.37 44.37
N LYS R 146 -59.73 25.61 45.26
CA LYS R 146 -58.35 25.84 45.64
C LYS R 146 -57.45 24.80 45.00
N ILE R 147 -56.38 25.25 44.35
CA ILE R 147 -55.48 24.34 43.64
C ILE R 147 -54.48 23.77 44.64
N VAL R 148 -54.49 22.45 44.79
CA VAL R 148 -53.63 21.76 45.76
C VAL R 148 -53.08 20.51 45.11
N ILE R 149 -51.91 20.07 45.58
CA ILE R 149 -51.30 18.82 45.16
C ILE R 149 -51.43 17.82 46.30
N ASN R 150 -51.74 16.57 45.94
CA ASN R 150 -51.99 15.53 46.92
C ASN R 150 -51.45 14.21 46.40
N GLY R 151 -50.80 13.45 47.29
CA GLY R 151 -50.04 12.29 46.90
C GLY R 151 -50.74 10.97 47.25
N PHE R 152 -50.34 9.93 46.52
CA PHE R 152 -50.90 8.59 46.64
C PHE R 152 -49.76 7.58 46.75
N ASN R 153 -50.12 6.32 46.90
CA ASN R 153 -49.18 5.21 46.92
C ASN R 153 -49.60 4.24 45.80
N LYS R 154 -49.15 4.54 44.58
CA LYS R 154 -49.64 3.85 43.38
C LYS R 154 -49.56 2.33 43.48
N VAL R 155 -48.65 1.79 44.29
CA VAL R 155 -48.53 0.33 44.41
C VAL R 155 -49.81 -0.26 44.98
N GLU R 156 -50.17 0.12 46.21
CA GLU R 156 -51.38 -0.37 46.84
C GLU R 156 -52.62 0.45 46.49
N ASP R 157 -52.44 1.65 45.97
CA ASP R 157 -53.59 2.45 45.53
C ASP R 157 -54.09 2.02 44.16
N SER R 158 -53.26 1.33 43.37
CA SER R 158 -53.63 0.86 42.04
C SER R 158 -54.14 2.00 41.18
N ALA R 159 -55.46 2.12 41.05
CA ALA R 159 -56.05 3.11 40.15
C ALA R 159 -56.12 4.46 40.83
N LEU R 160 -55.35 4.64 41.90
CA LEU R 160 -55.16 5.95 42.55
C LEU R 160 -56.49 6.43 43.13
N THR R 161 -56.88 5.85 44.26
CA THR R 161 -58.17 6.13 44.88
C THR R 161 -58.00 6.91 46.19
N ARG R 162 -57.41 6.32 47.21
CA ARG R 162 -57.40 6.89 48.55
C ARG R 162 -56.21 7.84 48.71
N VAL R 163 -56.52 9.11 49.01
CA VAL R 163 -55.48 10.11 49.21
C VAL R 163 -54.77 9.86 50.54
N LYS R 164 -53.45 10.06 50.55
CA LYS R 164 -52.65 9.85 51.75
C LYS R 164 -51.96 11.11 52.23
N TYR R 165 -52.07 12.22 51.50
CA TYR R 165 -51.44 13.49 51.86
C TYR R 165 -51.95 14.55 50.90
N SER R 166 -51.98 15.80 51.37
CA SER R 166 -52.38 16.91 50.52
C SER R 166 -51.78 18.20 51.06
N LEU R 167 -51.58 19.16 50.16
CA LEU R 167 -51.00 20.45 50.49
C LEU R 167 -52.06 21.54 50.29
N THR R 168 -51.65 22.79 50.46
CA THR R 168 -52.49 23.95 50.15
C THR R 168 -51.59 25.02 49.56
N LEU R 169 -51.75 25.28 48.26
CA LEU R 169 -50.87 26.21 47.56
C LEU R 169 -51.51 27.58 47.46
N GLY R 170 -52.53 27.71 46.61
CA GLY R 170 -53.27 28.94 46.47
C GLY R 170 -54.66 28.65 45.95
N ASP R 171 -55.45 29.72 45.81
CA ASP R 171 -56.78 29.60 45.24
C ASP R 171 -56.69 29.50 43.72
N TYR R 172 -57.44 28.57 43.15
CA TYR R 172 -57.45 28.38 41.71
C TYR R 172 -58.38 29.41 41.06
N ASP R 173 -57.87 30.12 40.06
CA ASP R 173 -58.59 31.23 39.44
C ASP R 173 -59.50 30.79 38.31
N GLY R 174 -59.20 29.68 37.64
CA GLY R 174 -59.96 29.26 36.49
C GLY R 174 -61.21 28.48 36.85
N GLU R 175 -61.86 27.97 35.81
CA GLU R 175 -63.11 27.23 35.95
C GLU R 175 -62.98 25.75 35.62
N ASN R 176 -62.24 25.40 34.58
CA ASN R 176 -62.11 24.01 34.18
C ASN R 176 -61.34 23.20 35.22
N THR R 177 -61.79 21.97 35.45
CA THR R 177 -61.14 21.07 36.40
C THR R 177 -60.09 20.23 35.68
N PHE R 178 -59.21 19.61 36.47
CA PHE R 178 -58.10 18.83 35.91
C PHE R 178 -57.47 18.01 37.03
N ASN R 179 -56.54 17.14 36.64
CA ASN R 179 -55.86 16.27 37.59
C ASN R 179 -54.55 15.82 36.93
N PHE R 180 -53.46 16.51 37.25
CA PHE R 180 -52.14 16.22 36.69
C PHE R 180 -51.35 15.38 37.69
N ILE R 181 -51.01 14.16 37.31
CA ILE R 181 -50.22 13.27 38.15
C ILE R 181 -48.76 13.33 37.71
N ILE R 182 -47.86 13.49 38.68
CA ILE R 182 -46.42 13.51 38.43
C ILE R 182 -45.79 12.37 39.23
N ASN R 183 -44.82 11.70 38.61
CA ASN R 183 -44.08 10.65 39.29
C ASN R 183 -42.99 11.25 40.17
N MET R 184 -42.89 10.74 41.39
CA MET R 184 -41.93 11.29 42.34
C MET R 184 -40.49 11.10 41.88
N ALA R 185 -40.24 10.08 41.05
CA ALA R 185 -38.90 9.88 40.51
C ALA R 185 -38.56 10.84 39.39
N ASN R 186 -39.58 11.41 38.73
CA ASN R 186 -39.38 12.40 37.69
C ASN R 186 -39.29 13.82 38.24
N MET R 187 -39.06 13.96 39.54
CA MET R 187 -38.97 15.26 40.20
C MET R 187 -37.67 15.31 41.01
N LYS R 188 -36.66 15.98 40.46
CA LYS R 188 -35.34 16.10 41.08
C LYS R 188 -35.03 17.59 41.26
N MET R 189 -35.55 18.17 42.33
CA MET R 189 -35.41 19.59 42.62
C MET R 189 -34.32 19.81 43.65
N GLN R 190 -33.65 20.97 43.54
CA GLN R 190 -32.91 21.41 44.72
C GLN R 190 -33.89 22.05 45.71
N PRO R 191 -33.74 21.78 47.01
CA PRO R 191 -34.69 22.33 47.99
C PRO R 191 -34.73 23.84 47.97
N GLY R 192 -35.78 24.40 47.38
CA GLY R 192 -35.92 25.84 47.28
C GLY R 192 -37.30 26.23 46.82
N ASN R 193 -37.58 27.53 46.90
CA ASN R 193 -38.87 28.05 46.49
C ASN R 193 -39.02 27.98 44.97
N TYR R 194 -40.21 27.57 44.52
CA TYR R 194 -40.46 27.36 43.10
C TYR R 194 -41.78 27.97 42.67
N LYS R 195 -41.80 28.50 41.45
CA LYS R 195 -43.01 28.96 40.79
C LYS R 195 -43.50 27.89 39.83
N LEU R 196 -44.76 27.49 39.96
CA LEU R 196 -45.30 26.32 39.30
C LEU R 196 -46.10 26.70 38.06
N LEU R 197 -45.78 26.07 36.93
CA LEU R 197 -46.50 26.26 35.67
C LEU R 197 -46.98 24.91 35.17
N LEU R 198 -48.28 24.79 34.93
CA LEU R 198 -48.90 23.57 34.42
C LEU R 198 -49.41 23.82 33.01
N TRP R 199 -49.04 22.92 32.09
CA TRP R 199 -49.45 23.02 30.69
C TRP R 199 -50.02 21.69 30.23
N ALA R 200 -51.09 21.75 29.43
CA ALA R 200 -51.74 20.54 28.94
C ALA R 200 -52.51 20.89 27.68
N LYS R 201 -52.34 20.08 26.63
CA LYS R 201 -53.03 20.26 25.36
C LYS R 201 -53.53 18.89 24.90
N GLY R 202 -54.78 18.58 25.24
CA GLY R 202 -55.38 17.31 24.87
C GLY R 202 -54.65 16.11 25.47
N LYS R 203 -53.98 15.34 24.61
CA LYS R 203 -53.18 14.21 25.08
C LYS R 203 -51.81 14.64 25.61
N GLN R 204 -51.30 15.79 25.17
CA GLN R 204 -49.99 16.28 25.59
C GLN R 204 -50.07 16.93 26.97
N GLY R 205 -48.91 17.19 27.55
CA GLY R 205 -48.84 17.83 28.85
C GLY R 205 -47.41 17.98 29.30
N ALA R 206 -47.23 18.80 30.33
CA ALA R 206 -45.93 19.08 30.92
C ALA R 206 -46.15 19.93 32.17
N ALA R 207 -45.04 20.28 32.82
CA ALA R 207 -45.03 21.18 33.96
C ALA R 207 -43.61 21.74 34.09
N LYS R 208 -43.50 22.88 34.77
CA LYS R 208 -42.23 23.60 34.85
C LYS R 208 -42.17 24.40 36.14
N PHE R 209 -41.13 24.17 36.94
CA PHE R 209 -40.95 24.83 38.23
C PHE R 209 -39.77 25.78 38.14
N GLU R 210 -39.98 27.04 38.53
CA GLU R 210 -38.97 28.09 38.39
C GLU R 210 -38.30 28.35 39.72
N GLY R 211 -36.96 28.35 39.73
CA GLY R 211 -36.19 28.62 40.92
C GLY R 211 -35.40 29.92 40.83
N GLU R 212 -34.59 30.14 41.86
CA GLU R 212 -33.75 31.34 41.92
C GLU R 212 -32.61 31.25 40.91
N HIS R 213 -32.13 30.04 40.62
CA HIS R 213 -31.10 29.81 39.63
C HIS R 213 -31.49 28.81 38.56
N ALA R 214 -32.41 27.90 38.85
CA ALA R 214 -32.67 26.75 37.98
C ALA R 214 -34.14 26.71 37.56
N ASN R 215 -34.41 25.79 36.63
CA ASN R 215 -35.75 25.58 36.08
C ASN R 215 -35.87 24.11 35.73
N TYR R 216 -36.89 23.45 36.28
CA TYR R 216 -37.10 22.02 36.07
C TYR R 216 -38.42 21.80 35.35
N VAL R 217 -38.39 21.01 34.29
CA VAL R 217 -39.57 20.68 33.50
C VAL R 217 -39.84 19.19 33.66
N VAL R 218 -40.93 18.86 34.35
CA VAL R 218 -41.29 17.48 34.60
C VAL R 218 -42.38 17.06 33.63
N ALA R 219 -42.52 15.75 33.45
CA ALA R 219 -43.56 15.19 32.60
C ALA R 219 -44.68 14.62 33.45
N LEU R 220 -45.91 14.77 32.97
CA LEU R 220 -47.06 14.21 33.66
C LEU R 220 -47.25 12.75 33.26
N GLU R 221 -47.94 12.01 34.11
CA GLU R 221 -48.17 10.60 33.81
C GLU R 221 -49.38 10.44 32.89
N ALA R 222 -49.45 9.28 32.23
CA ALA R 222 -50.42 9.08 31.17
C ALA R 222 -51.85 9.14 31.67
N ASP R 223 -52.08 8.85 32.95
CA ASP R 223 -53.45 8.76 33.46
C ASP R 223 -53.91 10.12 33.96
N SER R 224 -53.39 11.19 33.37
CA SER R 224 -53.82 12.54 33.71
C SER R 224 -55.05 12.90 32.90
N THR R 225 -56.11 13.32 33.57
CA THR R 225 -57.33 13.77 32.93
C THR R 225 -57.47 15.27 33.11
N HIS R 226 -57.90 15.95 32.04
CA HIS R 226 -58.06 17.40 32.07
C HIS R 226 -58.92 17.83 30.89
N ASP R 227 -59.44 19.06 30.98
CA ASP R 227 -60.14 19.70 29.88
C ASP R 227 -59.56 21.11 29.71
N PHE R 228 -58.53 21.22 28.88
CA PHE R 228 -57.94 22.51 28.56
C PHE R 228 -57.91 22.72 27.06
N MET S 1 2.97 -13.09 73.26
CA MET S 1 3.32 -11.69 73.12
C MET S 1 2.13 -10.77 73.28
N LYS S 2 2.40 -9.47 73.30
CA LYS S 2 1.36 -8.45 73.46
C LYS S 2 1.26 -7.66 72.16
N LEU S 3 0.11 -7.77 71.50
CA LEU S 3 -0.15 -7.01 70.28
C LEU S 3 -0.88 -5.72 70.62
N SER S 4 -0.70 -4.71 69.78
CA SER S 4 -1.28 -3.39 70.00
C SER S 4 -2.27 -3.05 68.89
N LYS S 5 -3.18 -2.13 69.22
CA LYS S 5 -4.18 -1.67 68.25
C LYS S 5 -3.51 -1.02 67.05
N ASP S 6 -2.51 -0.18 67.28
CA ASP S 6 -1.80 0.48 66.19
C ASP S 6 -0.97 -0.49 65.36
N THR S 7 -0.59 -1.63 65.93
CA THR S 7 0.22 -2.60 65.21
C THR S 7 -0.62 -3.63 64.45
N THR S 8 -1.77 -4.02 65.00
CA THR S 8 -2.65 -4.95 64.29
C THR S 8 -3.23 -4.32 63.04
N ALA S 9 -3.37 -2.99 63.01
CA ALA S 9 -3.75 -2.32 61.78
C ALA S 9 -2.67 -2.45 60.71
N LEU S 10 -1.39 -2.47 61.12
CA LEU S 10 -0.33 -2.73 60.17
C LEU S 10 -0.28 -4.20 59.78
N LEU S 11 -0.72 -5.09 60.66
CA LEU S 11 -0.75 -6.52 60.34
C LEU S 11 -1.82 -6.83 59.31
N LYS S 12 -3.01 -6.21 59.45
CA LYS S 12 -4.04 -6.39 58.44
C LYS S 12 -3.61 -5.79 57.12
N ASN S 13 -2.87 -4.67 57.16
CA ASN S 13 -2.26 -4.13 55.95
C ASN S 13 -1.28 -5.13 55.34
N PHE S 14 -0.49 -5.80 56.18
CA PHE S 14 0.42 -6.83 55.68
C PHE S 14 -0.33 -8.05 55.16
N ALA S 15 -1.53 -8.31 55.68
CA ALA S 15 -2.32 -9.43 55.19
C ALA S 15 -2.80 -9.21 53.77
N THR S 16 -2.87 -7.97 53.31
CA THR S 16 -3.29 -7.69 51.95
C THR S 16 -2.20 -7.96 50.92
N ILE S 17 -0.96 -8.13 51.36
CA ILE S 17 0.13 -8.46 50.45
C ILE S 17 0.36 -9.97 50.41
N ASN S 18 0.33 -10.62 51.57
CA ASN S 18 0.44 -12.08 51.65
C ASN S 18 -0.66 -12.58 52.59
N SER S 19 -1.35 -13.65 52.16
CA SER S 19 -2.37 -14.25 53.01
C SER S 19 -1.80 -14.73 54.34
N GLY S 20 -0.49 -14.96 54.41
CA GLY S 20 0.17 -15.35 55.64
C GLY S 20 1.25 -14.38 56.05
N ILE S 21 1.95 -14.75 57.12
CA ILE S 21 3.01 -13.93 57.69
C ILE S 21 4.00 -14.83 58.40
N MET S 22 5.28 -14.49 58.29
CA MET S 22 6.37 -15.20 58.96
C MET S 22 7.16 -14.17 59.77
N LEU S 23 6.95 -14.14 61.08
CA LEU S 23 7.60 -13.16 61.94
C LEU S 23 8.35 -13.87 63.06
N LYS S 24 9.60 -13.48 63.27
CA LYS S 24 10.48 -14.01 64.29
C LYS S 24 10.57 -13.02 65.45
N SER S 25 11.05 -13.51 66.60
CA SER S 25 11.20 -12.70 67.80
C SER S 25 11.96 -11.42 67.51
N GLY S 26 11.42 -10.31 67.97
CA GLY S 26 12.01 -8.99 67.81
C GLY S 26 10.93 -7.92 67.81
N GLN S 27 11.24 -6.81 67.14
CA GLN S 27 10.27 -5.74 66.90
C GLN S 27 10.08 -5.48 65.41
N PHE S 28 10.62 -6.33 64.55
CA PHE S 28 10.64 -6.12 63.11
C PHE S 28 9.72 -7.15 62.46
N ILE S 29 8.72 -6.67 61.74
CA ILE S 29 7.80 -7.51 60.97
C ILE S 29 8.03 -7.25 59.50
N MET S 30 7.95 -8.31 58.69
CA MET S 30 8.14 -8.18 57.26
C MET S 30 7.35 -9.27 56.55
N THR S 31 6.78 -8.91 55.39
CA THR S 31 6.13 -9.89 54.54
C THR S 31 6.22 -9.41 53.10
N ARG S 32 6.14 -10.37 52.18
CA ARG S 32 6.11 -10.08 50.75
C ARG S 32 5.07 -10.97 50.10
N ALA S 33 4.58 -10.52 48.94
CA ALA S 33 3.61 -11.32 48.21
C ALA S 33 4.29 -12.53 47.60
N VAL S 34 3.48 -13.55 47.28
CA VAL S 34 4.02 -14.80 46.76
C VAL S 34 4.81 -14.55 45.48
N ASN S 35 4.26 -13.73 44.58
CA ASN S 35 4.90 -13.44 43.31
C ASN S 35 6.16 -12.60 43.46
N GLY S 36 6.43 -12.06 44.64
CA GLY S 36 7.59 -11.19 44.82
C GLY S 36 7.45 -9.85 44.13
N THR S 37 6.24 -9.28 44.11
CA THR S 37 6.01 -8.00 43.45
C THR S 37 6.00 -6.82 44.42
N THR S 38 5.90 -7.08 45.72
CA THR S 38 5.87 -6.01 46.71
C THR S 38 6.31 -6.57 48.05
N TYR S 39 6.99 -5.72 48.83
CA TYR S 39 7.61 -6.12 50.09
C TYR S 39 7.43 -5.00 51.11
N ALA S 40 7.16 -5.38 52.35
CA ALA S 40 6.86 -4.41 53.40
C ALA S 40 7.59 -4.79 54.68
N GLU S 41 7.99 -3.77 55.44
CA GLU S 41 8.68 -3.96 56.70
C GLU S 41 8.31 -2.82 57.64
N ALA S 42 8.45 -3.07 58.94
CA ALA S 42 8.06 -2.09 59.94
C ALA S 42 8.69 -2.43 61.28
N ASN S 43 9.04 -1.40 62.04
CA ASN S 43 9.42 -1.53 63.44
C ASN S 43 8.29 -0.97 64.29
N ILE S 44 7.80 -1.76 65.23
CA ILE S 44 6.57 -1.43 65.95
C ILE S 44 6.85 -1.27 67.45
N SER S 45 5.80 -0.94 68.21
CA SER S 45 5.94 -0.72 69.64
C SER S 45 6.03 -2.02 70.42
N ASP S 46 5.48 -3.11 69.88
CA ASP S 46 5.42 -4.37 70.59
C ASP S 46 6.64 -5.22 70.28
N VAL S 47 6.98 -6.12 71.21
CA VAL S 47 8.13 -7.00 71.10
C VAL S 47 7.63 -8.42 70.92
N ILE S 48 8.29 -9.17 70.02
CA ILE S 48 7.97 -10.56 69.74
C ILE S 48 8.98 -11.43 70.46
N ASP S 49 8.51 -12.49 71.13
CA ASP S 49 9.38 -13.38 71.88
C ASP S 49 9.26 -14.84 71.47
N PHE S 50 8.44 -15.18 70.48
CA PHE S 50 8.48 -16.51 69.89
C PHE S 50 8.07 -16.42 68.42
N ASP S 51 8.60 -17.34 67.62
CA ASP S 51 8.28 -17.37 66.20
C ASP S 51 6.96 -18.08 65.97
N VAL S 52 6.21 -17.62 64.97
CA VAL S 52 4.97 -18.26 64.57
C VAL S 52 4.78 -18.05 63.08
N ALA S 53 4.20 -19.05 62.41
CA ALA S 53 3.86 -18.97 61.00
C ALA S 53 2.35 -19.03 60.88
N ILE S 54 1.74 -17.91 60.51
CA ILE S 54 0.29 -17.82 60.37
C ILE S 54 -0.06 -18.08 58.91
N TYR S 55 -0.72 -19.21 58.65
CA TYR S 55 -1.14 -19.50 57.28
C TYR S 55 -2.34 -18.66 56.86
N ASP S 56 -3.16 -18.23 57.82
CA ASP S 56 -4.34 -17.39 57.57
C ASP S 56 -4.20 -16.16 58.46
N LEU S 57 -3.32 -15.23 58.06
CA LEU S 57 -3.10 -14.02 58.85
C LEU S 57 -4.38 -13.21 58.98
N ASN S 58 -5.13 -13.07 57.88
CA ASN S 58 -6.40 -12.36 57.96
C ASN S 58 -7.40 -13.11 58.84
N GLY S 59 -7.31 -14.44 58.88
CA GLY S 59 -8.18 -15.21 59.75
C GLY S 59 -7.80 -15.08 61.22
N PHE S 60 -6.50 -15.28 61.52
CA PHE S 60 -6.03 -15.14 62.89
C PHE S 60 -6.23 -13.72 63.42
N LEU S 61 -6.10 -12.72 62.55
CA LEU S 61 -6.40 -11.35 62.97
C LEU S 61 -7.90 -11.11 63.10
N GLY S 62 -8.72 -11.85 62.35
CA GLY S 62 -10.15 -11.78 62.56
C GLY S 62 -10.56 -12.41 63.86
N ILE S 63 -9.73 -13.32 64.39
CA ILE S 63 -9.99 -13.87 65.71
C ILE S 63 -9.82 -12.80 66.78
N LEU S 64 -8.97 -11.81 66.51
CA LEU S 64 -8.82 -10.69 67.43
C LEU S 64 -10.09 -9.85 67.52
N SER S 65 -10.93 -9.89 66.50
CA SER S 65 -12.20 -9.16 66.48
C SER S 65 -13.21 -9.69 67.50
N LEU S 66 -12.83 -10.63 68.36
CA LEU S 66 -13.69 -11.16 69.40
C LEU S 66 -13.11 -11.02 70.80
N VAL S 67 -11.80 -10.85 70.94
CA VAL S 67 -11.15 -10.84 72.24
C VAL S 67 -10.77 -9.41 72.61
N ASN S 68 -10.39 -9.23 73.87
CA ASN S 68 -10.03 -7.92 74.39
C ASN S 68 -8.64 -7.51 73.88
N ASP S 69 -8.22 -6.30 74.26
CA ASP S 69 -6.92 -5.82 73.82
C ASP S 69 -5.78 -6.57 74.51
N ASP S 70 -5.95 -6.91 75.79
CA ASP S 70 -4.89 -7.56 76.54
C ASP S 70 -4.89 -9.06 76.29
N ALA S 71 -5.22 -9.45 75.07
CA ALA S 71 -5.20 -10.85 74.66
C ALA S 71 -3.81 -11.17 74.13
N GLU S 72 -3.08 -12.02 74.84
CA GLU S 72 -1.68 -12.28 74.56
C GLU S 72 -1.50 -13.65 73.92
N ILE S 73 -0.75 -13.70 72.83
CA ILE S 73 -0.47 -14.94 72.13
C ILE S 73 0.62 -15.70 72.88
N SER S 74 0.42 -17.01 73.02
CA SER S 74 1.37 -17.89 73.68
C SER S 74 1.50 -19.16 72.86
N GLN S 75 2.38 -20.05 73.31
CA GLN S 75 2.55 -21.35 72.68
C GLN S 75 1.80 -22.39 73.52
N SER S 76 0.87 -23.09 72.88
CA SER S 76 0.04 -24.06 73.59
C SER S 76 0.88 -25.20 74.14
N GLU S 77 0.28 -25.99 75.03
CA GLU S 77 0.99 -27.10 75.65
C GLU S 77 1.48 -28.10 74.62
N ASP S 78 0.73 -28.29 73.53
CA ASP S 78 1.12 -29.22 72.48
C ASP S 78 1.94 -28.55 71.38
N GLY S 79 2.31 -27.28 71.55
CA GLY S 79 3.09 -26.57 70.56
C GLY S 79 2.29 -25.67 69.64
N ASN S 80 0.97 -25.67 69.74
CA ASN S 80 0.14 -24.79 68.91
C ASN S 80 0.16 -23.37 69.44
N ILE S 81 -0.81 -22.56 69.04
CA ILE S 81 -0.87 -21.16 69.43
C ILE S 81 -2.11 -20.96 70.30
N LYS S 82 -1.89 -20.62 71.57
CA LYS S 82 -2.96 -20.19 72.46
C LYS S 82 -3.08 -18.68 72.42
N ILE S 83 -4.29 -18.18 72.25
CA ILE S 83 -4.57 -16.75 72.39
C ILE S 83 -5.39 -16.56 73.66
N ALA S 84 -4.85 -15.76 74.58
CA ALA S 84 -5.49 -15.56 75.88
C ALA S 84 -6.58 -14.50 75.75
N ASP S 85 -7.16 -14.11 76.88
CA ASP S 85 -8.24 -13.13 76.99
C ASP S 85 -8.59 -13.04 78.47
N ALA S 86 -9.24 -11.93 78.84
CA ALA S 86 -9.79 -11.82 80.18
C ALA S 86 -10.88 -12.85 80.43
N ARG S 87 -11.47 -13.41 79.37
CA ARG S 87 -12.50 -14.42 79.49
C ARG S 87 -12.10 -15.74 78.84
N SER S 88 -12.26 -15.81 77.51
CA SER S 88 -12.06 -17.07 76.79
C SER S 88 -10.58 -17.36 76.58
N THR S 89 -10.31 -18.49 75.94
CA THR S 89 -8.96 -18.93 75.62
C THR S 89 -9.04 -20.06 74.60
N ILE S 90 -8.81 -19.74 73.33
CA ILE S 90 -8.95 -20.71 72.24
C ILE S 90 -7.58 -21.01 71.66
N PHE S 91 -7.34 -22.29 71.38
CA PHE S 91 -6.05 -22.79 70.89
C PHE S 91 -6.21 -23.14 69.42
N TRP S 92 -5.64 -22.33 68.54
CA TRP S 92 -5.69 -22.59 67.11
C TRP S 92 -4.30 -22.97 66.63
N PRO S 93 -4.11 -24.16 66.05
CA PRO S 93 -2.77 -24.57 65.58
C PRO S 93 -2.18 -23.57 64.60
N ALA S 94 -0.88 -23.33 64.75
CA ALA S 94 -0.13 -22.50 63.81
C ALA S 94 0.23 -23.29 62.57
N ALA S 95 1.24 -22.86 61.84
CA ALA S 95 1.64 -23.53 60.61
C ALA S 95 3.16 -23.66 60.56
N ASP S 96 3.61 -24.52 59.65
CA ASP S 96 5.02 -24.68 59.32
C ASP S 96 5.46 -23.57 58.37
N PRO S 97 6.67 -23.02 58.54
CA PRO S 97 7.12 -21.92 57.66
C PRO S 97 7.15 -22.29 56.19
N SER S 98 7.02 -23.56 55.83
CA SER S 98 7.00 -23.94 54.42
C SER S 98 5.72 -23.47 53.74
N THR S 99 4.59 -23.52 54.44
CA THR S 99 3.31 -23.15 53.87
C THR S 99 3.09 -21.63 53.83
N VAL S 100 3.98 -20.86 54.44
CA VAL S 100 3.89 -19.40 54.44
C VAL S 100 5.04 -18.86 53.61
N VAL S 101 4.73 -17.93 52.71
CA VAL S 101 5.77 -17.29 51.90
C VAL S 101 6.56 -16.35 52.81
N ALA S 102 7.83 -16.70 53.05
CA ALA S 102 8.66 -15.95 53.99
C ALA S 102 9.64 -15.08 53.26
N PRO S 103 9.74 -13.78 53.60
CA PRO S 103 10.80 -12.96 53.00
C PRO S 103 12.20 -13.49 53.28
N ASN S 104 12.49 -13.82 54.54
CA ASN S 104 13.76 -14.38 55.01
C ASN S 104 14.98 -13.75 54.37
N LYS S 105 14.85 -12.54 53.85
CA LYS S 105 15.95 -11.80 53.28
C LYS S 105 15.63 -10.31 53.32
N PRO S 106 15.89 -9.66 54.46
CA PRO S 106 15.79 -8.19 54.51
C PRO S 106 16.86 -7.53 53.67
N ILE S 107 16.55 -7.29 52.40
CA ILE S 107 17.55 -6.74 51.47
C ILE S 107 17.84 -5.28 51.85
N PRO S 108 19.10 -4.91 52.06
CA PRO S 108 19.42 -3.48 52.24
C PRO S 108 19.22 -2.73 50.93
N PHE S 109 18.41 -1.68 51.00
CA PHE S 109 18.20 -0.86 49.81
C PHE S 109 19.46 -0.09 49.47
N PRO S 110 19.92 -0.11 48.22
CA PRO S 110 21.17 0.58 47.87
C PRO S 110 21.03 2.10 47.87
N VAL S 111 21.86 2.77 47.06
CA VAL S 111 21.82 4.22 47.00
C VAL S 111 20.56 4.67 46.27
N ALA S 112 19.90 5.68 46.81
CA ALA S 112 18.70 6.23 46.21
C ALA S 112 19.09 7.08 45.01
N SER S 113 18.80 6.58 43.80
CA SER S 113 19.10 7.34 42.59
C SER S 113 18.32 8.64 42.52
N ALA S 114 17.19 8.73 43.22
CA ALA S 114 16.41 9.95 43.32
C ALA S 114 15.70 9.96 44.67
N VAL S 115 15.41 11.16 45.17
CA VAL S 115 14.77 11.32 46.47
C VAL S 115 13.69 12.39 46.37
N THR S 116 12.63 12.18 47.14
CA THR S 116 11.54 13.15 47.31
C THR S 116 10.72 12.71 48.52
N GLU S 117 9.70 13.49 48.84
CA GLU S 117 8.85 13.21 50.01
C GLU S 117 7.41 13.58 49.67
N ILE S 118 6.55 12.57 49.59
CA ILE S 118 5.12 12.77 49.31
C ILE S 118 4.39 12.91 50.64
N LYS S 119 3.29 13.66 50.62
CA LYS S 119 2.51 13.95 51.82
C LYS S 119 1.29 13.03 51.88
N ALA S 120 0.81 12.81 53.11
CA ALA S 120 -0.35 11.95 53.32
C ALA S 120 -1.58 12.48 52.60
N GLU S 121 -1.80 13.80 52.67
CA GLU S 121 -2.93 14.41 51.97
C GLU S 121 -2.85 14.13 50.48
N ASP S 122 -1.66 14.22 49.89
CA ASP S 122 -1.50 13.95 48.46
C ASP S 122 -1.66 12.47 48.17
N LEU S 123 -1.08 11.60 49.03
CA LEU S 123 -1.19 10.17 48.82
C LEU S 123 -2.64 9.71 48.84
N GLN S 124 -3.40 10.17 49.83
CA GLN S 124 -4.82 9.85 49.88
C GLN S 124 -5.57 10.48 48.72
N GLN S 125 -5.16 11.69 48.32
CA GLN S 125 -5.79 12.35 47.17
C GLN S 125 -5.51 11.58 45.89
N LEU S 126 -4.25 11.22 45.65
CA LEU S 126 -3.90 10.46 44.46
C LEU S 126 -4.61 9.11 44.43
N LEU S 127 -4.64 8.41 45.57
CA LEU S 127 -5.28 7.10 45.61
C LEU S 127 -6.78 7.22 45.36
N ARG S 128 -7.41 8.26 45.90
CA ARG S 128 -8.84 8.44 45.71
C ARG S 128 -9.17 8.80 44.26
N VAL S 129 -8.38 9.69 43.64
CA VAL S 129 -8.60 10.00 42.24
C VAL S 129 -8.20 8.84 41.34
N SER S 130 -7.41 7.89 41.85
CA SER S 130 -7.00 6.75 41.03
C SER S 130 -8.11 5.70 40.96
N ARG S 131 -8.70 5.36 42.10
CA ARG S 131 -9.82 4.42 42.09
C ARG S 131 -11.04 5.04 41.41
N GLY S 132 -11.22 6.35 41.53
CA GLY S 132 -12.35 6.99 40.88
C GLY S 132 -12.19 7.07 39.38
N LEU S 133 -11.05 7.58 38.92
CA LEU S 133 -10.77 7.72 37.49
C LEU S 133 -10.10 6.47 36.91
N GLN S 134 -10.42 5.29 37.46
CA GLN S 134 -9.87 4.00 37.06
C GLN S 134 -8.42 4.09 36.60
N ILE S 135 -7.51 4.31 37.55
CA ILE S 135 -6.08 4.43 37.25
C ILE S 135 -5.40 3.12 37.60
N ASP S 136 -4.81 2.46 36.60
CA ASP S 136 -4.23 1.14 36.77
C ASP S 136 -2.78 1.20 37.24
N THR S 137 -1.95 2.04 36.63
CA THR S 137 -0.55 2.17 36.98
C THR S 137 -0.18 3.65 37.06
N ILE S 138 0.96 3.92 37.68
CA ILE S 138 1.44 5.29 37.87
C ILE S 138 2.93 5.34 37.58
N ALA S 139 3.37 6.45 36.97
CA ALA S 139 4.76 6.64 36.60
C ALA S 139 5.35 7.83 37.35
N ILE S 140 6.66 7.76 37.62
CA ILE S 140 7.39 8.79 38.34
C ILE S 140 8.50 9.30 37.44
N THR S 141 8.49 10.59 37.13
CA THR S 141 9.48 11.16 36.23
C THR S 141 9.70 12.62 36.60
N VAL S 142 10.77 13.20 36.04
CA VAL S 142 11.10 14.60 36.24
C VAL S 142 10.32 15.44 35.23
N LYS S 143 9.94 16.64 35.67
CA LYS S 143 9.13 17.56 34.85
C LYS S 143 9.54 18.98 35.22
N GLU S 144 10.53 19.50 34.50
CA GLU S 144 11.14 20.80 34.78
C GLU S 144 11.63 20.86 36.23
N GLY S 145 12.73 20.14 36.46
CA GLY S 145 13.31 20.06 37.79
C GLY S 145 12.45 19.29 38.76
N LYS S 146 11.20 19.74 38.95
CA LYS S 146 10.27 19.05 39.83
C LYS S 146 9.86 17.71 39.22
N ILE S 147 9.92 16.65 40.03
CA ILE S 147 9.42 15.35 39.58
C ILE S 147 7.91 15.29 39.81
N VAL S 148 7.24 14.46 39.00
CA VAL S 148 5.78 14.40 39.01
C VAL S 148 5.32 12.95 39.05
N ILE S 149 4.07 12.77 39.47
CA ILE S 149 3.39 11.48 39.47
C ILE S 149 2.39 11.49 38.31
N ASN S 150 2.38 10.42 37.52
CA ASN S 150 1.54 10.35 36.33
C ASN S 150 0.77 9.04 36.33
N GLY S 151 -0.55 9.13 36.45
CA GLY S 151 -1.42 7.97 36.47
C GLY S 151 -2.02 7.70 35.10
N PHE S 152 -2.28 6.42 34.81
CA PHE S 152 -2.75 5.99 33.50
C PHE S 152 -3.82 4.92 33.67
N ASN S 153 -4.32 4.46 32.52
CA ASN S 153 -5.25 3.33 32.44
C ASN S 153 -4.58 2.27 31.57
N LYS S 154 -4.06 1.22 32.20
CA LYS S 154 -3.17 0.28 31.50
C LYS S 154 -3.86 -0.40 30.33
N VAL S 155 -5.12 -0.80 30.50
CA VAL S 155 -5.82 -1.51 29.43
C VAL S 155 -6.16 -0.55 28.30
N GLU S 156 -6.72 0.61 28.61
CA GLU S 156 -7.12 1.55 27.58
C GLU S 156 -5.92 2.28 26.98
N ASP S 157 -4.93 2.60 27.81
CA ASP S 157 -3.66 3.13 27.34
C ASP S 157 -2.67 1.97 27.34
N SER S 158 -2.70 1.18 26.26
CA SER S 158 -1.90 -0.03 26.17
C SER S 158 -0.42 0.27 26.37
N ALA S 159 0.04 1.42 25.90
CA ALA S 159 1.42 1.85 26.08
C ALA S 159 1.55 3.12 26.91
N LEU S 160 0.45 3.56 27.55
CA LEU S 160 0.44 4.70 28.45
C LEU S 160 0.81 6.00 27.74
N THR S 161 -0.21 6.74 27.30
CA THR S 161 0.00 8.01 26.60
C THR S 161 -0.66 9.16 27.35
N ARG S 162 -1.99 9.26 27.24
CA ARG S 162 -2.72 10.36 27.85
C ARG S 162 -2.65 10.26 29.37
N VAL S 163 -2.03 11.26 30.01
CA VAL S 163 -1.96 11.29 31.46
C VAL S 163 -3.32 11.67 32.02
N LYS S 164 -3.66 11.09 33.18
CA LYS S 164 -4.92 11.37 33.85
C LYS S 164 -4.76 12.03 35.21
N TYR S 165 -3.54 12.11 35.75
CA TYR S 165 -3.32 12.74 37.05
C TYR S 165 -1.85 13.07 37.18
N SER S 166 -1.51 14.35 37.16
CA SER S 166 -0.14 14.84 37.33
C SER S 166 -0.01 15.46 38.70
N LEU S 167 0.85 14.89 39.54
CA LEU S 167 1.07 15.36 40.90
C LEU S 167 2.48 15.90 41.02
N THR S 168 2.63 17.23 40.94
CA THR S 168 3.93 17.87 41.13
C THR S 168 4.40 17.63 42.56
N LEU S 169 5.48 16.85 42.70
CA LEU S 169 5.93 16.35 44.00
C LEU S 169 7.42 16.66 44.17
N GLY S 170 7.73 17.69 44.95
CA GLY S 170 9.11 18.05 45.20
C GLY S 170 9.91 18.34 43.93
N ASP S 171 11.22 18.47 44.13
CA ASP S 171 12.13 18.74 43.02
C ASP S 171 13.26 17.73 43.02
N TYR S 172 13.76 17.43 41.83
CA TYR S 172 14.96 16.63 41.65
C TYR S 172 16.13 17.60 41.48
N ASP S 173 17.00 17.66 42.49
CA ASP S 173 18.11 18.59 42.45
C ASP S 173 19.01 18.35 41.24
N GLY S 174 19.32 17.09 40.96
CA GLY S 174 20.03 16.76 39.74
C GLY S 174 19.17 16.96 38.51
N GLU S 175 19.79 16.78 37.35
CA GLU S 175 19.10 16.93 36.07
C GLU S 175 19.30 15.66 35.24
N ASN S 176 18.89 14.53 35.82
CA ASN S 176 18.92 13.25 35.13
C ASN S 176 17.52 12.89 34.64
N THR S 177 17.46 12.17 33.53
CA THR S 177 16.20 11.75 32.94
C THR S 177 15.88 10.33 33.40
N PHE S 178 14.61 10.10 33.73
CA PHE S 178 14.16 8.78 34.16
C PHE S 178 12.66 8.71 34.01
N ASN S 179 12.14 7.48 34.14
CA ASN S 179 10.70 7.25 34.13
C ASN S 179 10.45 5.89 34.76
N PHE S 180 10.17 5.87 36.06
CA PHE S 180 9.91 4.64 36.80
C PHE S 180 8.42 4.51 37.05
N ILE S 181 7.86 3.35 36.71
CA ILE S 181 6.43 3.11 36.75
C ILE S 181 6.14 1.88 37.61
N ILE S 182 5.10 1.98 38.43
CA ILE S 182 4.76 0.95 39.40
C ILE S 182 3.29 0.57 39.23
N ASN S 183 3.02 -0.73 39.19
CA ASN S 183 1.65 -1.20 39.13
C ASN S 183 0.92 -0.85 40.42
N MET S 184 -0.11 0.00 40.30
CA MET S 184 -0.88 0.40 41.48
C MET S 184 -1.58 -0.77 42.13
N ALA S 185 -1.71 -1.90 41.45
CA ALA S 185 -2.20 -3.13 42.07
C ALA S 185 -1.23 -3.67 43.11
N ASN S 186 -0.02 -3.11 43.20
CA ASN S 186 0.94 -3.43 44.25
C ASN S 186 1.19 -2.24 45.16
N MET S 187 0.28 -1.29 45.19
CA MET S 187 0.38 -0.08 46.02
C MET S 187 -0.45 -0.24 47.29
N LYS S 188 -0.24 -1.34 48.02
CA LYS S 188 -1.12 -1.74 49.12
C LYS S 188 -0.70 -1.10 50.44
N MET S 189 -0.60 0.23 50.45
CA MET S 189 -0.16 0.97 51.62
C MET S 189 -1.28 1.86 52.14
N GLN S 190 -1.13 2.28 53.39
CA GLN S 190 -2.05 3.17 54.09
C GLN S 190 -1.58 4.61 53.98
N PRO S 191 -2.43 5.58 54.31
CA PRO S 191 -2.02 6.98 54.23
C PRO S 191 -0.81 7.29 55.10
N GLY S 192 -0.11 8.36 54.74
CA GLY S 192 1.09 8.76 55.46
C GLY S 192 2.05 9.53 54.58
N ASN S 193 2.62 10.61 55.12
CA ASN S 193 3.61 11.39 54.39
C ASN S 193 4.91 10.58 54.32
N TYR S 194 5.20 10.04 53.15
CA TYR S 194 6.31 9.10 52.96
C TYR S 194 7.43 9.76 52.18
N LYS S 195 8.66 9.57 52.64
CA LYS S 195 9.82 9.86 51.80
C LYS S 195 9.93 8.78 50.72
N LEU S 196 10.22 9.21 49.50
CA LEU S 196 10.33 8.32 48.35
C LEU S 196 11.78 8.25 47.90
N LEU S 197 12.30 7.03 47.78
CA LEU S 197 13.68 6.80 47.38
C LEU S 197 13.70 5.77 46.25
N LEU S 198 14.22 6.17 45.09
CA LEU S 198 14.24 5.33 43.90
C LEU S 198 15.65 4.90 43.57
N TRP S 199 15.78 3.71 43.00
CA TRP S 199 17.06 3.17 42.57
C TRP S 199 16.84 2.34 41.31
N ALA S 200 17.81 2.36 40.41
CA ALA S 200 17.72 1.60 39.18
C ALA S 200 19.10 1.50 38.53
N LYS S 201 19.34 0.36 37.88
CA LYS S 201 20.56 0.09 37.14
C LYS S 201 20.19 -0.74 35.91
N GLY S 202 20.00 -0.08 34.78
CA GLY S 202 19.60 -0.75 33.55
C GLY S 202 18.24 -1.41 33.63
N LYS S 203 18.20 -2.74 33.52
CA LYS S 203 16.96 -3.48 33.70
C LYS S 203 16.52 -3.51 35.16
N GLN S 204 17.46 -3.32 36.09
CA GLN S 204 17.13 -3.35 37.51
C GLN S 204 16.33 -2.11 37.91
N GLY S 205 15.49 -2.27 38.93
CA GLY S 205 14.70 -1.16 39.44
C GLY S 205 13.74 -1.51 40.55
N ALA S 206 13.59 -0.60 41.51
CA ALA S 206 12.67 -0.79 42.62
C ALA S 206 12.39 0.57 43.24
N ALA S 207 11.38 0.62 44.11
CA ALA S 207 10.97 1.85 44.76
C ALA S 207 10.79 1.59 46.25
N LYS S 208 11.41 2.42 47.08
CA LYS S 208 11.34 2.31 48.53
C LYS S 208 10.60 3.50 49.12
N PHE S 209 9.65 3.23 50.01
CA PHE S 209 8.88 4.25 50.69
C PHE S 209 9.26 4.27 52.17
N GLU S 210 9.64 5.43 52.68
CA GLU S 210 10.02 5.59 54.07
C GLU S 210 8.87 6.26 54.82
N GLY S 211 8.23 5.52 55.72
CA GLY S 211 7.14 6.03 56.52
C GLY S 211 7.56 6.26 57.96
N GLU S 212 6.64 6.89 58.71
CA GLU S 212 6.90 7.16 60.12
C GLU S 212 6.85 5.90 60.98
N HIS S 213 6.38 4.77 60.42
CA HIS S 213 6.29 3.52 61.17
C HIS S 213 6.79 2.34 60.33
N ALA S 214 6.44 2.34 59.05
CA ALA S 214 6.69 1.19 58.19
C ALA S 214 7.38 1.63 56.91
N ASN S 215 8.13 0.69 56.31
CA ASN S 215 8.74 0.90 55.00
C ASN S 215 8.09 -0.02 53.97
N TYR S 216 8.09 0.44 52.72
CA TYR S 216 7.43 -0.28 51.63
C TYR S 216 8.35 -0.31 50.42
N VAL S 217 8.54 -1.51 49.86
CA VAL S 217 9.29 -1.70 48.62
C VAL S 217 8.34 -2.28 47.58
N VAL S 218 8.26 -1.62 46.43
CA VAL S 218 7.42 -2.06 45.32
C VAL S 218 8.28 -2.15 44.07
N ALA S 219 7.92 -3.07 43.19
CA ALA S 219 8.71 -3.33 41.99
C ALA S 219 8.25 -2.45 40.84
N LEU S 220 9.21 -1.94 40.08
CA LEU S 220 8.89 -1.20 38.88
C LEU S 220 8.45 -2.16 37.77
N GLU S 221 7.68 -1.63 36.83
CA GLU S 221 7.22 -2.44 35.72
C GLU S 221 8.32 -2.58 34.67
N ALA S 222 8.08 -3.46 33.69
CA ALA S 222 9.10 -3.76 32.69
C ALA S 222 9.41 -2.55 31.80
N ASP S 223 8.46 -1.63 31.64
CA ASP S 223 8.64 -0.48 30.77
C ASP S 223 9.20 0.74 31.51
N SER S 224 10.11 0.53 32.45
CA SER S 224 10.75 1.63 33.17
C SER S 224 12.06 1.98 32.47
N THR S 225 12.23 3.25 32.13
CA THR S 225 13.43 3.73 31.47
C THR S 225 14.12 4.80 32.32
N HIS S 226 15.43 4.89 32.18
CA HIS S 226 16.25 5.80 32.97
C HIS S 226 17.66 5.80 32.39
N ASP S 227 18.47 6.73 32.89
CA ASP S 227 19.87 6.85 32.48
C ASP S 227 20.82 6.60 33.65
N PHE S 228 20.36 5.91 34.68
CA PHE S 228 21.17 5.68 35.87
C PHE S 228 22.04 4.44 35.76
N MET T 1 -58.00 16.90 69.28
CA MET T 1 -57.26 15.98 70.13
C MET T 1 -55.76 16.03 69.85
N LYS T 2 -55.24 17.26 69.72
CA LYS T 2 -53.83 17.46 69.44
C LYS T 2 -52.95 16.71 70.43
N LEU T 3 -51.86 16.15 69.94
CA LEU T 3 -50.92 15.39 70.75
C LEU T 3 -49.75 16.27 71.15
N SER T 4 -49.35 16.17 72.42
CA SER T 4 -48.28 17.00 72.96
C SER T 4 -47.00 16.18 73.11
N LYS T 5 -45.93 16.85 73.52
CA LYS T 5 -44.65 16.19 73.70
C LYS T 5 -44.66 15.25 74.89
N ASP T 6 -45.39 15.61 75.96
CA ASP T 6 -45.57 14.68 77.08
C ASP T 6 -46.29 13.42 76.64
N THR T 7 -47.19 13.54 75.66
CA THR T 7 -47.95 12.39 75.19
C THR T 7 -47.14 11.55 74.21
N THR T 8 -46.51 12.19 73.23
CA THR T 8 -45.69 11.46 72.26
C THR T 8 -44.50 10.77 72.92
N ALA T 9 -44.07 11.24 74.09
CA ALA T 9 -42.93 10.63 74.77
C ALA T 9 -43.26 9.22 75.24
N LEU T 10 -44.34 9.06 76.01
CA LEU T 10 -44.74 7.74 76.46
C LEU T 10 -45.41 6.93 75.36
N LEU T 11 -45.90 7.58 74.30
CA LEU T 11 -46.49 6.83 73.20
C LEU T 11 -45.41 6.16 72.35
N LYS T 12 -44.26 6.82 72.18
CA LYS T 12 -43.12 6.15 71.57
C LYS T 12 -42.66 4.98 72.43
N ASN T 13 -42.74 5.13 73.76
CA ASN T 13 -42.43 4.02 74.64
C ASN T 13 -43.41 2.87 74.47
N PHE T 14 -44.71 3.20 74.34
CA PHE T 14 -45.71 2.19 74.04
C PHE T 14 -45.44 1.49 72.71
N ALA T 15 -44.88 2.22 71.74
CA ALA T 15 -44.77 1.71 70.37
C ALA T 15 -43.92 0.44 70.33
N THR T 16 -42.70 0.50 70.83
CA THR T 16 -41.78 -0.64 70.68
C THR T 16 -42.06 -1.72 71.71
N ILE T 17 -43.29 -1.73 72.24
CA ILE T 17 -43.84 -2.90 72.91
C ILE T 17 -44.89 -3.58 72.06
N ASN T 18 -45.68 -2.81 71.31
CA ASN T 18 -46.60 -3.38 70.33
C ASN T 18 -46.70 -2.35 69.21
N SER T 19 -46.06 -2.64 68.08
CA SER T 19 -46.05 -1.69 66.96
C SER T 19 -47.45 -1.34 66.49
N GLY T 20 -48.43 -2.18 66.78
CA GLY T 20 -49.83 -1.85 66.58
C GLY T 20 -50.48 -1.53 67.92
N ILE T 21 -51.26 -0.46 67.94
CA ILE T 21 -51.93 -0.02 69.16
C ILE T 21 -53.43 0.06 68.89
N MET T 22 -54.22 -0.13 69.95
CA MET T 22 -55.66 -0.03 69.91
C MET T 22 -56.11 1.02 70.90
N LEU T 23 -56.60 2.15 70.40
CA LEU T 23 -57.02 3.26 71.25
C LEU T 23 -58.50 3.56 71.03
N LYS T 24 -59.22 3.81 72.14
CA LYS T 24 -60.64 4.08 72.08
C LYS T 24 -60.85 5.57 72.31
N SER T 25 -61.22 5.99 73.52
CA SER T 25 -61.49 7.40 73.78
C SER T 25 -61.20 7.70 75.25
N GLY T 26 -60.80 8.94 75.52
CA GLY T 26 -60.53 9.40 76.87
C GLY T 26 -59.08 9.81 77.03
N GLN T 27 -58.60 9.74 78.27
CA GLN T 27 -57.21 10.03 78.61
C GLN T 27 -56.43 8.79 79.03
N PHE T 28 -57.03 7.61 78.88
CA PHE T 28 -56.39 6.35 79.25
C PHE T 28 -56.12 5.53 78.01
N ILE T 29 -54.94 4.91 77.95
CA ILE T 29 -54.53 4.13 76.79
C ILE T 29 -53.77 2.90 77.26
N MET T 30 -53.92 1.81 76.50
CA MET T 30 -53.35 0.51 76.84
C MET T 30 -52.77 -0.15 75.61
N THR T 31 -51.77 -1.00 75.83
CA THR T 31 -51.19 -1.82 74.78
C THR T 31 -50.61 -3.08 75.40
N ARG T 32 -50.45 -4.11 74.59
CA ARG T 32 -49.92 -5.38 75.05
C ARG T 32 -49.10 -6.02 73.95
N ALA T 33 -47.99 -6.67 74.32
CA ALA T 33 -47.17 -7.38 73.36
C ALA T 33 -47.95 -8.54 72.76
N VAL T 34 -47.67 -8.84 71.49
CA VAL T 34 -48.39 -9.89 70.77
C VAL T 34 -48.19 -11.23 71.46
N ASN T 35 -46.97 -11.51 71.91
CA ASN T 35 -46.71 -12.74 72.65
C ASN T 35 -47.52 -12.84 73.94
N GLY T 36 -48.25 -11.79 74.33
CA GLY T 36 -49.08 -11.88 75.51
C GLY T 36 -48.35 -11.81 76.84
N THR T 37 -47.04 -11.57 76.83
CA THR T 37 -46.24 -11.60 78.04
C THR T 37 -45.98 -10.21 78.63
N THR T 38 -46.46 -9.15 77.99
CA THR T 38 -46.27 -7.80 78.51
C THR T 38 -47.47 -6.95 78.16
N TYR T 39 -47.65 -5.87 78.94
CA TYR T 39 -48.88 -5.10 78.91
C TYR T 39 -48.65 -3.74 79.54
N ALA T 40 -49.43 -2.75 79.10
CA ALA T 40 -49.24 -1.37 79.52
C ALA T 40 -50.59 -0.69 79.71
N GLU T 41 -50.60 0.28 80.64
CA GLU T 41 -51.70 1.24 80.80
C GLU T 41 -51.08 2.59 81.09
N ALA T 42 -51.78 3.66 80.70
CA ALA T 42 -51.20 4.99 80.87
C ALA T 42 -52.29 6.05 80.88
N ASN T 43 -52.02 7.12 81.63
CA ASN T 43 -52.78 8.35 81.57
C ASN T 43 -51.83 9.49 81.26
N ILE T 44 -52.28 10.44 80.43
CA ILE T 44 -51.46 11.56 79.98
C ILE T 44 -52.37 12.73 79.66
N SER T 45 -51.76 13.90 79.41
CA SER T 45 -52.48 15.16 79.32
C SER T 45 -52.99 15.42 77.90
N ASP T 46 -53.86 14.53 77.43
CA ASP T 46 -54.51 14.70 76.14
C ASP T 46 -55.77 13.84 76.10
N VAL T 47 -56.87 14.44 75.66
CA VAL T 47 -58.14 13.74 75.52
C VAL T 47 -58.41 13.52 74.04
N ILE T 48 -58.74 12.29 73.68
CA ILE T 48 -59.03 11.93 72.30
C ILE T 48 -60.54 11.81 72.12
N ASP T 49 -60.99 11.93 70.87
CA ASP T 49 -62.41 12.02 70.57
C ASP T 49 -62.97 10.86 69.76
N PHE T 50 -62.13 10.09 69.06
CA PHE T 50 -62.60 8.96 68.28
C PHE T 50 -61.64 7.78 68.45
N ASP T 51 -62.12 6.60 68.09
CA ASP T 51 -61.39 5.35 68.27
C ASP T 51 -60.94 4.81 66.92
N VAL T 52 -59.67 4.40 66.84
CA VAL T 52 -59.08 3.85 65.62
C VAL T 52 -58.05 2.79 66.02
N ALA T 53 -57.64 2.00 65.05
CA ALA T 53 -56.56 1.03 65.21
C ALA T 53 -55.41 1.42 64.29
N ILE T 54 -54.19 1.41 64.82
CA ILE T 54 -53.00 1.82 64.09
C ILE T 54 -52.18 0.59 63.79
N TYR T 55 -51.75 0.46 62.52
CA TYR T 55 -50.90 -0.66 62.13
C TYR T 55 -49.46 -0.44 62.57
N ASP T 56 -48.89 0.72 62.22
CA ASP T 56 -47.50 1.04 62.51
C ASP T 56 -47.46 2.28 63.41
N LEU T 57 -47.26 2.06 64.71
CA LEU T 57 -47.19 3.19 65.64
C LEU T 57 -45.84 3.90 65.57
N ASN T 58 -44.77 3.18 65.23
CA ASN T 58 -43.48 3.83 65.08
C ASN T 58 -43.47 4.79 63.91
N GLY T 59 -44.05 4.39 62.77
CA GLY T 59 -44.11 5.27 61.63
C GLY T 59 -45.13 6.38 61.80
N PHE T 60 -46.23 6.11 62.50
CA PHE T 60 -47.24 7.13 62.76
C PHE T 60 -46.64 8.29 63.54
N LEU T 61 -45.89 7.98 64.61
CA LEU T 61 -45.22 9.02 65.37
C LEU T 61 -44.09 9.67 64.60
N GLY T 62 -43.56 8.99 63.58
CA GLY T 62 -42.50 9.59 62.78
C GLY T 62 -42.97 10.81 62.02
N ILE T 63 -44.17 10.75 61.43
CA ILE T 63 -44.70 11.88 60.67
C ILE T 63 -45.35 12.93 61.55
N LEU T 64 -45.54 12.66 62.84
CA LEU T 64 -45.97 13.73 63.73
C LEU T 64 -44.86 14.75 63.94
N SER T 65 -43.60 14.32 63.87
CA SER T 65 -42.48 15.24 63.87
C SER T 65 -42.41 16.08 62.60
N LEU T 66 -43.15 15.71 61.56
CA LEU T 66 -43.19 16.46 60.32
C LEU T 66 -43.98 17.76 60.51
N VAL T 67 -45.28 17.61 60.76
CA VAL T 67 -46.13 18.79 60.92
C VAL T 67 -45.80 19.50 62.23
N ASN T 68 -46.25 20.75 62.32
CA ASN T 68 -46.13 21.48 63.58
C ASN T 68 -46.85 20.73 64.69
N ASP T 69 -46.33 20.87 65.92
CA ASP T 69 -46.89 20.11 67.04
C ASP T 69 -48.35 20.44 67.32
N ASP T 70 -48.81 21.66 66.96
CA ASP T 70 -50.22 22.02 67.07
C ASP T 70 -51.09 21.34 66.01
N ALA T 71 -50.79 20.09 65.66
CA ALA T 71 -51.53 19.35 64.65
C ALA T 71 -52.78 18.73 65.26
N GLU T 72 -53.94 19.05 64.70
CA GLU T 72 -55.21 18.51 65.18
C GLU T 72 -55.56 17.26 64.39
N ILE T 73 -55.89 16.19 65.10
CA ILE T 73 -56.24 14.92 64.49
C ILE T 73 -57.76 14.86 64.34
N SER T 74 -58.21 14.39 63.19
CA SER T 74 -59.63 14.39 62.87
C SER T 74 -60.02 13.05 62.26
N GLN T 75 -61.33 12.80 62.20
CA GLN T 75 -61.88 11.57 61.65
C GLN T 75 -62.16 11.77 60.17
N SER T 76 -61.53 10.97 59.32
CA SER T 76 -61.69 11.13 57.88
C SER T 76 -63.12 10.79 57.47
N GLU T 77 -63.52 11.32 56.30
CA GLU T 77 -64.87 11.08 55.81
C GLU T 77 -65.11 9.61 55.55
N ASP T 78 -64.10 8.89 55.08
CA ASP T 78 -64.27 7.47 54.75
C ASP T 78 -64.09 6.57 55.97
N GLY T 79 -63.45 7.05 57.02
CA GLY T 79 -63.29 6.28 58.23
C GLY T 79 -61.85 6.00 58.61
N ASN T 80 -60.92 6.74 58.02
CA ASN T 80 -59.50 6.59 58.31
C ASN T 80 -59.08 7.68 59.31
N ILE T 81 -58.03 8.45 59.05
CA ILE T 81 -57.54 9.43 60.00
C ILE T 81 -57.08 10.67 59.24
N LYS T 82 -57.44 11.85 59.75
CA LYS T 82 -56.96 13.11 59.22
C LYS T 82 -56.03 13.79 60.23
N ILE T 83 -54.84 14.18 59.76
CA ILE T 83 -53.88 14.92 60.57
C ILE T 83 -53.70 16.29 59.91
N ALA T 84 -54.22 17.33 60.55
CA ALA T 84 -54.31 18.65 59.97
C ALA T 84 -53.11 19.52 60.35
N ASP T 85 -52.76 20.43 59.44
CA ASP T 85 -51.71 21.42 59.67
C ASP T 85 -52.18 22.73 59.06
N ALA T 86 -51.27 23.70 58.95
CA ALA T 86 -51.63 25.03 58.46
C ALA T 86 -52.06 24.98 57.01
N ARG T 87 -51.18 24.54 56.11
CA ARG T 87 -51.47 24.45 54.68
C ARG T 87 -51.24 23.04 54.16
N SER T 88 -51.41 22.03 55.01
CA SER T 88 -51.21 20.65 54.60
C SER T 88 -52.13 19.75 55.41
N THR T 89 -52.26 18.50 54.97
CA THR T 89 -53.11 17.52 55.63
C THR T 89 -52.57 16.13 55.32
N ILE T 90 -52.48 15.28 56.34
CA ILE T 90 -51.98 13.92 56.21
C ILE T 90 -53.12 12.96 56.45
N PHE T 91 -53.48 12.19 55.43
CA PHE T 91 -54.53 11.17 55.52
C PHE T 91 -53.88 9.84 55.82
N TRP T 92 -53.95 9.40 57.08
CA TRP T 92 -53.38 8.12 57.49
C TRP T 92 -54.47 7.05 57.53
N PRO T 93 -54.28 5.91 56.87
CA PRO T 93 -55.34 4.89 56.85
C PRO T 93 -55.42 4.16 58.19
N ALA T 94 -56.64 4.05 58.71
CA ALA T 94 -56.86 3.27 59.92
C ALA T 94 -56.74 1.78 59.62
N ALA T 95 -56.52 1.00 60.67
CA ALA T 95 -56.22 -0.42 60.52
C ALA T 95 -57.42 -1.28 60.92
N ASP T 96 -57.55 -2.42 60.24
CA ASP T 96 -58.55 -3.41 60.61
C ASP T 96 -58.13 -4.08 61.93
N PRO T 97 -59.00 -4.09 62.95
CA PRO T 97 -58.57 -4.56 64.28
C PRO T 97 -58.15 -6.02 64.32
N SER T 98 -58.57 -6.85 63.37
CA SER T 98 -58.18 -8.26 63.38
C SER T 98 -56.69 -8.45 63.19
N THR T 99 -55.99 -7.43 62.71
CA THR T 99 -54.55 -7.49 62.46
C THR T 99 -53.76 -6.63 63.43
N VAL T 100 -54.40 -6.15 64.50
CA VAL T 100 -53.71 -5.43 65.56
C VAL T 100 -54.11 -6.03 66.91
N VAL T 101 -53.20 -6.79 67.53
CA VAL T 101 -53.52 -7.38 68.83
C VAL T 101 -53.76 -6.25 69.83
N ALA T 102 -54.70 -6.47 70.74
CA ALA T 102 -55.18 -5.41 71.60
C ALA T 102 -55.42 -5.93 73.00
N PRO T 103 -55.23 -5.10 74.02
CA PRO T 103 -55.72 -5.46 75.36
C PRO T 103 -57.22 -5.56 75.35
N ASN T 104 -57.74 -6.79 75.39
CA ASN T 104 -59.19 -7.01 75.34
C ASN T 104 -59.90 -6.16 76.40
N LYS T 105 -59.36 -6.13 77.61
CA LYS T 105 -59.89 -5.31 78.69
C LYS T 105 -58.75 -4.94 79.60
N PRO T 106 -58.81 -3.78 80.27
CA PRO T 106 -57.85 -3.51 81.33
C PRO T 106 -57.94 -4.57 82.42
N ILE T 107 -57.11 -5.59 82.32
CA ILE T 107 -57.23 -6.77 83.19
C ILE T 107 -57.00 -6.38 84.64
N PRO T 108 -57.88 -6.74 85.56
CA PRO T 108 -57.72 -6.31 86.95
C PRO T 108 -56.56 -7.01 87.64
N PHE T 109 -55.73 -6.22 88.33
CA PHE T 109 -54.65 -6.75 89.14
C PHE T 109 -55.17 -7.01 90.55
N PRO T 110 -55.21 -8.25 91.01
CA PRO T 110 -55.72 -8.52 92.36
C PRO T 110 -54.77 -8.09 93.47
N VAL T 111 -54.62 -8.93 94.49
CA VAL T 111 -53.85 -8.58 95.67
C VAL T 111 -52.36 -8.70 95.37
N ALA T 112 -51.57 -7.81 95.95
CA ALA T 112 -50.13 -7.81 95.75
C ALA T 112 -49.45 -8.78 96.71
N SER T 113 -48.80 -9.80 96.16
CA SER T 113 -48.09 -10.77 96.99
C SER T 113 -46.85 -10.16 97.64
N ALA T 114 -46.33 -9.06 97.09
CA ALA T 114 -45.19 -8.37 97.68
C ALA T 114 -45.19 -6.93 97.19
N VAL T 115 -44.84 -6.01 98.09
CA VAL T 115 -44.84 -4.58 97.79
C VAL T 115 -43.44 -4.05 98.06
N THR T 116 -42.88 -3.35 97.07
CA THR T 116 -41.56 -2.74 97.21
C THR T 116 -41.45 -1.61 96.20
N GLU T 117 -40.36 -0.84 96.31
CA GLU T 117 -40.21 0.38 95.52
C GLU T 117 -38.79 0.49 94.98
N ILE T 118 -38.68 0.94 93.73
CA ILE T 118 -37.39 1.15 93.07
C ILE T 118 -37.29 2.62 92.66
N LYS T 119 -36.10 3.18 92.84
CA LYS T 119 -35.86 4.59 92.52
C LYS T 119 -35.35 4.73 91.09
N ALA T 120 -35.45 5.96 90.57
CA ALA T 120 -35.22 6.19 89.15
C ALA T 120 -33.74 6.03 88.79
N GLU T 121 -32.85 6.70 89.51
CA GLU T 121 -31.44 6.71 89.12
C GLU T 121 -30.82 5.33 89.23
N ASP T 122 -31.33 4.47 90.12
CA ASP T 122 -30.84 3.11 90.20
C ASP T 122 -31.40 2.23 89.08
N LEU T 123 -32.57 2.58 88.55
CA LEU T 123 -33.17 1.78 87.48
C LEU T 123 -32.55 2.12 86.13
N GLN T 124 -32.31 3.41 85.86
CA GLN T 124 -31.66 3.78 84.60
C GLN T 124 -30.20 3.36 84.59
N GLN T 125 -29.57 3.29 85.76
CA GLN T 125 -28.21 2.75 85.85
C GLN T 125 -28.20 1.25 85.57
N LEU T 126 -29.31 0.56 85.88
CA LEU T 126 -29.40 -0.86 85.58
C LEU T 126 -29.42 -1.11 84.08
N LEU T 127 -30.20 -0.33 83.34
CA LEU T 127 -30.20 -0.46 81.88
C LEU T 127 -28.83 -0.15 81.31
N ARG T 128 -28.07 0.73 81.96
CA ARG T 128 -26.73 1.07 81.49
C ARG T 128 -25.77 -0.10 81.70
N VAL T 129 -25.76 -0.66 82.90
CA VAL T 129 -24.76 -1.69 83.23
C VAL T 129 -25.05 -2.99 82.49
N SER T 130 -26.33 -3.38 82.39
CA SER T 130 -26.66 -4.65 81.78
C SER T 130 -26.24 -4.70 80.31
N ARG T 131 -26.30 -3.57 79.61
CA ARG T 131 -25.81 -3.52 78.24
C ARG T 131 -24.30 -3.72 78.21
N GLY T 132 -23.84 -4.55 77.28
CA GLY T 132 -22.42 -4.83 77.17
C GLY T 132 -21.97 -5.92 78.11
N LEU T 133 -22.52 -5.93 79.32
CA LEU T 133 -22.21 -6.97 80.30
C LEU T 133 -22.97 -8.26 80.06
N GLN T 134 -23.94 -8.26 79.14
CA GLN T 134 -24.61 -9.47 78.65
C GLN T 134 -25.30 -10.22 79.80
N ILE T 135 -26.36 -9.60 80.29
CA ILE T 135 -27.23 -10.20 81.30
C ILE T 135 -28.56 -10.51 80.61
N ASP T 136 -28.99 -11.77 80.69
CA ASP T 136 -30.15 -12.26 79.95
C ASP T 136 -31.43 -12.31 80.77
N THR T 137 -31.36 -12.70 82.03
CA THR T 137 -32.57 -12.86 82.84
C THR T 137 -32.33 -12.26 84.22
N ILE T 138 -33.44 -11.94 84.91
CA ILE T 138 -33.41 -11.39 86.25
C ILE T 138 -34.40 -12.15 87.13
N ALA T 139 -34.19 -12.07 88.43
CA ALA T 139 -35.00 -12.81 89.39
C ALA T 139 -35.23 -12.00 90.65
N ILE T 140 -36.25 -12.39 91.41
CA ILE T 140 -36.59 -11.75 92.68
C ILE T 140 -36.85 -12.83 93.73
N THR T 141 -35.85 -13.08 94.58
CA THR T 141 -35.93 -14.05 95.66
C THR T 141 -35.24 -13.51 96.91
N VAL T 142 -35.83 -13.80 98.07
CA VAL T 142 -35.36 -13.21 99.32
C VAL T 142 -33.89 -13.56 99.56
N LYS T 143 -33.12 -12.55 99.96
CA LYS T 143 -31.71 -12.69 100.31
C LYS T 143 -31.52 -12.29 101.77
N GLU T 144 -31.27 -13.29 102.62
CA GLU T 144 -31.01 -13.07 104.05
C GLU T 144 -32.16 -12.32 104.73
N GLY T 145 -33.38 -12.53 104.26
CA GLY T 145 -34.52 -11.81 104.78
C GLY T 145 -34.70 -10.42 104.23
N LYS T 146 -34.07 -10.10 103.11
CA LYS T 146 -34.14 -8.76 102.54
C LYS T 146 -34.75 -8.80 101.14
N ILE T 147 -34.22 -7.98 100.23
CA ILE T 147 -34.76 -7.85 98.88
C ILE T 147 -33.73 -8.40 97.91
N VAL T 148 -33.90 -8.15 96.61
CA VAL T 148 -33.21 -8.94 95.59
C VAL T 148 -32.48 -8.12 94.54
N ILE T 149 -33.10 -8.00 93.36
CA ILE T 149 -32.49 -7.84 92.04
C ILE T 149 -31.38 -8.89 91.87
N ASN T 150 -31.57 -9.78 90.89
CA ASN T 150 -30.76 -10.98 90.73
C ASN T 150 -30.59 -11.25 89.23
N GLY T 151 -29.48 -10.78 88.66
CA GLY T 151 -29.25 -10.86 87.23
C GLY T 151 -28.39 -12.06 86.85
N PHE T 152 -28.75 -12.70 85.74
CA PHE T 152 -28.02 -13.85 85.23
C PHE T 152 -27.94 -13.76 83.70
N ASN T 153 -27.09 -14.60 83.13
CA ASN T 153 -26.88 -14.68 81.68
C ASN T 153 -27.28 -16.09 81.24
N LYS T 154 -28.57 -16.28 81.00
CA LYS T 154 -29.13 -17.60 80.73
C LYS T 154 -28.41 -18.35 79.60
N VAL T 155 -27.68 -17.63 78.74
CA VAL T 155 -26.91 -18.29 77.68
C VAL T 155 -25.57 -18.78 78.21
N GLU T 156 -24.72 -17.85 78.66
CA GLU T 156 -23.45 -18.24 79.25
C GLU T 156 -23.65 -18.88 80.61
N ASP T 157 -24.25 -18.15 81.54
CA ASP T 157 -24.68 -18.71 82.83
C ASP T 157 -25.94 -19.51 82.59
N SER T 158 -25.76 -20.72 82.04
CA SER T 158 -26.86 -21.53 81.57
C SER T 158 -27.73 -22.11 82.68
N ALA T 159 -27.45 -21.79 83.95
CA ALA T 159 -28.21 -22.36 85.06
C ALA T 159 -28.67 -21.29 86.04
N LEU T 160 -28.68 -20.01 85.63
CA LEU T 160 -29.04 -18.87 86.47
C LEU T 160 -28.48 -18.97 87.88
N THR T 161 -27.26 -19.50 88.02
CA THR T 161 -26.66 -19.77 89.32
C THR T 161 -25.75 -18.65 89.80
N ARG T 162 -24.86 -18.14 88.94
CA ARG T 162 -23.92 -17.11 89.32
C ARG T 162 -24.49 -15.74 88.95
N VAL T 163 -24.59 -14.86 89.95
CA VAL T 163 -25.12 -13.52 89.74
C VAL T 163 -24.08 -12.65 89.05
N LYS T 164 -24.54 -11.76 88.17
CA LYS T 164 -23.65 -10.89 87.41
C LYS T 164 -23.82 -9.41 87.71
N TYR T 165 -24.66 -9.04 88.67
CA TYR T 165 -24.80 -7.64 89.04
C TYR T 165 -25.30 -7.55 90.48
N SER T 166 -25.26 -6.34 91.03
CA SER T 166 -25.45 -6.07 92.46
C SER T 166 -26.82 -6.47 93.00
N LEU T 167 -27.07 -6.12 94.26
CA LEU T 167 -28.24 -6.57 95.01
C LEU T 167 -28.68 -5.44 95.95
N THR T 168 -29.81 -4.81 95.61
CA THR T 168 -30.38 -3.71 96.39
C THR T 168 -31.67 -3.28 95.73
N LEU T 169 -32.70 -3.07 96.54
CA LEU T 169 -33.99 -2.60 96.06
C LEU T 169 -34.75 -1.85 97.15
N GLY T 170 -35.37 -2.57 98.07
CA GLY T 170 -36.14 -1.96 99.13
C GLY T 170 -36.38 -2.90 100.31
N ASP T 171 -37.46 -2.62 101.05
CA ASP T 171 -37.83 -3.43 102.21
C ASP T 171 -38.80 -4.52 101.78
N TYR T 172 -38.55 -5.75 102.21
CA TYR T 172 -39.52 -6.83 102.11
C TYR T 172 -40.18 -6.96 103.48
N ASP T 173 -41.38 -6.39 103.61
CA ASP T 173 -42.13 -6.43 104.87
C ASP T 173 -42.83 -7.76 105.10
N GLY T 174 -42.15 -8.86 104.84
CA GLY T 174 -42.66 -10.19 105.09
C GLY T 174 -41.50 -11.15 105.26
N GLU T 175 -41.81 -12.43 105.38
CA GLU T 175 -40.81 -13.48 105.57
C GLU T 175 -41.25 -14.76 104.85
N ASN T 176 -41.77 -14.59 103.64
CA ASN T 176 -42.08 -15.69 102.73
C ASN T 176 -41.28 -15.46 101.44
N THR T 177 -40.34 -16.36 101.16
CA THR T 177 -39.19 -16.02 100.32
C THR T 177 -39.52 -16.02 98.83
N PHE T 178 -40.05 -17.14 98.31
CA PHE T 178 -40.29 -17.39 96.89
C PHE T 178 -39.10 -17.06 95.98
N ASN T 179 -39.32 -17.18 94.66
CA ASN T 179 -38.29 -16.84 93.68
C ASN T 179 -39.01 -16.66 92.33
N PHE T 180 -39.28 -15.41 91.98
CA PHE T 180 -39.98 -15.07 90.75
C PHE T 180 -38.98 -14.53 89.75
N ILE T 181 -38.79 -15.24 88.63
CA ILE T 181 -37.80 -14.86 87.62
C ILE T 181 -38.51 -14.13 86.48
N ILE T 182 -37.88 -13.04 86.02
CA ILE T 182 -38.47 -12.15 85.03
C ILE T 182 -37.53 -12.05 83.84
N ASN T 183 -38.10 -11.91 82.65
CA ASN T 183 -37.33 -11.63 81.45
C ASN T 183 -37.46 -10.15 81.12
N MET T 184 -36.32 -9.47 81.01
CA MET T 184 -36.33 -8.02 80.80
C MET T 184 -36.32 -7.64 79.32
N ALA T 185 -36.27 -8.60 78.41
CA ALA T 185 -36.69 -8.32 77.04
C ALA T 185 -38.14 -7.86 77.00
N ASN T 186 -38.91 -8.23 78.02
CA ASN T 186 -40.25 -7.70 78.21
C ASN T 186 -40.23 -6.35 78.91
N MET T 187 -39.27 -6.13 79.80
CA MET T 187 -39.18 -4.87 80.55
C MET T 187 -38.61 -3.80 79.63
N LYS T 188 -39.45 -2.82 79.28
CA LYS T 188 -39.07 -1.74 78.38
C LYS T 188 -39.92 -0.52 78.73
N MET T 189 -39.63 0.09 79.87
CA MET T 189 -40.39 1.21 80.40
C MET T 189 -39.49 2.42 80.56
N GLN T 190 -40.09 3.61 80.49
CA GLN T 190 -39.35 4.85 80.62
C GLN T 190 -38.86 5.03 82.07
N PRO T 191 -37.84 5.85 82.28
CA PRO T 191 -37.31 6.05 83.64
C PRO T 191 -38.31 6.69 84.57
N GLY T 192 -38.11 6.46 85.86
CA GLY T 192 -38.95 7.03 86.89
C GLY T 192 -38.94 6.18 88.15
N ASN T 193 -39.42 6.79 89.24
CA ASN T 193 -39.54 6.10 90.51
C ASN T 193 -40.80 5.23 90.51
N TYR T 194 -40.62 3.92 90.67
CA TYR T 194 -41.68 2.95 90.47
C TYR T 194 -41.88 2.10 91.71
N LYS T 195 -43.14 1.81 92.04
CA LYS T 195 -43.53 1.02 93.22
C LYS T 195 -43.85 -0.41 92.75
N LEU T 196 -42.89 -1.31 92.94
CA LEU T 196 -42.98 -2.65 92.38
C LEU T 196 -43.97 -3.51 93.17
N LEU T 197 -44.86 -4.19 92.45
CA LEU T 197 -45.79 -5.16 93.02
C LEU T 197 -45.59 -6.51 92.36
N LEU T 198 -46.11 -7.55 93.00
CA LEU T 198 -46.01 -8.91 92.49
C LEU T 198 -47.24 -9.72 92.89
N TRP T 199 -47.51 -10.77 92.11
CA TRP T 199 -48.55 -11.74 92.43
C TRP T 199 -48.31 -12.98 91.59
N ALA T 200 -48.46 -14.16 92.21
CA ALA T 200 -48.24 -15.42 91.51
C ALA T 200 -48.88 -16.54 92.33
N LYS T 201 -50.02 -17.05 91.86
CA LYS T 201 -50.67 -18.16 92.53
C LYS T 201 -50.01 -19.48 92.11
N GLY T 202 -50.63 -20.18 91.17
CA GLY T 202 -50.07 -21.44 90.69
C GLY T 202 -48.92 -21.26 89.74
N LYS T 203 -48.93 -21.99 88.62
CA LYS T 203 -47.94 -21.82 87.58
C LYS T 203 -48.03 -20.45 86.89
N GLN T 204 -48.99 -19.62 87.28
CA GLN T 204 -49.18 -18.29 86.72
C GLN T 204 -48.55 -17.25 87.65
N GLY T 205 -48.32 -16.07 87.09
CA GLY T 205 -47.73 -14.98 87.85
C GLY T 205 -47.58 -13.71 87.05
N ALA T 206 -47.66 -12.57 87.74
CA ALA T 206 -47.53 -11.27 87.08
C ALA T 206 -46.87 -10.29 88.06
N ALA T 207 -46.49 -9.14 87.53
CA ALA T 207 -45.89 -8.09 88.33
C ALA T 207 -46.55 -6.75 88.03
N LYS T 208 -45.99 -5.66 88.56
CA LYS T 208 -46.56 -4.33 88.36
C LYS T 208 -45.42 -3.32 88.45
N PHE T 209 -44.99 -2.81 87.29
CA PHE T 209 -43.94 -1.80 87.24
C PHE T 209 -44.54 -0.47 86.79
N GLU T 210 -45.52 0.03 87.56
CA GLU T 210 -46.24 1.25 87.22
C GLU T 210 -45.32 2.46 87.41
N GLY T 211 -45.88 3.66 87.29
CA GLY T 211 -45.07 4.84 87.52
C GLY T 211 -45.92 6.08 87.66
N GLU T 212 -45.23 7.23 87.66
CA GLU T 212 -45.90 8.52 87.74
C GLU T 212 -46.53 8.93 86.42
N HIS T 213 -46.05 8.39 85.30
CA HIS T 213 -46.60 8.69 83.98
C HIS T 213 -47.46 7.57 83.43
N ALA T 214 -47.04 6.31 83.61
CA ALA T 214 -47.75 5.18 83.04
C ALA T 214 -47.67 4.00 84.00
N ASN T 215 -48.47 2.98 83.70
CA ASN T 215 -48.46 1.71 84.43
C ASN T 215 -48.02 0.61 83.48
N TYR T 216 -47.25 -0.35 84.00
CA TYR T 216 -46.70 -1.40 83.15
C TYR T 216 -46.59 -2.69 83.93
N VAL T 217 -47.13 -3.78 83.37
CA VAL T 217 -47.08 -5.09 84.00
C VAL T 217 -46.28 -6.02 83.10
N VAL T 218 -45.70 -7.06 83.73
CA VAL T 218 -44.84 -8.02 83.04
C VAL T 218 -45.19 -9.42 83.53
N ALA T 219 -45.27 -10.36 82.59
CA ALA T 219 -45.51 -11.75 82.94
C ALA T 219 -44.25 -12.39 83.49
N LEU T 220 -44.43 -13.26 84.49
CA LEU T 220 -43.32 -14.01 85.06
C LEU T 220 -43.00 -15.22 84.20
N GLU T 221 -41.74 -15.65 84.23
CA GLU T 221 -41.35 -16.79 83.44
C GLU T 221 -41.74 -18.10 84.15
N ALA T 222 -41.63 -19.20 83.41
CA ALA T 222 -42.20 -20.47 83.86
C ALA T 222 -41.45 -21.02 85.06
N ASP T 223 -40.12 -21.12 84.95
CA ASP T 223 -39.31 -21.75 86.00
C ASP T 223 -39.10 -20.81 87.19
N SER T 224 -40.23 -20.37 87.76
CA SER T 224 -40.25 -19.56 88.97
C SER T 224 -40.81 -20.40 90.11
N THR T 225 -40.29 -20.16 91.32
CA THR T 225 -40.65 -20.93 92.51
C THR T 225 -41.55 -20.06 93.40
N HIS T 226 -42.81 -20.45 93.53
CA HIS T 226 -43.74 -19.78 94.42
C HIS T 226 -43.36 -20.11 95.87
N ASP T 227 -44.19 -19.65 96.81
CA ASP T 227 -43.92 -19.90 98.23
C ASP T 227 -45.21 -19.88 99.04
N PHE T 228 -46.29 -19.39 98.45
CA PHE T 228 -47.56 -19.28 99.14
C PHE T 228 -48.33 -20.60 99.04
AL AF3 U . 50.13 14.42 -30.56
F1 AF3 U . 50.10 12.85 -30.07
F2 AF3 U . 49.48 14.85 -32.01
F3 AF3 U . 50.61 15.58 -29.51
PB ADP V . 52.90 14.69 -29.95
O1B ADP V . 54.04 14.16 -30.77
O2B ADP V . 52.69 16.18 -30.02
O3B ADP V . 51.65 13.87 -30.07
PA ADP V . 54.92 14.53 -28.01
O1A ADP V . 55.78 14.21 -29.20
O2A ADP V . 55.12 15.83 -27.28
O3A ADP V . 53.37 14.41 -28.43
O5' ADP V . 55.07 13.34 -26.94
C5' ADP V . 55.99 13.55 -25.88
C4' ADP V . 56.33 12.29 -25.10
O4' ADP V . 56.71 11.24 -25.99
C3' ADP V . 57.53 12.60 -24.21
O3' ADP V . 57.27 12.22 -22.86
C2' ADP V . 58.68 11.80 -24.79
O2' ADP V . 59.24 10.96 -23.77
C1' ADP V . 58.10 10.95 -25.91
N9 ADP V . 58.69 11.36 -27.20
C8 ADP V . 57.97 11.67 -28.29
N7 ADP V . 58.78 12.02 -29.33
C5 ADP V . 60.06 11.92 -28.90
C6 ADP V . 61.39 12.14 -29.50
N6 ADP V . 61.54 12.54 -30.78
N1 ADP V . 62.47 11.93 -28.71
C2 ADP V . 62.34 11.54 -27.44
N3 ADP V . 61.16 11.32 -26.83
C4 ADP V . 60.00 11.48 -27.50
MG MG W . 51.08 17.08 -28.22
MG MG X . 29.82 0.43 -18.93
AL AF3 Y . 30.09 -1.73 -21.73
F1 AF3 Y . 31.10 -0.61 -21.06
F2 AF3 Y . 28.68 -2.11 -20.99
F3 AF3 Y . 30.61 -2.61 -23.03
PB ADP Z . 31.00 -2.83 -19.39
O1B ADP Z . 30.27 -3.05 -20.69
O2B ADP Z . 31.12 -1.37 -19.01
O3B ADP Z . 32.28 -3.62 -19.23
PA ADP Z . 30.47 -3.70 -16.75
O1A ADP Z . 31.90 -4.20 -16.74
O2A ADP Z . 30.13 -2.46 -15.96
O3A ADP Z . 30.01 -3.45 -18.28
O5' ADP Z . 29.51 -4.86 -16.21
C5' ADP Z . 29.81 -5.45 -14.95
C4' ADP Z . 28.77 -6.45 -14.48
O4' ADP Z . 28.89 -7.65 -15.24
C3' ADP Z . 29.04 -6.81 -13.03
O3' ADP Z . 27.84 -6.69 -12.24
C2' ADP Z . 29.51 -8.24 -13.03
O2' ADP Z . 28.62 -9.07 -12.29
C1' ADP Z . 29.55 -8.68 -14.49
N9 ADP Z . 30.95 -8.70 -14.98
C8 ADP Z . 31.33 -8.20 -16.17
N7 ADP Z . 32.65 -8.36 -16.36
C5 ADP Z . 33.15 -8.98 -15.29
C6 ADP Z . 34.49 -9.44 -14.86
N6 ADP Z . 35.58 -9.27 -15.64
N1 ADP Z . 34.60 -10.05 -13.66
C2 ADP Z . 33.52 -10.23 -12.86
N3 ADP Z . 32.27 -9.84 -13.19
C4 ADP Z . 32.03 -9.22 -14.36
MG MG AA . 3.44 -0.81 -29.66
AL AF3 BA . 4.42 -2.74 -32.49
F1 AF3 BA . 3.27 -3.00 -33.63
F2 AF3 BA . 5.88 -3.46 -32.62
F3 AF3 BA . 4.15 -1.65 -31.29
PB ADP CA . 3.13 -4.09 -30.33
O1B ADP CA . 3.55 -4.00 -31.78
O2B ADP CA . 3.51 -2.88 -29.50
O3B ADP CA . 3.44 -5.41 -29.67
PA ADP CA . 0.68 -4.03 -29.02
O1A ADP CA . 1.23 -5.09 -28.10
O2A ADP CA . 0.59 -2.60 -28.52
O3A ADP CA . 1.53 -4.05 -30.38
O5' ADP CA . -0.78 -4.49 -29.49
C5' ADP CA . -1.76 -4.69 -28.46
C4' ADP CA . -3.18 -4.80 -28.99
O4' ADP CA . -3.36 -6.01 -29.73
C3' ADP CA . -4.12 -4.84 -27.80
O3' ADP CA . -5.16 -3.88 -27.97
C2' ADP CA . -4.69 -6.25 -27.78
O2' ADP CA . -6.11 -6.20 -27.91
C1' ADP CA . -4.08 -6.97 -28.96
N9 ADP CA . -3.05 -7.92 -28.47
C8 ADP CA . -1.82 -7.99 -29.02
N7 ADP CA . -1.07 -8.93 -28.40
C5 ADP CA . -1.82 -9.48 -27.43
C6 ADP CA . -1.63 -10.53 -26.42
N6 ADP CA . -0.45 -11.20 -26.30
N1 ADP CA . -2.66 -10.82 -25.60
C2 ADP CA . -3.84 -10.17 -25.70
N3 ADP CA . -4.09 -9.19 -26.61
C4 ADP CA . -3.14 -8.81 -27.49
PB ADP DA . -5.90 9.01 -56.86
O1B ADP DA . -5.11 9.55 -58.03
O2B ADP DA . -5.99 7.50 -56.84
O3B ADP DA . -5.57 9.63 -55.53
PA ADP DA . -7.88 10.93 -56.65
O1A ADP DA . -6.69 11.84 -56.72
O2A ADP DA . -8.64 10.74 -55.36
O3A ADP DA . -7.40 9.48 -57.16
O5' ADP DA . -8.91 11.40 -57.81
C5' ADP DA . -8.71 12.65 -58.45
C4' ADP DA . -9.90 13.04 -59.33
O4' ADP DA . -10.39 11.91 -60.04
C3' ADP DA . -11.05 13.57 -58.49
O3' ADP DA . -11.21 14.97 -58.69
C2' ADP DA . -12.30 12.86 -58.98
O2' ADP DA . -13.16 13.80 -59.64
C1' ADP DA . -11.81 11.81 -59.96
N9 ADP DA . -12.15 10.47 -59.43
C8 ADP DA . -11.26 9.50 -59.17
N7 ADP DA . -11.87 8.40 -58.69
C5 ADP DA . -13.19 8.65 -58.62
C6 ADP DA . -14.40 7.92 -58.20
N6 ADP DA . -14.32 6.65 -57.74
N1 ADP DA . -15.59 8.56 -58.29
C2 ADP DA . -15.69 9.82 -58.75
N3 ADP DA . -14.62 10.55 -59.15
C4 ADP DA . -13.37 10.03 -59.11
MG MG EA . -4.14 11.39 -55.00
MG MG FA . -51.12 -11.75 32.16
AL AF3 GA . -50.27 -14.49 30.16
F1 AF3 GA . -50.18 -16.08 29.80
F2 AF3 GA . -50.23 -13.37 28.97
F3 AF3 GA . -50.50 -14.01 31.72
PB ADP HA . -53.14 -13.67 30.04
O1B ADP HA . -52.54 -14.34 28.84
O2B ADP HA . -52.14 -13.34 31.11
O3B ADP HA . -54.42 -14.31 30.53
PA ADP HA . -55.18 -11.91 29.19
O1A ADP HA . -55.82 -13.17 28.66
O2A ADP HA . -55.78 -11.26 30.42
O3A ADP HA . -53.62 -12.23 29.49
O5' ADP HA . -55.15 -10.83 28.00
C5' ADP HA . -55.15 -11.30 26.66
C4' ADP HA . -56.06 -10.49 25.73
O4' ADP HA . -56.75 -11.41 24.89
C3' ADP HA . -57.10 -9.68 26.48
O3' ADP HA . -56.92 -8.28 26.21
C2' ADP HA . -58.44 -10.13 25.94
O2' ADP HA . -59.02 -9.10 25.13
C1' ADP HA . -58.16 -11.34 25.07
N9 ADP HA . -58.59 -12.57 25.80
C8 ADP HA . -57.73 -13.41 26.42
N7 ADP HA . -58.40 -14.44 27.01
C5 ADP HA . -59.70 -14.26 26.76
C6 ADP HA . -60.95 -15.00 27.09
N6 ADP HA . -60.92 -16.14 27.82
N1 ADP HA . -62.11 -14.48 26.64
C2 ADP HA . -62.15 -13.34 25.91
N3 ADP HA . -61.07 -12.64 25.57
C4 ADP HA . -59.83 -13.03 25.96
MG MG IA . -29.12 -5.32 15.06
AL AF3 JA . -28.98 -8.15 13.84
F1 AF3 JA . -27.45 -7.66 13.51
F2 AF3 JA . -29.29 -9.76 14.03
F3 AF3 JA . -30.00 -7.09 14.58
PB ADP KA . -30.05 -6.97 11.62
O1B ADP KA . -30.05 -8.37 11.06
O2B ADP KA . -29.13 -6.81 12.81
O3B ADP KA . -31.41 -6.37 11.81
PA ADP KA . -29.61 -4.48 10.40
O1A ADP KA . -31.08 -4.18 10.26
O2A ADP KA . -28.83 -3.89 11.55
O3A ADP KA . -29.41 -6.08 10.45
O5' ADP KA . -28.84 -4.10 9.03
C5' ADP KA . -27.82 -3.11 9.06
C4' ADP KA . -27.29 -2.83 7.66
O4' ADP KA . -27.75 -3.83 6.73
C3' ADP KA . -27.78 -1.49 7.15
O3' ADP KA . -26.74 -0.52 7.28
C2' ADP KA . -28.12 -1.71 5.69
O2' ADP KA . -27.07 -1.19 4.89
C1' ADP KA . -28.21 -3.21 5.51
N9 ADP KA . -29.64 -3.58 5.37
C8 ADP KA . -30.25 -4.50 6.14
N7 ADP KA . -31.56 -4.63 5.79
C5 ADP KA . -31.79 -3.80 4.76
C6 ADP KA . -32.96 -3.46 3.90
N6 ADP KA . -34.15 -4.06 4.10
N1 ADP KA . -32.78 -2.54 2.94
C2 ADP KA . -31.59 -1.95 2.74
N3 ADP KA . -30.49 -2.21 3.47
C4 ADP KA . -30.52 -3.11 4.48
MG MG LA . -2.10 -14.18 18.82
AL AF3 MA . -2.96 -17.05 17.25
F1 AF3 MA . -1.79 -17.17 18.39
F2 AF3 MA . -3.51 -18.39 16.45
F3 AF3 MA . -3.64 -15.60 16.92
PB ADP NA . -1.48 -15.43 15.37
O1B ADP NA . -2.04 -15.83 14.03
O2B ADP NA . -1.59 -16.49 16.43
O3B ADP NA . -1.92 -14.06 15.82
PA ADP NA . 0.85 -13.87 15.33
O1A ADP NA . 0.23 -12.82 14.44
O2A ADP NA . 0.91 -13.65 16.82
O3A ADP NA . 0.09 -15.26 15.06
O5' ADP NA . 2.35 -14.17 14.79
C5' ADP NA . 3.39 -14.38 15.75
C4' ADP NA . 4.80 -14.25 15.18
O4' ADP NA . 4.96 -14.97 13.95
C3' ADP NA . 5.17 -12.81 14.92
O3' ADP NA . 6.10 -12.39 15.92
C2' ADP NA . 5.83 -12.79 13.56
O2' ADP NA . 7.23 -12.51 13.70
C1' ADP NA . 5.63 -14.17 12.97
N9 ADP NA . 4.68 -14.06 11.82
C8 ADP NA . 3.47 -14.63 11.81
N7 ADP NA . 2.82 -14.37 10.64
C5 ADP NA . 3.64 -13.62 9.89
C6 ADP NA . 3.57 -12.99 8.55
N6 ADP NA . 2.46 -13.14 7.78
N1 ADP NA . 4.63 -12.28 8.13
C2 ADP NA . 5.73 -12.13 8.89
N3 ADP NA . 5.86 -12.67 10.12
C4 ADP NA . 4.88 -13.42 10.67
PB ADP OA . 8.95 -36.37 36.68
O1B ADP OA . 9.30 -36.93 35.33
O2B ADP OA . 7.98 -35.20 36.64
O3B ADP OA . 8.61 -37.41 37.73
PA ADP OA . 10.40 -35.06 38.68
O1A ADP OA . 11.12 -33.75 38.60
O2A ADP OA . 9.03 -35.15 39.32
O3A ADP OA . 10.32 -35.73 37.22
O5' ADP OA . 11.33 -36.13 39.44
C5' ADP OA . 11.01 -36.54 40.77
C4' ADP OA . 12.19 -37.31 41.34
O4' ADP OA . 12.63 -38.34 40.45
C3' ADP OA . 13.37 -36.38 41.57
O3' ADP OA . 13.74 -36.39 42.94
C2' ADP OA . 14.51 -36.96 40.77
O2' ADP OA . 15.67 -37.07 41.58
C1' ADP OA . 14.05 -38.33 40.32
N9 ADP OA . 14.41 -38.57 38.90
C8 ADP OA . 13.65 -39.21 38.00
N7 ADP OA . 14.25 -39.26 36.79
C5 ADP OA . 15.44 -38.65 36.91
C6 ADP OA . 16.57 -38.35 35.99
N6 ADP OA . 16.55 -38.74 34.70
N1 ADP OA . 17.63 -37.69 36.51
C2 ADP OA . 17.66 -37.30 37.79
N3 ADP OA . 16.67 -37.53 38.66
C4 ADP OA . 15.55 -38.19 38.29
MG MG PA . 5.96 -34.74 37.97
#